data_6H2F
#
_entry.id   6H2F
#
_cell.length_a   117.661
_cell.length_b   178.184
_cell.length_c   485.581
_cell.angle_alpha   90.00
_cell.angle_beta   90.00
_cell.angle_gamma   90.00
#
_symmetry.space_group_name_H-M   'C 2 2 21'
#
loop_
_entity.id
_entity.type
_entity.pdbx_description
1 polymer AhlB
2 non-polymer 'PHOSPHATE ION'
#
_entity_poly.entity_id   1
_entity_poly.type   'polypeptide(L)'
_entity_poly.pdbx_seq_one_letter_code
;MTNATTITMDQGMANQASQAMQIQTYCNSVKQQVPVDFSQFPNLKDNQTQINQGLDLAKGHADLYLNTIQPQIITNISNI
SNYFALQNAIPAVLPPGSTKAQWLRQLSVIKEQATEYQRLSSDTRLVIVNLNNNLITDSSNFQGIVVNLNSKVQGDNGVL
AQLNGDIDKVNAAIDGAIAGIVAGGLLVIGGAFVTAIGAVADFVTAGTSTPVVIGGVAMMVAGAGGITAGAIVLHNSLGA
RQDLYQKRSSLNSEVLIATQIGNGYKGLQVQAQNAVTAATQMSNAWDSLTSDLGSLITDLDKGITSGDDIRQLWLTAADT
TVKTVLTDVTTIKAQMAGVSPLQVPQTDTIANFVARLAALEHHHHHH
;
_entity_poly.pdbx_strand_id   A,B,C,D,E,F,G,H,I,J
#
loop_
_chem_comp.id
_chem_comp.type
_chem_comp.name
_chem_comp.formula
PO4 non-polymer 'PHOSPHATE ION' 'O4 P -3'
#
# COMPACT_ATOMS: atom_id res chain seq x y z
N THR A 2 -10.53 -55.28 -8.73
CA THR A 2 -11.45 -54.26 -9.31
C THR A 2 -10.73 -52.91 -9.40
N ASN A 3 -11.48 -51.90 -9.84
CA ASN A 3 -10.99 -50.55 -9.83
C ASN A 3 -11.02 -50.01 -8.39
N ALA A 4 -12.04 -50.38 -7.60
CA ALA A 4 -12.17 -50.00 -6.18
C ALA A 4 -10.93 -50.42 -5.39
N THR A 5 -10.39 -51.59 -5.70
CA THR A 5 -9.22 -52.08 -5.01
C THR A 5 -8.05 -51.15 -5.29
N THR A 6 -7.78 -50.87 -6.57
CA THR A 6 -6.65 -50.03 -6.95
C THR A 6 -6.75 -48.65 -6.28
N ILE A 7 -7.97 -48.14 -6.17
CA ILE A 7 -8.26 -46.77 -5.78
C ILE A 7 -8.26 -46.71 -4.25
N THR A 8 -8.78 -47.75 -3.59
CA THR A 8 -8.63 -47.92 -2.14
C THR A 8 -7.14 -47.73 -1.77
N MET A 9 -6.25 -48.38 -2.55
CA MET A 9 -4.77 -48.30 -2.41
C MET A 9 -4.26 -46.86 -2.64
N ASP A 10 -4.64 -46.27 -3.77
CA ASP A 10 -4.24 -44.90 -4.14
C ASP A 10 -4.51 -43.92 -2.99
N GLN A 11 -5.72 -44.03 -2.46
CA GLN A 11 -6.33 -43.15 -1.48
C GLN A 11 -5.73 -43.41 -0.09
N GLY A 12 -5.50 -44.70 0.20
CA GLY A 12 -4.78 -45.12 1.39
C GLY A 12 -3.41 -44.48 1.48
N MET A 13 -2.68 -44.53 0.36
CA MET A 13 -1.39 -43.97 0.26
C MET A 13 -1.39 -42.43 0.36
N ALA A 14 -2.25 -41.77 -0.42
CA ALA A 14 -2.30 -40.32 -0.47
C ALA A 14 -2.69 -39.79 0.92
N ASN A 15 -3.53 -40.53 1.64
CA ASN A 15 -3.92 -39.97 2.90
C ASN A 15 -2.76 -40.17 3.88
N GLN A 16 -2.10 -41.33 3.81
CA GLN A 16 -1.03 -41.59 4.76
C GLN A 16 0.18 -40.68 4.48
N ALA A 17 0.45 -40.39 3.20
CA ALA A 17 1.55 -39.48 2.78
C ALA A 17 1.24 -38.01 3.15
N SER A 18 0.00 -37.57 2.95
CA SER A 18 -0.35 -36.20 3.23
C SER A 18 -0.24 -35.93 4.73
N GLN A 19 -0.76 -36.85 5.55
CA GLN A 19 -0.81 -36.66 6.99
C GLN A 19 0.61 -36.67 7.57
N ALA A 20 1.43 -37.53 6.98
CA ALA A 20 2.80 -37.73 7.33
C ALA A 20 3.57 -36.43 7.16
N MET A 21 3.34 -35.74 6.03
CA MET A 21 4.02 -34.49 5.81
C MET A 21 3.58 -33.48 6.86
N GLN A 22 2.33 -33.64 7.35
CA GLN A 22 1.79 -32.76 8.36
C GLN A 22 2.49 -32.97 9.71
N ILE A 23 2.59 -34.23 10.12
CA ILE A 23 3.16 -34.52 11.43
C ILE A 23 4.68 -34.28 11.42
N GLN A 24 5.35 -34.60 10.30
CA GLN A 24 6.78 -34.29 10.10
C GLN A 24 7.07 -32.82 10.46
N THR A 25 6.30 -31.91 9.88
CA THR A 25 6.53 -30.50 10.04
C THR A 25 6.36 -30.11 11.52
N TYR A 26 5.35 -30.70 12.14
CA TYR A 26 4.98 -30.49 13.53
C TYR A 26 6.09 -31.04 14.45
N CYS A 27 6.68 -32.20 14.10
CA CYS A 27 7.77 -32.78 14.86
C CYS A 27 9.00 -31.87 14.80
N ASN A 28 9.30 -31.30 13.63
CA ASN A 28 10.42 -30.36 13.56
C ASN A 28 10.17 -29.10 14.41
N SER A 29 8.91 -28.75 14.66
CA SER A 29 8.53 -27.56 15.41
C SER A 29 8.68 -27.82 16.89
N VAL A 30 8.25 -29.00 17.30
CA VAL A 30 8.37 -29.39 18.68
C VAL A 30 9.86 -29.51 19.04
N LYS A 31 10.62 -30.11 18.15
CA LYS A 31 12.05 -30.20 18.34
C LYS A 31 12.66 -28.79 18.46
N GLN A 32 12.12 -27.79 17.77
CA GLN A 32 12.73 -26.44 17.82
C GLN A 32 12.27 -25.66 19.07
N GLN A 33 11.28 -26.18 19.82
CA GLN A 33 10.68 -25.45 20.95
C GLN A 33 11.77 -25.21 21.99
N VAL A 34 11.70 -24.05 22.66
CA VAL A 34 12.68 -23.63 23.68
C VAL A 34 12.16 -23.92 25.09
N PRO A 35 13.09 -24.18 26.03
CA PRO A 35 12.72 -24.50 27.41
C PRO A 35 12.45 -23.24 28.26
N VAL A 36 11.85 -23.50 29.43
CA VAL A 36 11.61 -22.47 30.45
C VAL A 36 12.90 -22.22 31.25
N ASP A 37 13.08 -20.98 31.72
CA ASP A 37 14.05 -20.62 32.78
C ASP A 37 13.28 -19.89 33.88
N PHE A 38 13.20 -20.46 35.09
CA PHE A 38 12.60 -19.79 36.28
C PHE A 38 13.68 -19.59 37.37
N SER A 39 14.95 -19.43 36.94
CA SER A 39 16.11 -19.38 37.83
C SER A 39 16.02 -18.18 38.78
N GLN A 40 15.45 -17.06 38.33
CA GLN A 40 15.14 -15.90 39.22
C GLN A 40 14.05 -16.20 40.29
N PHE A 41 13.35 -17.35 40.31
CA PHE A 41 12.26 -17.59 41.33
C PHE A 41 12.45 -18.91 42.08
N PRO A 42 13.02 -18.91 43.30
CA PRO A 42 13.42 -20.17 43.96
C PRO A 42 12.17 -21.01 44.28
N ASN A 43 11.06 -20.32 44.50
CA ASN A 43 9.75 -20.89 44.62
C ASN A 43 9.42 -21.80 43.41
N LEU A 44 10.02 -21.59 42.23
CA LEU A 44 9.56 -22.27 40.99
C LEU A 44 10.57 -23.31 40.45
N LYS A 45 11.69 -23.51 41.19
CA LYS A 45 12.75 -24.50 40.88
C LYS A 45 12.19 -25.77 40.23
N ASP A 46 11.18 -26.37 40.87
CA ASP A 46 10.81 -27.75 40.59
C ASP A 46 9.85 -27.79 39.39
N ASN A 47 9.16 -26.69 39.10
CA ASN A 47 8.26 -26.62 37.95
C ASN A 47 9.11 -26.52 36.69
N GLN A 48 10.21 -25.76 36.80
CA GLN A 48 11.18 -25.65 35.75
C GLN A 48 11.68 -27.06 35.43
N THR A 49 12.11 -27.79 36.46
CA THR A 49 12.74 -29.08 36.20
C THR A 49 11.76 -30.02 35.51
N GLN A 50 10.54 -30.07 36.05
CA GLN A 50 9.42 -30.87 35.52
C GLN A 50 9.04 -30.44 34.07
N ILE A 51 9.03 -29.13 33.79
CA ILE A 51 8.59 -28.62 32.47
C ILE A 51 9.64 -29.00 31.41
N ASN A 52 10.91 -28.81 31.73
CA ASN A 52 11.97 -29.08 30.79
C ASN A 52 12.13 -30.60 30.59
N GLN A 53 11.86 -31.42 31.61
CA GLN A 53 11.80 -32.89 31.44
C GLN A 53 10.66 -33.26 30.49
N GLY A 54 9.46 -32.66 30.68
CA GLY A 54 8.37 -32.80 29.70
C GLY A 54 8.81 -32.45 28.28
N LEU A 55 9.47 -31.30 28.10
CA LEU A 55 9.85 -30.87 26.75
C LEU A 55 10.71 -31.95 26.08
N ASP A 56 11.67 -32.50 26.85
CA ASP A 56 12.66 -33.52 26.38
C ASP A 56 11.96 -34.84 25.99
N LEU A 57 10.97 -35.26 26.77
CA LEU A 57 10.09 -36.36 26.39
C LEU A 57 9.41 -36.05 25.07
N ALA A 58 8.83 -34.85 24.99
CA ALA A 58 8.01 -34.53 23.81
C ALA A 58 8.91 -34.59 22.56
N LYS A 59 10.16 -34.13 22.70
CA LYS A 59 11.12 -34.11 21.57
C LYS A 59 11.56 -35.53 21.19
N GLY A 60 11.56 -36.42 22.19
CA GLY A 60 11.95 -37.79 21.99
C GLY A 60 10.95 -38.48 21.11
N HIS A 61 9.69 -38.11 21.37
CA HIS A 61 8.55 -38.54 20.64
C HIS A 61 8.66 -38.01 19.20
N ALA A 62 8.95 -36.71 19.04
CA ALA A 62 9.06 -36.15 17.68
C ALA A 62 10.17 -36.89 16.96
N ASP A 63 11.24 -37.25 17.69
CA ASP A 63 12.39 -37.93 17.13
C ASP A 63 12.04 -39.36 16.73
N LEU A 64 11.30 -40.05 17.59
CA LEU A 64 10.82 -41.35 17.26
C LEU A 64 10.04 -41.30 15.94
N TYR A 65 9.17 -40.30 15.75
CA TYR A 65 8.41 -40.17 14.50
C TYR A 65 9.37 -39.92 13.30
N LEU A 66 10.23 -38.91 13.44
CA LEU A 66 11.04 -38.41 12.29
C LEU A 66 12.05 -39.44 11.83
N ASN A 67 12.55 -40.26 12.75
CA ASN A 67 13.65 -41.15 12.43
C ASN A 67 13.26 -42.64 12.48
N THR A 68 12.04 -43.01 12.89
CA THR A 68 11.59 -44.41 12.80
C THR A 68 10.38 -44.52 11.87
N ILE A 69 9.34 -43.75 12.17
CA ILE A 69 8.03 -43.90 11.50
C ILE A 69 8.06 -43.28 10.10
N GLN A 70 8.57 -42.05 9.95
CA GLN A 70 8.65 -41.45 8.64
C GLN A 70 9.35 -42.38 7.65
N PRO A 71 10.54 -42.94 7.92
CA PRO A 71 11.11 -43.96 7.02
C PRO A 71 10.20 -45.15 6.61
N GLN A 72 9.41 -45.70 7.54
CA GLN A 72 8.47 -46.77 7.24
C GLN A 72 7.33 -46.26 6.36
N ILE A 73 6.90 -45.01 6.53
CA ILE A 73 5.78 -44.55 5.72
C ILE A 73 6.25 -44.44 4.26
N ILE A 74 7.50 -44.01 4.09
CA ILE A 74 8.13 -43.95 2.80
C ILE A 74 8.41 -45.38 2.29
N THR A 75 8.80 -46.32 3.16
CA THR A 75 8.98 -47.67 2.68
C THR A 75 7.69 -48.20 2.06
N ASN A 76 6.57 -47.99 2.74
CA ASN A 76 5.23 -48.35 2.24
C ASN A 76 4.96 -47.89 0.79
N ILE A 77 5.37 -46.65 0.47
CA ILE A 77 5.24 -46.05 -0.90
C ILE A 77 6.13 -46.80 -1.91
N SER A 78 7.36 -47.09 -1.48
CA SER A 78 8.26 -47.88 -2.26
C SER A 78 7.66 -49.20 -2.68
N ASN A 79 7.03 -49.87 -1.68
CA ASN A 79 6.40 -51.19 -1.79
C ASN A 79 5.11 -51.11 -2.59
N ILE A 80 4.38 -50.00 -2.49
CA ILE A 80 3.25 -49.80 -3.42
C ILE A 80 3.78 -49.76 -4.86
N SER A 81 4.88 -49.04 -5.09
CA SER A 81 5.51 -48.92 -6.44
C SER A 81 5.90 -50.29 -6.98
N ASN A 82 6.48 -51.13 -6.11
CA ASN A 82 7.04 -52.43 -6.52
C ASN A 82 5.85 -53.37 -6.82
N TYR A 83 4.83 -53.36 -5.97
CA TYR A 83 3.66 -54.18 -6.19
C TYR A 83 3.04 -53.85 -7.56
N PHE A 84 2.91 -52.56 -7.88
CA PHE A 84 2.24 -52.17 -9.13
C PHE A 84 3.16 -52.42 -10.32
N ALA A 85 4.45 -52.51 -10.04
CA ALA A 85 5.44 -52.95 -10.99
C ALA A 85 5.24 -54.45 -11.28
N LEU A 86 5.05 -55.26 -10.22
CA LEU A 86 4.73 -56.70 -10.39
C LEU A 86 3.41 -56.84 -11.11
N GLN A 87 2.37 -56.14 -10.62
CA GLN A 87 1.06 -56.27 -11.24
C GLN A 87 1.18 -55.96 -12.74
N ASN A 88 1.80 -54.82 -13.07
CA ASN A 88 1.82 -54.35 -14.47
C ASN A 88 2.60 -55.33 -15.35
N ALA A 89 3.54 -56.06 -14.73
CA ALA A 89 4.50 -56.88 -15.45
C ALA A 89 3.88 -58.19 -15.98
N ILE A 90 2.81 -58.71 -15.37
CA ILE A 90 2.25 -60.04 -15.67
C ILE A 90 1.83 -60.17 -17.14
N PRO A 91 1.07 -59.21 -17.74
CA PRO A 91 0.80 -59.22 -19.19
C PRO A 91 2.02 -59.06 -20.13
N ALA A 92 3.14 -58.54 -19.59
CA ALA A 92 4.36 -58.34 -20.36
C ALA A 92 5.12 -59.67 -20.40
N VAL A 93 4.89 -60.48 -19.38
CA VAL A 93 5.58 -61.74 -19.16
C VAL A 93 4.77 -62.88 -19.78
N LEU A 94 3.45 -62.88 -19.56
CA LEU A 94 2.48 -63.84 -20.12
C LEU A 94 1.80 -63.25 -21.35
N PRO A 95 2.36 -63.39 -22.58
CA PRO A 95 1.65 -62.92 -23.77
C PRO A 95 0.44 -63.82 -24.00
N PRO A 96 -0.51 -63.43 -24.90
CA PRO A 96 -1.76 -64.17 -25.12
C PRO A 96 -1.54 -65.66 -25.41
N GLY A 97 -2.40 -66.51 -24.86
CA GLY A 97 -2.31 -67.95 -25.03
C GLY A 97 -1.43 -68.61 -23.99
N SER A 98 -1.33 -67.95 -22.83
CA SER A 98 -0.67 -68.49 -21.67
C SER A 98 -1.71 -69.28 -20.85
N THR A 99 -1.30 -70.39 -20.23
CA THR A 99 -2.25 -71.27 -19.51
C THR A 99 -2.80 -70.55 -18.27
N LYS A 100 -4.10 -70.72 -18.05
CA LYS A 100 -4.76 -70.57 -16.75
C LYS A 100 -3.79 -70.81 -15.58
N ALA A 101 -3.01 -71.90 -15.63
CA ALA A 101 -2.23 -72.38 -14.48
C ALA A 101 -1.06 -71.42 -14.16
N GLN A 102 -0.57 -70.71 -15.17
CA GLN A 102 0.61 -69.88 -15.02
C GLN A 102 0.20 -68.46 -14.58
N TRP A 103 -1.00 -68.02 -14.97
CA TRP A 103 -1.72 -66.88 -14.35
C TRP A 103 -2.02 -67.20 -12.87
N LEU A 104 -2.55 -68.40 -12.59
CA LEU A 104 -2.79 -68.77 -11.20
C LEU A 104 -1.50 -68.56 -10.41
N ARG A 105 -0.36 -68.96 -10.99
CA ARG A 105 0.88 -68.89 -10.27
C ARG A 105 1.30 -67.42 -10.08
N GLN A 106 1.28 -66.64 -11.16
CA GLN A 106 1.80 -65.27 -11.19
C GLN A 106 1.01 -64.44 -10.17
N LEU A 107 -0.30 -64.66 -10.16
CA LEU A 107 -1.24 -63.96 -9.26
C LEU A 107 -0.89 -64.33 -7.81
N SER A 108 -0.50 -65.59 -7.59
CA SER A 108 -0.17 -66.11 -6.26
C SER A 108 1.13 -65.49 -5.76
N VAL A 109 2.11 -65.39 -6.66
CA VAL A 109 3.35 -64.72 -6.35
C VAL A 109 3.10 -63.29 -5.89
N ILE A 110 2.32 -62.47 -6.64
CA ILE A 110 2.11 -61.05 -6.25
C ILE A 110 1.17 -60.93 -5.05
N LYS A 111 0.25 -61.89 -4.85
CA LYS A 111 -0.52 -61.92 -3.60
C LYS A 111 0.43 -62.13 -2.39
N GLU A 112 1.42 -63.02 -2.56
CA GLU A 112 2.29 -63.39 -1.44
C GLU A 112 3.12 -62.15 -1.07
N GLN A 113 3.65 -61.43 -2.08
CA GLN A 113 4.43 -60.19 -1.84
C GLN A 113 3.57 -59.07 -1.22
N ALA A 114 2.29 -59.00 -1.59
CA ALA A 114 1.39 -57.93 -1.17
C ALA A 114 1.05 -58.13 0.30
N THR A 115 1.07 -59.39 0.72
CA THR A 115 0.78 -59.85 2.10
C THR A 115 1.96 -59.57 3.04
N GLU A 116 3.18 -59.72 2.52
CA GLU A 116 4.36 -59.23 3.21
C GLU A 116 4.22 -57.72 3.37
N TYR A 117 3.87 -57.04 2.28
CA TYR A 117 3.70 -55.60 2.33
C TYR A 117 2.58 -55.21 3.32
N GLN A 118 1.46 -55.94 3.33
CA GLN A 118 0.31 -55.76 4.27
C GLN A 118 0.77 -55.84 5.73
N ARG A 119 1.64 -56.82 6.03
CA ARG A 119 2.19 -57.06 7.39
C ARG A 119 3.07 -55.89 7.84
N LEU A 120 4.01 -55.48 6.98
CA LEU A 120 4.92 -54.36 7.31
C LEU A 120 4.10 -53.11 7.66
N SER A 121 3.07 -52.81 6.85
CA SER A 121 2.18 -51.65 7.09
C SER A 121 1.54 -51.75 8.49
N SER A 122 1.05 -52.95 8.85
CA SER A 122 0.33 -53.22 10.11
C SER A 122 1.29 -53.09 11.31
N ASP A 123 2.55 -53.50 11.12
CA ASP A 123 3.63 -53.25 12.10
C ASP A 123 3.77 -51.73 12.33
N THR A 124 3.76 -50.93 11.24
CA THR A 124 3.95 -49.47 11.30
C THR A 124 2.79 -48.83 12.08
N ARG A 125 1.57 -49.25 11.74
CA ARG A 125 0.37 -48.80 12.44
C ARG A 125 0.60 -48.98 13.95
N LEU A 126 1.07 -50.18 14.32
CA LEU A 126 1.21 -50.62 15.72
C LEU A 126 2.21 -49.68 16.41
N VAL A 127 3.30 -49.33 15.71
CA VAL A 127 4.29 -48.41 16.25
C VAL A 127 3.66 -47.03 16.45
N ILE A 128 2.78 -46.63 15.52
CA ILE A 128 2.13 -45.34 15.59
C ILE A 128 1.12 -45.32 16.75
N VAL A 129 0.38 -46.42 16.95
CA VAL A 129 -0.64 -46.52 18.02
C VAL A 129 0.05 -46.28 19.36
N ASN A 130 1.19 -46.95 19.47
CA ASN A 130 2.00 -46.96 20.65
C ASN A 130 2.50 -45.54 20.96
N LEU A 131 3.08 -44.86 19.96
CA LEU A 131 3.43 -43.43 20.01
C LEU A 131 2.23 -42.57 20.40
N ASN A 132 1.06 -42.79 19.78
CA ASN A 132 -0.17 -42.03 20.16
C ASN A 132 -0.53 -42.20 21.65
N ASN A 133 -0.45 -43.43 22.16
CA ASN A 133 -0.81 -43.75 23.54
C ASN A 133 0.15 -43.09 24.54
N ASN A 134 1.46 -43.27 24.31
CA ASN A 134 2.49 -42.60 25.06
C ASN A 134 2.17 -41.10 25.17
N LEU A 135 1.74 -40.51 24.03
CA LEU A 135 1.55 -39.05 23.90
C LEU A 135 0.34 -38.61 24.71
N ILE A 136 -0.68 -39.48 24.84
CA ILE A 136 -1.88 -39.13 25.60
C ILE A 136 -1.51 -39.08 27.09
N THR A 137 -0.76 -40.09 27.54
CA THR A 137 -0.27 -40.14 28.91
C THR A 137 0.55 -38.88 29.20
N ASP A 138 1.61 -38.65 28.38
CA ASP A 138 2.57 -37.53 28.51
C ASP A 138 1.87 -36.16 28.28
N SER A 139 0.91 -36.02 27.37
CA SER A 139 0.21 -34.69 27.24
C SER A 139 -0.59 -34.40 28.51
N SER A 140 -1.16 -35.44 29.12
CA SER A 140 -2.03 -35.28 30.29
C SER A 140 -1.18 -34.93 31.49
N ASN A 141 -0.12 -35.71 31.71
CA ASN A 141 0.77 -35.43 32.82
C ASN A 141 1.18 -33.95 32.77
N PHE A 142 1.54 -33.47 31.57
CA PHE A 142 2.12 -32.11 31.36
C PHE A 142 1.07 -31.02 31.63
N GLN A 143 -0.19 -31.20 31.23
CA GLN A 143 -1.24 -30.25 31.62
C GLN A 143 -1.19 -30.06 33.15
N GLY A 144 -1.02 -31.16 33.89
CA GLY A 144 -0.97 -31.12 35.36
C GLY A 144 0.21 -30.31 35.88
N ILE A 145 1.33 -30.30 35.14
CA ILE A 145 2.49 -29.48 35.49
C ILE A 145 2.16 -28.00 35.30
N VAL A 146 1.47 -27.67 34.20
CA VAL A 146 1.13 -26.27 33.87
C VAL A 146 0.15 -25.75 34.92
N VAL A 147 -0.77 -26.63 35.35
CA VAL A 147 -1.75 -26.27 36.38
C VAL A 147 -1.01 -25.89 37.66
N ASN A 148 -0.04 -26.74 38.05
CA ASN A 148 0.71 -26.60 39.27
C ASN A 148 1.48 -25.27 39.26
N LEU A 149 2.23 -25.03 38.18
CA LEU A 149 2.89 -23.75 37.90
C LEU A 149 1.91 -22.57 37.99
N ASN A 150 0.76 -22.73 37.34
CA ASN A 150 -0.17 -21.62 37.23
C ASN A 150 -0.72 -21.20 38.59
N SER A 151 -0.82 -22.18 39.51
CA SER A 151 -1.54 -21.98 40.72
C SER A 151 -0.62 -21.30 41.75
N LYS A 152 0.70 -21.38 41.51
CA LYS A 152 1.73 -20.65 42.30
C LYS A 152 1.95 -19.24 41.75
N VAL A 153 1.68 -19.03 40.46
CA VAL A 153 2.00 -17.76 39.75
C VAL A 153 0.82 -16.78 39.81
N GLN A 154 -0.40 -17.32 39.64
CA GLN A 154 -1.64 -16.51 39.62
C GLN A 154 -2.25 -16.47 41.04
N GLY A 155 -3.34 -15.73 41.22
CA GLY A 155 -4.00 -15.64 42.51
C GLY A 155 -3.30 -14.65 43.44
N ASP A 156 -4.06 -14.21 44.44
CA ASP A 156 -3.82 -13.02 45.27
C ASP A 156 -2.44 -13.07 45.91
N ASN A 157 -1.96 -14.27 46.20
CA ASN A 157 -0.71 -14.46 46.95
C ASN A 157 0.35 -15.08 46.04
N GLY A 158 0.05 -15.12 44.73
CA GLY A 158 0.92 -15.72 43.72
C GLY A 158 2.20 -14.93 43.50
N VAL A 159 3.09 -15.47 42.69
CA VAL A 159 4.36 -14.86 42.43
C VAL A 159 4.13 -13.53 41.70
N LEU A 160 3.17 -13.49 40.77
CA LEU A 160 2.94 -12.25 39.99
C LEU A 160 2.32 -11.18 40.90
N ALA A 161 1.39 -11.59 41.77
CA ALA A 161 0.63 -10.66 42.60
C ALA A 161 1.59 -9.86 43.50
N GLN A 162 2.48 -10.58 44.19
CA GLN A 162 3.55 -10.07 45.07
C GLN A 162 4.39 -9.03 44.32
N LEU A 163 4.82 -9.42 43.11
CA LEU A 163 5.74 -8.68 42.23
C LEU A 163 5.09 -7.36 41.77
N ASN A 164 3.77 -7.38 41.50
CA ASN A 164 2.99 -6.17 41.19
C ASN A 164 2.85 -5.30 42.45
N GLY A 165 2.62 -5.96 43.57
CA GLY A 165 2.54 -5.34 44.87
C GLY A 165 3.81 -4.58 45.22
N ASP A 166 4.98 -5.22 45.00
CA ASP A 166 6.30 -4.63 45.27
C ASP A 166 6.56 -3.46 44.27
N ILE A 167 6.17 -3.63 43.00
CA ILE A 167 6.27 -2.56 41.98
C ILE A 167 5.37 -1.35 42.35
N ASP A 168 4.16 -1.61 42.87
CA ASP A 168 3.25 -0.53 43.31
C ASP A 168 3.97 0.29 44.38
N LYS A 169 4.58 -0.40 45.35
CA LYS A 169 5.18 0.23 46.52
C LYS A 169 6.37 1.13 46.11
N VAL A 170 7.31 0.58 45.33
CA VAL A 170 8.51 1.30 44.87
C VAL A 170 8.09 2.51 44.01
N ASN A 171 7.05 2.38 43.19
CA ASN A 171 6.67 3.49 42.35
C ASN A 171 6.14 4.64 43.23
N ALA A 172 5.47 4.23 44.32
CA ALA A 172 4.83 5.12 45.27
C ALA A 172 5.89 5.92 46.02
N ALA A 173 6.85 5.20 46.59
CA ALA A 173 7.99 5.79 47.20
C ALA A 173 8.62 6.85 46.28
N ILE A 174 8.72 6.55 44.98
CA ILE A 174 9.42 7.45 44.03
C ILE A 174 8.55 8.70 43.77
N ASP A 175 7.24 8.54 43.76
CA ASP A 175 6.38 9.67 43.52
C ASP A 175 6.29 10.54 44.77
N GLY A 176 6.35 9.88 45.95
CA GLY A 176 6.45 10.56 47.27
C GLY A 176 7.71 11.41 47.40
N ALA A 177 8.85 10.80 47.05
CA ALA A 177 10.14 11.50 47.05
C ALA A 177 10.15 12.72 46.12
N ILE A 178 9.64 12.57 44.91
CA ILE A 178 9.59 13.67 43.94
C ILE A 178 8.65 14.78 44.46
N ALA A 179 7.52 14.38 45.07
CA ALA A 179 6.51 15.32 45.60
C ALA A 179 7.13 16.16 46.70
N GLY A 180 8.06 15.51 47.41
CA GLY A 180 8.79 16.03 48.54
C GLY A 180 9.84 17.04 48.13
N ILE A 181 10.44 16.82 46.96
CA ILE A 181 11.42 17.76 46.37
C ILE A 181 10.65 19.03 45.90
N VAL A 182 9.45 18.82 45.37
CA VAL A 182 8.67 19.84 44.71
C VAL A 182 8.19 20.82 45.79
N ALA A 183 7.46 20.25 46.76
CA ALA A 183 6.98 20.95 47.95
C ALA A 183 8.17 21.56 48.68
N GLY A 184 9.24 20.78 48.74
CA GLY A 184 10.44 21.16 49.43
C GLY A 184 11.00 22.48 48.94
N GLY A 185 11.11 22.60 47.62
CA GLY A 185 11.67 23.80 47.00
C GLY A 185 10.77 24.98 47.29
N LEU A 186 9.45 24.73 47.25
CA LEU A 186 8.44 25.73 47.56
C LEU A 186 8.64 26.25 49.00
N LEU A 187 8.93 25.38 49.97
CA LEU A 187 9.15 25.81 51.41
C LEU A 187 10.47 26.56 51.58
N VAL A 188 11.56 25.98 51.06
CA VAL A 188 12.83 26.64 51.10
C VAL A 188 12.68 28.07 50.59
N ILE A 189 12.03 28.24 49.43
CA ILE A 189 12.00 29.57 48.79
C ILE A 189 11.02 30.47 49.56
N GLY A 190 9.84 29.92 49.86
CA GLY A 190 8.85 30.56 50.72
C GLY A 190 9.43 30.93 52.07
N GLY A 191 10.17 29.98 52.65
CA GLY A 191 10.87 30.15 53.89
C GLY A 191 11.85 31.32 53.80
N ALA A 192 12.60 31.42 52.70
CA ALA A 192 13.58 32.51 52.55
C ALA A 192 12.85 33.84 52.59
N PHE A 193 11.66 33.91 51.96
CA PHE A 193 10.88 35.14 51.88
C PHE A 193 10.43 35.51 53.29
N VAL A 194 9.74 34.59 53.99
CA VAL A 194 9.17 34.83 55.34
C VAL A 194 10.28 35.17 56.33
N THR A 195 11.43 34.51 56.21
CA THR A 195 12.61 34.80 57.06
C THR A 195 13.01 36.27 56.90
N ALA A 196 13.41 36.63 55.68
CA ALA A 196 13.91 37.97 55.36
C ALA A 196 12.90 39.07 55.76
N ILE A 197 11.61 38.72 55.83
CA ILE A 197 10.52 39.67 56.07
C ILE A 197 10.54 40.00 57.57
N GLY A 198 10.20 39.02 58.42
CA GLY A 198 10.26 39.19 59.88
C GLY A 198 11.58 39.81 60.34
N ALA A 199 12.69 39.40 59.69
CA ALA A 199 14.08 39.69 60.12
C ALA A 199 14.40 41.18 60.06
N VAL A 200 13.70 41.92 59.21
CA VAL A 200 13.88 43.34 59.20
C VAL A 200 12.76 43.99 60.04
N ALA A 201 11.64 43.29 60.29
CA ALA A 201 10.73 43.63 61.43
C ALA A 201 11.31 43.14 62.76
N SER A 209 8.75 40.09 66.95
CA SER A 209 8.61 39.82 65.51
C SER A 209 9.27 38.50 65.09
N THR A 210 9.96 37.78 66.00
CA THR A 210 10.79 36.62 65.61
C THR A 210 9.99 35.30 65.64
N PRO A 211 8.76 35.22 66.19
CA PRO A 211 7.85 34.14 65.81
C PRO A 211 7.69 33.98 64.29
N VAL A 212 8.02 35.03 63.53
CA VAL A 212 8.05 35.00 62.06
C VAL A 212 9.32 34.29 61.60
N VAL A 213 10.49 34.84 61.99
CA VAL A 213 11.83 34.28 61.63
C VAL A 213 11.87 32.77 61.94
N ILE A 214 11.51 32.39 63.16
CA ILE A 214 11.41 30.97 63.51
C ILE A 214 10.56 30.26 62.43
N GLY A 215 9.34 30.78 62.20
CA GLY A 215 8.40 30.25 61.21
C GLY A 215 9.05 30.10 59.85
N GLY A 216 9.87 31.09 59.48
CA GLY A 216 10.58 31.10 58.24
C GLY A 216 11.64 30.01 58.16
N VAL A 217 12.42 29.86 59.23
CA VAL A 217 13.56 28.92 59.19
C VAL A 217 12.99 27.50 59.24
N ALA A 218 11.90 27.33 60.00
CA ALA A 218 11.16 26.10 60.05
C ALA A 218 10.85 25.64 58.63
N MET A 219 10.29 26.57 57.83
CA MET A 219 9.94 26.29 56.41
C MET A 219 11.18 25.79 55.65
N MET A 220 12.25 26.57 55.73
CA MET A 220 13.49 26.29 55.00
C MET A 220 14.07 24.94 55.40
N VAL A 221 14.07 24.57 56.69
CA VAL A 221 14.75 23.31 57.05
C VAL A 221 13.83 22.13 56.76
N ALA A 222 12.51 22.32 56.88
CA ALA A 222 11.59 21.25 56.45
C ALA A 222 11.83 21.01 54.95
N GLY A 223 11.69 22.09 54.18
CA GLY A 223 11.86 22.05 52.75
C GLY A 223 13.13 21.35 52.37
N ALA A 224 14.25 21.80 52.94
CA ALA A 224 15.53 21.18 52.62
C ALA A 224 15.54 19.70 53.01
N GLY A 225 14.89 19.38 54.14
CA GLY A 225 14.71 17.99 54.55
C GLY A 225 13.99 17.18 53.48
N GLY A 226 12.89 17.73 52.95
CA GLY A 226 12.18 17.10 51.85
C GLY A 226 13.06 16.84 50.63
N ILE A 227 13.89 17.82 50.26
CA ILE A 227 14.77 17.70 49.11
C ILE A 227 15.82 16.63 49.38
N THR A 228 16.43 16.65 50.56
CA THR A 228 17.44 15.66 50.98
C THR A 228 16.86 14.23 50.94
N ALA A 229 15.77 13.99 51.68
CA ALA A 229 15.20 12.65 51.77
C ALA A 229 14.77 12.21 50.37
N GLY A 230 13.97 13.06 49.72
CA GLY A 230 13.69 12.95 48.28
C GLY A 230 14.84 12.34 47.49
N ALA A 231 16.01 12.99 47.53
CA ALA A 231 17.20 12.60 46.72
C ALA A 231 17.71 11.20 47.08
N ILE A 232 17.98 10.95 48.37
CA ILE A 232 18.28 9.59 48.91
C ILE A 232 17.32 8.58 48.27
N VAL A 233 16.02 8.73 48.55
CA VAL A 233 15.02 7.71 48.24
C VAL A 233 15.00 7.42 46.73
N LEU A 234 15.39 8.40 45.90
CA LEU A 234 15.64 8.14 44.50
C LEU A 234 16.86 7.23 44.29
N HIS A 235 18.02 7.60 44.85
CA HIS A 235 19.23 6.77 44.75
C HIS A 235 18.90 5.34 45.20
N ASN A 236 18.16 5.21 46.32
CA ASN A 236 17.86 3.90 46.91
C ASN A 236 16.92 3.10 46.01
N SER A 237 16.18 3.74 45.08
CA SER A 237 14.93 3.14 44.53
C SER A 237 14.92 3.02 43.00
N LEU A 238 15.64 3.88 42.27
CA LEU A 238 15.53 3.92 40.80
C LEU A 238 16.05 2.61 40.15
N GLY A 239 16.98 1.90 40.80
CA GLY A 239 17.51 0.59 40.29
C GLY A 239 16.69 -0.62 40.74
N ALA A 240 16.00 -0.48 41.87
CA ALA A 240 15.16 -1.55 42.39
C ALA A 240 13.90 -1.68 41.55
N ARG A 241 13.59 -0.60 40.83
CA ARG A 241 12.47 -0.55 39.92
C ARG A 241 12.80 -1.45 38.71
N GLN A 242 13.94 -1.17 38.10
CA GLN A 242 14.48 -1.92 36.99
C GLN A 242 14.38 -3.43 37.31
N ASP A 243 14.96 -3.85 38.44
CA ASP A 243 15.00 -5.27 38.83
C ASP A 243 13.58 -5.85 38.75
N LEU A 244 12.60 -5.20 39.42
CA LEU A 244 11.22 -5.72 39.54
C LEU A 244 10.53 -5.84 38.16
N TYR A 245 10.72 -4.85 37.27
CA TYR A 245 10.12 -4.87 35.91
C TYR A 245 10.67 -6.05 35.08
N GLN A 246 11.99 -6.29 35.12
CA GLN A 246 12.63 -7.34 34.35
C GLN A 246 12.17 -8.69 34.88
N LYS A 247 12.00 -8.79 36.19
CA LYS A 247 11.58 -10.05 36.79
C LYS A 247 10.18 -10.30 36.26
N ARG A 248 9.37 -9.25 36.28
CA ARG A 248 7.98 -9.42 35.98
C ARG A 248 7.77 -9.89 34.54
N SER A 249 8.51 -9.33 33.58
CA SER A 249 8.26 -9.63 32.16
C SER A 249 8.95 -10.96 31.82
N SER A 250 10.07 -11.24 32.51
CA SER A 250 10.74 -12.55 32.47
C SER A 250 9.77 -13.68 32.81
N LEU A 251 9.02 -13.50 33.91
CA LEU A 251 7.98 -14.44 34.36
C LEU A 251 6.84 -14.53 33.34
N ASN A 252 6.30 -13.38 32.89
CA ASN A 252 5.24 -13.34 31.90
C ASN A 252 5.60 -14.34 30.79
N SER A 253 6.77 -14.11 30.17
CA SER A 253 7.24 -14.79 28.95
C SER A 253 7.43 -16.29 29.23
N GLU A 254 8.02 -16.64 30.38
CA GLU A 254 8.36 -18.05 30.72
C GLU A 254 7.08 -18.85 31.06
N VAL A 255 6.09 -18.22 31.69
CA VAL A 255 4.77 -18.86 31.89
C VAL A 255 4.20 -19.12 30.48
N LEU A 256 4.32 -18.12 29.61
CA LEU A 256 3.74 -18.23 28.30
C LEU A 256 4.44 -19.38 27.58
N ILE A 257 5.76 -19.53 27.73
CA ILE A 257 6.46 -20.69 27.12
C ILE A 257 5.97 -22.02 27.73
N ALA A 258 5.85 -22.08 29.07
CA ALA A 258 5.26 -23.27 29.70
C ALA A 258 3.95 -23.67 29.00
N THR A 259 3.07 -22.70 28.71
CA THR A 259 1.76 -22.99 28.10
C THR A 259 1.90 -23.43 26.63
N GLN A 260 2.89 -22.85 25.94
CA GLN A 260 3.23 -23.17 24.54
C GLN A 260 3.56 -24.67 24.45
N ILE A 261 4.39 -25.11 25.38
CA ILE A 261 4.88 -26.46 25.42
C ILE A 261 3.70 -27.41 25.65
N GLY A 262 2.77 -27.02 26.52
CA GLY A 262 1.61 -27.85 26.76
C GLY A 262 0.75 -27.99 25.51
N ASN A 263 0.62 -26.90 24.73
CA ASN A 263 -0.24 -26.91 23.56
C ASN A 263 0.46 -27.67 22.44
N GLY A 264 1.75 -27.37 22.24
CA GLY A 264 2.61 -28.18 21.40
C GLY A 264 2.35 -29.67 21.62
N TYR A 265 2.24 -30.07 22.89
CA TYR A 265 1.94 -31.46 23.34
C TYR A 265 0.57 -31.92 22.85
N LYS A 266 -0.46 -31.09 23.07
CA LYS A 266 -1.81 -31.48 22.72
C LYS A 266 -1.90 -31.64 21.20
N GLY A 267 -1.23 -30.72 20.48
CA GLY A 267 -1.14 -30.68 19.04
C GLY A 267 -0.43 -31.91 18.50
N LEU A 268 0.64 -32.32 19.15
CA LEU A 268 1.35 -33.44 18.72
C LEU A 268 0.52 -34.70 18.90
N GLN A 269 -0.26 -34.80 19.99
CA GLN A 269 -1.05 -36.04 20.20
C GLN A 269 -2.20 -36.11 19.18
N VAL A 270 -2.71 -34.94 18.78
CA VAL A 270 -3.68 -34.81 17.69
C VAL A 270 -3.01 -35.26 16.39
N GLN A 271 -1.83 -34.72 16.17
CA GLN A 271 -1.08 -35.01 15.00
C GLN A 271 -0.83 -36.53 14.98
N ALA A 272 -0.52 -37.18 16.12
CA ALA A 272 -0.32 -38.64 16.16
C ALA A 272 -1.65 -39.45 16.02
N GLN A 273 -2.74 -39.01 16.63
CA GLN A 273 -4.07 -39.62 16.35
C GLN A 273 -4.37 -39.65 14.85
N ASN A 274 -4.13 -38.56 14.11
CA ASN A 274 -4.37 -38.57 12.64
C ASN A 274 -3.50 -39.65 11.95
N ALA A 275 -2.32 -39.96 12.48
CA ALA A 275 -1.40 -40.96 11.91
C ALA A 275 -1.95 -42.38 12.09
N VAL A 276 -2.54 -42.66 13.27
CA VAL A 276 -3.32 -43.87 13.61
C VAL A 276 -4.45 -44.06 12.58
N THR A 277 -5.20 -43.00 12.32
CA THR A 277 -6.32 -43.04 11.42
C THR A 277 -5.86 -43.40 10.00
N ALA A 278 -4.82 -42.72 9.51
CA ALA A 278 -4.35 -42.83 8.13
C ALA A 278 -3.72 -44.20 7.90
N ALA A 279 -3.06 -44.69 8.96
CA ALA A 279 -2.32 -45.93 9.07
C ALA A 279 -3.29 -47.11 9.06
N THR A 280 -4.43 -46.93 9.75
CA THR A 280 -5.54 -47.85 9.71
C THR A 280 -6.10 -47.91 8.28
N GLN A 281 -6.28 -46.75 7.65
CA GLN A 281 -6.91 -46.75 6.34
C GLN A 281 -5.98 -47.50 5.37
N MET A 282 -4.67 -47.28 5.51
CA MET A 282 -3.66 -47.87 4.62
C MET A 282 -3.51 -49.38 4.88
N SER A 283 -3.47 -49.82 6.14
CA SER A 283 -3.51 -51.28 6.45
C SER A 283 -4.78 -51.92 5.87
N ASN A 284 -5.94 -51.28 6.05
CA ASN A 284 -7.17 -51.79 5.46
C ASN A 284 -7.08 -51.78 3.93
N ALA A 285 -6.33 -50.83 3.35
CA ALA A 285 -6.19 -50.78 1.88
C ALA A 285 -5.50 -52.03 1.37
N TRP A 286 -4.42 -52.42 2.05
CA TRP A 286 -3.62 -53.63 1.74
C TRP A 286 -4.44 -54.90 1.89
N ASP A 287 -5.27 -54.93 2.95
CA ASP A 287 -6.20 -56.03 3.22
C ASP A 287 -7.15 -56.20 2.01
N SER A 288 -7.70 -55.10 1.50
CA SER A 288 -8.58 -55.12 0.35
C SER A 288 -7.87 -55.73 -0.86
N LEU A 289 -6.63 -55.33 -1.08
CA LEU A 289 -5.87 -55.75 -2.29
C LEU A 289 -5.61 -57.26 -2.24
N THR A 290 -5.12 -57.78 -1.10
CA THR A 290 -4.79 -59.20 -0.91
C THR A 290 -6.08 -60.04 -0.96
N SER A 291 -7.10 -59.61 -0.22
CA SER A 291 -8.45 -60.21 -0.28
C SER A 291 -8.88 -60.45 -1.74
N ASP A 292 -8.75 -59.40 -2.55
CA ASP A 292 -9.33 -59.33 -3.91
C ASP A 292 -8.55 -60.26 -4.83
N LEU A 293 -7.22 -60.21 -4.69
CA LEU A 293 -6.34 -61.12 -5.38
C LEU A 293 -6.78 -62.58 -5.07
N GLY A 294 -7.09 -62.86 -3.81
CA GLY A 294 -7.62 -64.13 -3.38
C GLY A 294 -8.84 -64.55 -4.18
N SER A 295 -9.84 -63.65 -4.25
CA SER A 295 -11.13 -63.90 -4.97
C SER A 295 -10.92 -64.12 -6.48
N LEU A 296 -9.94 -63.42 -7.07
CA LEU A 296 -9.54 -63.59 -8.46
C LEU A 296 -8.96 -65.00 -8.68
N ILE A 297 -7.95 -65.34 -7.87
CA ILE A 297 -7.33 -66.67 -7.93
C ILE A 297 -8.46 -67.73 -7.90
N THR A 298 -9.34 -67.63 -6.90
CA THR A 298 -10.50 -68.49 -6.71
C THR A 298 -11.37 -68.52 -7.98
N ASP A 299 -11.92 -67.36 -8.33
CA ASP A 299 -12.88 -67.24 -9.41
C ASP A 299 -12.24 -67.67 -10.75
N LEU A 300 -10.91 -67.68 -10.79
CA LEU A 300 -10.14 -68.26 -11.90
C LEU A 300 -10.03 -69.80 -11.73
N ASP A 301 -9.64 -70.31 -10.55
CA ASP A 301 -9.46 -71.78 -10.32
C ASP A 301 -10.66 -72.57 -10.84
N LYS A 302 -11.84 -71.93 -10.87
CA LYS A 302 -13.10 -72.60 -11.11
C LYS A 302 -13.77 -72.08 -12.40
N GLY A 303 -13.05 -71.32 -13.21
CA GLY A 303 -13.45 -71.13 -14.61
C GLY A 303 -14.63 -70.17 -14.82
N ILE A 304 -14.96 -69.30 -13.86
CA ILE A 304 -15.98 -68.22 -14.15
C ILE A 304 -15.28 -66.97 -14.74
N THR A 305 -13.94 -66.99 -14.86
CA THR A 305 -13.12 -66.08 -15.73
C THR A 305 -11.97 -66.90 -16.34
N SER A 306 -11.32 -66.39 -17.38
CA SER A 306 -10.36 -67.21 -18.17
C SER A 306 -8.96 -66.60 -18.21
N GLY A 307 -8.04 -67.33 -18.88
CA GLY A 307 -6.74 -66.82 -19.22
C GLY A 307 -6.79 -65.38 -19.68
N ASP A 308 -7.35 -65.14 -20.88
CA ASP A 308 -7.15 -63.88 -21.62
C ASP A 308 -8.21 -62.84 -21.27
N ASP A 309 -9.30 -63.20 -20.56
CA ASP A 309 -10.26 -62.24 -19.94
C ASP A 309 -9.53 -61.28 -18.99
N ILE A 310 -8.72 -61.91 -18.14
CA ILE A 310 -8.04 -61.28 -17.02
C ILE A 310 -6.91 -60.37 -17.53
N ARG A 311 -6.43 -60.66 -18.75
CA ARG A 311 -5.46 -59.85 -19.46
C ARG A 311 -6.10 -58.52 -19.89
N GLN A 312 -7.25 -58.62 -20.57
CA GLN A 312 -8.10 -57.49 -20.96
C GLN A 312 -8.21 -56.49 -19.81
N LEU A 313 -8.71 -56.99 -18.67
CA LEU A 313 -8.98 -56.22 -17.46
C LEU A 313 -7.72 -55.46 -17.00
N TRP A 314 -6.54 -56.09 -17.11
CA TRP A 314 -5.28 -55.58 -16.51
C TRP A 314 -4.64 -54.51 -17.39
N LEU A 315 -4.68 -54.72 -18.72
CA LEU A 315 -4.12 -53.75 -19.66
C LEU A 315 -4.97 -52.47 -19.64
N THR A 316 -6.28 -52.65 -19.43
CA THR A 316 -7.21 -51.58 -19.12
C THR A 316 -6.70 -50.81 -17.90
N ALA A 317 -6.53 -51.52 -16.78
CA ALA A 317 -6.04 -50.93 -15.52
C ALA A 317 -4.73 -50.14 -15.76
N ALA A 318 -3.72 -50.80 -16.33
CA ALA A 318 -2.35 -50.21 -16.49
C ALA A 318 -2.44 -48.81 -17.12
N ASP A 319 -3.29 -48.67 -18.14
CA ASP A 319 -3.57 -47.43 -18.88
C ASP A 319 -4.24 -46.38 -17.96
N THR A 320 -5.01 -46.82 -16.94
CA THR A 320 -6.02 -45.97 -16.26
C THR A 320 -5.79 -45.90 -14.74
N THR A 321 -6.47 -46.77 -14.02
CA THR A 321 -6.55 -46.69 -12.59
C THR A 321 -5.15 -46.71 -11.94
N VAL A 322 -4.24 -47.49 -12.53
CA VAL A 322 -2.87 -47.64 -12.03
C VAL A 322 -2.07 -46.40 -12.44
N LYS A 323 -2.36 -45.86 -13.62
CA LYS A 323 -1.62 -44.67 -14.06
C LYS A 323 -1.78 -43.58 -13.01
N THR A 324 -2.99 -43.48 -12.44
CA THR A 324 -3.35 -42.62 -11.29
C THR A 324 -2.67 -42.99 -9.95
N VAL A 325 -2.24 -44.23 -9.77
CA VAL A 325 -1.51 -44.59 -8.56
C VAL A 325 -0.06 -44.12 -8.70
N LEU A 326 0.53 -44.43 -9.86
CA LEU A 326 1.91 -44.14 -10.07
C LEU A 326 2.14 -42.64 -10.20
N THR A 327 1.10 -41.88 -10.62
CA THR A 327 1.16 -40.39 -10.78
C THR A 327 1.12 -39.73 -9.40
N ASP A 328 0.23 -40.25 -8.55
CA ASP A 328 0.12 -39.94 -7.14
C ASP A 328 1.41 -40.29 -6.37
N VAL A 329 2.10 -41.38 -6.71
CA VAL A 329 3.42 -41.69 -6.11
C VAL A 329 4.41 -40.59 -6.50
N THR A 330 4.50 -40.33 -7.80
CA THR A 330 5.39 -39.30 -8.32
C THR A 330 5.15 -37.95 -7.62
N THR A 331 3.89 -37.51 -7.49
CA THR A 331 3.47 -36.23 -6.82
C THR A 331 3.96 -36.18 -5.36
N ILE A 332 3.52 -37.18 -4.59
CA ILE A 332 3.82 -37.39 -3.16
C ILE A 332 5.33 -37.39 -2.91
N LYS A 333 6.10 -37.99 -3.82
CA LYS A 333 7.56 -38.01 -3.71
C LYS A 333 8.12 -36.62 -4.02
N ALA A 334 7.49 -35.90 -4.95
CA ALA A 334 7.94 -34.55 -5.24
C ALA A 334 7.64 -33.67 -4.02
N GLN A 335 6.46 -33.88 -3.40
CA GLN A 335 6.06 -33.07 -2.23
C GLN A 335 7.08 -33.25 -1.10
N MET A 336 7.41 -34.51 -0.79
CA MET A 336 8.29 -34.89 0.33
C MET A 336 9.69 -34.34 0.14
N ALA A 337 10.14 -34.38 -1.11
CA ALA A 337 11.49 -33.95 -1.49
C ALA A 337 11.61 -32.43 -1.69
N GLY A 338 10.47 -31.72 -1.66
CA GLY A 338 10.38 -30.29 -2.02
C GLY A 338 10.81 -30.00 -3.47
N VAL A 339 10.34 -30.82 -4.43
CA VAL A 339 10.42 -30.57 -5.91
C VAL A 339 9.02 -30.50 -6.53
N ALA B 17 20.55 -3.26 -17.00
CA ALA B 17 21.57 -2.16 -17.10
C ALA B 17 22.95 -2.69 -16.71
N SER B 18 23.94 -2.37 -17.56
CA SER B 18 25.30 -2.88 -17.49
C SER B 18 26.13 -2.13 -16.44
N GLN B 19 27.29 -2.69 -16.09
CA GLN B 19 28.16 -2.05 -15.09
C GLN B 19 28.52 -0.63 -15.55
N ALA B 20 28.79 -0.52 -16.85
CA ALA B 20 29.11 0.77 -17.48
C ALA B 20 27.94 1.74 -17.39
N MET B 21 26.74 1.24 -17.70
CA MET B 21 25.57 2.09 -17.68
C MET B 21 25.33 2.55 -16.23
N GLN B 22 25.52 1.63 -15.27
CA GLN B 22 25.46 2.00 -13.83
C GLN B 22 26.37 3.22 -13.54
N ILE B 23 27.60 3.22 -14.07
CA ILE B 23 28.54 4.27 -13.75
C ILE B 23 28.27 5.52 -14.61
N GLN B 24 27.87 5.38 -15.86
CA GLN B 24 27.42 6.54 -16.62
C GLN B 24 26.34 7.29 -15.85
N THR B 25 25.43 6.51 -15.27
CA THR B 25 24.29 7.04 -14.53
C THR B 25 24.75 7.89 -13.33
N TYR B 26 25.60 7.35 -12.46
CA TYR B 26 26.14 8.17 -11.37
C TYR B 26 26.84 9.42 -11.94
N CYS B 27 27.63 9.25 -13.00
CA CYS B 27 28.47 10.33 -13.55
C CYS B 27 27.59 11.46 -14.09
N ASN B 28 26.44 11.10 -14.66
CA ASN B 28 25.52 12.08 -15.25
C ASN B 28 24.75 12.84 -14.15
N SER B 29 24.41 12.16 -13.04
CA SER B 29 23.68 12.72 -11.91
C SER B 29 24.54 13.78 -11.21
N VAL B 30 25.77 13.41 -10.86
CA VAL B 30 26.67 14.24 -10.04
C VAL B 30 27.08 15.48 -10.85
N LYS B 31 27.37 15.31 -12.15
CA LYS B 31 27.88 16.38 -13.04
C LYS B 31 26.85 17.52 -13.13
N GLN B 32 25.56 17.21 -12.93
CA GLN B 32 24.46 18.19 -13.10
C GLN B 32 24.07 18.85 -11.78
N GLN B 33 24.55 18.35 -10.63
CA GLN B 33 24.35 19.02 -9.35
C GLN B 33 24.99 20.43 -9.36
N VAL B 34 24.46 21.26 -8.47
CA VAL B 34 24.76 22.66 -8.40
C VAL B 34 25.34 22.92 -7.04
N PRO B 35 26.45 23.68 -6.93
CA PRO B 35 26.92 24.12 -5.62
C PRO B 35 25.80 24.80 -4.81
N VAL B 36 25.82 24.60 -3.49
CA VAL B 36 24.89 25.28 -2.63
C VAL B 36 25.45 26.65 -2.20
N ASP B 37 24.50 27.51 -1.85
CA ASP B 37 24.72 28.81 -1.26
C ASP B 37 23.94 28.79 0.06
N PHE B 38 24.66 28.64 1.16
CA PHE B 38 24.01 28.58 2.45
C PHE B 38 24.28 29.90 3.18
N SER B 39 24.57 30.95 2.42
CA SER B 39 25.00 32.21 2.99
C SER B 39 23.89 32.77 3.89
N GLN B 40 22.63 32.40 3.59
CA GLN B 40 21.50 32.81 4.41
C GLN B 40 21.38 31.97 5.69
N PHE B 41 22.21 30.94 5.87
CA PHE B 41 22.16 30.11 7.08
C PHE B 41 23.55 29.98 7.71
N PRO B 42 23.94 30.93 8.59
CA PRO B 42 25.25 30.87 9.25
C PRO B 42 25.50 29.51 9.91
N ASN B 43 24.45 28.87 10.41
CA ASN B 43 24.59 27.56 11.01
C ASN B 43 24.99 26.48 9.97
N LEU B 44 24.78 26.70 8.66
CA LEU B 44 25.25 25.68 7.66
C LEU B 44 26.56 26.10 6.96
N LYS B 45 27.32 27.05 7.51
CA LYS B 45 28.46 27.57 6.79
C LYS B 45 29.38 26.40 6.45
N ASP B 46 29.65 25.55 7.45
CA ASP B 46 30.69 24.52 7.32
C ASP B 46 30.22 23.45 6.33
N ASN B 47 28.94 23.08 6.40
CA ASN B 47 28.28 22.18 5.47
C ASN B 47 28.51 22.60 4.01
N GLN B 48 28.42 23.90 3.72
CA GLN B 48 28.47 24.38 2.32
C GLN B 48 29.87 24.12 1.76
N THR B 49 30.90 24.38 2.58
CA THR B 49 32.29 24.03 2.24
C THR B 49 32.39 22.52 1.97
N GLN B 50 31.81 21.73 2.88
CA GLN B 50 31.90 20.27 2.81
C GLN B 50 31.22 19.80 1.50
N ILE B 51 30.00 20.27 1.28
CA ILE B 51 29.25 19.89 0.08
C ILE B 51 30.01 20.34 -1.17
N ASN B 52 30.55 21.57 -1.19
CA ASN B 52 31.00 22.19 -2.47
C ASN B 52 32.33 21.60 -2.95
N GLN B 53 33.24 21.33 -2.00
CA GLN B 53 34.50 20.62 -2.26
C GLN B 53 34.22 19.18 -2.71
N GLY B 54 33.38 18.50 -1.95
CA GLY B 54 33.02 17.14 -2.23
C GLY B 54 32.48 17.06 -3.64
N LEU B 55 31.49 17.93 -3.93
CA LEU B 55 30.85 17.97 -5.24
C LEU B 55 31.90 18.22 -6.33
N ASP B 56 32.74 19.24 -6.14
CA ASP B 56 33.76 19.57 -7.15
C ASP B 56 34.65 18.36 -7.49
N LEU B 57 35.17 17.68 -6.47
CA LEU B 57 36.05 16.54 -6.62
C LEU B 57 35.36 15.41 -7.40
N ALA B 58 34.11 15.12 -7.01
CA ALA B 58 33.26 14.09 -7.63
C ALA B 58 33.08 14.33 -9.14
N LYS B 59 32.93 15.62 -9.51
CA LYS B 59 32.68 16.04 -10.90
C LYS B 59 33.93 15.81 -11.78
N GLY B 60 35.11 16.07 -11.19
CA GLY B 60 36.44 15.74 -11.79
C GLY B 60 36.68 14.24 -11.94
N HIS B 61 36.26 13.44 -10.94
CA HIS B 61 36.26 11.97 -11.07
C HIS B 61 35.25 11.49 -12.15
N ALA B 62 34.04 12.05 -12.15
CA ALA B 62 33.03 11.66 -13.19
C ALA B 62 33.60 11.93 -14.58
N ASP B 63 34.15 13.14 -14.79
CA ASP B 63 34.66 13.54 -16.10
C ASP B 63 35.73 12.55 -16.57
N LEU B 64 36.63 12.13 -15.65
CA LEU B 64 37.77 11.21 -15.97
C LEU B 64 37.24 9.83 -16.41
N TYR B 65 36.20 9.32 -15.75
CA TYR B 65 35.52 8.13 -16.23
C TYR B 65 35.00 8.31 -17.66
N LEU B 66 34.37 9.45 -17.99
CA LEU B 66 33.71 9.59 -19.33
C LEU B 66 34.71 9.89 -20.47
N ASN B 67 35.78 10.67 -20.17
CA ASN B 67 36.75 11.12 -21.20
C ASN B 67 37.98 10.19 -21.31
N THR B 68 38.20 9.32 -20.32
CA THR B 68 39.51 8.59 -20.21
C THR B 68 39.31 7.11 -19.87
N ILE B 69 38.76 6.81 -18.68
CA ILE B 69 38.76 5.44 -18.15
C ILE B 69 37.82 4.55 -18.98
N GLN B 70 36.56 4.96 -19.14
CA GLN B 70 35.64 4.14 -19.90
C GLN B 70 36.25 3.89 -21.28
N PRO B 71 36.71 4.93 -22.01
CA PRO B 71 37.28 4.68 -23.35
C PRO B 71 38.48 3.75 -23.28
N GLN B 72 39.36 3.91 -22.28
CA GLN B 72 40.55 3.03 -22.17
C GLN B 72 40.08 1.58 -22.05
N ILE B 73 39.07 1.32 -21.21
CA ILE B 73 38.58 -0.05 -20.97
C ILE B 73 37.96 -0.60 -22.24
N ILE B 74 37.26 0.23 -23.01
CA ILE B 74 36.62 -0.26 -24.21
C ILE B 74 37.65 -0.45 -25.33
N THR B 75 38.59 0.47 -25.49
CA THR B 75 39.69 0.26 -26.44
C THR B 75 40.35 -1.11 -26.15
N ASN B 76 40.67 -1.37 -24.89
CA ASN B 76 41.53 -2.50 -24.51
C ASN B 76 40.82 -3.83 -24.78
N ILE B 77 39.55 -3.91 -24.40
CA ILE B 77 38.81 -5.10 -24.62
C ILE B 77 38.55 -5.29 -26.13
N SER B 78 38.43 -4.19 -26.89
CA SER B 78 38.29 -4.30 -28.35
C SER B 78 39.51 -5.00 -28.97
N ASN B 79 40.71 -4.48 -28.66
CA ASN B 79 41.96 -5.07 -29.15
C ASN B 79 42.05 -6.58 -28.84
N ILE B 80 41.73 -6.95 -27.60
CA ILE B 80 41.83 -8.32 -27.13
C ILE B 80 40.78 -9.14 -27.88
N SER B 81 39.52 -8.65 -27.97
CA SER B 81 38.48 -9.42 -28.61
C SER B 81 38.88 -9.77 -30.05
N ASN B 82 39.44 -8.79 -30.76
CA ASN B 82 39.67 -8.90 -32.19
C ASN B 82 40.72 -9.98 -32.47
N TYR B 83 41.75 -10.07 -31.63
CA TYR B 83 42.84 -11.00 -31.90
C TYR B 83 42.31 -12.44 -31.74
N PHE B 84 41.74 -12.69 -30.55
CA PHE B 84 41.25 -13.99 -30.17
C PHE B 84 39.95 -14.38 -30.87
N ALA B 85 39.25 -13.42 -31.49
CA ALA B 85 38.11 -13.79 -32.36
C ALA B 85 38.65 -14.55 -33.59
N LEU B 86 39.81 -14.12 -34.12
CA LEU B 86 40.46 -14.82 -35.24
C LEU B 86 41.22 -16.04 -34.75
N GLN B 87 42.21 -15.90 -33.83
CA GLN B 87 42.88 -17.01 -33.08
C GLN B 87 41.93 -17.62 -32.02
N ASN B 88 40.84 -18.24 -32.46
CA ASN B 88 39.87 -18.75 -31.48
C ASN B 88 40.17 -20.21 -31.18
N ALA B 89 41.39 -20.63 -31.54
CA ALA B 89 41.77 -21.96 -31.34
C ALA B 89 43.29 -22.03 -31.31
N ILE B 90 43.78 -23.13 -30.71
CA ILE B 90 45.20 -23.47 -30.70
C ILE B 90 45.36 -24.77 -31.48
N PRO B 91 46.28 -24.81 -32.49
CA PRO B 91 46.59 -26.07 -33.18
C PRO B 91 47.47 -26.96 -32.29
N ALA B 92 46.89 -28.07 -31.84
CA ALA B 92 47.58 -28.94 -30.91
C ALA B 92 48.23 -30.13 -31.64
N VAL B 93 48.02 -30.15 -32.95
CA VAL B 93 48.61 -31.12 -33.87
C VAL B 93 49.06 -30.32 -35.10
N LEU B 94 50.18 -30.76 -35.67
CA LEU B 94 50.80 -30.13 -36.83
C LEU B 94 49.74 -29.76 -37.88
N PRO B 95 49.54 -28.45 -38.18
CA PRO B 95 48.58 -28.03 -39.20
C PRO B 95 48.94 -28.64 -40.55
N PRO B 96 47.98 -29.09 -41.38
CA PRO B 96 48.31 -29.80 -42.63
C PRO B 96 49.12 -28.83 -43.49
N GLY B 97 50.30 -29.24 -44.01
CA GLY B 97 51.17 -28.34 -44.82
C GLY B 97 52.41 -27.85 -44.08
N SER B 98 52.31 -27.74 -42.76
CA SER B 98 53.25 -26.99 -41.94
C SER B 98 54.52 -27.81 -41.64
N THR B 99 55.66 -27.14 -41.53
CA THR B 99 56.87 -27.70 -40.94
C THR B 99 56.84 -27.46 -39.42
N LYS B 100 57.53 -28.32 -38.63
CA LYS B 100 57.58 -28.17 -37.17
C LYS B 100 58.07 -26.74 -36.86
N ALA B 101 58.94 -26.20 -37.74
CA ALA B 101 59.47 -24.82 -37.62
C ALA B 101 58.32 -23.81 -37.64
N GLN B 102 57.40 -23.97 -38.61
CA GLN B 102 56.28 -23.02 -38.79
C GLN B 102 55.26 -23.18 -37.65
N TRP B 103 54.99 -24.42 -37.25
CA TRP B 103 54.10 -24.68 -36.11
C TRP B 103 54.61 -24.03 -34.82
N LEU B 104 55.90 -24.20 -34.52
CA LEU B 104 56.48 -23.61 -33.32
C LEU B 104 56.50 -22.07 -33.43
N ARG B 105 56.74 -21.54 -34.62
CA ARG B 105 56.74 -20.09 -34.82
C ARG B 105 55.34 -19.51 -34.56
N GLN B 106 54.32 -20.13 -35.18
CA GLN B 106 52.86 -19.81 -34.97
C GLN B 106 52.53 -19.76 -33.47
N LEU B 107 52.85 -20.83 -32.74
CA LEU B 107 52.59 -20.96 -31.30
C LEU B 107 53.33 -19.89 -30.45
N SER B 108 54.51 -19.45 -30.90
CA SER B 108 55.34 -18.46 -30.20
C SER B 108 54.76 -17.09 -30.45
N VAL B 109 54.23 -16.90 -31.64
CA VAL B 109 53.63 -15.64 -31.97
C VAL B 109 52.35 -15.47 -31.17
N ILE B 110 51.62 -16.57 -30.96
CA ILE B 110 50.43 -16.56 -30.17
C ILE B 110 50.79 -16.32 -28.69
N LYS B 111 51.80 -17.04 -28.18
CA LYS B 111 52.16 -16.89 -26.77
C LYS B 111 52.63 -15.44 -26.49
N GLU B 112 53.27 -14.80 -27.48
CA GLU B 112 53.69 -13.42 -27.28
C GLU B 112 52.49 -12.49 -27.29
N GLN B 113 51.55 -12.70 -28.23
CA GLN B 113 50.34 -11.83 -28.33
C GLN B 113 49.59 -11.90 -27.01
N ALA B 114 49.40 -13.13 -26.52
CA ALA B 114 48.75 -13.38 -25.24
C ALA B 114 49.52 -12.69 -24.10
N THR B 115 50.84 -12.68 -24.19
CA THR B 115 51.66 -12.06 -23.13
C THR B 115 51.42 -10.54 -23.14
N GLU B 116 51.44 -9.93 -24.33
CA GLU B 116 51.09 -8.53 -24.44
C GLU B 116 49.69 -8.30 -23.87
N TYR B 117 48.70 -9.13 -24.23
CA TYR B 117 47.33 -8.84 -23.73
C TYR B 117 47.21 -9.06 -22.21
N GLN B 118 47.92 -10.05 -21.65
CA GLN B 118 47.94 -10.20 -20.19
C GLN B 118 48.41 -8.89 -19.53
N ARG B 119 49.43 -8.23 -20.10
CA ARG B 119 49.98 -6.97 -19.59
C ARG B 119 48.91 -5.87 -19.72
N LEU B 120 48.24 -5.88 -20.89
CA LEU B 120 47.18 -4.87 -21.14
C LEU B 120 46.02 -5.01 -20.14
N SER B 121 45.70 -6.26 -19.81
CA SER B 121 44.61 -6.62 -18.89
C SER B 121 44.95 -6.18 -17.46
N SER B 122 46.19 -6.43 -17.03
CA SER B 122 46.71 -6.00 -15.75
C SER B 122 46.72 -4.48 -15.69
N ASP B 123 47.19 -3.79 -16.75
CA ASP B 123 47.17 -2.30 -16.76
C ASP B 123 45.73 -1.84 -16.58
N THR B 124 44.81 -2.45 -17.35
CA THR B 124 43.40 -2.08 -17.31
C THR B 124 42.86 -2.17 -15.86
N ARG B 125 43.13 -3.28 -15.20
CA ARG B 125 42.67 -3.54 -13.83
C ARG B 125 43.23 -2.48 -12.86
N LEU B 126 44.46 -2.03 -13.14
CA LEU B 126 45.14 -1.02 -12.37
C LEU B 126 44.44 0.35 -12.58
N VAL B 127 44.04 0.65 -13.81
CA VAL B 127 43.18 1.81 -14.07
C VAL B 127 41.89 1.68 -13.27
N ILE B 128 41.36 0.46 -13.16
CA ILE B 128 40.09 0.23 -12.44
C ILE B 128 40.30 0.32 -10.92
N VAL B 129 41.56 0.30 -10.44
CA VAL B 129 41.66 0.51 -8.98
C VAL B 129 41.45 2.00 -8.73
N ASN B 130 41.92 2.87 -9.63
CA ASN B 130 41.78 4.31 -9.44
C ASN B 130 40.30 4.68 -9.52
N LEU B 131 39.65 4.13 -10.54
CA LEU B 131 38.22 4.28 -10.67
C LEU B 131 37.55 3.87 -9.34
N ASN B 132 37.79 2.63 -8.85
CA ASN B 132 37.06 2.19 -7.64
C ASN B 132 37.33 3.16 -6.49
N ASN B 133 38.56 3.67 -6.41
CA ASN B 133 38.98 4.51 -5.30
C ASN B 133 38.32 5.89 -5.43
N ASN B 134 38.11 6.30 -6.68
CA ASN B 134 37.40 7.57 -6.92
C ASN B 134 35.95 7.47 -6.47
N LEU B 135 35.26 6.41 -6.94
CA LEU B 135 33.88 6.18 -6.56
C LEU B 135 33.76 6.03 -5.03
N ILE B 136 34.70 5.29 -4.45
CA ILE B 136 34.69 5.08 -3.01
C ILE B 136 34.81 6.44 -2.31
N THR B 137 35.71 7.30 -2.80
CA THR B 137 35.90 8.60 -2.18
C THR B 137 34.62 9.44 -2.24
N ASP B 138 33.97 9.45 -3.41
CA ASP B 138 32.81 10.31 -3.67
C ASP B 138 31.68 9.87 -2.74
N SER B 139 31.49 8.54 -2.68
CA SER B 139 30.55 7.90 -1.77
C SER B 139 30.80 8.31 -0.31
N SER B 140 32.06 8.24 0.14
CA SER B 140 32.42 8.54 1.54
C SER B 140 32.10 10.00 1.84
N ASN B 141 32.68 10.90 1.05
CA ASN B 141 32.28 12.32 1.00
C ASN B 141 30.77 12.52 1.16
N PHE B 142 29.94 11.91 0.30
CA PHE B 142 28.45 12.10 0.34
C PHE B 142 27.82 11.61 1.67
N GLN B 143 28.24 10.42 2.12
CA GLN B 143 27.82 9.90 3.39
C GLN B 143 28.08 10.95 4.50
N GLY B 144 29.30 11.49 4.52
CA GLY B 144 29.67 12.54 5.46
C GLY B 144 28.83 13.79 5.28
N ILE B 145 28.60 14.19 4.02
CA ILE B 145 27.69 15.30 3.75
C ILE B 145 26.37 15.03 4.48
N VAL B 146 25.78 13.85 4.24
CA VAL B 146 24.45 13.53 4.77
C VAL B 146 24.45 13.52 6.30
N VAL B 147 25.53 12.98 6.86
CA VAL B 147 25.60 12.69 8.27
C VAL B 147 25.58 14.01 9.05
N ASN B 148 26.37 14.98 8.57
CA ASN B 148 26.52 16.28 9.22
C ASN B 148 25.30 17.15 9.01
N LEU B 149 24.67 17.09 7.83
CA LEU B 149 23.40 17.78 7.66
C LEU B 149 22.38 17.28 8.70
N ASN B 150 22.37 15.96 8.95
CA ASN B 150 21.44 15.36 9.89
C ASN B 150 21.66 15.89 11.32
N SER B 151 22.91 15.91 11.77
CA SER B 151 23.33 16.55 13.04
C SER B 151 22.78 17.99 13.14
N LYS B 152 22.90 18.77 12.06
CA LYS B 152 22.38 20.16 12.00
C LYS B 152 20.85 20.20 12.16
N VAL B 153 20.15 19.31 11.44
CA VAL B 153 18.68 19.24 11.52
C VAL B 153 18.24 18.78 12.92
N GLN B 154 18.99 17.85 13.54
CA GLN B 154 18.61 17.28 14.82
C GLN B 154 18.78 18.32 15.92
N GLY B 155 19.84 19.13 15.81
CA GLY B 155 20.08 20.21 16.73
C GLY B 155 18.99 21.27 16.57
N ASP B 156 18.70 21.65 15.32
CA ASP B 156 17.64 22.60 15.04
C ASP B 156 16.29 22.07 15.56
N ASN B 157 15.97 20.77 15.41
CA ASN B 157 14.66 20.32 15.94
C ASN B 157 14.59 20.49 17.47
N GLY B 158 15.74 20.54 18.15
CA GLY B 158 15.80 20.67 19.58
C GLY B 158 15.42 22.07 20.01
N VAL B 159 15.90 23.05 19.24
CA VAL B 159 15.65 24.48 19.41
C VAL B 159 14.21 24.81 19.01
N LEU B 160 13.73 24.19 17.93
CA LEU B 160 12.35 24.30 17.51
C LEU B 160 11.36 23.94 18.63
N ALA B 161 11.61 22.84 19.35
CA ALA B 161 10.72 22.40 20.43
C ALA B 161 10.69 23.42 21.58
N GLN B 162 11.85 23.97 21.95
CA GLN B 162 11.88 25.01 22.96
C GLN B 162 11.07 26.20 22.45
N LEU B 163 11.40 26.64 21.22
CA LEU B 163 10.91 27.89 20.67
C LEU B 163 9.37 27.84 20.57
N ASN B 164 8.80 26.69 20.19
CA ASN B 164 7.31 26.50 20.20
C ASN B 164 6.75 26.72 21.62
N GLY B 165 7.41 26.17 22.64
CA GLY B 165 6.97 26.29 24.04
C GLY B 165 7.05 27.73 24.52
N ASP B 166 8.08 28.44 24.06
CA ASP B 166 8.36 29.86 24.37
C ASP B 166 7.19 30.72 23.86
N ILE B 167 6.83 30.53 22.60
CA ILE B 167 5.73 31.21 21.95
C ILE B 167 4.44 30.98 22.76
N ASP B 168 4.15 29.75 23.20
CA ASP B 168 2.90 29.44 23.96
C ASP B 168 2.78 30.28 25.24
N LYS B 169 3.92 30.54 25.89
CA LYS B 169 4.01 31.18 27.21
C LYS B 169 3.81 32.69 27.04
N VAL B 170 4.39 33.26 25.98
CA VAL B 170 4.20 34.68 25.58
C VAL B 170 2.74 34.96 25.17
N ASN B 171 2.02 33.93 24.69
CA ASN B 171 0.62 34.09 24.30
C ASN B 171 -0.26 34.28 25.54
N ALA B 172 0.24 33.86 26.71
CA ALA B 172 -0.37 34.23 27.97
C ALA B 172 -0.38 35.76 28.07
N ALA B 173 0.82 36.35 27.93
CA ALA B 173 1.05 37.77 28.14
C ALA B 173 0.19 38.62 27.21
N ILE B 174 -0.05 38.12 26.00
CA ILE B 174 -0.80 38.84 24.98
C ILE B 174 -2.29 38.83 25.36
N ASP B 175 -2.81 37.66 25.73
CA ASP B 175 -4.19 37.44 26.19
C ASP B 175 -4.47 38.30 27.44
N GLY B 176 -3.54 38.36 28.39
CA GLY B 176 -3.75 39.12 29.64
C GLY B 176 -3.96 40.60 29.36
N ALA B 177 -3.10 41.17 28.50
CA ALA B 177 -3.14 42.56 28.05
C ALA B 177 -4.45 42.88 27.32
N ILE B 178 -4.87 42.03 26.38
CA ILE B 178 -6.12 42.22 25.64
C ILE B 178 -7.33 42.22 26.61
N ALA B 179 -7.32 41.38 27.67
CA ALA B 179 -8.34 41.41 28.73
C ALA B 179 -8.26 42.75 29.47
N GLY B 180 -7.03 43.17 29.78
CA GLY B 180 -6.78 44.49 30.35
C GLY B 180 -7.55 45.57 29.59
N ILE B 181 -7.29 45.65 28.28
CA ILE B 181 -7.83 46.68 27.36
C ILE B 181 -9.37 46.59 27.28
N VAL B 182 -9.90 45.37 27.16
CA VAL B 182 -11.36 45.14 27.09
C VAL B 182 -12.00 45.56 28.41
N ALA B 183 -11.50 45.01 29.53
CA ALA B 183 -11.90 45.41 30.89
C ALA B 183 -11.87 46.94 31.07
N GLY B 184 -10.74 47.59 30.79
CA GLY B 184 -10.61 49.06 30.78
C GLY B 184 -11.72 49.73 29.98
N GLY B 185 -12.03 49.16 28.81
CA GLY B 185 -13.06 49.69 27.92
C GLY B 185 -14.41 49.68 28.61
N LEU B 186 -14.74 48.50 29.15
CA LEU B 186 -15.98 48.23 29.81
C LEU B 186 -16.16 49.22 30.96
N LEU B 187 -15.12 49.44 31.77
CA LEU B 187 -15.19 50.36 32.89
C LEU B 187 -15.42 51.78 32.40
N VAL B 188 -14.66 52.23 31.39
CA VAL B 188 -14.86 53.60 30.82
C VAL B 188 -16.31 53.82 30.33
N ILE B 189 -16.95 52.79 29.74
CA ILE B 189 -18.33 52.89 29.20
C ILE B 189 -19.31 53.01 30.39
N GLY B 190 -19.23 52.05 31.32
CA GLY B 190 -19.95 52.08 32.57
C GLY B 190 -19.75 53.40 33.33
N GLY B 191 -18.53 53.92 33.37
CA GLY B 191 -18.17 55.06 34.19
C GLY B 191 -18.75 56.34 33.63
N ALA B 192 -18.67 56.46 32.29
CA ALA B 192 -19.32 57.54 31.58
C ALA B 192 -20.80 57.62 31.95
N PHE B 193 -21.43 56.46 32.08
CA PHE B 193 -22.85 56.45 32.33
C PHE B 193 -23.06 57.05 33.72
N VAL B 194 -22.41 56.43 34.71
CA VAL B 194 -22.48 56.77 36.15
C VAL B 194 -22.18 58.26 36.30
N THR B 195 -21.15 58.73 35.57
CA THR B 195 -20.66 60.10 35.68
C THR B 195 -21.73 61.08 35.16
N ALA B 196 -22.36 60.72 34.04
CA ALA B 196 -23.47 61.49 33.47
C ALA B 196 -24.71 61.46 34.38
N ILE B 197 -24.99 60.33 35.04
CA ILE B 197 -26.16 60.26 35.97
C ILE B 197 -25.88 61.16 37.18
N GLY B 198 -24.66 61.09 37.73
CA GLY B 198 -24.27 61.99 38.81
C GLY B 198 -24.49 63.46 38.43
N ALA B 199 -23.99 63.86 37.25
CA ALA B 199 -24.11 65.23 36.74
C ALA B 199 -25.57 65.67 36.85
N VAL B 200 -26.43 64.79 36.35
CA VAL B 200 -27.84 65.01 36.27
C VAL B 200 -28.46 64.99 37.68
N ALA B 201 -28.19 63.95 38.47
CA ALA B 201 -28.79 63.90 39.80
C ALA B 201 -28.35 65.14 40.62
N ASP B 202 -27.15 65.67 40.34
CA ASP B 202 -26.54 66.86 41.04
C ASP B 202 -27.38 68.11 40.77
N PHE B 203 -27.93 68.19 39.56
CA PHE B 203 -28.73 69.31 39.15
C PHE B 203 -30.09 69.29 39.88
N VAL B 204 -30.48 68.14 40.48
CA VAL B 204 -31.87 67.88 41.04
C VAL B 204 -31.84 67.11 42.38
N THR B 205 -30.74 67.16 43.09
CA THR B 205 -30.74 66.81 44.50
C THR B 205 -30.01 67.95 45.23
N ALA B 206 -29.91 69.10 44.56
CA ALA B 206 -29.31 70.32 45.10
C ALA B 206 -27.85 70.08 45.54
N GLY B 207 -27.02 69.52 44.65
CA GLY B 207 -25.54 69.52 44.79
C GLY B 207 -24.97 68.44 45.72
N THR B 208 -25.76 67.42 46.01
CA THR B 208 -25.35 66.38 46.93
C THR B 208 -25.27 65.03 46.22
N SER B 209 -25.10 65.04 44.89
CA SER B 209 -24.89 63.80 44.15
C SER B 209 -23.42 63.64 43.77
N THR B 210 -22.55 64.40 44.46
CA THR B 210 -21.14 64.51 44.19
C THR B 210 -20.44 63.17 44.43
N PRO B 211 -20.87 62.33 45.39
CA PRO B 211 -20.41 60.93 45.48
C PRO B 211 -20.67 59.97 44.29
N VAL B 212 -21.85 60.02 43.67
CA VAL B 212 -22.04 59.29 42.41
C VAL B 212 -21.00 59.79 41.39
N VAL B 213 -20.84 61.11 41.25
CA VAL B 213 -19.98 61.67 40.18
C VAL B 213 -18.57 61.08 40.29
N ILE B 214 -17.99 61.14 41.51
CA ILE B 214 -16.60 60.66 41.81
C ILE B 214 -16.51 59.15 41.50
N GLY B 215 -17.49 58.38 41.98
CA GLY B 215 -17.66 56.98 41.57
C GLY B 215 -17.40 56.82 40.09
N GLY B 216 -18.16 57.58 39.29
CA GLY B 216 -18.16 57.50 37.85
C GLY B 216 -16.81 57.88 37.26
N VAL B 217 -16.18 58.92 37.81
CA VAL B 217 -14.94 59.45 37.23
C VAL B 217 -13.77 58.49 37.55
N ALA B 218 -13.68 58.04 38.80
CA ALA B 218 -12.72 57.03 39.24
C ALA B 218 -12.77 55.84 38.32
N MET B 219 -14.00 55.41 38.00
CA MET B 219 -14.25 54.30 37.07
C MET B 219 -13.64 54.60 35.68
N MET B 220 -13.72 55.86 35.23
CA MET B 220 -13.21 56.25 33.93
C MET B 220 -11.68 56.36 33.95
N VAL B 221 -11.09 56.75 35.10
CA VAL B 221 -9.63 57.00 35.21
C VAL B 221 -8.83 55.69 35.26
N ALA B 222 -9.50 54.64 35.78
CA ALA B 222 -9.02 53.25 35.93
C ALA B 222 -9.10 52.51 34.59
N GLY B 223 -10.25 52.66 33.93
CA GLY B 223 -10.46 52.18 32.61
C GLY B 223 -9.41 52.74 31.66
N ALA B 224 -9.22 54.05 31.65
CA ALA B 224 -8.25 54.67 30.72
C ALA B 224 -6.87 54.06 31.00
N GLY B 225 -6.62 53.79 32.29
CA GLY B 225 -5.41 53.18 32.84
C GLY B 225 -5.15 51.81 32.26
N GLY B 226 -6.16 50.93 32.37
CA GLY B 226 -6.15 49.59 31.80
C GLY B 226 -5.86 49.58 30.31
N ILE B 227 -6.44 50.52 29.59
CA ILE B 227 -6.32 50.59 28.16
C ILE B 227 -4.90 51.05 27.81
N THR B 228 -4.41 52.06 28.53
CA THR B 228 -3.05 52.55 28.33
C THR B 228 -2.03 51.46 28.67
N ALA B 229 -2.06 50.94 29.90
CA ALA B 229 -1.11 49.88 30.33
C ALA B 229 -1.21 48.71 29.35
N GLY B 230 -2.45 48.29 29.09
CA GLY B 230 -2.77 47.12 28.28
C GLY B 230 -2.22 47.27 26.88
N ALA B 231 -2.32 48.50 26.33
CA ALA B 231 -1.78 48.86 25.04
C ALA B 231 -0.24 48.71 25.00
N ILE B 232 0.45 49.26 26.01
CA ILE B 232 1.91 49.27 26.07
C ILE B 232 2.40 47.81 26.06
N VAL B 233 1.79 47.01 26.94
CA VAL B 233 2.17 45.63 27.25
C VAL B 233 1.78 44.69 26.11
N LEU B 234 0.69 45.01 25.42
CA LEU B 234 0.31 44.27 24.25
C LEU B 234 1.32 44.52 23.12
N HIS B 235 1.91 45.71 23.08
CA HIS B 235 2.91 46.07 22.06
C HIS B 235 4.21 45.32 22.32
N ASN B 236 4.80 45.48 23.52
CA ASN B 236 5.97 44.67 23.92
C ASN B 236 5.67 43.18 23.71
N SER B 237 4.52 42.74 24.23
CA SER B 237 4.08 41.36 24.17
C SER B 237 4.04 40.83 22.73
N LEU B 238 3.47 41.58 21.79
CA LEU B 238 3.40 41.11 20.38
C LEU B 238 4.80 41.13 19.75
N GLY B 239 5.55 42.21 19.95
CA GLY B 239 6.88 42.39 19.36
C GLY B 239 7.81 41.23 19.73
N ALA B 240 7.76 40.84 21.00
CA ALA B 240 8.50 39.70 21.45
C ALA B 240 8.07 38.45 20.67
N ARG B 241 6.76 38.13 20.69
CA ARG B 241 6.22 36.92 20.04
C ARG B 241 6.60 36.85 18.55
N GLN B 242 6.54 37.98 17.84
CA GLN B 242 6.91 38.08 16.41
C GLN B 242 8.42 37.79 16.22
N ASP B 243 9.24 38.15 17.21
CA ASP B 243 10.69 37.84 17.21
C ASP B 243 10.89 36.32 17.35
N LEU B 244 10.13 35.63 18.22
CA LEU B 244 10.22 34.16 18.37
C LEU B 244 9.78 33.44 17.08
N TYR B 245 8.53 33.70 16.70
CA TYR B 245 7.86 33.45 15.39
C TYR B 245 8.87 33.36 14.25
N GLN B 246 9.65 34.45 14.06
CA GLN B 246 10.53 34.68 12.93
C GLN B 246 11.86 33.94 13.08
N LYS B 247 12.29 33.66 14.32
CA LYS B 247 13.40 32.72 14.55
C LYS B 247 12.94 31.29 14.22
N ARG B 248 11.72 30.93 14.65
CA ARG B 248 11.15 29.60 14.35
C ARG B 248 11.16 29.36 12.84
N SER B 249 10.76 30.38 12.07
CA SER B 249 10.53 30.22 10.66
C SER B 249 11.87 30.17 9.93
N SER B 250 12.86 30.92 10.43
CA SER B 250 14.26 30.87 9.93
C SER B 250 14.83 29.45 10.07
N LEU B 251 14.57 28.80 11.21
CA LEU B 251 14.93 27.42 11.44
C LEU B 251 14.11 26.47 10.56
N ASN B 252 12.78 26.58 10.57
CA ASN B 252 11.90 25.72 9.77
C ASN B 252 12.46 25.62 8.33
N SER B 253 12.70 26.80 7.73
CA SER B 253 13.42 27.00 6.48
C SER B 253 14.72 26.18 6.47
N GLU B 254 15.62 26.46 7.42
CA GLU B 254 16.98 25.79 7.53
C GLU B 254 16.80 24.26 7.42
N VAL B 255 15.83 23.73 8.17
CA VAL B 255 15.63 22.30 8.38
C VAL B 255 15.12 21.68 7.09
N LEU B 256 14.32 22.47 6.38
CA LEU B 256 13.80 22.10 5.12
C LEU B 256 14.97 21.98 4.13
N ILE B 257 15.73 23.06 3.98
CA ILE B 257 16.77 23.05 2.96
C ILE B 257 17.74 21.89 3.27
N ALA B 258 18.21 21.86 4.52
CA ALA B 258 19.14 20.82 5.00
C ALA B 258 18.59 19.43 4.69
N THR B 259 17.29 19.26 4.92
CA THR B 259 16.61 18.00 4.64
C THR B 259 16.61 17.78 3.13
N GLN B 260 16.42 18.87 2.37
CA GLN B 260 16.22 18.71 0.94
C GLN B 260 17.55 18.26 0.33
N ILE B 261 18.58 19.07 0.54
CA ILE B 261 19.92 18.80 0.00
C ILE B 261 20.41 17.43 0.49
N GLY B 262 20.10 17.11 1.74
CA GLY B 262 20.45 15.85 2.40
C GLY B 262 19.83 14.67 1.70
N ASN B 263 18.54 14.74 1.39
CA ASN B 263 17.89 13.66 0.70
C ASN B 263 18.56 13.50 -0.65
N GLY B 264 18.86 14.63 -1.28
CA GLY B 264 19.51 14.60 -2.55
C GLY B 264 20.88 13.94 -2.51
N TYR B 265 21.65 14.09 -1.42
CA TYR B 265 23.04 13.56 -1.37
C TYR B 265 23.05 12.11 -0.85
N LYS B 266 21.98 11.75 -0.14
CA LYS B 266 21.64 10.35 0.14
C LYS B 266 21.36 9.59 -1.18
N GLY B 267 20.85 10.32 -2.20
CA GLY B 267 20.55 9.78 -3.53
C GLY B 267 21.81 9.55 -4.35
N LEU B 268 22.69 10.59 -4.37
CA LEU B 268 24.00 10.51 -5.02
C LEU B 268 24.86 9.45 -4.33
N GLN B 269 24.84 9.35 -2.98
CA GLN B 269 25.59 8.25 -2.29
C GLN B 269 25.13 6.85 -2.78
N VAL B 270 23.83 6.58 -2.83
CA VAL B 270 23.33 5.28 -3.30
C VAL B 270 23.81 5.05 -4.75
N GLN B 271 23.72 6.06 -5.61
CA GLN B 271 24.20 5.92 -7.01
C GLN B 271 25.69 5.55 -7.04
N ALA B 272 26.47 6.27 -6.24
CA ALA B 272 27.91 6.09 -6.12
C ALA B 272 28.27 4.70 -5.53
N GLN B 273 27.55 4.25 -4.50
CA GLN B 273 27.72 2.87 -3.96
C GLN B 273 27.52 1.85 -5.08
N ASN B 274 26.49 2.07 -5.92
CA ASN B 274 26.15 1.16 -6.98
C ASN B 274 27.32 1.12 -7.97
N ALA B 275 27.73 2.30 -8.43
CA ALA B 275 28.92 2.49 -9.28
C ALA B 275 30.13 1.70 -8.77
N VAL B 276 30.32 1.68 -7.45
CA VAL B 276 31.44 0.99 -6.76
C VAL B 276 31.32 -0.51 -6.99
N THR B 277 30.17 -1.09 -6.62
CA THR B 277 29.86 -2.50 -6.95
C THR B 277 30.12 -2.76 -8.44
N ALA B 278 29.60 -1.89 -9.30
CA ALA B 278 29.76 -2.04 -10.71
C ALA B 278 31.25 -2.07 -11.07
N ALA B 279 32.06 -1.18 -10.48
CA ALA B 279 33.50 -1.08 -10.75
C ALA B 279 34.25 -2.28 -10.17
N THR B 280 33.83 -2.76 -8.99
CA THR B 280 34.39 -3.97 -8.34
C THR B 280 34.18 -5.23 -9.23
N GLN B 281 33.03 -5.30 -9.89
CA GLN B 281 32.70 -6.39 -10.81
C GLN B 281 33.52 -6.31 -12.10
N MET B 282 33.79 -5.07 -12.56
CA MET B 282 34.74 -4.85 -13.63
C MET B 282 36.10 -5.38 -13.17
N SER B 283 36.58 -5.04 -11.96
CA SER B 283 37.92 -5.54 -11.48
C SER B 283 37.92 -7.07 -11.55
N ASN B 284 36.87 -7.72 -11.04
CA ASN B 284 36.78 -9.18 -10.97
C ASN B 284 36.95 -9.81 -12.37
N ALA B 285 36.23 -9.26 -13.33
CA ALA B 285 36.19 -9.77 -14.67
C ALA B 285 37.58 -9.72 -15.33
N TRP B 286 38.21 -8.53 -15.24
CA TRP B 286 39.55 -8.24 -15.78
C TRP B 286 40.63 -9.12 -15.11
N ASP B 287 40.47 -9.37 -13.82
CA ASP B 287 41.32 -10.31 -13.11
C ASP B 287 41.14 -11.71 -13.71
N SER B 288 39.88 -12.09 -13.97
CA SER B 288 39.67 -13.38 -14.52
C SER B 288 40.42 -13.47 -15.87
N LEU B 289 40.43 -12.39 -16.67
CA LEU B 289 41.03 -12.41 -18.01
C LEU B 289 42.56 -12.53 -17.86
N THR B 290 43.11 -11.76 -16.92
CA THR B 290 44.54 -11.74 -16.69
C THR B 290 45.03 -13.16 -16.38
N SER B 291 44.33 -13.79 -15.43
CA SER B 291 44.63 -15.13 -14.92
C SER B 291 44.47 -16.19 -16.01
N ASP B 292 43.44 -16.06 -16.83
CA ASP B 292 43.14 -17.10 -17.80
C ASP B 292 44.17 -17.00 -18.91
N LEU B 293 44.59 -15.76 -19.25
CA LEU B 293 45.68 -15.53 -20.20
C LEU B 293 46.96 -16.14 -19.61
N GLY B 294 47.12 -16.01 -18.29
CA GLY B 294 48.14 -16.67 -17.56
C GLY B 294 48.18 -18.17 -17.83
N SER B 295 47.03 -18.86 -17.77
CA SER B 295 47.01 -20.28 -17.99
C SER B 295 47.43 -20.58 -19.43
N LEU B 296 46.98 -19.73 -20.36
CA LEU B 296 47.21 -19.91 -21.82
C LEU B 296 48.70 -19.78 -22.12
N ILE B 297 49.37 -18.82 -21.47
CA ILE B 297 50.81 -18.55 -21.65
C ILE B 297 51.64 -19.75 -21.17
N THR B 298 51.38 -20.18 -19.94
CA THR B 298 51.91 -21.43 -19.38
C THR B 298 51.78 -22.56 -20.42
N ASP B 299 50.54 -22.82 -20.85
CA ASP B 299 50.25 -23.98 -21.64
C ASP B 299 50.98 -23.90 -22.98
N LEU B 300 51.04 -22.71 -23.59
CA LEU B 300 51.68 -22.58 -24.88
C LEU B 300 53.18 -22.78 -24.63
N ASP B 301 53.65 -22.18 -23.54
CA ASP B 301 55.05 -22.31 -23.19
C ASP B 301 55.47 -23.77 -22.99
N LYS B 302 54.69 -24.53 -22.21
CA LYS B 302 54.97 -25.89 -21.96
C LYS B 302 54.81 -26.69 -23.27
N GLY B 303 53.83 -26.33 -24.09
CA GLY B 303 53.61 -27.09 -25.31
C GLY B 303 54.79 -26.94 -26.25
N ILE B 304 55.30 -25.70 -26.36
CA ILE B 304 56.39 -25.41 -27.28
C ILE B 304 57.67 -26.17 -26.86
N THR B 305 57.98 -26.17 -25.57
CA THR B 305 59.22 -26.76 -25.05
C THR B 305 59.02 -28.26 -24.76
N SER B 306 57.89 -28.88 -25.13
CA SER B 306 57.68 -30.31 -24.95
C SER B 306 57.66 -31.02 -26.31
N GLY B 307 57.31 -32.32 -26.32
CA GLY B 307 57.20 -33.07 -27.59
C GLY B 307 56.12 -34.14 -27.55
N ASP B 308 55.86 -34.72 -28.73
CA ASP B 308 55.05 -35.93 -28.85
C ASP B 308 53.69 -35.69 -28.18
N ASP B 309 53.31 -36.60 -27.28
CA ASP B 309 52.04 -36.62 -26.60
C ASP B 309 51.98 -35.52 -25.54
N ILE B 310 53.14 -35.14 -24.98
CA ILE B 310 53.12 -34.18 -23.88
C ILE B 310 52.87 -32.75 -24.43
N ARG B 311 53.48 -32.38 -25.56
CA ARG B 311 53.18 -31.13 -26.27
C ARG B 311 51.69 -31.07 -26.60
N GLN B 312 51.14 -32.19 -27.04
CA GLN B 312 49.75 -32.28 -27.43
C GLN B 312 48.85 -32.08 -26.20
N LEU B 313 49.23 -32.67 -25.07
CA LEU B 313 48.47 -32.43 -23.84
C LEU B 313 48.39 -30.93 -23.59
N TRP B 314 49.56 -30.27 -23.56
CA TRP B 314 49.63 -28.91 -23.08
C TRP B 314 48.81 -27.99 -24.00
N LEU B 315 48.89 -28.26 -25.31
CA LEU B 315 48.29 -27.45 -26.35
C LEU B 315 46.81 -27.71 -26.46
N THR B 316 46.38 -28.88 -25.98
CA THR B 316 44.98 -29.19 -25.90
C THR B 316 44.34 -28.31 -24.83
N ALA B 317 45.04 -28.16 -23.70
CA ALA B 317 44.52 -27.34 -22.58
C ALA B 317 44.52 -25.85 -22.96
N ALA B 318 45.58 -25.46 -23.70
CA ALA B 318 45.73 -24.16 -24.29
C ALA B 318 44.50 -23.87 -25.16
N ASP B 319 44.08 -24.84 -25.97
CA ASP B 319 42.88 -24.66 -26.81
C ASP B 319 41.62 -24.48 -25.93
N THR B 320 41.51 -25.25 -24.84
CA THR B 320 40.39 -25.17 -23.90
C THR B 320 40.39 -23.80 -23.21
N THR B 321 41.58 -23.26 -22.94
CA THR B 321 41.77 -22.05 -22.20
C THR B 321 41.51 -20.84 -23.13
N VAL B 322 41.69 -20.99 -24.45
CA VAL B 322 41.30 -19.91 -25.40
C VAL B 322 39.77 -19.78 -25.36
N LYS B 323 39.05 -20.90 -25.36
CA LYS B 323 37.58 -20.78 -25.20
C LYS B 323 37.21 -20.12 -23.84
N THR B 324 37.92 -20.46 -22.76
CA THR B 324 37.76 -19.71 -21.51
C THR B 324 37.99 -18.20 -21.70
N VAL B 325 39.08 -17.80 -22.37
CA VAL B 325 39.45 -16.36 -22.57
C VAL B 325 38.33 -15.65 -23.32
N LEU B 326 37.83 -16.29 -24.37
CA LEU B 326 36.69 -15.75 -25.13
C LEU B 326 35.42 -15.52 -24.26
N THR B 327 35.06 -16.47 -23.39
CA THR B 327 34.11 -16.28 -22.30
C THR B 327 34.44 -15.02 -21.49
N ASP B 328 35.71 -14.87 -21.07
CA ASP B 328 36.11 -13.70 -20.28
C ASP B 328 35.85 -12.43 -21.08
N VAL B 329 36.11 -12.48 -22.39
CA VAL B 329 35.95 -11.32 -23.28
C VAL B 329 34.46 -10.99 -23.38
N THR B 330 33.65 -12.00 -23.69
CA THR B 330 32.20 -11.81 -23.76
C THR B 330 31.69 -11.13 -22.48
N THR B 331 32.11 -11.64 -21.31
CA THR B 331 31.70 -11.06 -20.03
C THR B 331 32.05 -9.57 -19.99
N ILE B 332 33.29 -9.21 -20.29
CA ILE B 332 33.72 -7.83 -20.19
C ILE B 332 32.89 -6.94 -21.15
N LYS B 333 32.63 -7.42 -22.38
CA LYS B 333 31.90 -6.61 -23.38
C LYS B 333 30.47 -6.34 -22.90
N ALA B 334 29.84 -7.35 -22.31
CA ALA B 334 28.50 -7.21 -21.71
C ALA B 334 28.51 -6.17 -20.58
N GLN B 335 29.55 -6.22 -19.75
CA GLN B 335 29.73 -5.26 -18.68
C GLN B 335 29.78 -3.84 -19.25
N MET B 336 30.39 -3.71 -20.42
CA MET B 336 30.76 -2.40 -20.95
C MET B 336 29.78 -1.93 -22.02
N ALA B 337 28.70 -2.68 -22.24
CA ALA B 337 27.74 -2.37 -23.27
C ALA B 337 26.79 -1.28 -22.79
N GLY B 338 26.39 -0.45 -23.76
CA GLY B 338 25.22 0.40 -23.64
C GLY B 338 25.66 1.83 -23.50
N VAL B 339 24.76 2.74 -23.93
CA VAL B 339 24.72 4.17 -23.62
C VAL B 339 23.50 4.39 -22.71
N SER B 340 23.74 4.67 -21.41
CA SER B 340 22.67 4.81 -20.34
C SER B 340 21.72 5.95 -20.68
N PRO B 341 20.35 5.80 -20.66
CA PRO B 341 19.48 6.87 -21.18
C PRO B 341 19.39 8.05 -20.20
N LEU B 342 18.78 9.15 -20.66
CA LEU B 342 18.54 10.32 -19.80
C LEU B 342 17.60 9.91 -18.64
N GLN B 343 17.93 10.33 -17.40
CA GLN B 343 17.05 10.21 -16.19
C GLN B 343 16.39 11.56 -15.87
N VAL B 344 15.06 11.58 -15.73
CA VAL B 344 14.34 12.79 -15.26
C VAL B 344 14.14 12.67 -13.74
N PRO B 345 14.62 13.63 -12.91
CA PRO B 345 14.38 13.55 -11.47
C PRO B 345 12.91 13.86 -11.14
N GLN B 346 12.53 13.76 -9.86
CA GLN B 346 11.26 14.29 -9.36
C GLN B 346 11.59 15.31 -8.26
N THR B 347 11.73 16.58 -8.68
CA THR B 347 11.94 17.72 -7.76
C THR B 347 10.60 18.44 -7.52
N ASP B 348 10.12 18.43 -6.27
CA ASP B 348 8.77 18.89 -5.92
C ASP B 348 8.61 20.34 -6.42
N THR B 349 7.40 20.69 -6.92
CA THR B 349 7.13 22.03 -7.52
C THR B 349 7.03 23.10 -6.42
N ILE B 350 6.76 24.34 -6.84
CA ILE B 350 6.51 25.49 -5.94
C ILE B 350 5.34 25.15 -4.99
N ALA B 351 4.33 24.48 -5.52
CA ALA B 351 3.14 24.08 -4.78
C ALA B 351 3.54 23.30 -3.51
N ASN B 352 4.50 22.39 -3.65
CA ASN B 352 4.78 21.36 -2.64
C ASN B 352 5.77 21.84 -1.58
N PHE B 353 6.64 22.77 -1.96
CA PHE B 353 7.58 23.41 -1.05
C PHE B 353 6.83 24.27 -0.02
N VAL B 354 5.78 24.98 -0.47
CA VAL B 354 5.00 25.98 0.32
C VAL B 354 4.11 25.29 1.38
N ALA B 355 3.80 23.99 1.18
CA ALA B 355 2.95 23.21 2.11
C ALA B 355 3.81 22.28 3.00
N ARG B 356 5.07 22.05 2.61
CA ARG B 356 6.03 21.29 3.43
C ARG B 356 6.70 22.24 4.43
N LEU B 357 6.89 23.51 4.03
CA LEU B 357 7.28 24.61 4.93
C LEU B 357 6.15 24.85 5.95
N ALA B 358 4.91 24.93 5.44
CA ALA B 358 3.75 25.30 6.22
C ALA B 358 3.27 24.12 7.08
N ALA B 359 3.66 22.88 6.73
CA ALA B 359 3.48 21.74 7.64
C ALA B 359 4.34 21.95 8.90
N LEU B 360 5.60 22.36 8.68
CA LEU B 360 6.58 22.61 9.75
C LEU B 360 6.25 23.93 10.49
N THR C 2 38.50 -40.45 -8.68
CA THR C 2 37.63 -40.51 -7.45
C THR C 2 36.72 -39.28 -7.46
N ASN C 3 35.40 -39.49 -7.56
CA ASN C 3 34.39 -38.43 -7.48
C ASN C 3 34.60 -37.50 -6.26
N ALA C 4 34.74 -38.11 -5.07
CA ALA C 4 35.08 -37.45 -3.80
C ALA C 4 36.15 -36.37 -4.00
N THR C 5 37.15 -36.65 -4.87
CA THR C 5 38.26 -35.73 -5.09
C THR C 5 37.80 -34.54 -5.92
N THR C 6 37.11 -34.84 -7.02
CA THR C 6 36.58 -33.78 -7.86
C THR C 6 35.63 -32.90 -7.04
N ILE C 7 34.70 -33.53 -6.32
CA ILE C 7 33.67 -32.84 -5.54
C ILE C 7 34.33 -32.02 -4.43
N THR C 8 35.37 -32.59 -3.82
CA THR C 8 36.16 -31.89 -2.82
C THR C 8 36.75 -30.58 -3.41
N MET C 9 37.28 -30.67 -4.63
CA MET C 9 37.80 -29.52 -5.37
C MET C 9 36.67 -28.52 -5.66
N ASP C 10 35.53 -29.02 -6.12
CA ASP C 10 34.37 -28.18 -6.39
C ASP C 10 33.97 -27.40 -5.13
N GLN C 11 33.87 -28.11 -4.01
CA GLN C 11 33.25 -27.56 -2.84
C GLN C 11 34.23 -26.58 -2.20
N GLY C 12 35.52 -26.89 -2.34
CA GLY C 12 36.59 -26.06 -1.82
C GLY C 12 36.54 -24.68 -2.48
N MET C 13 36.48 -24.74 -3.81
CA MET C 13 36.42 -23.60 -4.69
C MET C 13 35.14 -22.82 -4.44
N ALA C 14 34.01 -23.55 -4.48
CA ALA C 14 32.71 -22.93 -4.26
C ALA C 14 32.72 -22.20 -2.93
N ASN C 15 33.26 -22.82 -1.87
CA ASN C 15 33.22 -22.14 -0.59
C ASN C 15 34.08 -20.87 -0.66
N GLN C 16 35.34 -20.98 -1.12
CA GLN C 16 36.25 -19.83 -1.10
C GLN C 16 35.72 -18.64 -1.93
N ALA C 17 35.02 -18.92 -3.04
CA ALA C 17 34.55 -17.84 -3.93
C ALA C 17 33.37 -17.12 -3.28
N SER C 18 32.44 -17.90 -2.75
CA SER C 18 31.30 -17.31 -2.04
C SER C 18 31.79 -16.43 -0.87
N GLN C 19 32.81 -16.86 -0.08
CA GLN C 19 33.30 -16.05 1.07
C GLN C 19 33.97 -14.80 0.48
N ALA C 20 34.64 -14.95 -0.66
CA ALA C 20 35.42 -13.86 -1.29
C ALA C 20 34.48 -12.70 -1.63
N MET C 21 33.25 -13.02 -2.08
CA MET C 21 32.26 -12.06 -2.43
C MET C 21 31.73 -11.34 -1.17
N GLN C 22 31.57 -12.11 -0.11
CA GLN C 22 31.29 -11.61 1.24
C GLN C 22 32.41 -10.65 1.70
N ILE C 23 33.67 -11.08 1.76
CA ILE C 23 34.69 -10.18 2.27
C ILE C 23 34.89 -9.00 1.30
N GLN C 24 34.88 -9.25 -0.02
CA GLN C 24 35.07 -8.14 -0.99
C GLN C 24 34.01 -7.05 -0.72
N THR C 25 32.75 -7.43 -0.53
CA THR C 25 31.68 -6.45 -0.33
C THR C 25 31.92 -5.68 0.98
N TYR C 26 32.32 -6.39 2.04
CA TYR C 26 32.57 -5.76 3.36
C TYR C 26 33.73 -4.76 3.28
N CYS C 27 34.75 -5.08 2.48
CA CYS C 27 35.95 -4.25 2.32
C CYS C 27 35.60 -2.97 1.57
N ASN C 28 34.63 -3.06 0.66
CA ASN C 28 34.24 -1.89 -0.10
C ASN C 28 33.55 -0.92 0.86
N SER C 29 32.81 -1.49 1.79
CA SER C 29 31.98 -0.76 2.75
C SER C 29 32.87 -0.15 3.83
N VAL C 30 33.87 -0.90 4.31
CA VAL C 30 34.88 -0.34 5.25
C VAL C 30 35.60 0.86 4.63
N LYS C 31 36.01 0.77 3.35
CA LYS C 31 36.64 1.93 2.64
C LYS C 31 35.72 3.16 2.44
N GLN C 32 34.39 2.99 2.48
CA GLN C 32 33.50 4.15 2.28
C GLN C 32 33.15 4.82 3.60
N GLN C 33 33.44 4.12 4.71
CA GLN C 33 33.35 4.61 6.11
C GLN C 33 33.94 6.03 6.23
N VAL C 34 33.29 6.91 7.01
CA VAL C 34 33.72 8.30 7.10
C VAL C 34 34.40 8.51 8.42
N PRO C 35 35.41 9.41 8.47
CA PRO C 35 36.18 9.70 9.67
C PRO C 35 35.42 10.59 10.68
N VAL C 36 35.86 10.58 11.94
CA VAL C 36 35.28 11.46 12.96
C VAL C 36 35.89 12.88 12.88
N ASP C 37 35.14 13.83 13.45
CA ASP C 37 35.55 15.23 13.60
C ASP C 37 35.07 15.71 14.97
N PHE C 38 36.04 16.02 15.83
CA PHE C 38 35.83 16.48 17.19
C PHE C 38 36.51 17.85 17.36
N SER C 39 36.67 18.59 16.26
CA SER C 39 37.42 19.83 16.33
C SER C 39 36.63 20.90 17.08
N GLN C 40 35.43 20.60 17.59
CA GLN C 40 34.68 21.51 18.49
C GLN C 40 34.91 21.25 19.98
N PHE C 41 35.80 20.31 20.29
CA PHE C 41 35.98 19.86 21.66
C PHE C 41 37.44 19.59 21.88
N PRO C 42 38.22 20.60 22.37
CA PRO C 42 39.65 20.45 22.59
C PRO C 42 40.01 19.20 23.42
N ASN C 43 39.32 19.04 24.55
CA ASN C 43 39.28 17.82 25.35
C ASN C 43 39.56 16.56 24.50
N LEU C 44 39.19 16.55 23.20
CA LEU C 44 39.01 15.32 22.44
C LEU C 44 39.86 15.26 21.17
N LYS C 45 40.63 16.33 20.85
CA LYS C 45 41.67 16.37 19.78
C LYS C 45 42.38 15.02 19.61
N ASP C 46 42.93 14.49 20.72
CA ASP C 46 43.82 13.32 20.66
C ASP C 46 43.02 12.08 20.28
N ASN C 47 41.76 11.94 20.74
CA ASN C 47 40.95 10.73 20.36
C ASN C 47 40.61 10.75 18.87
N GLN C 48 40.45 11.95 18.32
CA GLN C 48 40.17 12.11 16.90
C GLN C 48 41.33 11.51 16.07
N THR C 49 42.54 12.03 16.25
CA THR C 49 43.70 11.55 15.51
C THR C 49 43.85 10.03 15.70
N GLN C 50 43.68 9.49 16.93
CA GLN C 50 43.71 7.97 17.21
C GLN C 50 42.62 7.23 16.41
N ILE C 51 41.37 7.66 16.57
CA ILE C 51 40.23 7.02 15.88
C ILE C 51 40.49 6.92 14.37
N ASN C 52 40.88 8.06 13.76
CA ASN C 52 41.05 8.27 12.34
C ASN C 52 42.26 7.49 11.83
N GLN C 53 43.30 7.39 12.66
CA GLN C 53 44.45 6.55 12.33
C GLN C 53 44.02 5.08 12.33
N GLY C 54 43.31 4.67 13.38
CA GLY C 54 42.56 3.43 13.39
C GLY C 54 41.92 3.15 12.03
N LEU C 55 41.13 4.11 11.55
CA LEU C 55 40.31 3.94 10.35
C LEU C 55 41.22 3.71 9.13
N ASP C 56 42.24 4.56 8.96
CA ASP C 56 43.15 4.45 7.81
C ASP C 56 43.75 3.03 7.78
N LEU C 57 44.07 2.50 8.97
CA LEU C 57 44.63 1.13 9.11
C LEU C 57 43.62 0.09 8.61
N ALA C 58 42.35 0.32 8.97
CA ALA C 58 41.25 -0.54 8.59
C ALA C 58 41.07 -0.49 7.07
N LYS C 59 41.04 0.72 6.48
CA LYS C 59 41.01 0.86 4.99
C LYS C 59 42.22 0.19 4.30
N GLY C 60 43.37 0.23 4.98
CA GLY C 60 44.59 -0.38 4.47
C GLY C 60 44.45 -1.90 4.39
N HIS C 61 43.90 -2.49 5.47
CA HIS C 61 43.64 -3.93 5.52
C HIS C 61 42.68 -4.28 4.38
N ALA C 62 41.63 -3.46 4.23
CA ALA C 62 40.60 -3.71 3.18
C ALA C 62 41.23 -3.58 1.78
N ASP C 63 42.22 -2.71 1.63
CA ASP C 63 42.85 -2.50 0.31
C ASP C 63 43.76 -3.69 -0.01
N LEU C 64 44.49 -4.20 1.01
CA LEU C 64 45.24 -5.45 0.86
C LEU C 64 44.30 -6.56 0.36
N TYR C 65 43.14 -6.72 1.00
CA TYR C 65 42.18 -7.75 0.54
C TYR C 65 41.84 -7.45 -0.92
N LEU C 66 41.42 -6.20 -1.20
CA LEU C 66 40.78 -5.93 -2.51
C LEU C 66 41.81 -5.97 -3.65
N ASN C 67 43.05 -5.57 -3.39
CA ASN C 67 44.02 -5.43 -4.50
C ASN C 67 45.15 -6.45 -4.47
N THR C 68 45.24 -7.27 -3.40
CA THR C 68 46.25 -8.32 -3.37
C THR C 68 45.62 -9.72 -3.29
N ILE C 69 44.70 -9.95 -2.33
CA ILE C 69 44.22 -11.31 -2.06
C ILE C 69 43.12 -11.74 -3.04
N GLN C 70 42.13 -10.86 -3.27
CA GLN C 70 41.02 -11.13 -4.20
C GLN C 70 41.57 -11.60 -5.53
N PRO C 71 42.53 -10.91 -6.18
CA PRO C 71 43.11 -11.41 -7.43
C PRO C 71 43.67 -12.83 -7.32
N GLN C 72 44.34 -13.13 -6.20
CA GLN C 72 44.92 -14.42 -6.02
C GLN C 72 43.81 -15.47 -5.88
N ILE C 73 42.68 -15.09 -5.27
CA ILE C 73 41.53 -15.99 -5.24
C ILE C 73 40.97 -16.29 -6.64
N ILE C 74 40.90 -15.28 -7.53
CA ILE C 74 40.43 -15.42 -8.92
C ILE C 74 41.50 -16.21 -9.71
N THR C 75 42.78 -15.99 -9.40
CA THR C 75 43.90 -16.81 -9.98
C THR C 75 43.68 -18.32 -9.71
N ASN C 76 43.30 -18.67 -8.48
CA ASN C 76 43.08 -20.04 -8.08
C ASN C 76 41.97 -20.67 -8.93
N ILE C 77 40.85 -19.95 -9.13
CA ILE C 77 39.73 -20.35 -9.99
C ILE C 77 40.25 -20.59 -11.42
N SER C 78 41.06 -19.67 -11.93
CA SER C 78 41.74 -19.88 -13.25
C SER C 78 42.51 -21.22 -13.25
N ASN C 79 43.26 -21.50 -12.18
CA ASN C 79 44.11 -22.68 -12.04
C ASN C 79 43.28 -23.97 -11.99
N ILE C 80 42.09 -23.89 -11.41
CA ILE C 80 41.21 -25.06 -11.39
C ILE C 80 40.71 -25.35 -12.81
N SER C 81 40.36 -24.28 -13.52
CA SER C 81 39.96 -24.35 -14.90
C SER C 81 41.05 -24.99 -15.75
N ASN C 82 42.31 -24.53 -15.60
CA ASN C 82 43.43 -25.07 -16.38
C ASN C 82 43.75 -26.51 -15.96
N TYR C 83 43.67 -26.78 -14.65
CA TYR C 83 43.88 -28.13 -14.17
C TYR C 83 42.87 -29.08 -14.85
N PHE C 84 41.57 -28.74 -14.86
CA PHE C 84 40.58 -29.75 -15.38
C PHE C 84 40.65 -29.80 -16.93
N ALA C 85 40.98 -28.66 -17.55
CA ALA C 85 41.27 -28.67 -18.96
C ALA C 85 42.44 -29.61 -19.29
N LEU C 86 43.42 -29.78 -18.38
CA LEU C 86 44.47 -30.81 -18.61
C LEU C 86 43.93 -32.22 -18.36
N GLN C 87 43.24 -32.40 -17.23
CA GLN C 87 42.65 -33.70 -16.89
C GLN C 87 41.77 -34.18 -18.05
N ASN C 88 40.90 -33.32 -18.58
CA ASN C 88 39.99 -33.73 -19.65
C ASN C 88 40.74 -33.93 -20.94
N ALA C 89 41.95 -33.34 -21.06
CA ALA C 89 42.74 -33.45 -22.32
C ALA C 89 43.33 -34.86 -22.48
N ILE C 90 43.57 -35.57 -21.37
CA ILE C 90 44.39 -36.73 -21.45
C ILE C 90 43.69 -37.81 -22.27
N PRO C 91 42.39 -38.13 -22.01
CA PRO C 91 41.63 -39.01 -22.89
C PRO C 91 41.64 -38.65 -24.39
N ALA C 92 41.90 -37.38 -24.73
CA ALA C 92 41.90 -36.93 -26.13
C ALA C 92 43.24 -37.25 -26.79
N VAL C 93 44.30 -37.32 -25.97
CA VAL C 93 45.71 -37.42 -26.40
C VAL C 93 46.14 -38.89 -26.44
N LEU C 94 45.56 -39.65 -25.50
CA LEU C 94 45.74 -41.06 -25.38
C LEU C 94 44.46 -41.79 -25.79
N PRO C 95 44.36 -42.28 -27.03
CA PRO C 95 43.23 -43.10 -27.48
C PRO C 95 43.41 -44.52 -26.95
N PRO C 96 42.34 -45.35 -26.97
CA PRO C 96 42.25 -46.57 -26.14
C PRO C 96 43.39 -47.59 -25.99
N GLY C 97 44.33 -47.68 -26.93
CA GLY C 97 45.46 -48.65 -26.81
C GLY C 97 46.78 -47.99 -26.42
N SER C 98 46.71 -47.20 -25.36
CA SER C 98 47.82 -46.38 -24.99
C SER C 98 48.57 -47.08 -23.86
N THR C 99 49.91 -47.02 -23.93
CA THR C 99 50.81 -47.74 -23.03
C THR C 99 50.70 -47.23 -21.58
N LYS C 100 51.12 -48.10 -20.65
CA LYS C 100 51.39 -47.77 -19.25
C LYS C 100 52.30 -46.54 -19.20
N ALA C 101 53.41 -46.61 -19.94
CA ALA C 101 54.44 -45.57 -19.97
C ALA C 101 53.85 -44.19 -20.30
N GLN C 102 52.95 -44.15 -21.29
CA GLN C 102 52.44 -42.86 -21.78
C GLN C 102 51.42 -42.32 -20.76
N TRP C 103 50.59 -43.21 -20.18
CA TRP C 103 49.68 -42.76 -19.11
C TRP C 103 50.47 -42.20 -17.92
N LEU C 104 51.57 -42.85 -17.56
CA LEU C 104 52.40 -42.45 -16.43
C LEU C 104 52.93 -41.03 -16.62
N ARG C 105 53.41 -40.71 -17.84
CA ARG C 105 54.08 -39.43 -18.07
C ARG C 105 53.01 -38.31 -17.98
N GLN C 106 51.80 -38.56 -18.50
CA GLN C 106 50.74 -37.53 -18.55
C GLN C 106 50.22 -37.21 -17.14
N LEU C 107 49.99 -38.24 -16.33
CA LEU C 107 49.52 -38.07 -14.98
C LEU C 107 50.62 -37.34 -14.21
N SER C 108 51.87 -37.61 -14.55
CA SER C 108 53.01 -37.06 -13.83
C SER C 108 53.08 -35.55 -14.06
N VAL C 109 52.81 -35.15 -15.30
CA VAL C 109 52.77 -33.76 -15.67
C VAL C 109 51.59 -33.04 -15.01
N ILE C 110 50.38 -33.61 -15.06
CA ILE C 110 49.28 -32.84 -14.50
C ILE C 110 49.42 -32.82 -12.97
N LYS C 111 50.04 -33.85 -12.36
CA LYS C 111 50.28 -33.84 -10.90
C LYS C 111 51.30 -32.75 -10.53
N GLU C 112 52.37 -32.62 -11.33
CA GLU C 112 53.37 -31.53 -11.12
C GLU C 112 52.68 -30.15 -11.16
N GLN C 113 51.81 -29.92 -12.17
CA GLN C 113 51.13 -28.61 -12.30
C GLN C 113 50.15 -28.40 -11.14
N ALA C 114 49.47 -29.48 -10.70
CA ALA C 114 48.53 -29.36 -9.55
C ALA C 114 49.31 -28.97 -8.29
N THR C 115 50.53 -29.52 -8.16
CA THR C 115 51.36 -29.29 -6.99
C THR C 115 51.75 -27.79 -6.93
N GLU C 116 52.06 -27.17 -8.07
CA GLU C 116 52.27 -25.72 -8.15
C GLU C 116 50.97 -24.98 -7.77
N TYR C 117 49.82 -25.44 -8.26
CA TYR C 117 48.53 -24.77 -7.96
C TYR C 117 48.23 -24.89 -6.47
N GLN C 118 48.59 -26.07 -5.91
CA GLN C 118 48.49 -26.32 -4.50
C GLN C 118 49.31 -25.29 -3.69
N ARG C 119 50.60 -25.08 -4.05
CA ARG C 119 51.54 -24.23 -3.31
C ARG C 119 51.04 -22.78 -3.36
N LEU C 120 50.68 -22.31 -4.57
CA LEU C 120 50.08 -20.97 -4.77
C LEU C 120 48.86 -20.76 -3.86
N SER C 121 47.98 -21.77 -3.76
CA SER C 121 46.73 -21.65 -2.95
C SER C 121 47.07 -21.62 -1.45
N SER C 122 48.13 -22.35 -1.12
CA SER C 122 48.69 -22.42 0.21
C SER C 122 49.23 -21.05 0.66
N ASP C 123 50.01 -20.44 -0.24
CA ASP C 123 50.63 -19.16 -0.01
C ASP C 123 49.57 -18.10 0.18
N THR C 124 48.44 -18.24 -0.55
CA THR C 124 47.38 -17.27 -0.46
C THR C 124 46.81 -17.33 0.97
N ARG C 125 46.58 -18.56 1.42
CA ARG C 125 46.11 -18.82 2.74
C ARG C 125 47.00 -18.13 3.80
N LEU C 126 48.33 -18.24 3.64
CA LEU C 126 49.28 -17.53 4.55
C LEU C 126 49.02 -16.03 4.51
N VAL C 127 48.81 -15.47 3.31
CA VAL C 127 48.62 -14.03 3.23
C VAL C 127 47.38 -13.66 4.03
N ILE C 128 46.36 -14.52 3.94
CA ILE C 128 45.10 -14.27 4.58
C ILE C 128 45.28 -14.44 6.09
N VAL C 129 46.02 -15.47 6.50
CA VAL C 129 46.27 -15.75 7.92
C VAL C 129 46.93 -14.51 8.55
N ASN C 130 47.92 -13.97 7.85
CA ASN C 130 48.62 -12.76 8.26
C ASN C 130 47.63 -11.62 8.43
N LEU C 131 46.75 -11.42 7.44
CA LEU C 131 45.79 -10.31 7.50
C LEU C 131 44.89 -10.54 8.71
N ASN C 132 44.39 -11.77 8.84
CA ASN C 132 43.53 -12.10 9.98
C ASN C 132 44.22 -11.72 11.29
N ASN C 133 45.50 -12.08 11.50
CA ASN C 133 46.11 -11.79 12.83
C ASN C 133 46.28 -10.26 13.01
N ASN C 134 46.64 -9.56 11.94
CA ASN C 134 46.89 -8.12 12.01
C ASN C 134 45.61 -7.35 12.36
N LEU C 135 44.46 -7.86 11.90
CA LEU C 135 43.14 -7.29 12.26
C LEU C 135 42.76 -7.70 13.68
N ILE C 136 43.17 -8.89 14.16
CA ILE C 136 42.82 -9.23 15.56
C ILE C 136 43.44 -8.15 16.47
N THR C 137 44.76 -7.91 16.36
CA THR C 137 45.45 -6.86 17.14
C THR C 137 44.80 -5.49 16.87
N ASP C 138 44.58 -5.13 15.60
CA ASP C 138 44.14 -3.75 15.23
C ASP C 138 42.72 -3.45 15.75
N SER C 139 41.85 -4.46 15.73
CA SER C 139 40.45 -4.30 16.20
C SER C 139 40.49 -4.02 17.71
N SER C 140 41.28 -4.83 18.43
CA SER C 140 41.21 -4.88 19.85
C SER C 140 41.75 -3.57 20.40
N ASN C 141 42.84 -3.07 19.78
CA ASN C 141 43.40 -1.74 20.11
C ASN C 141 42.31 -0.71 19.94
N PHE C 142 41.65 -0.75 18.76
CA PHE C 142 40.57 0.18 18.44
C PHE C 142 39.46 0.13 19.51
N GLN C 143 39.16 -1.06 20.05
CA GLN C 143 38.15 -1.12 21.08
C GLN C 143 38.60 -0.17 22.21
N GLY C 144 39.89 -0.28 22.57
CA GLY C 144 40.50 0.58 23.60
C GLY C 144 40.32 2.07 23.33
N ILE C 145 40.56 2.48 22.07
CA ILE C 145 40.41 3.89 21.72
C ILE C 145 38.97 4.37 21.98
N VAL C 146 37.97 3.54 21.65
CA VAL C 146 36.56 3.83 21.87
C VAL C 146 36.30 3.97 23.37
N VAL C 147 36.84 3.04 24.15
CA VAL C 147 36.64 3.06 25.58
C VAL C 147 37.21 4.35 26.17
N ASN C 148 38.39 4.78 25.66
CA ASN C 148 39.08 6.05 26.01
C ASN C 148 38.20 7.26 25.68
N LEU C 149 37.47 7.19 24.56
CA LEU C 149 36.66 8.31 24.07
C LEU C 149 35.41 8.42 24.93
N ASN C 150 34.74 7.28 25.13
CA ASN C 150 33.50 7.18 25.89
C ASN C 150 33.71 7.64 27.35
N SER C 151 34.92 7.45 27.87
CA SER C 151 35.24 7.73 29.24
C SER C 151 35.32 9.26 29.42
N LYS C 152 35.78 9.96 28.36
CA LYS C 152 35.81 11.44 28.32
C LYS C 152 34.42 12.03 28.00
N VAL C 153 33.65 11.39 27.10
CA VAL C 153 32.30 11.86 26.72
C VAL C 153 31.27 11.55 27.83
N GLN C 154 31.40 10.38 28.49
CA GLN C 154 30.36 9.85 29.41
C GLN C 154 30.77 10.12 30.87
N GLY C 155 29.81 9.89 31.79
CA GLY C 155 30.04 10.02 33.23
C GLY C 155 29.68 11.40 33.74
N ASP C 156 29.47 11.51 35.06
CA ASP C 156 28.91 12.71 35.71
C ASP C 156 29.65 13.95 35.20
N ASN C 157 30.97 13.84 35.07
CA ASN C 157 31.76 14.95 34.58
C ASN C 157 32.06 14.85 33.09
N GLY C 158 31.28 14.07 32.32
CA GLY C 158 31.56 13.91 30.90
C GLY C 158 31.35 15.20 30.11
N VAL C 159 31.79 15.17 28.85
CA VAL C 159 31.53 16.24 27.93
C VAL C 159 30.03 16.40 27.65
N LEU C 160 29.38 15.32 27.18
CA LEU C 160 27.92 15.27 27.06
C LEU C 160 27.26 15.84 28.33
N ALA C 161 27.67 15.38 29.51
CA ALA C 161 27.00 15.77 30.74
C ALA C 161 27.15 17.28 30.99
N GLN C 162 28.29 17.88 30.59
CA GLN C 162 28.44 19.35 30.73
C GLN C 162 27.51 20.08 29.76
N LEU C 163 27.52 19.67 28.48
CA LEU C 163 26.66 20.28 27.45
C LEU C 163 25.21 20.31 27.92
N ASN C 164 24.69 19.16 28.35
CA ASN C 164 23.34 19.02 28.90
C ASN C 164 23.03 20.02 30.02
N GLY C 165 23.94 20.19 30.98
CA GLY C 165 23.73 21.18 32.03
C GLY C 165 23.69 22.60 31.48
N ASP C 166 24.53 22.89 30.49
CA ASP C 166 24.68 24.22 29.91
C ASP C 166 23.46 24.52 29.04
N ILE C 167 22.84 23.45 28.53
CA ILE C 167 21.55 23.54 27.83
C ILE C 167 20.44 23.79 28.87
N ASP C 168 20.40 23.03 29.97
CA ASP C 168 19.49 23.29 31.15
C ASP C 168 19.58 24.77 31.57
N LYS C 169 20.79 25.23 31.86
CA LYS C 169 21.03 26.58 32.31
C LYS C 169 20.40 27.62 31.37
N VAL C 170 20.76 27.57 30.07
CA VAL C 170 20.31 28.59 29.08
C VAL C 170 18.78 28.52 28.89
N ASN C 171 18.15 27.33 28.94
CA ASN C 171 16.69 27.20 28.87
C ASN C 171 16.09 27.75 30.17
N ALA C 172 16.83 27.66 31.27
CA ALA C 172 16.36 28.18 32.55
C ALA C 172 16.26 29.68 32.41
N ALA C 173 17.32 30.30 31.86
CA ALA C 173 17.41 31.73 31.67
C ALA C 173 16.21 32.24 30.85
N ILE C 174 15.94 31.57 29.72
CA ILE C 174 14.94 31.94 28.72
C ILE C 174 13.53 31.83 29.34
N ASP C 175 13.25 30.72 30.02
CA ASP C 175 11.95 30.51 30.69
C ASP C 175 11.67 31.63 31.70
N GLY C 176 12.72 32.05 32.44
CA GLY C 176 12.67 33.03 33.54
C GLY C 176 12.47 34.45 33.03
N ALA C 177 13.21 34.81 31.99
CA ALA C 177 13.06 36.04 31.21
C ALA C 177 11.65 36.16 30.62
N ILE C 178 11.17 35.12 29.96
CA ILE C 178 9.78 35.13 29.49
C ILE C 178 8.85 35.30 30.69
N ALA C 179 9.11 34.58 31.80
CA ALA C 179 8.17 34.68 32.95
C ALA C 179 8.23 36.09 33.52
N GLY C 180 9.42 36.72 33.45
CA GLY C 180 9.67 38.11 33.82
C GLY C 180 8.83 39.07 33.00
N ILE C 181 8.73 38.80 31.69
CA ILE C 181 7.94 39.60 30.75
C ILE C 181 6.45 39.41 31.06
N VAL C 182 6.01 38.15 31.10
CA VAL C 182 4.60 37.80 31.32
C VAL C 182 4.10 38.49 32.60
N ALA C 183 4.74 38.16 33.72
CA ALA C 183 4.44 38.69 35.03
C ALA C 183 4.69 40.20 35.12
N GLY C 184 5.77 40.69 34.52
CA GLY C 184 6.02 42.13 34.43
C GLY C 184 4.83 42.87 33.83
N GLY C 185 4.35 42.35 32.70
CA GLY C 185 3.16 42.88 32.02
C GLY C 185 1.93 42.88 32.91
N LEU C 186 1.79 41.83 33.73
CA LEU C 186 0.62 41.63 34.60
C LEU C 186 0.73 42.61 35.78
N LEU C 187 1.97 42.94 36.16
CA LEU C 187 2.20 43.92 37.20
C LEU C 187 1.96 45.34 36.67
N VAL C 188 2.39 45.66 35.44
CA VAL C 188 2.12 46.98 34.88
C VAL C 188 0.61 47.25 34.79
N ILE C 189 -0.14 46.32 34.20
CA ILE C 189 -1.61 46.48 34.05
C ILE C 189 -2.25 46.63 35.43
N GLY C 190 -1.88 45.73 36.34
CA GLY C 190 -2.52 45.60 37.67
C GLY C 190 -2.17 46.74 38.62
N GLY C 191 -0.96 47.26 38.49
CA GLY C 191 -0.46 48.33 39.28
C GLY C 191 -1.10 49.64 38.84
N ALA C 192 -1.47 49.72 37.56
CA ALA C 192 -2.20 50.88 37.05
C ALA C 192 -3.64 50.90 37.58
N PHE C 193 -4.28 49.73 37.77
CA PHE C 193 -5.61 49.64 38.39
C PHE C 193 -5.51 50.04 39.87
N VAL C 194 -4.48 49.52 40.54
CA VAL C 194 -4.18 49.84 41.95
C VAL C 194 -3.95 51.36 42.10
N THR C 195 -3.12 51.91 41.21
CA THR C 195 -2.74 53.32 41.26
C THR C 195 -3.97 54.24 41.28
N ALA C 196 -4.91 54.02 40.36
CA ALA C 196 -6.14 54.80 40.30
C ALA C 196 -6.97 54.55 41.57
N ILE C 197 -7.41 53.31 41.77
CA ILE C 197 -8.18 52.91 42.98
C ILE C 197 -7.59 53.60 44.22
N GLY C 198 -6.27 53.57 44.36
CA GLY C 198 -5.56 54.30 45.40
C GLY C 198 -5.89 55.78 45.38
N ALA C 199 -5.66 56.44 44.23
CA ALA C 199 -5.87 57.90 44.04
C ALA C 199 -7.27 58.33 44.51
N VAL C 200 -8.24 57.42 44.35
CA VAL C 200 -9.61 57.65 44.81
C VAL C 200 -9.65 57.41 46.33
N ALA C 201 -9.26 56.22 46.82
CA ALA C 201 -9.29 55.91 48.28
C ALA C 201 -8.66 57.08 49.05
N ASP C 202 -7.66 57.71 48.43
CA ASP C 202 -6.84 58.82 48.95
C ASP C 202 -7.67 60.12 48.98
N PHE C 203 -8.51 60.29 47.96
CA PHE C 203 -9.41 61.46 47.78
C PHE C 203 -10.52 61.44 48.85
N VAL C 204 -11.02 60.25 49.22
CA VAL C 204 -12.21 60.08 50.08
C VAL C 204 -11.92 59.14 51.26
N THR C 205 -10.64 58.99 51.64
CA THR C 205 -10.23 58.66 53.02
C THR C 205 -9.05 59.58 53.37
N ALA C 206 -9.17 60.83 52.87
CA ALA C 206 -8.35 62.01 53.21
C ALA C 206 -6.90 61.63 53.54
N GLY C 207 -6.12 61.30 52.50
CA GLY C 207 -4.68 61.12 52.64
C GLY C 207 -4.28 59.80 53.32
N THR C 208 -5.25 59.02 53.84
CA THR C 208 -4.96 57.76 54.55
C THR C 208 -5.02 56.56 53.58
N SER C 209 -4.54 56.75 52.35
CA SER C 209 -4.42 55.66 51.38
C SER C 209 -3.23 55.86 50.43
N THR C 210 -2.33 56.80 50.74
CA THR C 210 -1.19 57.10 49.86
C THR C 210 -0.26 55.89 49.76
N PRO C 211 -0.18 55.01 50.78
CA PRO C 211 0.43 53.68 50.62
C PRO C 211 0.00 52.86 49.39
N VAL C 212 -1.32 52.70 49.20
CA VAL C 212 -1.90 52.01 48.04
C VAL C 212 -1.29 52.56 46.73
N VAL C 213 -1.11 53.89 46.66
CA VAL C 213 -0.67 54.60 45.45
C VAL C 213 0.82 54.30 45.18
N ILE C 214 1.64 54.33 46.23
CA ILE C 214 3.05 54.01 46.08
C ILE C 214 3.13 52.51 45.74
N GLY C 215 2.33 51.67 46.40
CA GLY C 215 2.15 50.24 46.04
C GLY C 215 1.98 50.03 44.54
N GLY C 216 1.00 50.74 43.96
CA GLY C 216 0.65 50.67 42.53
C GLY C 216 1.79 51.05 41.58
N VAL C 217 2.43 52.21 41.81
CA VAL C 217 3.51 52.70 40.95
C VAL C 217 4.68 51.70 41.08
N ALA C 218 4.90 51.20 42.28
CA ALA C 218 5.90 50.18 42.56
C ALA C 218 5.63 48.95 41.69
N MET C 219 4.35 48.55 41.64
CA MET C 219 3.95 47.44 40.82
C MET C 219 4.37 47.74 39.37
N MET C 220 3.99 48.91 38.87
CA MET C 220 4.29 49.34 37.51
C MET C 220 5.82 49.39 37.28
N VAL C 221 6.59 49.96 38.21
CA VAL C 221 8.07 50.11 38.00
C VAL C 221 8.77 48.73 37.99
N ALA C 222 8.36 47.84 38.90
CA ALA C 222 8.87 46.48 38.89
C ALA C 222 8.52 45.81 37.56
N GLY C 223 7.21 45.81 37.25
CA GLY C 223 6.64 45.31 36.00
C GLY C 223 7.49 45.67 34.79
N ALA C 224 7.87 46.94 34.69
CA ALA C 224 8.55 47.41 33.51
C ALA C 224 10.02 46.93 33.53
N GLY C 225 10.65 46.97 34.72
CA GLY C 225 11.97 46.34 34.94
C GLY C 225 11.98 44.85 34.60
N GLY C 226 10.92 44.14 34.99
CA GLY C 226 10.71 42.74 34.56
C GLY C 226 10.75 42.57 33.05
N ILE C 227 9.99 43.39 32.31
CA ILE C 227 9.91 43.27 30.85
C ILE C 227 11.26 43.65 30.22
N THR C 228 11.71 44.91 30.39
CA THR C 228 12.97 45.34 29.76
C THR C 228 14.01 44.22 29.95
N ALA C 229 14.19 43.75 31.20
CA ALA C 229 15.14 42.65 31.63
C ALA C 229 14.88 41.33 30.88
N GLY C 230 13.62 40.90 30.80
CA GLY C 230 13.17 39.83 29.93
C GLY C 230 13.77 39.89 28.54
N ALA C 231 13.75 41.07 27.90
CA ALA C 231 14.31 41.26 26.54
C ALA C 231 15.85 41.16 26.54
N ILE C 232 16.51 41.92 27.42
CA ILE C 232 17.98 41.89 27.56
C ILE C 232 18.49 40.44 27.71
N VAL C 233 17.67 39.52 28.25
CA VAL C 233 18.02 38.07 28.49
C VAL C 233 17.62 37.24 27.26
N LEU C 234 16.35 37.34 26.83
CA LEU C 234 15.84 36.65 25.62
C LEU C 234 16.80 36.83 24.42
N HIS C 235 17.33 38.04 24.23
CA HIS C 235 18.20 38.37 23.10
C HIS C 235 19.55 37.64 23.25
N ASN C 236 20.26 37.91 24.34
CA ASN C 236 21.64 37.41 24.62
C ASN C 236 21.66 35.90 24.92
N SER C 237 20.56 35.19 24.66
CA SER C 237 20.48 33.78 25.02
C SER C 237 19.87 32.92 23.91
N LEU C 238 19.30 33.53 22.86
CA LEU C 238 18.77 32.76 21.75
C LEU C 238 19.97 32.26 20.92
N GLY C 239 20.91 33.14 20.62
CA GLY C 239 22.11 32.75 19.90
C GLY C 239 22.84 31.61 20.62
N ALA C 240 22.97 31.75 21.93
CA ALA C 240 23.70 30.80 22.74
C ALA C 240 23.05 29.42 22.63
N ARG C 241 21.73 29.39 22.41
CA ARG C 241 20.95 28.19 22.56
C ARG C 241 21.10 27.29 21.32
N GLN C 242 21.02 27.87 20.13
CA GLN C 242 21.26 27.08 18.90
C GLN C 242 22.64 26.41 18.99
N ASP C 243 23.69 27.23 19.20
CA ASP C 243 25.09 26.84 19.26
C ASP C 243 25.28 25.58 20.14
N LEU C 244 24.64 25.54 21.32
CA LEU C 244 24.82 24.43 22.34
C LEU C 244 24.14 23.15 21.84
N TYR C 245 22.90 23.26 21.36
CA TYR C 245 22.13 22.13 20.74
C TYR C 245 22.85 21.54 19.51
N GLN C 246 23.55 22.39 18.75
CA GLN C 246 24.31 21.96 17.59
C GLN C 246 25.49 21.15 18.10
N LYS C 247 26.20 21.66 19.11
CA LYS C 247 27.37 20.94 19.57
C LYS C 247 26.92 19.56 20.04
N ARG C 248 25.73 19.48 20.66
CA ARG C 248 25.36 18.22 21.30
C ARG C 248 25.01 17.18 20.24
N SER C 249 24.37 17.62 19.17
CA SER C 249 24.03 16.77 18.06
C SER C 249 25.32 16.33 17.36
N SER C 250 26.24 17.28 17.08
CA SER C 250 27.54 16.97 16.40
C SER C 250 28.29 15.88 17.19
N LEU C 251 28.33 16.04 18.51
CA LEU C 251 28.96 15.12 19.46
C LEU C 251 28.26 13.77 19.44
N ASN C 252 26.92 13.76 19.47
CA ASN C 252 26.14 12.50 19.42
C ASN C 252 26.58 11.75 18.15
N SER C 253 26.48 12.45 17.02
CA SER C 253 26.69 11.87 15.71
C SER C 253 28.11 11.31 15.61
N GLU C 254 29.10 12.13 15.99
CA GLU C 254 30.50 11.71 15.94
C GLU C 254 30.77 10.53 16.88
N VAL C 255 30.18 10.50 18.07
CA VAL C 255 30.47 9.38 18.99
C VAL C 255 29.91 8.09 18.37
N LEU C 256 28.74 8.13 17.71
CA LEU C 256 28.18 6.94 17.03
C LEU C 256 29.10 6.49 15.90
N ILE C 257 29.71 7.42 15.16
CA ILE C 257 30.58 7.06 14.02
C ILE C 257 31.78 6.25 14.53
N ALA C 258 32.33 6.65 15.68
CA ALA C 258 33.49 6.02 16.27
C ALA C 258 33.15 4.57 16.60
N THR C 259 31.93 4.34 17.11
CA THR C 259 31.49 2.96 17.50
C THR C 259 31.29 2.09 16.25
N GLN C 260 30.81 2.75 15.18
CA GLN C 260 30.56 2.20 13.88
C GLN C 260 31.90 1.72 13.29
N ILE C 261 32.93 2.58 13.29
CA ILE C 261 34.29 2.17 12.87
C ILE C 261 34.76 0.93 13.68
N GLY C 262 34.56 1.00 15.00
CA GLY C 262 34.88 -0.09 15.89
C GLY C 262 34.23 -1.41 15.49
N ASN C 263 32.93 -1.34 15.13
CA ASN C 263 32.13 -2.53 14.70
C ASN C 263 32.47 -2.94 13.25
N GLY C 264 32.78 -1.94 12.42
CA GLY C 264 33.41 -2.18 11.14
C GLY C 264 34.62 -3.07 11.27
N TYR C 265 35.51 -2.72 12.22
CA TYR C 265 36.71 -3.49 12.59
C TYR C 265 36.38 -4.92 13.07
N LYS C 266 35.51 -5.04 14.08
CA LYS C 266 35.08 -6.35 14.59
C LYS C 266 34.53 -7.19 13.42
N GLY C 267 33.71 -6.54 12.59
CA GLY C 267 33.05 -7.12 11.40
C GLY C 267 34.08 -7.53 10.36
N LEU C 268 35.05 -6.66 10.11
CA LEU C 268 36.08 -6.95 9.15
C LEU C 268 36.94 -8.13 9.63
N GLN C 269 37.30 -8.22 10.93
CA GLN C 269 38.14 -9.40 11.38
C GLN C 269 37.31 -10.67 11.19
N VAL C 270 35.98 -10.64 11.43
CA VAL C 270 35.21 -11.88 11.35
C VAL C 270 35.24 -12.40 9.92
N GLN C 271 35.07 -11.44 9.01
CA GLN C 271 35.08 -11.64 7.56
C GLN C 271 36.45 -12.21 7.15
N ALA C 272 37.51 -11.76 7.80
CA ALA C 272 38.85 -12.24 7.50
C ALA C 272 39.09 -13.62 8.12
N GLN C 273 38.45 -13.94 9.25
CA GLN C 273 38.52 -15.29 9.83
C GLN C 273 37.81 -16.28 8.89
N ASN C 274 36.75 -15.83 8.20
CA ASN C 274 36.02 -16.74 7.32
C ASN C 274 36.90 -17.13 6.12
N ALA C 275 37.82 -16.25 5.72
CA ALA C 275 38.68 -16.40 4.56
C ALA C 275 39.79 -17.40 4.89
N VAL C 276 40.25 -17.36 6.16
CA VAL C 276 41.11 -18.36 6.72
C VAL C 276 40.44 -19.75 6.60
N THR C 277 39.22 -19.89 7.11
CA THR C 277 38.53 -21.19 7.09
C THR C 277 38.41 -21.74 5.67
N ALA C 278 38.10 -20.83 4.75
CA ALA C 278 37.82 -21.19 3.35
C ALA C 278 39.11 -21.55 2.59
N ALA C 279 40.17 -20.73 2.80
CA ALA C 279 41.52 -20.92 2.23
C ALA C 279 42.07 -22.27 2.66
N THR C 280 41.78 -22.64 3.91
CA THR C 280 42.16 -23.92 4.50
C THR C 280 41.33 -25.04 3.90
N GLN C 281 40.02 -24.84 3.75
CA GLN C 281 39.24 -25.85 3.04
C GLN C 281 39.77 -26.04 1.58
N MET C 282 40.22 -24.95 0.91
CA MET C 282 40.72 -25.00 -0.52
C MET C 282 42.11 -25.66 -0.63
N SER C 283 43.09 -25.26 0.19
CA SER C 283 44.46 -25.88 0.25
C SER C 283 44.36 -27.39 0.38
N ASN C 284 43.61 -27.78 1.43
CA ASN C 284 43.33 -29.17 1.74
C ASN C 284 42.79 -29.90 0.51
N ALA C 285 41.89 -29.24 -0.24
CA ALA C 285 41.31 -29.75 -1.51
C ALA C 285 42.41 -30.05 -2.54
N TRP C 286 43.34 -29.11 -2.76
CA TRP C 286 44.48 -29.29 -3.70
C TRP C 286 45.31 -30.46 -3.19
N ASP C 287 45.38 -30.57 -1.87
CA ASP C 287 46.10 -31.65 -1.26
C ASP C 287 45.41 -33.01 -1.51
N SER C 288 44.08 -33.07 -1.46
CA SER C 288 43.43 -34.32 -1.75
C SER C 288 43.74 -34.76 -3.19
N LEU C 289 43.78 -33.78 -4.08
CA LEU C 289 43.86 -34.02 -5.51
C LEU C 289 45.27 -34.52 -5.86
N THR C 290 46.30 -33.83 -5.37
CA THR C 290 47.67 -34.22 -5.66
C THR C 290 47.98 -35.62 -5.09
N SER C 291 47.43 -35.95 -3.91
CA SER C 291 47.53 -37.28 -3.32
C SER C 291 46.85 -38.34 -4.20
N ASP C 292 45.63 -38.03 -4.61
CA ASP C 292 44.79 -38.94 -5.36
C ASP C 292 45.52 -39.27 -6.68
N LEU C 293 45.86 -38.25 -7.48
CA LEU C 293 46.75 -38.40 -8.65
C LEU C 293 48.00 -39.20 -8.28
N GLY C 294 48.60 -38.84 -7.13
CA GLY C 294 49.69 -39.61 -6.49
C GLY C 294 49.47 -41.11 -6.49
N SER C 295 48.36 -41.57 -5.89
CA SER C 295 48.13 -43.01 -5.69
C SER C 295 47.56 -43.66 -6.95
N LEU C 296 47.03 -42.85 -7.86
CA LEU C 296 46.69 -43.33 -9.21
C LEU C 296 47.97 -43.67 -9.95
N ILE C 297 48.94 -42.76 -9.91
CA ILE C 297 50.19 -42.96 -10.58
C ILE C 297 50.82 -44.26 -10.06
N THR C 298 50.88 -44.44 -8.72
CA THR C 298 51.37 -45.68 -8.08
C THR C 298 50.60 -46.92 -8.57
N ASP C 299 49.26 -46.88 -8.60
CA ASP C 299 48.42 -48.03 -9.06
C ASP C 299 48.88 -48.55 -10.44
N LEU C 300 48.78 -47.66 -11.44
CA LEU C 300 49.25 -47.82 -12.81
C LEU C 300 50.69 -48.37 -12.90
N ASP C 301 51.65 -47.75 -12.20
CA ASP C 301 53.08 -48.18 -12.26
C ASP C 301 53.16 -49.66 -11.85
N LYS C 302 52.56 -50.01 -10.70
CA LYS C 302 52.56 -51.38 -10.17
C LYS C 302 51.66 -52.35 -10.97
N GLY C 303 50.75 -51.83 -11.81
CA GLY C 303 50.03 -52.64 -12.80
C GLY C 303 48.64 -53.10 -12.33
N ILE C 304 48.09 -52.37 -11.35
CA ILE C 304 46.85 -52.71 -10.65
C ILE C 304 45.65 -52.20 -11.45
N THR C 305 45.86 -51.09 -12.15
CA THR C 305 44.97 -50.57 -13.18
C THR C 305 45.77 -50.47 -14.49
N SER C 306 45.06 -50.58 -15.61
CA SER C 306 45.61 -50.28 -16.94
C SER C 306 45.12 -48.91 -17.40
N GLY C 307 45.70 -48.42 -18.49
CA GLY C 307 45.33 -47.16 -19.18
C GLY C 307 43.88 -47.17 -19.70
N ASP C 308 43.38 -48.35 -20.05
CA ASP C 308 42.00 -48.49 -20.50
C ASP C 308 41.01 -48.30 -19.35
N ASP C 309 41.24 -48.99 -18.21
CA ASP C 309 40.44 -48.79 -16.99
C ASP C 309 40.38 -47.29 -16.66
N ILE C 310 41.55 -46.64 -16.55
CA ILE C 310 41.65 -45.21 -16.14
C ILE C 310 40.81 -44.31 -17.07
N ARG C 311 40.98 -44.51 -18.39
CA ARG C 311 40.26 -43.79 -19.46
C ARG C 311 38.74 -43.88 -19.22
N GLN C 312 38.18 -45.08 -19.00
CA GLN C 312 36.71 -45.24 -18.76
C GLN C 312 36.30 -44.44 -17.52
N LEU C 313 37.10 -44.49 -16.45
CA LEU C 313 36.85 -43.68 -15.28
C LEU C 313 36.86 -42.20 -15.70
N TRP C 314 37.88 -41.78 -16.44
CA TRP C 314 38.12 -40.35 -16.70
C TRP C 314 37.06 -39.77 -17.63
N LEU C 315 36.50 -40.57 -18.53
CA LEU C 315 35.47 -40.08 -19.42
C LEU C 315 34.12 -39.99 -18.68
N THR C 316 33.90 -40.88 -17.72
CA THR C 316 32.75 -40.78 -16.84
C THR C 316 32.88 -39.47 -16.05
N ALA C 317 34.09 -39.23 -15.52
CA ALA C 317 34.40 -38.03 -14.74
C ALA C 317 34.03 -36.78 -15.54
N ALA C 318 34.70 -36.63 -16.70
CA ALA C 318 34.48 -35.48 -17.60
C ALA C 318 32.98 -35.16 -17.75
N ASP C 319 32.20 -36.20 -18.08
CA ASP C 319 30.76 -36.15 -18.38
C ASP C 319 29.92 -35.83 -17.12
N THR C 320 30.47 -36.01 -15.91
CA THR C 320 29.68 -35.86 -14.69
C THR C 320 30.29 -34.83 -13.72
N THR C 321 31.09 -35.32 -12.77
CA THR C 321 31.64 -34.53 -11.69
C THR C 321 32.42 -33.34 -12.25
N VAL C 322 33.22 -33.55 -13.29
CA VAL C 322 34.01 -32.51 -13.86
C VAL C 322 33.07 -31.44 -14.46
N LYS C 323 32.01 -31.85 -15.17
CA LYS C 323 30.98 -30.91 -15.70
C LYS C 323 30.41 -30.01 -14.59
N THR C 324 30.33 -30.51 -13.35
CA THR C 324 29.87 -29.75 -12.17
C THR C 324 30.91 -28.69 -11.79
N VAL C 325 32.16 -29.09 -11.53
CA VAL C 325 33.26 -28.11 -11.36
C VAL C 325 33.18 -27.00 -12.42
N LEU C 326 33.21 -27.39 -13.70
CA LEU C 326 33.27 -26.48 -14.85
C LEU C 326 32.06 -25.53 -14.88
N THR C 327 30.87 -26.07 -14.58
CA THR C 327 29.61 -25.30 -14.49
C THR C 327 29.70 -24.29 -13.34
N ASP C 328 30.06 -24.77 -12.14
CA ASP C 328 30.32 -23.95 -10.93
C ASP C 328 31.35 -22.84 -11.22
N VAL C 329 32.38 -23.13 -12.02
CA VAL C 329 33.31 -22.10 -12.43
C VAL C 329 32.58 -21.02 -13.25
N THR C 330 31.82 -21.41 -14.28
CA THR C 330 31.07 -20.45 -15.08
C THR C 330 30.11 -19.65 -14.17
N THR C 331 29.49 -20.30 -13.19
CA THR C 331 28.56 -19.65 -12.25
C THR C 331 29.30 -18.55 -11.46
N ILE C 332 30.42 -18.91 -10.86
CA ILE C 332 31.16 -18.07 -9.96
C ILE C 332 31.69 -16.80 -10.67
N LYS C 333 32.32 -16.95 -11.84
CA LYS C 333 32.89 -15.80 -12.57
C LYS C 333 31.80 -14.76 -12.90
N ALA C 334 30.62 -15.26 -13.27
CA ALA C 334 29.42 -14.48 -13.56
C ALA C 334 28.94 -13.75 -12.31
N GLN C 335 28.79 -14.51 -11.20
CA GLN C 335 28.39 -13.94 -9.91
C GLN C 335 29.33 -12.76 -9.58
N MET C 336 30.64 -12.98 -9.72
CA MET C 336 31.72 -12.06 -9.42
C MET C 336 31.75 -10.85 -10.36
N ALA C 337 31.43 -11.06 -11.64
CA ALA C 337 31.45 -10.04 -12.70
C ALA C 337 30.07 -9.38 -12.90
N GLY C 338 29.04 -10.03 -12.32
CA GLY C 338 27.69 -9.55 -12.26
C GLY C 338 26.94 -9.61 -13.59
N VAL C 339 27.00 -10.77 -14.28
CA VAL C 339 26.41 -11.05 -15.63
C VAL C 339 25.57 -12.34 -15.63
N ALA D 17 2.26 4.50 -26.96
CA ALA D 17 1.82 5.89 -27.44
C ALA D 17 2.98 6.66 -28.11
N SER D 18 2.86 6.93 -29.40
CA SER D 18 3.82 7.72 -30.20
C SER D 18 3.80 9.19 -29.77
N GLN D 19 4.75 9.98 -30.29
CA GLN D 19 4.90 11.41 -29.91
C GLN D 19 3.64 12.15 -30.36
N ALA D 20 3.21 11.90 -31.61
CA ALA D 20 1.97 12.53 -32.17
C ALA D 20 0.74 12.21 -31.33
N MET D 21 0.64 10.98 -30.78
CA MET D 21 -0.51 10.58 -29.93
C MET D 21 -0.51 11.39 -28.60
N GLN D 22 0.65 11.90 -28.24
CA GLN D 22 0.80 12.51 -26.98
C GLN D 22 0.47 13.99 -27.07
N ILE D 23 0.75 14.59 -28.23
CA ILE D 23 0.30 15.95 -28.44
C ILE D 23 -1.23 15.91 -28.59
N GLN D 24 -1.72 14.93 -29.35
CA GLN D 24 -3.17 14.76 -29.60
C GLN D 24 -3.92 14.68 -28.26
N THR D 25 -3.32 14.03 -27.27
CA THR D 25 -3.96 13.84 -25.99
C THR D 25 -4.09 15.19 -25.23
N TYR D 26 -3.01 15.95 -25.21
CA TYR D 26 -2.98 17.25 -24.61
C TYR D 26 -4.08 18.09 -25.27
N CYS D 27 -4.06 18.12 -26.62
CA CYS D 27 -4.96 18.94 -27.42
C CYS D 27 -6.41 18.58 -27.07
N ASN D 28 -6.71 17.28 -27.00
CA ASN D 28 -8.08 16.78 -26.84
C ASN D 28 -8.57 17.09 -25.42
N SER D 29 -7.70 16.85 -24.43
CA SER D 29 -7.94 17.29 -23.07
C SER D 29 -8.28 18.79 -23.05
N VAL D 30 -7.39 19.62 -23.59
CA VAL D 30 -7.39 21.09 -23.29
C VAL D 30 -8.63 21.75 -23.90
N LYS D 31 -9.00 21.28 -25.10
CA LYS D 31 -10.20 21.78 -25.84
C LYS D 31 -11.54 21.39 -25.18
N GLN D 32 -11.54 20.41 -24.26
CA GLN D 32 -12.77 20.03 -23.56
C GLN D 32 -13.01 20.82 -22.26
N GLN D 33 -12.02 21.61 -21.80
CA GLN D 33 -12.12 22.38 -20.55
C GLN D 33 -13.10 23.54 -20.68
N VAL D 34 -13.69 23.93 -19.54
CA VAL D 34 -14.77 24.92 -19.49
C VAL D 34 -14.33 26.18 -18.75
N PRO D 35 -14.38 27.37 -19.40
CA PRO D 35 -14.09 28.63 -18.72
C PRO D 35 -14.83 28.67 -17.37
N VAL D 36 -14.05 29.08 -16.36
CA VAL D 36 -14.47 29.07 -15.00
C VAL D 36 -15.23 30.36 -14.76
N ASP D 37 -16.19 30.28 -13.85
CA ASP D 37 -16.90 31.45 -13.37
C ASP D 37 -16.65 31.62 -11.87
N PHE D 38 -15.92 32.69 -11.48
CA PHE D 38 -15.56 32.87 -10.07
C PHE D 38 -16.30 34.08 -9.46
N SER D 39 -17.41 34.48 -10.07
CA SER D 39 -18.07 35.74 -9.70
C SER D 39 -18.60 35.65 -8.26
N GLN D 40 -18.88 34.44 -7.80
CA GLN D 40 -19.27 34.20 -6.43
C GLN D 40 -18.10 34.39 -5.46
N PHE D 41 -16.87 34.42 -5.95
CA PHE D 41 -15.73 34.43 -5.08
C PHE D 41 -14.83 35.58 -5.48
N PRO D 42 -15.01 36.79 -4.90
CA PRO D 42 -14.21 37.96 -5.28
C PRO D 42 -12.70 37.81 -5.01
N ASN D 43 -12.37 36.92 -4.08
CA ASN D 43 -10.98 36.59 -3.85
C ASN D 43 -10.29 36.08 -5.15
N LEU D 44 -11.00 35.43 -6.09
CA LEU D 44 -10.34 34.79 -7.25
C LEU D 44 -10.59 35.53 -8.58
N LYS D 45 -10.98 36.80 -8.54
CA LYS D 45 -11.31 37.55 -9.76
C LYS D 45 -10.12 37.48 -10.74
N ASP D 46 -8.92 37.78 -10.25
CA ASP D 46 -7.70 37.78 -11.05
C ASP D 46 -7.42 36.37 -11.60
N ASN D 47 -7.71 35.35 -10.78
CA ASN D 47 -7.49 33.93 -11.19
C ASN D 47 -8.37 33.57 -12.40
N GLN D 48 -9.60 34.11 -12.43
CA GLN D 48 -10.53 33.83 -13.53
C GLN D 48 -9.98 34.41 -14.82
N THR D 49 -9.48 35.65 -14.77
CA THR D 49 -9.04 36.28 -16.02
C THR D 49 -7.79 35.51 -16.49
N GLN D 50 -7.04 34.95 -15.54
CA GLN D 50 -5.75 34.30 -15.84
C GLN D 50 -6.05 32.92 -16.45
N ILE D 51 -6.94 32.15 -15.81
CA ILE D 51 -7.34 30.83 -16.30
C ILE D 51 -7.95 30.94 -17.71
N ASN D 52 -8.98 31.77 -17.86
CA ASN D 52 -9.78 31.89 -19.09
C ASN D 52 -8.96 32.43 -20.29
N GLN D 53 -7.95 33.28 -20.03
CA GLN D 53 -6.98 33.73 -21.08
C GLN D 53 -6.01 32.61 -21.47
N GLY D 54 -5.41 31.97 -20.47
CA GLY D 54 -4.54 30.83 -20.70
C GLY D 54 -5.26 29.70 -21.43
N LEU D 55 -6.49 29.40 -20.99
CA LEU D 55 -7.30 28.38 -21.66
C LEU D 55 -7.52 28.77 -23.10
N ASP D 56 -7.97 30.02 -23.32
CA ASP D 56 -8.39 30.40 -24.64
C ASP D 56 -7.21 30.25 -25.61
N LEU D 57 -6.04 30.72 -25.20
CA LEU D 57 -4.83 30.79 -26.05
C LEU D 57 -4.35 29.37 -26.44
N ALA D 58 -4.44 28.45 -25.48
CA ALA D 58 -4.09 27.02 -25.61
C ALA D 58 -5.07 26.22 -26.49
N LYS D 59 -6.37 26.50 -26.37
CA LYS D 59 -7.37 25.90 -27.27
C LYS D 59 -7.03 26.26 -28.73
N GLY D 60 -6.62 27.51 -29.00
CA GLY D 60 -6.13 27.91 -30.38
C GLY D 60 -4.85 27.17 -30.79
N HIS D 61 -3.94 26.96 -29.83
CA HIS D 61 -2.74 26.16 -30.08
C HIS D 61 -3.12 24.72 -30.44
N ALA D 62 -4.02 24.14 -29.65
CA ALA D 62 -4.45 22.77 -29.92
C ALA D 62 -5.05 22.66 -31.32
N ASP D 63 -5.87 23.66 -31.71
CA ASP D 63 -6.51 23.63 -33.02
C ASP D 63 -5.42 23.66 -34.07
N LEU D 64 -4.43 24.55 -33.89
CA LEU D 64 -3.39 24.70 -34.88
C LEU D 64 -2.64 23.37 -35.05
N TYR D 65 -2.42 22.64 -33.95
CA TYR D 65 -1.78 21.33 -34.04
C TYR D 65 -2.62 20.39 -34.91
N LEU D 66 -3.85 20.08 -34.46
CA LEU D 66 -4.70 19.05 -35.14
C LEU D 66 -5.08 19.42 -36.59
N ASN D 67 -5.32 20.71 -36.87
CA ASN D 67 -5.79 21.11 -38.20
C ASN D 67 -4.63 21.63 -39.09
N THR D 68 -3.39 21.76 -38.61
CA THR D 68 -2.34 22.32 -39.52
C THR D 68 -0.99 21.64 -39.34
N ILE D 69 -0.42 21.72 -38.13
CA ILE D 69 0.94 21.24 -37.93
C ILE D 69 1.00 19.71 -38.14
N GLN D 70 0.24 18.91 -37.36
CA GLN D 70 0.33 17.46 -37.52
C GLN D 70 0.10 17.05 -38.97
N PRO D 71 -0.92 17.56 -39.68
CA PRO D 71 -1.05 17.29 -41.11
C PRO D 71 0.20 17.59 -41.97
N GLN D 72 0.79 18.77 -41.83
CA GLN D 72 1.97 19.20 -42.62
C GLN D 72 3.10 18.18 -42.46
N ILE D 73 3.29 17.75 -41.21
CA ILE D 73 4.45 16.96 -40.83
C ILE D 73 4.36 15.61 -41.55
N ILE D 74 3.21 14.95 -41.34
CA ILE D 74 2.90 13.66 -41.91
C ILE D 74 3.06 13.74 -43.43
N THR D 75 2.62 14.86 -44.00
CA THR D 75 2.54 15.01 -45.45
C THR D 75 3.97 14.97 -45.97
N ASN D 76 4.81 15.77 -45.33
CA ASN D 76 6.17 15.94 -45.75
C ASN D 76 6.98 14.69 -45.47
N ILE D 77 6.79 14.02 -44.32
CA ILE D 77 7.46 12.74 -44.23
C ILE D 77 6.99 11.83 -45.38
N SER D 78 5.68 11.81 -45.66
CA SER D 78 5.07 10.95 -46.71
C SER D 78 5.75 11.18 -48.07
N ASN D 79 6.03 12.44 -48.39
CA ASN D 79 6.66 12.75 -49.68
C ASN D 79 8.13 12.31 -49.68
N ILE D 80 8.89 12.68 -48.63
CA ILE D 80 10.33 12.28 -48.52
C ILE D 80 10.43 10.74 -48.61
N SER D 81 9.45 10.02 -48.04
CA SER D 81 9.42 8.57 -47.95
C SER D 81 9.03 7.90 -49.27
N ASN D 82 8.14 8.54 -50.03
CA ASN D 82 7.70 7.98 -51.30
C ASN D 82 8.93 7.85 -52.21
N TYR D 83 9.83 8.84 -52.13
CA TYR D 83 10.93 9.01 -53.09
C TYR D 83 12.13 8.10 -52.76
N PHE D 84 12.50 8.07 -51.48
CA PHE D 84 13.67 7.30 -51.04
C PHE D 84 13.32 5.81 -50.93
N ALA D 85 12.02 5.50 -50.83
CA ALA D 85 11.55 4.13 -50.94
C ALA D 85 11.80 3.58 -52.35
N LEU D 86 11.85 4.48 -53.35
CA LEU D 86 12.20 4.07 -54.76
C LEU D 86 13.70 4.25 -54.96
N GLN D 87 14.19 5.51 -54.89
CA GLN D 87 15.67 5.78 -54.79
C GLN D 87 16.19 5.32 -53.42
N ASN D 88 16.15 4.00 -53.19
CA ASN D 88 16.55 3.38 -51.92
C ASN D 88 18.03 2.98 -51.99
N ALA D 89 18.74 3.47 -53.01
CA ALA D 89 20.15 3.21 -53.24
C ALA D 89 20.68 4.18 -54.30
N ILE D 90 22.01 4.33 -54.30
CA ILE D 90 22.72 5.23 -55.17
C ILE D 90 23.60 4.35 -56.03
N PRO D 91 23.46 4.37 -57.37
CA PRO D 91 24.32 3.57 -58.24
C PRO D 91 25.76 4.10 -58.25
N ALA D 92 26.71 3.32 -57.71
CA ALA D 92 28.11 3.74 -57.48
C ALA D 92 29.02 3.26 -58.62
N VAL D 93 28.54 2.29 -59.40
CA VAL D 93 29.16 1.86 -60.64
C VAL D 93 28.16 2.05 -61.77
N LEU D 94 28.70 2.44 -62.95
CA LEU D 94 27.94 2.77 -64.20
C LEU D 94 26.88 1.70 -64.47
N PRO D 95 25.58 2.02 -64.45
CA PRO D 95 24.54 0.98 -64.50
C PRO D 95 24.53 0.23 -65.84
N PRO D 96 24.37 -1.11 -65.87
CA PRO D 96 24.21 -1.83 -67.14
C PRO D 96 23.23 -1.13 -68.09
N GLY D 97 23.72 -0.80 -69.29
CA GLY D 97 22.96 -0.14 -70.32
C GLY D 97 23.00 1.38 -70.23
N SER D 98 24.07 1.95 -69.65
CA SER D 98 24.15 3.40 -69.54
C SER D 98 25.50 3.92 -70.03
N THR D 99 25.51 5.24 -70.21
CA THR D 99 26.65 6.13 -70.43
C THR D 99 27.02 6.76 -69.10
N LYS D 100 28.25 7.28 -68.99
CA LYS D 100 28.59 8.25 -67.97
C LYS D 100 27.60 9.42 -68.16
N ALA D 101 27.66 10.03 -69.35
CA ALA D 101 26.78 11.12 -69.73
C ALA D 101 25.45 10.99 -68.97
N GLN D 102 24.73 9.88 -69.24
CA GLN D 102 23.41 9.53 -68.66
C GLN D 102 23.50 9.39 -67.13
N TRP D 103 24.46 8.54 -66.70
CA TRP D 103 24.71 8.15 -65.30
C TRP D 103 24.79 9.41 -64.42
N LEU D 104 25.58 10.39 -64.85
CA LEU D 104 25.85 11.60 -64.09
C LEU D 104 24.59 12.48 -63.94
N ARG D 105 23.76 12.56 -64.99
CA ARG D 105 22.54 13.33 -64.95
C ARG D 105 21.58 12.63 -63.98
N GLN D 106 21.62 11.30 -63.96
CA GLN D 106 20.75 10.52 -63.08
C GLN D 106 21.07 10.80 -61.59
N LEU D 107 22.37 11.04 -61.32
CA LEU D 107 22.93 11.31 -60.01
C LEU D 107 22.74 12.78 -59.63
N SER D 108 22.70 13.67 -60.63
CA SER D 108 22.44 15.08 -60.38
C SER D 108 20.96 15.33 -60.10
N VAL D 109 20.16 14.39 -60.60
CA VAL D 109 18.73 14.34 -60.42
C VAL D 109 18.48 13.90 -58.97
N ILE D 110 19.24 12.91 -58.51
CA ILE D 110 19.12 12.47 -57.13
C ILE D 110 19.62 13.63 -56.24
N LYS D 111 20.78 14.20 -56.59
CA LYS D 111 21.31 15.33 -55.85
C LYS D 111 20.23 16.42 -55.66
N GLU D 112 19.47 16.76 -56.70
CA GLU D 112 18.60 17.95 -56.62
C GLU D 112 17.29 17.63 -55.88
N GLN D 113 16.83 16.38 -56.01
CA GLN D 113 15.75 15.85 -55.18
C GLN D 113 16.13 15.91 -53.68
N ALA D 114 17.36 15.50 -53.36
CA ALA D 114 17.87 15.54 -51.98
C ALA D 114 17.92 16.99 -51.46
N THR D 115 18.32 17.93 -52.32
CA THR D 115 18.50 19.32 -51.88
C THR D 115 17.14 19.91 -51.51
N GLU D 116 16.12 19.48 -52.24
CA GLU D 116 14.78 19.95 -52.05
C GLU D 116 14.16 19.31 -50.82
N TYR D 117 14.22 17.98 -50.72
CA TYR D 117 13.71 17.31 -49.53
C TYR D 117 14.46 17.78 -48.26
N GLN D 118 15.74 18.12 -48.39
CA GLN D 118 16.43 18.73 -47.28
C GLN D 118 15.72 20.05 -46.91
N ARG D 119 15.49 20.94 -47.90
CA ARG D 119 14.77 22.22 -47.64
C ARG D 119 13.44 21.91 -46.94
N LEU D 120 12.72 20.90 -47.44
CA LEU D 120 11.44 20.51 -46.84
C LEU D 120 11.66 20.21 -45.35
N SER D 121 12.68 19.39 -45.08
CA SER D 121 13.02 18.92 -43.73
C SER D 121 13.25 20.12 -42.76
N SER D 122 14.12 21.09 -43.13
CA SER D 122 14.39 22.39 -42.35
C SER D 122 13.11 23.21 -42.08
N ASP D 123 12.30 23.40 -43.14
CA ASP D 123 10.98 24.05 -43.02
C ASP D 123 10.12 23.34 -41.96
N THR D 124 10.04 22.01 -42.02
CA THR D 124 9.29 21.20 -41.05
C THR D 124 9.87 21.39 -39.63
N ARG D 125 11.20 21.50 -39.52
CA ARG D 125 11.83 21.74 -38.22
C ARG D 125 11.46 23.15 -37.71
N LEU D 126 11.33 24.12 -38.61
CA LEU D 126 10.98 25.49 -38.27
C LEU D 126 9.51 25.55 -37.79
N VAL D 127 8.63 24.85 -38.49
CA VAL D 127 7.22 24.71 -38.03
C VAL D 127 7.26 24.15 -36.62
N ILE D 128 8.16 23.19 -36.39
CA ILE D 128 8.20 22.49 -35.14
C ILE D 128 8.74 23.38 -33.99
N VAL D 129 9.64 24.33 -34.30
CA VAL D 129 10.03 25.27 -33.22
C VAL D 129 8.76 25.97 -32.73
N ASN D 130 7.86 26.27 -33.67
CA ASN D 130 6.64 26.98 -33.35
C ASN D 130 5.74 26.13 -32.45
N LEU D 131 5.62 24.84 -32.78
CA LEU D 131 4.84 23.92 -32.01
C LEU D 131 5.35 23.88 -30.56
N ASN D 132 6.68 23.78 -30.39
CA ASN D 132 7.35 23.68 -29.08
C ASN D 132 7.10 24.97 -28.27
N ASN D 133 7.17 26.13 -28.92
CA ASN D 133 6.91 27.44 -28.28
C ASN D 133 5.45 27.49 -27.82
N ASN D 134 4.52 27.00 -28.65
CA ASN D 134 3.12 26.89 -28.32
C ASN D 134 2.94 26.03 -27.06
N LEU D 135 3.51 24.83 -27.07
CA LEU D 135 3.31 23.94 -25.94
C LEU D 135 3.99 24.44 -24.66
N ILE D 136 5.17 25.08 -24.80
CA ILE D 136 5.93 25.65 -23.68
C ILE D 136 5.11 26.76 -23.01
N THR D 137 4.46 27.62 -23.82
CA THR D 137 3.63 28.71 -23.29
C THR D 137 2.44 28.17 -22.49
N ASP D 138 1.70 27.24 -23.10
CA ASP D 138 0.52 26.68 -22.47
C ASP D 138 0.99 26.08 -21.16
N SER D 139 2.07 25.27 -21.23
CA SER D 139 2.68 24.63 -20.02
C SER D 139 3.00 25.68 -18.93
N SER D 140 3.60 26.80 -19.33
CA SER D 140 3.96 27.87 -18.39
C SER D 140 2.71 28.56 -17.84
N ASN D 141 1.71 28.85 -18.69
CA ASN D 141 0.45 29.47 -18.25
C ASN D 141 -0.23 28.61 -17.18
N PHE D 142 -0.17 27.28 -17.31
CA PHE D 142 -0.82 26.39 -16.36
C PHE D 142 0.01 26.33 -15.07
N GLN D 143 1.35 26.34 -15.20
CA GLN D 143 2.26 26.44 -14.05
C GLN D 143 1.78 27.60 -13.17
N GLY D 144 1.49 28.74 -13.81
CA GLY D 144 1.20 29.97 -13.15
C GLY D 144 -0.16 29.95 -12.50
N ILE D 145 -1.11 29.30 -13.17
CA ILE D 145 -2.49 29.21 -12.68
C ILE D 145 -2.46 28.49 -11.34
N VAL D 146 -1.92 27.26 -11.35
CA VAL D 146 -1.76 26.37 -10.16
C VAL D 146 -1.13 27.12 -8.98
N VAL D 147 0.03 27.73 -9.23
CA VAL D 147 0.77 28.52 -8.20
C VAL D 147 -0.13 29.60 -7.59
N ASN D 148 -0.74 30.46 -8.42
CA ASN D 148 -1.56 31.58 -7.88
C ASN D 148 -2.77 31.01 -7.14
N LEU D 149 -3.35 29.93 -7.68
CA LEU D 149 -4.47 29.29 -7.02
C LEU D 149 -4.00 28.81 -5.65
N ASN D 150 -2.84 28.15 -5.61
CA ASN D 150 -2.32 27.55 -4.40
C ASN D 150 -2.08 28.65 -3.34
N SER D 151 -1.66 29.84 -3.79
CA SER D 151 -1.37 31.00 -2.93
C SER D 151 -2.63 31.46 -2.18
N LYS D 152 -3.74 31.50 -2.92
CA LYS D 152 -5.02 31.92 -2.40
C LYS D 152 -5.53 30.89 -1.40
N VAL D 153 -5.44 29.62 -1.78
CA VAL D 153 -5.78 28.52 -0.91
C VAL D 153 -4.98 28.61 0.39
N GLN D 154 -3.66 28.88 0.32
CA GLN D 154 -2.83 28.88 1.55
C GLN D 154 -3.26 30.09 2.39
N GLY D 155 -3.33 31.27 1.78
CA GLY D 155 -3.91 32.44 2.44
C GLY D 155 -5.25 32.14 3.08
N ASP D 156 -6.19 31.55 2.31
CA ASP D 156 -7.55 31.22 2.79
C ASP D 156 -7.41 30.29 4.00
N ASN D 157 -6.51 29.31 3.91
CA ASN D 157 -6.41 28.32 4.98
C ASN D 157 -6.07 29.02 6.30
N GLY D 158 -5.27 30.10 6.23
CA GLY D 158 -4.82 30.85 7.40
C GLY D 158 -5.97 31.53 8.14
N VAL D 159 -6.88 32.13 7.37
CA VAL D 159 -8.07 32.77 7.87
C VAL D 159 -9.02 31.71 8.48
N LEU D 160 -9.14 30.55 7.84
CA LEU D 160 -10.08 29.51 8.26
C LEU D 160 -9.81 29.06 9.70
N ALA D 161 -8.55 28.75 10.01
CA ALA D 161 -8.11 28.26 11.31
C ALA D 161 -8.37 29.30 12.41
N GLN D 162 -8.16 30.59 12.09
CA GLN D 162 -8.41 31.74 13.00
C GLN D 162 -9.92 31.89 13.29
N LEU D 163 -10.76 31.98 12.23
CA LEU D 163 -12.26 31.87 12.33
C LEU D 163 -12.75 30.72 13.22
N ASN D 164 -12.06 29.57 13.18
CA ASN D 164 -12.46 28.37 13.97
C ASN D 164 -12.32 28.67 15.47
N GLY D 165 -11.20 29.29 15.87
CA GLY D 165 -11.01 29.83 17.22
C GLY D 165 -12.03 30.90 17.56
N ASP D 166 -12.24 31.85 16.64
CA ASP D 166 -13.22 32.94 16.75
C ASP D 166 -14.62 32.39 17.05
N ILE D 167 -15.01 31.32 16.34
CA ILE D 167 -16.30 30.68 16.52
C ILE D 167 -16.35 29.98 17.88
N ASP D 168 -15.29 29.25 18.19
CA ASP D 168 -15.12 28.74 19.53
C ASP D 168 -15.31 29.89 20.53
N LYS D 169 -14.59 31.01 20.35
CA LYS D 169 -14.58 32.08 21.37
C LYS D 169 -16.02 32.59 21.58
N VAL D 170 -16.75 32.79 20.49
CA VAL D 170 -18.09 33.38 20.52
C VAL D 170 -19.12 32.41 21.10
N ASN D 171 -18.87 31.10 21.04
CA ASN D 171 -19.79 30.10 21.61
C ASN D 171 -19.98 30.33 23.11
N ALA D 172 -18.97 30.90 23.78
CA ALA D 172 -19.06 31.34 25.21
C ALA D 172 -20.22 32.34 25.41
N ALA D 173 -20.40 33.28 24.48
CA ALA D 173 -21.44 34.29 24.65
C ALA D 173 -22.81 33.65 24.55
N ILE D 174 -22.95 32.66 23.68
CA ILE D 174 -24.23 32.04 23.41
C ILE D 174 -24.62 31.19 24.63
N ASP D 175 -23.61 30.46 25.09
CA ASP D 175 -23.65 29.64 26.34
C ASP D 175 -24.07 30.52 27.52
N GLY D 176 -23.33 31.62 27.74
CA GLY D 176 -23.56 32.59 28.82
C GLY D 176 -24.99 33.14 28.82
N ALA D 177 -25.54 33.35 27.63
CA ALA D 177 -26.87 33.92 27.53
C ALA D 177 -27.92 32.83 27.78
N ILE D 178 -27.62 31.58 27.45
CA ILE D 178 -28.55 30.51 27.73
C ILE D 178 -28.62 30.34 29.26
N ALA D 179 -27.47 30.24 29.92
CA ALA D 179 -27.38 30.17 31.39
C ALA D 179 -28.22 31.29 32.04
N GLY D 180 -27.99 32.51 31.58
CA GLY D 180 -28.78 33.66 31.95
C GLY D 180 -30.26 33.35 31.91
N ILE D 181 -30.75 32.98 30.73
CA ILE D 181 -32.18 32.77 30.59
C ILE D 181 -32.65 31.74 31.63
N VAL D 182 -31.89 30.65 31.83
CA VAL D 182 -32.38 29.53 32.65
C VAL D 182 -32.32 29.99 34.11
N ALA D 183 -31.25 30.70 34.47
CA ALA D 183 -31.15 31.39 35.79
C ALA D 183 -32.39 32.26 36.02
N GLY D 184 -32.76 33.04 35.00
CA GLY D 184 -33.97 33.82 35.01
C GLY D 184 -35.18 32.96 35.31
N GLY D 185 -35.36 31.94 34.47
CA GLY D 185 -36.50 31.04 34.57
C GLY D 185 -36.60 30.39 35.93
N LEU D 186 -35.46 30.10 36.55
CA LEU D 186 -35.44 29.43 37.82
C LEU D 186 -35.95 30.39 38.90
N LEU D 187 -35.39 31.61 38.94
CA LEU D 187 -35.79 32.66 39.84
C LEU D 187 -37.31 32.92 39.77
N VAL D 188 -37.93 32.73 38.61
CA VAL D 188 -39.37 32.91 38.45
C VAL D 188 -40.13 31.74 39.09
N ILE D 189 -39.75 30.52 38.78
CA ILE D 189 -40.39 29.37 39.45
C ILE D 189 -40.32 29.61 40.97
N GLY D 190 -39.15 30.04 41.45
CA GLY D 190 -38.90 30.25 42.87
C GLY D 190 -39.78 31.35 43.45
N GLY D 191 -39.81 32.51 42.80
CA GLY D 191 -40.52 33.68 43.31
C GLY D 191 -42.02 33.50 43.31
N ALA D 192 -42.49 32.82 42.27
CA ALA D 192 -43.84 32.34 42.13
C ALA D 192 -44.24 31.46 43.34
N PHE D 193 -43.36 30.54 43.76
CA PHE D 193 -43.62 29.67 44.93
C PHE D 193 -43.60 30.48 46.23
N VAL D 194 -42.63 31.39 46.39
CA VAL D 194 -42.41 32.21 47.64
C VAL D 194 -43.59 33.15 47.85
N THR D 195 -44.20 33.59 46.74
CA THR D 195 -45.33 34.51 46.71
C THR D 195 -46.59 33.81 47.27
N ALA D 196 -47.00 32.70 46.66
CA ALA D 196 -48.16 31.91 47.15
C ALA D 196 -47.97 31.54 48.61
N ILE D 197 -46.71 31.30 49.00
CA ILE D 197 -46.37 31.10 50.39
C ILE D 197 -46.95 32.28 51.19
N GLY D 198 -46.36 33.46 51.03
CA GLY D 198 -46.72 34.68 51.79
C GLY D 198 -48.21 34.95 51.83
N ALA D 199 -48.91 34.70 50.72
CA ALA D 199 -50.38 34.69 50.62
C ALA D 199 -51.00 33.65 51.57
N VAL D 200 -50.23 33.20 52.57
CA VAL D 200 -50.70 32.39 53.69
C VAL D 200 -49.96 32.87 54.95
N ALA D 201 -50.69 33.17 56.04
CA ALA D 201 -50.12 33.69 57.30
C ALA D 201 -50.82 35.02 57.61
N SER D 209 -46.00 37.72 56.30
CA SER D 209 -47.43 37.81 56.09
C SER D 209 -47.70 38.50 54.74
N THR D 210 -47.07 39.67 54.53
CA THR D 210 -46.79 40.21 53.19
C THR D 210 -45.30 40.53 52.98
N PRO D 211 -44.48 40.82 54.01
CA PRO D 211 -43.02 40.92 53.82
C PRO D 211 -42.40 39.91 52.85
N VAL D 212 -42.91 38.66 52.86
CA VAL D 212 -42.34 37.61 52.03
C VAL D 212 -42.90 37.73 50.61
N VAL D 213 -44.18 38.10 50.46
CA VAL D 213 -44.82 38.29 49.11
C VAL D 213 -44.00 39.28 48.28
N ILE D 214 -43.42 40.24 49.00
CA ILE D 214 -42.64 41.32 48.45
C ILE D 214 -41.35 40.74 47.84
N GLY D 215 -40.68 39.83 48.57
CA GLY D 215 -39.52 39.09 48.04
C GLY D 215 -39.91 38.31 46.80
N GLY D 216 -40.96 37.50 46.94
CA GLY D 216 -41.58 36.72 45.87
C GLY D 216 -41.64 37.48 44.54
N VAL D 217 -42.17 38.71 44.55
CA VAL D 217 -42.35 39.47 43.30
C VAL D 217 -40.99 40.05 42.89
N ALA D 218 -40.20 40.49 43.88
CA ALA D 218 -38.83 40.90 43.58
C ALA D 218 -38.11 39.78 42.82
N MET D 219 -38.30 38.54 43.28
CA MET D 219 -37.69 37.35 42.64
C MET D 219 -38.22 37.16 41.20
N MET D 220 -39.54 37.24 40.99
CA MET D 220 -40.13 37.00 39.68
C MET D 220 -39.78 38.16 38.73
N VAL D 221 -39.64 39.37 39.26
CA VAL D 221 -39.32 40.56 38.46
C VAL D 221 -37.88 40.41 37.93
N ALA D 222 -36.97 40.05 38.82
CA ALA D 222 -35.59 39.79 38.51
C ALA D 222 -35.50 38.65 37.48
N GLY D 223 -36.19 37.55 37.79
CA GLY D 223 -36.30 36.41 36.91
C GLY D 223 -36.55 36.86 35.48
N ALA D 224 -37.65 37.59 35.27
CA ALA D 224 -38.09 38.04 33.96
C ALA D 224 -37.05 38.97 33.33
N GLY D 225 -36.42 39.83 34.15
CA GLY D 225 -35.32 40.70 33.73
C GLY D 225 -34.22 39.91 33.00
N GLY D 226 -33.78 38.80 33.60
CA GLY D 226 -32.68 38.00 33.09
C GLY D 226 -33.10 37.24 31.85
N ILE D 227 -34.36 36.82 31.84
CA ILE D 227 -34.96 36.20 30.67
C ILE D 227 -35.01 37.23 29.53
N THR D 228 -35.50 38.43 29.82
CA THR D 228 -35.62 39.44 28.77
C THR D 228 -34.23 39.89 28.33
N ALA D 229 -33.30 40.07 29.28
CA ALA D 229 -31.94 40.48 28.95
C ALA D 229 -31.22 39.33 28.22
N GLY D 230 -31.17 38.14 28.83
CA GLY D 230 -30.63 36.88 28.21
C GLY D 230 -31.04 36.68 26.75
N ALA D 231 -32.34 36.85 26.47
CA ALA D 231 -32.98 36.68 25.16
C ALA D 231 -32.41 37.64 24.12
N ILE D 232 -32.06 38.84 24.57
CA ILE D 232 -31.53 39.89 23.72
C ILE D 232 -30.03 39.66 23.50
N VAL D 233 -29.39 39.16 24.56
CA VAL D 233 -28.00 38.90 24.52
C VAL D 233 -27.83 37.70 23.58
N LEU D 234 -28.80 36.78 23.60
CA LEU D 234 -28.72 35.56 22.81
C LEU D 234 -28.87 35.91 21.32
N HIS D 235 -29.99 36.55 20.94
CA HIS D 235 -30.24 36.99 19.57
C HIS D 235 -28.96 37.59 18.97
N ASN D 236 -28.35 38.50 19.70
CA ASN D 236 -27.13 39.18 19.27
C ASN D 236 -26.01 38.17 19.01
N SER D 237 -25.69 37.39 20.04
CA SER D 237 -24.54 36.52 20.00
C SER D 237 -24.70 35.40 18.94
N LEU D 238 -25.94 35.01 18.63
CA LEU D 238 -26.24 33.96 17.61
C LEU D 238 -25.98 34.52 16.21
N GLY D 239 -26.35 35.80 16.05
CA GLY D 239 -26.22 36.58 14.84
C GLY D 239 -24.77 36.76 14.45
N ALA D 240 -23.95 37.17 15.42
CA ALA D 240 -22.52 37.43 15.26
C ALA D 240 -21.79 36.11 14.93
N ARG D 241 -22.31 35.00 15.47
CA ARG D 241 -21.80 33.66 15.18
C ARG D 241 -22.20 33.26 13.75
N GLN D 242 -23.49 33.38 13.42
CA GLN D 242 -23.94 32.98 12.08
C GLN D 242 -23.18 33.76 11.00
N ASP D 243 -22.84 35.02 11.28
CA ASP D 243 -22.02 35.79 10.38
C ASP D 243 -20.67 35.07 10.18
N LEU D 244 -20.07 34.54 11.26
CA LEU D 244 -18.75 33.82 11.18
C LEU D 244 -18.88 32.51 10.38
N TYR D 245 -19.80 31.60 10.80
CA TYR D 245 -20.14 30.35 10.06
C TYR D 245 -20.11 30.58 8.53
N GLN D 246 -20.90 31.57 8.08
CA GLN D 246 -21.19 31.85 6.67
C GLN D 246 -19.95 32.37 5.94
N LYS D 247 -19.18 33.24 6.59
CA LYS D 247 -17.89 33.65 6.09
C LYS D 247 -16.99 32.41 5.89
N ARG D 248 -17.09 31.47 6.85
CA ARG D 248 -16.26 30.23 6.90
C ARG D 248 -16.64 29.30 5.74
N SER D 249 -17.93 28.95 5.67
CA SER D 249 -18.48 28.10 4.63
C SER D 249 -18.14 28.68 3.24
N SER D 250 -18.09 30.01 3.12
CA SER D 250 -17.69 30.73 1.86
C SER D 250 -16.23 30.45 1.46
N LEU D 251 -15.31 30.57 2.44
CA LEU D 251 -13.92 30.19 2.26
C LEU D 251 -13.81 28.69 1.96
N ASN D 252 -14.43 27.88 2.80
CA ASN D 252 -14.46 26.45 2.67
C ASN D 252 -14.80 26.09 1.21
N SER D 253 -15.90 26.66 0.70
CA SER D 253 -16.33 26.46 -0.69
C SER D 253 -15.27 26.97 -1.70
N GLU D 254 -14.58 28.06 -1.39
CA GLU D 254 -13.55 28.71 -2.23
C GLU D 254 -12.28 27.84 -2.29
N VAL D 255 -11.86 27.30 -1.14
CA VAL D 255 -10.76 26.38 -1.06
C VAL D 255 -11.11 25.14 -1.88
N LEU D 256 -12.37 24.70 -1.78
CA LEU D 256 -12.77 23.45 -2.45
C LEU D 256 -12.69 23.59 -3.97
N ILE D 257 -13.18 24.73 -4.48
CA ILE D 257 -13.22 25.05 -5.90
C ILE D 257 -11.81 25.23 -6.45
N ALA D 258 -10.98 26.03 -5.79
CA ALA D 258 -9.64 26.37 -6.27
C ALA D 258 -8.77 25.12 -6.28
N THR D 259 -8.96 24.27 -5.27
CA THR D 259 -8.27 23.01 -5.15
C THR D 259 -8.65 22.10 -6.33
N GLN D 260 -9.96 21.89 -6.55
CA GLN D 260 -10.43 21.02 -7.63
C GLN D 260 -9.92 21.57 -8.96
N ILE D 261 -10.14 22.88 -9.22
CA ILE D 261 -9.70 23.52 -10.48
C ILE D 261 -8.17 23.35 -10.58
N GLY D 262 -7.49 23.66 -9.48
CA GLY D 262 -6.02 23.62 -9.41
C GLY D 262 -5.47 22.26 -9.81
N ASN D 263 -6.09 21.20 -9.32
CA ASN D 263 -5.58 19.84 -9.55
C ASN D 263 -5.70 19.57 -11.06
N GLY D 264 -6.80 20.04 -11.66
CA GLY D 264 -7.07 19.87 -13.09
C GLY D 264 -6.06 20.62 -13.96
N TYR D 265 -5.69 21.85 -13.57
CA TYR D 265 -4.65 22.59 -14.31
C TYR D 265 -3.27 21.93 -14.07
N LYS D 266 -3.12 21.22 -12.94
CA LYS D 266 -1.89 20.44 -12.63
C LYS D 266 -1.81 19.30 -13.65
N GLY D 267 -2.96 18.67 -13.91
CA GLY D 267 -3.08 17.61 -14.91
C GLY D 267 -2.83 18.10 -16.32
N LEU D 268 -3.48 19.20 -16.73
CA LEU D 268 -3.20 19.85 -18.03
C LEU D 268 -1.70 20.15 -18.18
N GLN D 269 -1.05 20.72 -17.15
CA GLN D 269 0.38 21.07 -17.26
C GLN D 269 1.23 19.80 -17.48
N VAL D 270 0.87 18.69 -16.82
CA VAL D 270 1.63 17.46 -17.00
C VAL D 270 1.51 17.00 -18.45
N GLN D 271 0.27 16.99 -18.97
CA GLN D 271 -0.02 16.69 -20.38
C GLN D 271 0.74 17.66 -21.32
N ALA D 272 0.80 18.94 -20.95
CA ALA D 272 1.45 19.97 -21.80
C ALA D 272 2.95 19.70 -21.86
N GLN D 273 3.55 19.42 -20.71
CA GLN D 273 5.00 19.08 -20.61
C GLN D 273 5.31 17.77 -21.34
N ASN D 274 4.38 16.81 -21.30
CA ASN D 274 4.54 15.60 -22.09
C ASN D 274 4.61 15.93 -23.59
N ALA D 275 3.86 16.95 -24.02
CA ALA D 275 3.77 17.30 -25.42
C ALA D 275 5.04 18.09 -25.83
N VAL D 276 5.59 18.87 -24.89
CA VAL D 276 6.85 19.55 -25.15
C VAL D 276 7.93 18.48 -25.41
N THR D 277 8.00 17.46 -24.55
CA THR D 277 9.00 16.39 -24.73
C THR D 277 8.88 15.82 -26.15
N ALA D 278 7.66 15.44 -26.51
CA ALA D 278 7.38 14.76 -27.77
C ALA D 278 7.73 15.62 -28.99
N ALA D 279 7.41 16.91 -28.88
CA ALA D 279 7.68 17.86 -29.93
C ALA D 279 9.19 18.13 -29.99
N THR D 280 9.83 18.17 -28.81
CA THR D 280 11.28 18.34 -28.79
C THR D 280 11.91 17.17 -29.55
N GLN D 281 11.41 15.96 -29.25
CA GLN D 281 11.83 14.67 -29.90
C GLN D 281 11.56 14.70 -31.41
N MET D 282 10.46 15.35 -31.79
CA MET D 282 10.14 15.54 -33.20
C MET D 282 11.19 16.46 -33.83
N SER D 283 11.48 17.59 -33.17
CA SER D 283 12.54 18.50 -33.60
C SER D 283 13.82 17.71 -33.86
N ASN D 284 14.24 16.89 -32.89
CA ASN D 284 15.50 16.13 -33.01
C ASN D 284 15.49 15.18 -34.21
N ALA D 285 14.36 14.49 -34.41
CA ALA D 285 14.29 13.46 -35.45
C ALA D 285 14.39 14.13 -36.82
N TRP D 286 13.66 15.24 -36.99
CA TRP D 286 13.73 16.06 -38.21
C TRP D 286 15.14 16.65 -38.42
N ASP D 287 15.84 17.10 -37.36
CA ASP D 287 17.24 17.60 -37.53
C ASP D 287 18.15 16.47 -38.02
N SER D 288 17.95 15.24 -37.51
CA SER D 288 18.76 14.07 -37.97
C SER D 288 18.55 13.85 -39.46
N LEU D 289 17.30 13.99 -39.93
CA LEU D 289 16.95 13.82 -41.37
C LEU D 289 17.62 14.92 -42.19
N THR D 290 17.44 16.19 -41.79
CA THR D 290 18.05 17.31 -42.49
C THR D 290 19.55 17.12 -42.63
N SER D 291 20.21 16.70 -41.54
CA SER D 291 21.71 16.63 -41.48
C SER D 291 22.24 15.41 -42.29
N ASP D 292 21.52 14.29 -42.23
CA ASP D 292 21.86 13.12 -43.04
C ASP D 292 21.59 13.34 -44.52
N LEU D 293 20.55 14.11 -44.85
CA LEU D 293 20.32 14.51 -46.24
C LEU D 293 21.52 15.36 -46.70
N GLY D 294 21.96 16.27 -45.82
CA GLY D 294 23.21 17.05 -46.04
C GLY D 294 24.35 16.16 -46.50
N SER D 295 24.62 15.08 -45.76
CA SER D 295 25.72 14.16 -46.04
C SER D 295 25.57 13.61 -47.45
N LEU D 296 24.34 13.20 -47.79
CA LEU D 296 24.01 12.55 -49.09
C LEU D 296 24.20 13.53 -50.25
N ILE D 297 23.86 14.79 -50.02
CA ILE D 297 24.11 15.85 -50.97
C ILE D 297 25.63 16.03 -51.14
N THR D 298 26.38 16.04 -50.05
CA THR D 298 27.87 16.18 -50.15
C THR D 298 28.43 15.01 -50.99
N ASP D 299 28.08 13.77 -50.59
CA ASP D 299 28.64 12.59 -51.16
C ASP D 299 28.33 12.58 -52.66
N LEU D 300 27.06 12.79 -53.05
CA LEU D 300 26.66 12.90 -54.47
C LEU D 300 27.46 14.00 -55.19
N ASP D 301 27.58 15.18 -54.58
CA ASP D 301 28.28 16.31 -55.20
C ASP D 301 29.70 15.85 -55.53
N LYS D 302 30.34 15.17 -54.57
CA LYS D 302 31.77 14.81 -54.68
C LYS D 302 32.00 13.67 -55.69
N GLY D 303 31.10 12.69 -55.72
CA GLY D 303 31.07 11.63 -56.71
C GLY D 303 31.04 12.18 -58.12
N ILE D 304 30.04 13.04 -58.37
CA ILE D 304 29.79 13.75 -59.62
C ILE D 304 31.05 14.52 -60.02
N THR D 305 31.59 15.32 -59.09
CA THR D 305 32.68 16.25 -59.40
C THR D 305 34.04 15.55 -59.43
N SER D 306 34.09 14.21 -59.33
CA SER D 306 35.39 13.48 -59.30
C SER D 306 35.34 12.20 -60.16
N GLY D 307 36.52 11.62 -60.41
CA GLY D 307 36.66 10.47 -61.29
C GLY D 307 37.19 9.22 -60.62
N ASP D 308 36.93 8.08 -61.28
CA ASP D 308 37.55 6.75 -61.11
C ASP D 308 37.13 6.10 -59.79
N ASP D 309 38.12 5.88 -58.93
CA ASP D 309 37.94 5.23 -57.67
C ASP D 309 37.45 6.28 -56.64
N ILE D 310 37.84 7.55 -56.78
CA ILE D 310 37.34 8.58 -55.82
C ILE D 310 35.85 8.84 -56.07
N ARG D 311 35.48 8.97 -57.34
CA ARG D 311 34.10 8.99 -57.71
C ARG D 311 33.35 7.87 -56.96
N GLN D 312 33.90 6.65 -56.98
CA GLN D 312 33.20 5.47 -56.45
C GLN D 312 33.11 5.55 -54.92
N LEU D 313 34.14 6.14 -54.29
CA LEU D 313 34.17 6.26 -52.85
C LEU D 313 32.95 7.05 -52.41
N TRP D 314 32.86 8.30 -52.87
CA TRP D 314 31.82 9.21 -52.45
C TRP D 314 30.44 8.59 -52.68
N LEU D 315 30.29 7.86 -53.78
CA LEU D 315 28.98 7.37 -54.22
C LEU D 315 28.57 6.18 -53.34
N THR D 316 29.57 5.42 -52.90
CA THR D 316 29.32 4.26 -52.09
C THR D 316 28.81 4.75 -50.74
N ALA D 317 29.49 5.78 -50.22
CA ALA D 317 29.11 6.51 -49.02
C ALA D 317 27.73 7.11 -49.23
N ALA D 318 27.50 7.74 -50.39
CA ALA D 318 26.14 8.26 -50.73
C ALA D 318 25.10 7.14 -50.54
N ASP D 319 25.40 5.94 -51.09
CA ASP D 319 24.49 4.77 -51.00
C ASP D 319 24.26 4.42 -49.53
N THR D 320 25.34 4.41 -48.74
CA THR D 320 25.23 4.05 -47.31
C THR D 320 24.31 5.08 -46.63
N THR D 321 24.52 6.37 -46.93
CA THR D 321 23.75 7.49 -46.38
C THR D 321 22.24 7.37 -46.67
N VAL D 322 21.86 6.92 -47.86
CA VAL D 322 20.43 6.73 -48.18
C VAL D 322 19.79 5.67 -47.26
N LYS D 323 20.54 4.62 -46.93
CA LYS D 323 20.12 3.67 -45.90
C LYS D 323 19.80 4.45 -44.63
N THR D 324 20.77 5.22 -44.15
CA THR D 324 20.57 6.06 -42.97
C THR D 324 19.33 6.97 -43.12
N VAL D 325 19.16 7.65 -44.25
CA VAL D 325 17.93 8.47 -44.51
C VAL D 325 16.68 7.61 -44.35
N LEU D 326 16.73 6.33 -44.79
CA LEU D 326 15.53 5.42 -44.72
C LEU D 326 15.13 5.14 -43.27
N THR D 327 16.18 5.05 -42.44
CA THR D 327 16.13 4.98 -40.96
C THR D 327 15.49 6.23 -40.35
N ASP D 328 15.94 7.41 -40.79
CA ASP D 328 15.45 8.68 -40.30
C ASP D 328 13.96 8.79 -40.59
N VAL D 329 13.56 8.28 -41.76
CA VAL D 329 12.18 8.28 -42.23
C VAL D 329 11.33 7.27 -41.44
N THR D 330 11.87 6.09 -41.10
CA THR D 330 11.06 5.11 -40.32
C THR D 330 10.89 5.64 -38.87
N THR D 331 11.83 6.47 -38.40
CA THR D 331 11.76 7.06 -37.04
C THR D 331 10.60 8.07 -36.97
N ILE D 332 10.52 8.95 -37.97
CA ILE D 332 9.54 10.00 -38.00
C ILE D 332 8.17 9.38 -38.21
N LYS D 333 8.09 8.32 -39.04
CA LYS D 333 6.80 7.68 -39.29
C LYS D 333 6.28 7.00 -38.02
N ALA D 334 7.19 6.45 -37.22
CA ALA D 334 6.83 5.85 -35.94
C ALA D 334 6.37 6.96 -35.00
N GLN D 335 7.07 8.11 -35.02
CA GLN D 335 6.74 9.26 -34.17
C GLN D 335 5.35 9.81 -34.46
N MET D 336 4.85 9.65 -35.70
CA MET D 336 3.64 10.40 -36.15
C MET D 336 2.46 9.46 -36.40
N ALA D 337 2.61 8.19 -36.00
CA ALA D 337 1.56 7.21 -36.25
C ALA D 337 0.62 7.16 -35.04
N GLY D 338 -0.66 6.89 -35.32
CA GLY D 338 -1.63 6.54 -34.35
C GLY D 338 -2.69 7.61 -34.24
N VAL D 339 -3.83 7.24 -33.63
CA VAL D 339 -4.92 8.11 -33.32
C VAL D 339 -5.17 7.89 -31.83
N SER D 340 -4.84 8.89 -30.99
CA SER D 340 -4.93 8.74 -29.52
C SER D 340 -6.40 8.50 -29.14
N PRO D 341 -6.71 7.50 -28.29
CA PRO D 341 -8.09 7.19 -27.95
C PRO D 341 -8.65 8.11 -26.85
N LEU D 342 -9.98 8.10 -26.74
CA LEU D 342 -10.71 8.91 -25.79
C LEU D 342 -10.17 8.58 -24.42
N GLN D 343 -10.03 9.62 -23.58
CA GLN D 343 -9.70 9.52 -22.17
C GLN D 343 -10.90 10.04 -21.38
N VAL D 344 -11.49 9.21 -20.52
CA VAL D 344 -12.57 9.67 -19.63
C VAL D 344 -11.90 10.08 -18.32
N PRO D 345 -11.79 11.38 -17.97
CA PRO D 345 -11.32 11.75 -16.63
C PRO D 345 -12.26 11.21 -15.53
N GLN D 346 -11.78 11.19 -14.29
CA GLN D 346 -12.62 10.91 -13.11
C GLN D 346 -13.08 12.25 -12.52
N THR D 347 -14.40 12.48 -12.58
CA THR D 347 -15.04 13.80 -12.27
C THR D 347 -15.88 13.65 -11.00
N ASP D 348 -16.29 14.77 -10.41
CA ASP D 348 -16.87 14.79 -9.07
C ASP D 348 -18.35 14.37 -9.14
N THR D 349 -18.83 13.62 -8.12
CA THR D 349 -20.29 13.41 -7.86
C THR D 349 -20.72 14.36 -6.72
N ILE D 350 -22.01 14.37 -6.39
CA ILE D 350 -22.51 15.24 -5.30
C ILE D 350 -22.10 14.65 -3.95
N ALA D 351 -22.41 13.37 -3.76
CA ALA D 351 -21.89 12.50 -2.67
C ALA D 351 -20.53 12.99 -2.12
N ASN D 352 -19.55 13.20 -3.01
CA ASN D 352 -18.16 13.43 -2.66
C ASN D 352 -17.94 14.91 -2.31
N PHE D 353 -18.39 15.79 -3.21
CA PHE D 353 -18.32 17.25 -3.03
C PHE D 353 -18.93 17.60 -1.66
N VAL D 354 -20.08 16.98 -1.36
CA VAL D 354 -20.76 17.17 -0.08
C VAL D 354 -19.88 16.60 1.04
N ALA D 355 -19.38 15.36 0.88
CA ALA D 355 -18.52 14.69 1.89
C ALA D 355 -17.25 15.52 2.16
N ARG D 356 -16.76 16.24 1.15
CA ARG D 356 -15.54 17.09 1.27
C ARG D 356 -15.82 18.43 1.96
N LEU D 357 -17.04 18.97 1.77
CA LEU D 357 -17.43 20.28 2.30
C LEU D 357 -17.96 20.15 3.73
N ALA D 358 -18.52 18.98 4.07
CA ALA D 358 -18.99 18.70 5.44
C ALA D 358 -17.82 18.22 6.30
N ALA D 359 -16.74 17.74 5.66
CA ALA D 359 -15.50 17.32 6.36
C ALA D 359 -14.81 18.53 7.00
N LEU D 360 -14.52 19.52 6.15
CA LEU D 360 -13.79 20.73 6.53
C LEU D 360 -14.56 21.46 7.66
N GLU D 361 -15.83 21.81 7.41
CA GLU D 361 -16.68 22.59 8.34
C GLU D 361 -16.72 21.96 9.74
N THR E 2 43.62 3.55 -35.49
CA THR E 2 43.72 2.33 -34.61
C THR E 2 42.33 2.09 -34.02
N ASN E 3 42.19 1.12 -33.11
CA ASN E 3 40.90 0.86 -32.42
C ASN E 3 40.62 1.96 -31.37
N ALA E 4 41.69 2.54 -30.80
CA ALA E 4 41.65 3.67 -29.91
C ALA E 4 40.95 4.86 -30.60
N THR E 5 41.32 5.07 -31.88
CA THR E 5 40.84 6.18 -32.63
C THR E 5 39.32 6.05 -32.74
N THR E 6 38.88 4.82 -33.01
CA THR E 6 37.47 4.57 -33.30
C THR E 6 36.64 4.70 -32.03
N ILE E 7 37.15 4.16 -30.92
CA ILE E 7 36.50 4.22 -29.63
C ILE E 7 36.49 5.66 -29.11
N THR E 8 37.61 6.38 -29.31
CA THR E 8 37.74 7.80 -28.99
C THR E 8 36.59 8.57 -29.66
N MET E 9 36.48 8.40 -30.98
CA MET E 9 35.35 8.93 -31.71
C MET E 9 34.02 8.50 -31.06
N ASP E 10 33.92 7.21 -30.70
CA ASP E 10 32.66 6.65 -30.23
C ASP E 10 32.21 7.38 -28.96
N GLN E 11 33.17 7.65 -28.08
CA GLN E 11 32.93 8.00 -26.68
C GLN E 11 32.64 9.50 -26.61
N GLY E 12 33.41 10.24 -27.42
CA GLY E 12 33.20 11.64 -27.69
C GLY E 12 31.79 11.91 -28.16
N MET E 13 31.30 11.07 -29.07
CA MET E 13 29.95 11.24 -29.57
C MET E 13 28.98 10.92 -28.43
N ALA E 14 29.15 9.77 -27.78
CA ALA E 14 28.15 9.28 -26.82
C ALA E 14 27.97 10.28 -25.67
N ASN E 15 29.07 10.92 -25.28
CA ASN E 15 29.09 11.87 -24.16
C ASN E 15 28.40 13.18 -24.60
N GLN E 16 28.64 13.58 -25.86
CA GLN E 16 28.21 14.92 -26.25
C GLN E 16 26.70 14.86 -26.41
N ALA E 17 26.26 13.74 -26.97
CA ALA E 17 24.87 13.31 -27.14
C ALA E 17 24.14 13.14 -25.82
N SER E 18 24.65 12.26 -24.93
CA SER E 18 23.99 12.06 -23.64
C SER E 18 23.86 13.39 -22.87
N GLN E 19 24.87 14.28 -22.93
CA GLN E 19 24.86 15.54 -22.24
C GLN E 19 23.91 16.53 -22.95
N ALA E 20 23.81 16.46 -24.28
CA ALA E 20 22.97 17.33 -25.11
C ALA E 20 21.51 17.19 -24.68
N MET E 21 21.12 15.93 -24.46
CA MET E 21 19.79 15.53 -23.93
C MET E 21 19.55 16.10 -22.52
N GLN E 22 20.63 16.24 -21.74
CA GLN E 22 20.52 16.83 -20.42
C GLN E 22 20.21 18.34 -20.54
N ILE E 23 20.93 19.03 -21.40
CA ILE E 23 20.80 20.44 -21.48
C ILE E 23 19.56 20.76 -22.33
N GLN E 24 19.19 19.90 -23.28
CA GLN E 24 17.97 20.12 -24.08
C GLN E 24 16.74 20.13 -23.17
N THR E 25 16.73 19.17 -22.25
CA THR E 25 15.61 18.97 -21.35
C THR E 25 15.53 20.13 -20.36
N TYR E 26 16.71 20.51 -19.85
CA TYR E 26 16.85 21.62 -18.90
C TYR E 26 16.34 22.91 -19.55
N CYS E 27 16.85 23.23 -20.74
CA CYS E 27 16.40 24.41 -21.47
C CYS E 27 14.87 24.43 -21.53
N ASN E 28 14.22 23.33 -21.96
CA ASN E 28 12.76 23.27 -22.08
C ASN E 28 12.14 23.73 -20.76
N SER E 29 12.62 23.12 -19.70
CA SER E 29 12.17 23.37 -18.37
C SER E 29 12.32 24.86 -18.04
N VAL E 30 13.43 25.46 -18.49
CA VAL E 30 13.69 26.85 -18.19
C VAL E 30 12.69 27.76 -18.92
N LYS E 31 12.37 27.45 -20.16
CA LYS E 31 11.41 28.23 -20.95
C LYS E 31 9.99 28.12 -20.37
N GLN E 32 9.74 27.10 -19.54
CA GLN E 32 8.44 26.90 -18.96
C GLN E 32 8.29 27.65 -17.62
N GLN E 33 9.38 28.25 -17.09
CA GLN E 33 9.37 29.06 -15.85
C GLN E 33 8.33 30.19 -15.91
N VAL E 34 7.66 30.45 -14.78
CA VAL E 34 6.69 31.55 -14.71
C VAL E 34 7.40 32.80 -14.19
N PRO E 35 6.98 33.98 -14.66
CA PRO E 35 7.64 35.23 -14.24
C PRO E 35 7.03 35.59 -12.88
N VAL E 36 7.61 36.57 -12.18
CA VAL E 36 7.08 37.03 -10.89
C VAL E 36 6.07 38.16 -11.11
N ASP E 37 5.20 38.29 -10.11
CA ASP E 37 4.17 39.29 -9.95
C ASP E 37 4.20 39.81 -8.49
N PHE E 38 4.58 41.11 -8.34
CA PHE E 38 4.75 41.83 -7.07
C PHE E 38 3.87 43.08 -7.08
N SER E 39 2.77 43.04 -7.84
CA SER E 39 2.04 44.25 -8.17
C SER E 39 1.30 44.80 -6.93
N GLN E 40 1.11 43.98 -5.88
CA GLN E 40 0.46 44.46 -4.63
C GLN E 40 1.48 45.08 -3.67
N PHE E 41 2.71 45.30 -4.12
CA PHE E 41 3.77 45.75 -3.24
C PHE E 41 4.57 46.82 -3.95
N PRO E 42 4.08 48.07 -3.90
CA PRO E 42 4.67 49.18 -4.67
C PRO E 42 6.19 49.33 -4.49
N ASN E 43 6.67 48.97 -3.29
CA ASN E 43 8.07 49.02 -2.89
C ASN E 43 8.94 48.14 -3.83
N LEU E 44 8.33 47.14 -4.47
CA LEU E 44 9.05 46.04 -5.15
C LEU E 44 8.78 46.06 -6.66
N LYS E 45 8.17 47.12 -7.22
CA LYS E 45 7.98 47.22 -8.68
C LYS E 45 9.30 46.91 -9.41
N ASP E 46 10.39 47.60 -9.04
CA ASP E 46 11.68 47.55 -9.80
C ASP E 46 12.39 46.20 -9.64
N ASN E 47 12.14 45.49 -8.54
CA ASN E 47 12.63 44.11 -8.43
C ASN E 47 11.90 43.20 -9.44
N GLN E 48 10.62 43.47 -9.68
CA GLN E 48 9.81 42.67 -10.56
C GLN E 48 10.31 42.83 -12.00
N THR E 49 10.75 44.04 -12.34
CA THR E 49 11.10 44.33 -13.70
C THR E 49 12.41 43.62 -14.01
N GLN E 50 13.26 43.50 -12.98
CA GLN E 50 14.57 42.94 -13.15
C GLN E 50 14.52 41.42 -13.03
N ILE E 51 13.70 40.89 -12.11
CA ILE E 51 13.56 39.44 -12.07
C ILE E 51 13.05 38.96 -13.45
N ASN E 52 11.96 39.56 -13.96
CA ASN E 52 11.29 39.09 -15.21
C ASN E 52 12.13 39.38 -16.48
N GLN E 53 12.94 40.44 -16.49
CA GLN E 53 13.91 40.67 -17.57
C GLN E 53 14.99 39.58 -17.56
N GLY E 54 15.59 39.35 -16.39
CA GLY E 54 16.54 38.23 -16.17
C GLY E 54 16.00 36.90 -16.67
N LEU E 55 14.74 36.61 -16.40
CA LEU E 55 14.02 35.41 -16.92
C LEU E 55 14.00 35.43 -18.45
N ASP E 56 13.58 36.54 -19.06
CA ASP E 56 13.58 36.71 -20.53
C ASP E 56 14.98 36.37 -21.07
N LEU E 57 16.01 36.86 -20.39
CA LEU E 57 17.34 36.57 -20.79
C LEU E 57 17.58 35.06 -20.77
N ALA E 58 17.26 34.42 -19.65
CA ALA E 58 17.52 32.98 -19.46
C ALA E 58 16.83 32.17 -20.56
N LYS E 59 15.59 32.56 -20.88
CA LYS E 59 14.78 31.81 -21.87
C LYS E 59 15.44 31.88 -23.24
N GLY E 60 16.16 32.98 -23.50
CA GLY E 60 16.80 33.21 -24.76
C GLY E 60 18.06 32.39 -24.90
N HIS E 61 18.76 32.25 -23.78
CA HIS E 61 19.89 31.37 -23.66
C HIS E 61 19.36 29.97 -23.96
N ALA E 62 18.18 29.65 -23.41
CA ALA E 62 17.59 28.29 -23.58
C ALA E 62 17.31 28.05 -25.07
N ASP E 63 16.67 29.05 -25.69
CA ASP E 63 16.22 29.03 -27.06
C ASP E 63 17.42 28.81 -28.00
N LEU E 64 18.46 29.62 -27.82
CA LEU E 64 19.68 29.54 -28.59
C LEU E 64 20.24 28.11 -28.52
N TYR E 65 20.33 27.56 -27.29
CA TYR E 65 20.81 26.19 -27.16
C TYR E 65 19.91 25.31 -28.03
N LEU E 66 18.58 25.38 -27.82
CA LEU E 66 17.61 24.45 -28.46
C LEU E 66 17.60 24.60 -29.99
N ASN E 67 17.80 25.82 -30.51
CA ASN E 67 17.52 26.04 -31.97
C ASN E 67 18.76 26.46 -32.73
N THR E 68 19.88 26.74 -32.07
CA THR E 68 21.19 26.82 -32.74
C THR E 68 22.11 25.62 -32.42
N ILE E 69 22.37 25.37 -31.14
CA ILE E 69 23.41 24.44 -30.74
C ILE E 69 22.98 22.98 -30.93
N GLN E 70 21.86 22.57 -30.32
CA GLN E 70 21.33 21.20 -30.49
C GLN E 70 21.44 20.76 -31.95
N PRO E 71 20.92 21.52 -32.95
CA PRO E 71 20.96 21.03 -34.34
C PRO E 71 22.39 20.71 -34.77
N GLN E 72 23.35 21.57 -34.38
CA GLN E 72 24.78 21.40 -34.75
C GLN E 72 25.34 20.14 -34.08
N ILE E 73 24.85 19.81 -32.89
CA ILE E 73 25.30 18.61 -32.23
C ILE E 73 24.84 17.42 -33.08
N ILE E 74 23.57 17.43 -33.52
CA ILE E 74 22.96 16.35 -34.36
C ILE E 74 23.71 16.27 -35.69
N THR E 75 24.05 17.44 -36.24
CA THR E 75 24.85 17.50 -37.44
C THR E 75 26.15 16.72 -37.22
N ASN E 76 26.81 16.98 -36.09
CA ASN E 76 28.10 16.32 -35.82
C ASN E 76 27.94 14.80 -35.77
N ILE E 77 26.83 14.28 -35.23
CA ILE E 77 26.44 12.84 -35.32
C ILE E 77 26.27 12.43 -36.81
N SER E 78 25.51 13.23 -37.58
CA SER E 78 25.37 12.89 -39.01
C SER E 78 26.75 12.86 -39.69
N ASN E 79 27.67 13.72 -39.23
CA ASN E 79 29.05 13.82 -39.78
C ASN E 79 29.88 12.58 -39.39
N ILE E 80 29.71 12.07 -38.17
CA ILE E 80 30.34 10.81 -37.77
C ILE E 80 29.81 9.64 -38.60
N SER E 81 28.50 9.62 -38.90
CA SER E 81 27.90 8.51 -39.63
C SER E 81 28.52 8.41 -41.02
N ASN E 82 28.76 9.57 -41.65
CA ASN E 82 29.25 9.65 -43.02
C ASN E 82 30.74 9.29 -43.08
N TYR E 83 31.51 9.82 -42.12
CA TYR E 83 32.92 9.59 -42.07
C TYR E 83 33.13 8.05 -42.05
N PHE E 84 32.43 7.36 -41.14
CA PHE E 84 32.49 5.90 -41.06
C PHE E 84 31.96 5.21 -42.34
N ALA E 85 30.93 5.74 -42.98
CA ALA E 85 30.52 5.28 -44.32
C ALA E 85 31.69 5.35 -45.32
N LEU E 86 32.33 6.53 -45.45
CA LEU E 86 33.55 6.70 -46.27
C LEU E 86 34.66 5.72 -45.84
N GLN E 87 34.97 5.69 -44.54
CA GLN E 87 36.01 4.74 -44.04
C GLN E 87 35.65 3.33 -44.51
N ASN E 88 34.42 2.90 -44.24
CA ASN E 88 33.96 1.55 -44.53
C ASN E 88 33.92 1.25 -46.03
N ALA E 89 33.91 2.29 -46.88
CA ALA E 89 33.78 2.09 -48.34
C ALA E 89 35.14 1.79 -49.00
N ILE E 90 36.21 2.28 -48.39
CA ILE E 90 37.52 2.29 -49.01
C ILE E 90 37.89 0.86 -49.40
N PRO E 91 37.75 -0.15 -48.52
CA PRO E 91 38.00 -1.54 -48.92
C PRO E 91 36.98 -2.13 -49.91
N ALA E 92 35.78 -1.58 -49.98
CA ALA E 92 34.81 -2.03 -50.95
C ALA E 92 35.18 -1.53 -52.35
N VAL E 93 35.89 -0.38 -52.43
CA VAL E 93 36.15 0.34 -53.70
C VAL E 93 37.51 -0.12 -54.29
N LEU E 94 38.44 -0.48 -53.41
CA LEU E 94 39.81 -0.90 -53.72
C LEU E 94 39.94 -2.40 -53.48
N PRO E 95 39.84 -3.26 -54.51
CA PRO E 95 39.93 -4.71 -54.31
C PRO E 95 41.36 -5.14 -54.01
N PRO E 96 41.60 -6.38 -53.53
CA PRO E 96 42.95 -6.96 -53.46
C PRO E 96 43.88 -6.63 -54.66
N GLY E 97 45.12 -6.23 -54.38
CA GLY E 97 46.06 -5.81 -55.43
C GLY E 97 45.70 -4.46 -56.02
N SER E 98 45.49 -3.46 -55.14
CA SER E 98 45.37 -2.06 -55.52
C SER E 98 46.67 -1.35 -55.08
N THR E 99 47.02 -0.27 -55.80
CA THR E 99 48.37 0.39 -55.73
C THR E 99 48.52 1.20 -54.42
N LYS E 100 49.76 1.32 -53.96
CA LYS E 100 50.14 2.21 -52.86
C LYS E 100 49.39 3.56 -53.00
N ALA E 101 49.32 4.12 -54.22
CA ALA E 101 48.95 5.54 -54.48
C ALA E 101 47.44 5.76 -54.54
N GLN E 102 46.73 4.71 -54.96
CA GLN E 102 45.27 4.51 -54.92
C GLN E 102 44.81 4.68 -53.47
N TRP E 103 45.33 3.84 -52.58
CA TRP E 103 45.16 3.97 -51.12
C TRP E 103 45.53 5.38 -50.63
N LEU E 104 46.75 5.82 -50.93
CA LEU E 104 47.22 7.07 -50.39
C LEU E 104 46.21 8.17 -50.74
N ARG E 105 45.64 8.16 -51.95
CA ARG E 105 44.76 9.25 -52.29
C ARG E 105 43.44 9.11 -51.48
N GLN E 106 42.87 7.90 -51.36
CA GLN E 106 41.59 7.65 -50.67
C GLN E 106 41.68 8.11 -49.22
N LEU E 107 42.79 7.81 -48.56
CA LEU E 107 42.98 8.20 -47.16
C LEU E 107 43.05 9.73 -47.07
N SER E 108 43.68 10.37 -48.07
CA SER E 108 43.82 11.84 -48.15
C SER E 108 42.45 12.51 -48.25
N VAL E 109 41.62 11.93 -49.13
CA VAL E 109 40.25 12.31 -49.33
C VAL E 109 39.47 12.18 -48.00
N ILE E 110 39.55 11.06 -47.28
CA ILE E 110 38.68 10.94 -46.15
C ILE E 110 39.23 11.82 -45.04
N LYS E 111 40.55 11.97 -45.02
CA LYS E 111 41.23 12.80 -44.02
C LYS E 111 40.76 14.25 -44.09
N GLU E 112 40.77 14.82 -45.30
CA GLU E 112 40.30 16.17 -45.48
C GLU E 112 38.82 16.31 -45.08
N GLN E 113 37.98 15.30 -45.37
CA GLN E 113 36.55 15.41 -45.04
C GLN E 113 36.40 15.46 -43.51
N ALA E 114 37.05 14.53 -42.82
CA ALA E 114 37.06 14.42 -41.35
C ALA E 114 37.62 15.72 -40.77
N THR E 115 38.60 16.29 -41.48
CA THR E 115 39.24 17.56 -41.10
C THR E 115 38.19 18.68 -41.17
N GLU E 116 37.28 18.62 -42.16
CA GLU E 116 36.20 19.59 -42.27
C GLU E 116 35.27 19.40 -41.07
N TYR E 117 34.98 18.13 -40.73
CA TYR E 117 34.04 17.86 -39.67
C TYR E 117 34.61 18.26 -38.30
N GLN E 118 35.94 18.14 -38.14
CA GLN E 118 36.68 18.75 -37.03
C GLN E 118 36.39 20.25 -36.91
N ARG E 119 36.52 20.99 -38.03
CA ARG E 119 36.35 22.43 -38.06
C ARG E 119 34.94 22.76 -37.54
N LEU E 120 33.93 21.98 -37.98
CA LEU E 120 32.51 22.20 -37.61
C LEU E 120 32.33 21.92 -36.12
N SER E 121 33.00 20.86 -35.64
CA SER E 121 32.94 20.47 -34.22
C SER E 121 33.49 21.62 -33.35
N SER E 122 34.64 22.22 -33.73
CA SER E 122 35.29 23.31 -32.92
C SER E 122 34.43 24.58 -32.93
N ASP E 123 33.97 24.97 -34.13
CA ASP E 123 32.98 26.05 -34.29
C ASP E 123 31.90 25.90 -33.23
N THR E 124 31.22 24.73 -33.25
CA THR E 124 30.16 24.45 -32.28
C THR E 124 30.67 24.63 -30.84
N ARG E 125 31.87 24.12 -30.56
CA ARG E 125 32.49 24.26 -29.21
C ARG E 125 32.56 25.77 -28.81
N LEU E 126 33.05 26.64 -29.71
CA LEU E 126 33.17 28.10 -29.41
C LEU E 126 31.80 28.75 -29.17
N VAL E 127 30.78 28.32 -29.91
CA VAL E 127 29.41 28.81 -29.65
C VAL E 127 29.01 28.48 -28.20
N ILE E 128 29.30 27.24 -27.77
CA ILE E 128 28.97 26.73 -26.42
C ILE E 128 29.80 27.42 -25.35
N VAL E 129 31.08 27.69 -25.64
CA VAL E 129 31.95 28.45 -24.69
C VAL E 129 31.42 29.90 -24.54
N ASN E 130 30.95 30.47 -25.65
CA ASN E 130 30.35 31.77 -25.58
C ASN E 130 29.06 31.71 -24.73
N LEU E 131 28.18 30.75 -25.03
CA LEU E 131 26.94 30.61 -24.30
C LEU E 131 27.22 30.44 -22.79
N ASN E 132 28.20 29.61 -22.42
CA ASN E 132 28.49 29.40 -21.02
C ASN E 132 28.91 30.74 -20.39
N ASN E 133 29.92 31.41 -20.97
CA ASN E 133 30.50 32.61 -20.33
C ASN E 133 29.38 33.67 -20.13
N ASN E 134 28.43 33.75 -21.07
CA ASN E 134 27.25 34.64 -20.98
C ASN E 134 26.38 34.26 -19.78
N LEU E 135 26.12 32.95 -19.63
CA LEU E 135 25.30 32.46 -18.55
C LEU E 135 25.99 32.68 -17.18
N ILE E 136 27.31 32.58 -17.15
CA ILE E 136 28.11 32.94 -15.96
C ILE E 136 27.80 34.36 -15.48
N THR E 137 27.82 35.35 -16.39
CA THR E 137 27.65 36.76 -16.00
C THR E 137 26.17 37.00 -15.64
N ASP E 138 25.25 36.50 -16.47
CA ASP E 138 23.77 36.76 -16.21
C ASP E 138 23.29 36.06 -14.92
N SER E 139 23.81 34.86 -14.65
CA SER E 139 23.48 34.09 -13.44
C SER E 139 23.91 34.85 -12.19
N SER E 140 25.09 35.48 -12.22
CA SER E 140 25.63 36.20 -11.03
C SER E 140 24.96 37.57 -10.88
N ASN E 141 24.71 38.23 -12.00
CA ASN E 141 23.91 39.45 -11.96
C ASN E 141 22.53 39.11 -11.44
N PHE E 142 21.96 37.98 -11.94
CA PHE E 142 20.64 37.62 -11.46
C PHE E 142 20.63 37.40 -9.93
N GLN E 143 21.70 36.86 -9.33
CA GLN E 143 21.71 36.62 -7.85
C GLN E 143 21.78 37.95 -7.10
N GLY E 144 22.38 38.97 -7.73
CA GLY E 144 22.29 40.35 -7.26
C GLY E 144 20.85 40.77 -7.00
N ILE E 145 19.99 40.48 -7.97
CA ILE E 145 18.64 40.95 -7.93
C ILE E 145 17.87 40.21 -6.82
N VAL E 146 18.30 39.02 -6.49
CA VAL E 146 17.63 38.20 -5.48
C VAL E 146 18.03 38.74 -4.09
N VAL E 147 19.32 38.96 -3.88
CA VAL E 147 19.81 39.57 -2.64
C VAL E 147 18.97 40.84 -2.37
N ASN E 148 19.00 41.74 -3.36
CA ASN E 148 18.23 42.98 -3.48
C ASN E 148 16.77 42.79 -3.05
N LEU E 149 16.09 41.82 -3.67
CA LEU E 149 14.72 41.52 -3.30
C LEU E 149 14.66 41.07 -1.83
N ASN E 150 15.43 40.04 -1.45
CA ASN E 150 15.41 39.53 -0.06
C ASN E 150 15.72 40.64 0.95
N SER E 151 16.62 41.55 0.60
CA SER E 151 17.02 42.59 1.52
C SER E 151 15.80 43.41 1.93
N LYS E 152 14.87 43.58 0.98
CA LYS E 152 13.68 44.43 1.15
C LYS E 152 12.46 43.64 1.66
N VAL E 153 12.47 42.32 1.47
CA VAL E 153 11.38 41.46 1.90
C VAL E 153 11.58 40.96 3.35
N GLN E 154 12.81 40.55 3.68
CA GLN E 154 13.07 39.97 5.00
C GLN E 154 13.68 41.04 5.91
N GLY E 155 14.03 40.59 7.12
CA GLY E 155 14.52 41.44 8.14
C GLY E 155 13.37 42.15 8.85
N ASP E 156 13.72 42.71 10.01
CA ASP E 156 12.81 43.22 11.05
C ASP E 156 12.02 44.43 10.53
N ASN E 157 12.47 45.10 9.46
CA ASN E 157 11.79 46.33 8.97
C ASN E 157 11.13 46.04 7.63
N GLY E 158 11.11 44.76 7.22
CA GLY E 158 10.85 44.37 5.85
C GLY E 158 9.37 44.23 5.56
N VAL E 159 9.05 44.00 4.27
CA VAL E 159 7.68 43.87 3.78
C VAL E 159 6.93 42.74 4.49
N LEU E 160 7.62 41.64 4.79
CA LEU E 160 7.06 40.50 5.48
C LEU E 160 6.85 40.81 6.98
N ALA E 161 7.76 41.60 7.53
CA ALA E 161 7.71 41.92 8.97
C ALA E 161 6.47 42.79 9.27
N GLN E 162 6.23 43.81 8.45
CA GLN E 162 5.08 44.71 8.63
C GLN E 162 3.77 43.95 8.42
N LEU E 163 3.79 42.96 7.52
CA LEU E 163 2.63 42.13 7.19
C LEU E 163 2.25 41.24 8.37
N ASN E 164 3.25 40.68 9.07
CA ASN E 164 2.98 39.82 10.23
C ASN E 164 2.50 40.63 11.45
N GLY E 165 3.07 41.83 11.64
CA GLY E 165 2.60 42.81 12.64
C GLY E 165 1.15 43.24 12.42
N ASP E 166 0.83 43.68 11.20
CA ASP E 166 -0.56 43.97 10.83
C ASP E 166 -1.45 42.75 11.12
N ILE E 167 -1.09 41.57 10.59
CA ILE E 167 -1.90 40.39 10.84
C ILE E 167 -2.15 40.26 12.36
N ASP E 168 -1.10 40.42 13.19
CA ASP E 168 -1.22 40.23 14.68
C ASP E 168 -2.13 41.29 15.31
N LYS E 169 -1.83 42.57 15.03
CA LYS E 169 -2.69 43.68 15.37
C LYS E 169 -4.15 43.33 15.06
N VAL E 170 -4.43 43.04 13.80
CA VAL E 170 -5.81 42.85 13.32
C VAL E 170 -6.44 41.64 14.02
N ASN E 171 -5.64 40.62 14.35
CA ASN E 171 -6.12 39.42 15.07
C ASN E 171 -6.30 39.71 16.55
N ALA E 172 -5.46 40.57 17.12
CA ALA E 172 -5.68 41.04 18.50
C ALA E 172 -6.95 41.92 18.63
N ALA E 173 -7.12 42.91 17.74
CA ALA E 173 -8.38 43.68 17.71
C ALA E 173 -9.59 42.74 17.75
N ILE E 174 -9.54 41.67 16.95
CA ILE E 174 -10.68 40.79 16.73
C ILE E 174 -10.98 39.99 17.99
N ASP E 175 -9.93 39.50 18.66
CA ASP E 175 -10.08 38.69 19.87
C ASP E 175 -10.62 39.55 21.01
N GLY E 176 -10.18 40.83 21.03
CA GLY E 176 -10.68 41.87 21.92
C GLY E 176 -12.17 42.11 21.74
N ALA E 177 -12.60 42.26 20.49
CA ALA E 177 -14.00 42.54 20.19
C ALA E 177 -14.85 41.41 20.77
N ILE E 178 -14.43 40.17 20.52
CA ILE E 178 -15.21 39.00 20.87
C ILE E 178 -15.23 38.90 22.40
N ALA E 179 -14.08 39.17 23.03
CA ALA E 179 -13.96 39.18 24.48
C ALA E 179 -14.93 40.22 25.04
N GLY E 180 -15.00 41.39 24.39
CA GLY E 180 -15.97 42.44 24.66
C GLY E 180 -17.39 41.90 24.67
N ILE E 181 -17.73 41.13 23.63
CA ILE E 181 -19.10 40.61 23.37
C ILE E 181 -19.49 39.61 24.48
N VAL E 182 -18.51 38.81 24.89
CA VAL E 182 -18.68 37.77 25.86
C VAL E 182 -18.87 38.42 27.23
N ALA E 183 -17.86 39.23 27.62
CA ALA E 183 -17.90 39.95 28.90
C ALA E 183 -19.18 40.79 28.97
N GLY E 184 -19.45 41.57 27.92
CA GLY E 184 -20.58 42.45 27.83
C GLY E 184 -21.89 41.72 27.97
N GLY E 185 -21.99 40.55 27.34
CA GLY E 185 -23.16 39.71 27.47
C GLY E 185 -23.45 39.38 28.93
N LEU E 186 -22.39 39.05 29.67
CA LEU E 186 -22.50 38.75 31.07
C LEU E 186 -22.92 39.98 31.87
N LEU E 187 -22.34 41.13 31.53
CA LEU E 187 -22.60 42.35 32.28
C LEU E 187 -24.07 42.76 32.14
N VAL E 188 -24.65 42.47 30.97
CA VAL E 188 -26.01 42.88 30.66
C VAL E 188 -26.95 42.01 31.49
N ILE E 189 -26.62 40.72 31.58
CA ILE E 189 -27.48 39.79 32.27
C ILE E 189 -27.34 40.03 33.77
N GLY E 190 -26.11 40.17 34.26
CA GLY E 190 -25.81 40.44 35.69
C GLY E 190 -26.48 41.71 36.17
N GLY E 191 -26.29 42.80 35.41
CA GLY E 191 -26.86 44.12 35.65
C GLY E 191 -28.39 44.14 35.70
N ALA E 192 -29.04 43.37 34.81
CA ALA E 192 -30.50 43.17 34.85
C ALA E 192 -30.89 42.51 36.18
N PHE E 193 -30.07 41.57 36.66
CA PHE E 193 -30.31 40.90 37.93
C PHE E 193 -30.07 41.87 39.08
N VAL E 194 -28.96 42.62 39.04
CA VAL E 194 -28.67 43.60 40.07
C VAL E 194 -29.68 44.74 40.01
N THR E 195 -30.02 45.22 38.80
CA THR E 195 -30.99 46.32 38.67
C THR E 195 -32.23 45.94 39.48
N ALA E 196 -32.84 44.80 39.15
CA ALA E 196 -34.14 44.34 39.70
C ALA E 196 -34.08 44.09 41.21
N ILE E 197 -33.03 43.40 41.68
CA ILE E 197 -32.77 43.24 43.13
C ILE E 197 -32.45 44.64 43.73
N GLY E 198 -32.82 45.73 43.06
CA GLY E 198 -32.77 47.09 43.62
C GLY E 198 -34.14 47.60 44.03
N ALA E 199 -34.92 48.05 43.04
CA ALA E 199 -36.28 48.60 43.28
C ALA E 199 -37.21 47.49 43.77
N SER E 209 -30.11 51.79 49.08
CA SER E 209 -30.21 50.86 47.94
C SER E 209 -30.08 51.56 46.57
N THR E 210 -30.53 52.81 46.41
CA THR E 210 -30.53 53.52 45.08
C THR E 210 -29.18 53.36 44.38
N PRO E 211 -28.04 53.48 45.11
CA PRO E 211 -26.77 52.89 44.70
C PRO E 211 -26.72 51.54 43.94
N VAL E 212 -27.45 50.50 44.37
CA VAL E 212 -27.34 49.17 43.68
C VAL E 212 -27.91 49.27 42.25
N VAL E 213 -28.91 50.13 42.05
CA VAL E 213 -29.61 50.28 40.78
C VAL E 213 -28.72 51.03 39.77
N ILE E 214 -28.16 52.16 40.18
CA ILE E 214 -27.20 52.89 39.34
C ILE E 214 -26.12 51.90 38.89
N GLY E 215 -25.56 51.11 39.83
CA GLY E 215 -24.60 50.05 39.47
C GLY E 215 -25.17 49.04 38.47
N GLY E 216 -26.29 48.38 38.81
CA GLY E 216 -26.97 47.44 37.92
C GLY E 216 -27.10 47.97 36.49
N VAL E 217 -27.53 49.22 36.35
CA VAL E 217 -27.72 49.83 35.04
C VAL E 217 -26.35 50.16 34.40
N ALA E 218 -25.39 50.51 35.25
CA ALA E 218 -24.08 50.85 34.76
C ALA E 218 -23.56 49.61 34.03
N MET E 219 -23.70 48.46 34.70
CA MET E 219 -23.31 47.18 34.17
C MET E 219 -23.99 46.95 32.80
N MET E 220 -25.30 47.17 32.73
CA MET E 220 -26.05 46.96 31.52
C MET E 220 -25.53 47.86 30.37
N VAL E 221 -25.31 49.16 30.59
CA VAL E 221 -24.92 50.02 29.46
C VAL E 221 -23.48 49.71 29.03
N ALA E 222 -22.65 49.25 29.97
CA ALA E 222 -21.28 48.74 29.68
C ALA E 222 -21.37 47.43 28.89
N GLY E 223 -22.18 46.51 29.41
CA GLY E 223 -22.47 45.28 28.72
C GLY E 223 -22.76 45.57 27.26
N ALA E 224 -23.74 46.44 27.02
CA ALA E 224 -24.28 46.75 25.68
C ALA E 224 -23.20 47.44 24.83
N GLY E 225 -22.51 48.42 25.44
CA GLY E 225 -21.40 49.07 24.82
C GLY E 225 -20.44 48.07 24.19
N GLY E 226 -20.08 47.05 24.98
CA GLY E 226 -19.03 46.08 24.62
C GLY E 226 -19.44 45.21 23.46
N ILE E 227 -20.68 44.72 23.52
CA ILE E 227 -21.41 44.00 22.42
C ILE E 227 -21.46 44.89 21.17
N THR E 228 -22.05 46.09 21.30
CA THR E 228 -22.09 47.10 20.25
C THR E 228 -20.71 47.24 19.60
N ALA E 229 -19.76 47.73 20.40
CA ALA E 229 -18.44 48.08 19.91
C ALA E 229 -17.74 46.84 19.31
N GLY E 230 -18.04 45.66 19.87
CA GLY E 230 -17.52 44.36 19.44
C GLY E 230 -18.12 43.85 18.15
N ALA E 231 -19.38 44.18 17.86
CA ALA E 231 -19.99 43.87 16.56
C ALA E 231 -19.45 44.82 15.48
N ILE E 232 -19.28 46.11 15.82
CA ILE E 232 -18.69 47.12 14.92
C ILE E 232 -17.31 46.67 14.43
N VAL E 233 -16.52 46.12 15.35
CA VAL E 233 -15.12 45.80 15.14
C VAL E 233 -14.98 44.45 14.42
N LEU E 234 -15.76 43.43 14.81
CA LEU E 234 -15.76 42.13 14.10
C LEU E 234 -16.04 42.38 12.61
N HIS E 235 -17.28 42.75 12.26
CA HIS E 235 -17.72 42.83 10.86
C HIS E 235 -16.72 43.63 10.01
N ASN E 236 -16.09 44.65 10.63
CA ASN E 236 -15.23 45.61 9.91
C ASN E 236 -13.74 45.28 9.97
N SER E 237 -13.36 44.25 10.71
CA SER E 237 -11.96 43.87 10.75
C SER E 237 -11.70 42.67 9.85
N LEU E 238 -12.75 41.88 9.54
CA LEU E 238 -12.57 40.52 8.95
C LEU E 238 -12.18 40.62 7.47
N GLY E 239 -12.61 41.68 6.78
CA GLY E 239 -12.20 41.90 5.39
C GLY E 239 -10.71 42.23 5.31
N ALA E 240 -10.25 42.97 6.30
CA ALA E 240 -8.87 43.42 6.40
C ALA E 240 -7.96 42.20 6.57
N ARG E 241 -8.48 41.22 7.31
CA ARG E 241 -7.74 40.06 7.71
C ARG E 241 -7.52 39.14 6.53
N GLN E 242 -8.60 38.92 5.76
CA GLN E 242 -8.54 38.17 4.52
C GLN E 242 -7.48 38.81 3.60
N ASP E 243 -7.48 40.13 3.48
CA ASP E 243 -6.60 40.87 2.53
C ASP E 243 -5.15 40.75 3.00
N LEU E 244 -4.93 40.66 4.31
CA LEU E 244 -3.58 40.55 4.86
C LEU E 244 -3.05 39.12 4.64
N TYR E 245 -3.85 38.10 4.95
CA TYR E 245 -3.37 36.75 4.75
C TYR E 245 -3.14 36.51 3.25
N GLN E 246 -3.93 37.15 2.37
CA GLN E 246 -3.72 36.99 0.91
C GLN E 246 -2.38 37.62 0.51
N LYS E 247 -2.22 38.89 0.89
CA LYS E 247 -1.03 39.65 0.53
C LYS E 247 0.23 38.86 0.95
N ARG E 248 0.15 38.14 2.07
CA ARG E 248 1.30 37.44 2.64
C ARG E 248 1.65 36.18 1.82
N SER E 249 0.62 35.33 1.57
CA SER E 249 0.72 34.04 0.90
C SER E 249 1.27 34.24 -0.51
N SER E 250 0.69 35.22 -1.21
CA SER E 250 1.16 35.78 -2.46
C SER E 250 2.66 36.13 -2.43
N LEU E 251 3.09 36.93 -1.45
CA LEU E 251 4.50 37.33 -1.31
C LEU E 251 5.41 36.13 -1.05
N ASN E 252 5.01 35.19 -0.18
CA ASN E 252 5.77 33.97 -0.02
C ASN E 252 6.08 33.36 -1.40
N SER E 253 5.01 33.00 -2.10
CA SER E 253 5.06 32.24 -3.34
C SER E 253 5.94 32.94 -4.36
N GLU E 254 5.75 34.25 -4.49
CA GLU E 254 6.42 35.08 -5.50
C GLU E 254 7.92 35.27 -5.19
N VAL E 255 8.29 35.21 -3.90
CA VAL E 255 9.71 35.31 -3.48
C VAL E 255 10.44 33.98 -3.76
N LEU E 256 9.74 32.87 -3.51
CA LEU E 256 10.15 31.52 -3.96
C LEU E 256 10.30 31.45 -5.48
N ILE E 257 9.37 32.03 -6.23
CA ILE E 257 9.55 31.99 -7.65
C ILE E 257 10.82 32.75 -8.04
N ALA E 258 11.05 33.89 -7.40
CA ALA E 258 12.23 34.66 -7.71
C ALA E 258 13.50 33.83 -7.45
N THR E 259 13.49 33.04 -6.36
CA THR E 259 14.62 32.18 -6.00
C THR E 259 14.70 30.99 -6.97
N GLN E 260 13.55 30.46 -7.41
CA GLN E 260 13.48 29.31 -8.35
C GLN E 260 14.14 29.70 -9.69
N ILE E 261 13.95 30.95 -10.09
CA ILE E 261 14.55 31.49 -11.30
C ILE E 261 16.08 31.52 -11.12
N GLY E 262 16.52 32.00 -9.97
CA GLY E 262 17.91 32.11 -9.69
C GLY E 262 18.55 30.73 -9.75
N ASN E 263 17.88 29.76 -9.13
CA ASN E 263 18.34 28.35 -9.06
C ASN E 263 18.43 27.75 -10.47
N GLY E 264 17.48 28.12 -11.35
CA GLY E 264 17.42 27.65 -12.72
C GLY E 264 18.55 28.23 -13.55
N TYR E 265 19.01 29.41 -13.18
CA TYR E 265 20.13 30.08 -13.83
C TYR E 265 21.45 29.34 -13.50
N LYS E 266 21.60 28.97 -12.23
CA LYS E 266 22.78 28.27 -11.76
C LYS E 266 22.78 26.87 -12.38
N GLY E 267 21.60 26.21 -12.37
CA GLY E 267 21.42 24.92 -13.02
C GLY E 267 21.80 24.97 -14.50
N LEU E 268 21.34 26.02 -15.19
CA LEU E 268 21.60 26.19 -16.62
C LEU E 268 23.06 26.57 -16.91
N GLN E 269 23.77 27.41 -16.13
CA GLN E 269 25.23 27.61 -16.41
C GLN E 269 25.98 26.27 -16.26
N VAL E 270 25.66 25.48 -15.22
CA VAL E 270 26.23 24.14 -14.97
C VAL E 270 26.00 23.26 -16.20
N GLN E 271 24.81 23.35 -16.75
CA GLN E 271 24.37 22.47 -17.86
C GLN E 271 25.19 22.89 -19.11
N ALA E 272 25.49 24.20 -19.20
CA ALA E 272 26.36 24.76 -20.23
C ALA E 272 27.84 24.40 -20.02
N GLN E 273 28.32 24.42 -18.78
CA GLN E 273 29.72 24.02 -18.51
C GLN E 273 29.95 22.59 -19.01
N ASN E 274 29.05 21.68 -18.63
CA ASN E 274 29.05 20.27 -19.09
C ASN E 274 29.08 20.20 -20.63
N ALA E 275 28.34 21.07 -21.30
CA ALA E 275 28.34 21.10 -22.75
C ALA E 275 29.74 21.41 -23.28
N VAL E 276 30.41 22.37 -22.61
CA VAL E 276 31.78 22.81 -22.93
C VAL E 276 32.71 21.62 -22.79
N THR E 277 32.55 20.91 -21.68
CA THR E 277 33.43 19.79 -21.41
C THR E 277 33.25 18.71 -22.48
N ALA E 278 31.99 18.42 -22.84
CA ALA E 278 31.72 17.36 -23.79
C ALA E 278 32.15 17.75 -25.22
N ALA E 279 32.08 19.05 -25.54
CA ALA E 279 32.38 19.54 -26.91
C ALA E 279 33.90 19.49 -27.16
N THR E 280 34.65 19.96 -26.17
CA THR E 280 36.09 19.80 -26.06
C THR E 280 36.48 18.33 -26.32
N GLN E 281 35.81 17.39 -25.62
CA GLN E 281 36.17 15.93 -25.68
C GLN E 281 35.95 15.43 -27.11
N MET E 282 34.89 15.94 -27.75
CA MET E 282 34.51 15.60 -29.13
C MET E 282 35.49 16.25 -30.11
N SER E 283 35.68 17.57 -30.00
CA SER E 283 36.67 18.29 -30.81
C SER E 283 37.99 17.52 -30.77
N ASN E 284 38.42 17.11 -29.57
CA ASN E 284 39.68 16.31 -29.43
C ASN E 284 39.61 14.95 -30.15
N ALA E 285 38.43 14.33 -30.19
CA ALA E 285 38.30 13.01 -30.78
C ALA E 285 38.56 13.14 -32.29
N TRP E 286 37.92 14.14 -32.89
CA TRP E 286 38.16 14.48 -34.30
C TRP E 286 39.65 14.77 -34.49
N ASP E 287 40.26 15.54 -33.59
CA ASP E 287 41.70 15.77 -33.72
C ASP E 287 42.46 14.43 -33.74
N SER E 288 42.04 13.47 -32.91
CA SER E 288 42.72 12.15 -32.83
C SER E 288 42.62 11.42 -34.18
N LEU E 289 41.45 11.56 -34.81
CA LEU E 289 41.11 10.85 -36.04
C LEU E 289 41.98 11.36 -37.18
N THR E 290 41.98 12.69 -37.39
CA THR E 290 42.79 13.29 -38.45
C THR E 290 44.27 13.04 -38.18
N SER E 291 44.72 13.25 -36.93
CA SER E 291 46.12 12.95 -36.58
C SER E 291 46.46 11.50 -36.98
N ASP E 292 45.59 10.53 -36.66
CA ASP E 292 45.88 9.07 -36.83
C ASP E 292 45.90 8.72 -38.34
N LEU E 293 44.86 9.17 -39.04
CA LEU E 293 44.83 9.23 -40.51
C LEU E 293 46.14 9.77 -41.07
N GLY E 294 46.60 10.96 -40.64
CA GLY E 294 47.89 11.52 -41.13
C GLY E 294 49.05 10.51 -40.99
N SER E 295 49.29 9.99 -39.78
CA SER E 295 50.28 8.94 -39.48
C SER E 295 50.15 7.80 -40.47
N LEU E 296 48.90 7.36 -40.69
CA LEU E 296 48.69 6.18 -41.49
C LEU E 296 49.20 6.47 -42.89
N ILE E 297 48.94 7.69 -43.35
CA ILE E 297 49.31 8.10 -44.68
C ILE E 297 50.83 8.12 -44.78
N THR E 298 51.47 8.75 -43.80
CA THR E 298 52.91 8.80 -43.63
C THR E 298 53.54 7.40 -43.65
N ASP E 299 53.12 6.50 -42.73
CA ASP E 299 53.65 5.11 -42.66
C ASP E 299 53.66 4.47 -44.06
N LEU E 300 52.48 4.40 -44.67
CA LEU E 300 52.25 3.86 -46.00
C LEU E 300 53.20 4.52 -47.02
N ASP E 301 53.37 5.85 -46.94
CA ASP E 301 54.09 6.62 -47.97
C ASP E 301 55.56 6.18 -48.03
N LYS E 302 56.21 6.11 -46.86
CA LYS E 302 57.61 5.75 -46.76
C LYS E 302 57.73 4.23 -46.46
N GLY E 303 56.79 3.44 -46.99
CA GLY E 303 56.89 1.98 -47.09
C GLY E 303 56.94 1.23 -45.76
N ILE E 304 56.21 1.68 -44.74
CA ILE E 304 56.23 0.99 -43.44
C ILE E 304 55.05 -0.01 -43.34
N THR E 305 53.96 0.23 -44.08
CA THR E 305 52.80 -0.71 -44.22
C THR E 305 52.50 -0.83 -45.72
N SER E 306 51.76 -1.85 -46.15
CA SER E 306 51.42 -2.01 -47.60
C SER E 306 49.92 -1.79 -47.84
N GLY E 307 49.54 -1.75 -49.13
CA GLY E 307 48.14 -1.64 -49.54
C GLY E 307 47.29 -2.75 -48.94
N ASP E 308 47.73 -4.00 -49.17
CA ASP E 308 46.98 -5.20 -48.80
C ASP E 308 46.93 -5.38 -47.27
N ASP E 309 47.80 -4.68 -46.53
CA ASP E 309 47.91 -4.79 -45.04
C ASP E 309 46.85 -3.88 -44.34
N ILE E 310 46.72 -2.62 -44.78
CA ILE E 310 45.68 -1.72 -44.28
C ILE E 310 44.32 -2.40 -44.47
N ARG E 311 44.17 -3.01 -45.64
CA ARG E 311 42.89 -3.51 -46.11
C ARG E 311 42.31 -4.50 -45.09
N GLN E 312 43.19 -5.28 -44.45
CA GLN E 312 42.78 -6.29 -43.45
C GLN E 312 42.42 -5.62 -42.11
N LEU E 313 43.23 -4.65 -41.68
CA LEU E 313 42.90 -3.88 -40.48
C LEU E 313 41.52 -3.23 -40.63
N TRP E 314 41.21 -2.68 -41.81
CA TRP E 314 39.92 -1.99 -42.04
C TRP E 314 38.77 -2.99 -42.10
N LEU E 315 39.01 -4.21 -42.60
CA LEU E 315 37.95 -5.19 -42.61
C LEU E 315 37.72 -5.67 -41.16
N THR E 316 38.78 -5.71 -40.36
CA THR E 316 38.61 -6.03 -38.94
C THR E 316 37.83 -4.89 -38.25
N ALA E 317 38.36 -3.66 -38.34
CA ALA E 317 37.73 -2.46 -37.76
C ALA E 317 36.20 -2.50 -37.97
N ALA E 318 35.80 -2.45 -39.25
CA ALA E 318 34.40 -2.36 -39.71
C ALA E 318 33.46 -3.37 -39.02
N ASP E 319 33.94 -4.61 -38.81
CA ASP E 319 33.08 -5.72 -38.34
C ASP E 319 32.94 -5.73 -36.81
N THR E 320 33.80 -4.97 -36.13
CA THR E 320 33.89 -5.00 -34.69
C THR E 320 33.65 -3.59 -34.15
N THR E 321 34.72 -2.82 -34.23
CA THR E 321 34.92 -1.60 -33.53
C THR E 321 34.07 -0.49 -34.21
N VAL E 322 33.84 -0.60 -35.53
CA VAL E 322 33.05 0.41 -36.25
C VAL E 322 31.54 0.14 -36.06
N LYS E 323 31.16 -1.15 -36.04
CA LYS E 323 29.78 -1.54 -35.69
C LYS E 323 29.40 -0.95 -34.31
N THR E 324 30.38 -0.81 -33.40
CA THR E 324 30.18 -0.13 -32.09
C THR E 324 29.78 1.36 -32.29
N VAL E 325 30.44 2.07 -33.20
CA VAL E 325 30.18 3.47 -33.43
C VAL E 325 28.78 3.60 -34.06
N LEU E 326 28.54 2.83 -35.13
CA LEU E 326 27.30 2.85 -35.92
C LEU E 326 26.08 2.34 -35.13
N THR E 327 26.29 1.41 -34.21
CA THR E 327 25.25 0.99 -33.30
C THR E 327 24.93 2.11 -32.32
N ASP E 328 25.99 2.75 -31.80
CA ASP E 328 25.86 3.78 -30.78
C ASP E 328 25.14 5.01 -31.37
N VAL E 329 25.30 5.25 -32.69
CA VAL E 329 24.56 6.28 -33.47
C VAL E 329 23.04 6.01 -33.47
N THR E 330 22.63 4.84 -33.99
CA THR E 330 21.24 4.38 -34.05
C THR E 330 20.63 4.51 -32.64
N THR E 331 21.36 4.04 -31.61
CA THR E 331 20.91 4.16 -30.19
C THR E 331 20.65 5.64 -29.80
N ILE E 332 21.67 6.49 -29.90
CA ILE E 332 21.59 7.90 -29.64
C ILE E 332 20.40 8.51 -30.39
N LYS E 333 20.31 8.26 -31.70
CA LYS E 333 19.22 8.83 -32.58
C LYS E 333 17.82 8.43 -32.05
N ALA E 334 17.69 7.18 -31.59
CA ALA E 334 16.47 6.61 -31.00
C ALA E 334 16.10 7.29 -29.68
N GLN E 335 17.08 7.44 -28.79
CA GLN E 335 16.84 8.13 -27.52
C GLN E 335 16.41 9.56 -27.83
N MET E 336 17.16 10.26 -28.70
CA MET E 336 16.88 11.64 -29.08
C MET E 336 15.49 11.77 -29.71
N ALA E 337 14.99 10.70 -30.34
CA ALA E 337 13.67 10.70 -31.06
C ALA E 337 12.57 10.14 -30.19
N GLY E 338 12.97 9.47 -29.10
CA GLY E 338 12.04 8.73 -28.23
C GLY E 338 11.44 7.51 -28.91
N VAL E 339 12.27 6.73 -29.60
CA VAL E 339 11.92 5.49 -30.29
C VAL E 339 12.92 4.37 -29.88
N ALA F 17 -13.92 -9.11 -21.58
CA ALA F 17 -15.42 -9.12 -21.47
C ALA F 17 -16.09 -8.27 -22.56
N SER F 18 -16.96 -8.89 -23.36
CA SER F 18 -17.68 -8.24 -24.49
C SER F 18 -18.74 -7.22 -24.04
N GLN F 19 -19.29 -6.49 -25.02
CA GLN F 19 -20.26 -5.42 -24.75
C GLN F 19 -21.55 -6.06 -24.17
N ALA F 20 -21.95 -7.22 -24.71
CA ALA F 20 -23.12 -7.98 -24.23
C ALA F 20 -22.88 -8.57 -22.84
N MET F 21 -21.63 -8.88 -22.51
CA MET F 21 -21.39 -9.46 -21.19
C MET F 21 -21.47 -8.35 -20.13
N GLN F 22 -20.96 -7.17 -20.46
CA GLN F 22 -21.15 -5.93 -19.66
C GLN F 22 -22.63 -5.74 -19.26
N ILE F 23 -23.53 -5.80 -20.24
CA ILE F 23 -24.94 -5.48 -20.01
C ILE F 23 -25.61 -6.62 -19.20
N GLN F 24 -25.37 -7.86 -19.59
CA GLN F 24 -25.72 -9.09 -18.83
C GLN F 24 -25.30 -8.97 -17.35
N THR F 25 -24.06 -8.52 -17.12
CA THR F 25 -23.50 -8.40 -15.76
C THR F 25 -24.40 -7.48 -14.92
N TYR F 26 -24.73 -6.30 -15.48
CA TYR F 26 -25.65 -5.36 -14.87
C TYR F 26 -27.03 -6.00 -14.63
N CYS F 27 -27.58 -6.63 -15.65
CA CYS F 27 -28.87 -7.35 -15.60
C CYS F 27 -28.91 -8.40 -14.47
N ASN F 28 -27.82 -9.14 -14.25
CA ASN F 28 -27.87 -10.28 -13.33
C ASN F 28 -27.67 -9.75 -11.92
N SER F 29 -26.89 -8.69 -11.82
CA SER F 29 -26.73 -7.99 -10.57
C SER F 29 -28.05 -7.31 -10.15
N VAL F 30 -28.66 -6.49 -11.02
CA VAL F 30 -29.90 -5.71 -10.64
C VAL F 30 -31.06 -6.65 -10.27
N LYS F 31 -31.22 -7.75 -11.03
CA LYS F 31 -32.33 -8.69 -10.88
C LYS F 31 -32.30 -9.31 -9.47
N GLN F 32 -31.11 -9.38 -8.85
CA GLN F 32 -30.93 -10.09 -7.57
C GLN F 32 -31.06 -9.15 -6.36
N GLN F 33 -31.26 -7.85 -6.58
CA GLN F 33 -31.39 -6.95 -5.48
C GLN F 33 -32.73 -7.20 -4.79
N VAL F 34 -32.87 -6.66 -3.57
CA VAL F 34 -34.06 -6.86 -2.78
C VAL F 34 -34.68 -5.50 -2.44
N PRO F 35 -36.00 -5.30 -2.65
CA PRO F 35 -36.68 -4.12 -2.12
C PRO F 35 -36.30 -3.90 -0.65
N VAL F 36 -35.82 -2.68 -0.34
CA VAL F 36 -35.50 -2.23 1.03
C VAL F 36 -36.77 -1.95 1.82
N ASP F 37 -36.75 -2.31 3.13
CA ASP F 37 -37.80 -1.93 4.08
C ASP F 37 -37.21 -0.99 5.13
N PHE F 38 -37.60 0.29 5.08
CA PHE F 38 -37.08 1.33 5.99
C PHE F 38 -38.16 1.77 7.01
N SER F 39 -39.11 0.87 7.29
CA SER F 39 -40.31 1.14 8.06
C SER F 39 -39.92 1.53 9.50
N GLN F 40 -38.80 1.00 9.97
CA GLN F 40 -38.23 1.39 11.27
C GLN F 40 -37.45 2.72 11.21
N PHE F 41 -37.63 3.52 10.16
CA PHE F 41 -36.81 4.72 9.98
C PHE F 41 -37.63 5.80 9.26
N PRO F 42 -38.54 6.51 9.96
CA PRO F 42 -39.47 7.38 9.25
C PRO F 42 -38.71 8.42 8.39
N ASN F 43 -37.55 8.86 8.87
CA ASN F 43 -36.70 9.79 8.12
C ASN F 43 -36.44 9.27 6.68
N LEU F 44 -36.57 7.95 6.44
CA LEU F 44 -36.19 7.33 5.11
C LEU F 44 -37.41 6.81 4.33
N LYS F 45 -38.64 7.15 4.76
CA LYS F 45 -39.90 6.75 4.06
C LYS F 45 -39.79 6.99 2.55
N ASP F 46 -39.39 8.22 2.20
CA ASP F 46 -39.25 8.70 0.82
C ASP F 46 -38.11 7.99 0.07
N ASN F 47 -36.99 7.72 0.74
CA ASN F 47 -35.87 7.06 0.09
C ASN F 47 -36.31 5.65 -0.28
N GLN F 48 -37.23 5.10 0.49
CA GLN F 48 -37.75 3.77 0.27
C GLN F 48 -38.60 3.71 -1.00
N THR F 49 -39.51 4.67 -1.12
CA THR F 49 -40.41 4.68 -2.24
C THR F 49 -39.54 4.76 -3.52
N GLN F 50 -38.59 5.70 -3.55
CA GLN F 50 -37.74 6.03 -4.74
C GLN F 50 -36.92 4.79 -5.16
N ILE F 51 -36.33 4.09 -4.18
CA ILE F 51 -35.49 2.94 -4.40
C ILE F 51 -36.36 1.84 -5.05
N ASN F 52 -37.39 1.40 -4.33
CA ASN F 52 -38.23 0.30 -4.77
C ASN F 52 -38.89 0.59 -6.14
N GLN F 53 -39.27 1.85 -6.39
CA GLN F 53 -39.71 2.25 -7.74
C GLN F 53 -38.59 2.15 -8.78
N GLY F 54 -37.41 2.71 -8.46
CA GLY F 54 -36.25 2.64 -9.37
C GLY F 54 -35.91 1.20 -9.77
N LEU F 55 -35.82 0.35 -8.75
CA LEU F 55 -35.45 -1.06 -8.86
C LEU F 55 -36.48 -1.82 -9.71
N ASP F 56 -37.78 -1.66 -9.42
CA ASP F 56 -38.83 -2.39 -10.15
C ASP F 56 -38.67 -2.12 -11.64
N LEU F 57 -38.53 -0.82 -11.97
CA LEU F 57 -38.30 -0.35 -13.37
C LEU F 57 -37.06 -1.02 -13.98
N ALA F 58 -35.91 -0.92 -13.29
CA ALA F 58 -34.63 -1.54 -13.73
C ALA F 58 -34.79 -3.05 -13.92
N LYS F 59 -35.59 -3.70 -13.05
CA LYS F 59 -35.82 -5.15 -13.16
C LYS F 59 -36.54 -5.47 -14.50
N GLY F 60 -37.59 -4.72 -14.83
CA GLY F 60 -38.24 -4.85 -16.12
C GLY F 60 -37.25 -4.64 -17.27
N HIS F 61 -36.47 -3.55 -17.21
CA HIS F 61 -35.52 -3.22 -18.27
C HIS F 61 -34.54 -4.39 -18.43
N ALA F 62 -34.06 -4.93 -17.31
CA ALA F 62 -33.11 -6.03 -17.31
C ALA F 62 -33.74 -7.27 -17.96
N ASP F 63 -35.01 -7.56 -17.64
CA ASP F 63 -35.68 -8.78 -18.19
C ASP F 63 -35.78 -8.67 -19.73
N LEU F 64 -36.18 -7.48 -20.18
CA LEU F 64 -36.43 -7.22 -21.57
C LEU F 64 -35.10 -7.37 -22.34
N TYR F 65 -33.98 -6.89 -21.80
CA TYR F 65 -32.67 -7.12 -22.48
C TYR F 65 -32.40 -8.63 -22.67
N LEU F 66 -32.65 -9.44 -21.64
CA LEU F 66 -32.32 -10.85 -21.65
C LEU F 66 -33.33 -11.63 -22.49
N ASN F 67 -34.63 -11.29 -22.37
CA ASN F 67 -35.73 -12.03 -23.03
C ASN F 67 -35.83 -11.71 -24.54
N THR F 68 -35.43 -10.50 -24.97
CA THR F 68 -35.96 -9.87 -26.22
C THR F 68 -34.83 -9.26 -27.06
N ILE F 69 -34.23 -8.21 -26.51
CA ILE F 69 -33.34 -7.33 -27.22
C ILE F 69 -32.05 -8.07 -27.61
N GLN F 70 -31.41 -8.72 -26.63
CA GLN F 70 -30.15 -9.44 -26.88
C GLN F 70 -30.43 -10.51 -27.94
N PRO F 71 -31.43 -11.42 -27.74
CA PRO F 71 -31.88 -12.34 -28.77
C PRO F 71 -32.09 -11.72 -30.15
N GLN F 72 -32.75 -10.54 -30.22
CA GLN F 72 -33.06 -9.88 -31.53
C GLN F 72 -31.78 -9.41 -32.22
N ILE F 73 -30.91 -8.70 -31.49
CA ILE F 73 -29.59 -8.26 -32.04
C ILE F 73 -28.81 -9.46 -32.60
N ILE F 74 -28.62 -10.47 -31.74
CA ILE F 74 -27.89 -11.68 -32.13
C ILE F 74 -28.55 -12.32 -33.37
N THR F 75 -29.88 -12.45 -33.36
CA THR F 75 -30.59 -13.04 -34.50
C THR F 75 -30.31 -12.22 -35.76
N ASN F 76 -30.51 -10.90 -35.65
CA ASN F 76 -30.38 -10.00 -36.74
C ASN F 76 -28.98 -10.09 -37.35
N ILE F 77 -27.92 -10.16 -36.53
CA ILE F 77 -26.56 -10.20 -37.08
C ILE F 77 -26.34 -11.57 -37.73
N SER F 78 -26.98 -12.61 -37.19
CA SER F 78 -26.88 -13.98 -37.72
C SER F 78 -27.37 -14.04 -39.17
N ASN F 79 -28.55 -13.46 -39.44
CA ASN F 79 -29.12 -13.43 -40.77
C ASN F 79 -28.10 -12.73 -41.68
N ILE F 80 -27.76 -11.50 -41.32
CA ILE F 80 -26.87 -10.67 -42.15
C ILE F 80 -25.56 -11.40 -42.43
N SER F 81 -25.04 -12.05 -41.39
CA SER F 81 -23.75 -12.73 -41.46
C SER F 81 -23.83 -13.96 -42.38
N ASN F 82 -24.96 -14.67 -42.39
CA ASN F 82 -25.06 -15.90 -43.18
C ASN F 82 -24.96 -15.54 -44.65
N TYR F 83 -25.70 -14.48 -45.02
CA TYR F 83 -25.84 -14.03 -46.40
C TYR F 83 -24.49 -13.56 -47.00
N PHE F 84 -23.81 -12.61 -46.34
CA PHE F 84 -22.57 -12.03 -46.82
C PHE F 84 -21.42 -13.04 -46.68
N ALA F 85 -21.54 -14.04 -45.81
CA ALA F 85 -20.53 -15.13 -45.72
C ALA F 85 -20.49 -15.95 -47.02
N LEU F 86 -21.63 -16.05 -47.71
CA LEU F 86 -21.77 -16.69 -49.05
C LEU F 86 -21.36 -15.65 -50.09
N GLN F 87 -22.18 -14.58 -50.23
CA GLN F 87 -21.94 -13.42 -51.13
C GLN F 87 -20.82 -12.49 -50.58
N ASN F 88 -19.59 -13.01 -50.54
CA ASN F 88 -18.41 -12.36 -49.94
C ASN F 88 -17.61 -11.63 -51.02
N ALA F 89 -18.26 -11.42 -52.16
CA ALA F 89 -17.66 -10.86 -53.35
C ALA F 89 -18.76 -10.33 -54.27
N ILE F 90 -18.38 -9.33 -55.06
CA ILE F 90 -19.19 -8.80 -56.13
C ILE F 90 -18.47 -9.08 -57.44
N PRO F 91 -19.08 -9.85 -58.36
CA PRO F 91 -18.54 -9.95 -59.72
C PRO F 91 -18.65 -8.60 -60.45
N ALA F 92 -17.46 -8.03 -60.72
CA ALA F 92 -17.32 -6.68 -61.25
C ALA F 92 -17.06 -6.66 -62.76
N VAL F 93 -16.79 -7.85 -63.31
CA VAL F 93 -16.68 -8.09 -64.72
C VAL F 93 -17.54 -9.33 -64.98
N LEU F 94 -18.24 -9.34 -66.13
CA LEU F 94 -19.10 -10.44 -66.51
C LEU F 94 -18.35 -11.77 -66.33
N PRO F 95 -18.88 -12.71 -65.50
CA PRO F 95 -18.16 -13.94 -65.14
C PRO F 95 -18.22 -15.06 -66.17
N PRO F 96 -17.17 -15.90 -66.29
CA PRO F 96 -16.93 -16.67 -67.51
C PRO F 96 -18.22 -17.28 -68.09
N GLY F 97 -19.06 -17.84 -67.20
CA GLY F 97 -20.30 -18.57 -67.54
C GLY F 97 -21.44 -17.68 -68.01
N SER F 98 -21.77 -16.64 -67.25
CA SER F 98 -23.03 -15.89 -67.40
C SER F 98 -23.12 -15.12 -68.73
N THR F 99 -24.35 -14.70 -69.08
CA THR F 99 -24.61 -13.63 -70.06
C THR F 99 -24.91 -12.31 -69.33
N LYS F 100 -25.00 -11.23 -70.11
CA LYS F 100 -25.11 -9.88 -69.55
C LYS F 100 -26.51 -9.65 -68.95
N ALA F 101 -27.54 -10.33 -69.47
CA ALA F 101 -28.89 -10.16 -68.93
C ALA F 101 -28.96 -10.71 -67.50
N GLN F 102 -28.22 -11.80 -67.23
CA GLN F 102 -28.29 -12.57 -65.98
C GLN F 102 -27.10 -12.20 -65.08
N TRP F 103 -26.17 -11.39 -65.59
CA TRP F 103 -25.21 -10.71 -64.73
C TRP F 103 -25.93 -9.61 -63.96
N LEU F 104 -26.69 -8.80 -64.71
CA LEU F 104 -27.39 -7.63 -64.22
C LEU F 104 -28.55 -8.03 -63.29
N ARG F 105 -28.98 -9.30 -63.31
CA ARG F 105 -30.03 -9.83 -62.40
C ARG F 105 -29.35 -10.24 -61.08
N GLN F 106 -28.26 -11.03 -61.19
CA GLN F 106 -27.43 -11.45 -60.06
C GLN F 106 -27.23 -10.23 -59.15
N LEU F 107 -26.62 -9.17 -59.71
CA LEU F 107 -26.34 -7.86 -59.10
C LEU F 107 -27.60 -7.21 -58.52
N SER F 108 -28.71 -7.20 -59.28
CA SER F 108 -29.97 -6.59 -58.80
C SER F 108 -30.53 -7.33 -57.57
N VAL F 109 -30.21 -8.63 -57.45
CA VAL F 109 -30.63 -9.49 -56.34
C VAL F 109 -29.96 -8.94 -55.06
N ILE F 110 -28.62 -9.01 -55.09
CA ILE F 110 -27.71 -8.51 -54.06
C ILE F 110 -28.12 -7.08 -53.64
N LYS F 111 -28.33 -6.20 -54.63
CA LYS F 111 -28.76 -4.84 -54.33
C LYS F 111 -30.00 -4.91 -53.42
N GLU F 112 -30.93 -5.81 -53.75
CA GLU F 112 -32.17 -5.92 -53.01
C GLU F 112 -31.91 -6.68 -51.69
N GLN F 113 -31.04 -7.71 -51.69
CA GLN F 113 -30.67 -8.37 -50.40
C GLN F 113 -30.22 -7.27 -49.42
N ALA F 114 -29.21 -6.49 -49.83
CA ALA F 114 -28.55 -5.48 -49.00
C ALA F 114 -29.50 -4.31 -48.69
N THR F 115 -30.44 -3.99 -49.59
CA THR F 115 -31.47 -2.99 -49.23
C THR F 115 -32.29 -3.55 -48.05
N GLU F 116 -32.63 -4.84 -48.10
CA GLU F 116 -33.42 -5.48 -47.03
C GLU F 116 -32.54 -5.59 -45.77
N TYR F 117 -31.28 -6.01 -45.96
CA TYR F 117 -30.37 -6.17 -44.83
C TYR F 117 -30.06 -4.77 -44.26
N GLN F 118 -30.08 -3.71 -45.07
CA GLN F 118 -29.88 -2.37 -44.56
C GLN F 118 -30.97 -1.94 -43.55
N ARG F 119 -32.25 -2.11 -43.89
CA ARG F 119 -33.40 -1.69 -43.04
C ARG F 119 -33.34 -2.43 -41.69
N LEU F 120 -32.99 -3.71 -41.75
CA LEU F 120 -32.88 -4.59 -40.56
C LEU F 120 -31.82 -4.07 -39.60
N SER F 121 -30.67 -3.70 -40.18
CA SER F 121 -29.63 -3.06 -39.42
C SER F 121 -30.19 -1.76 -38.81
N SER F 122 -30.85 -0.93 -39.61
CA SER F 122 -31.39 0.33 -39.11
C SER F 122 -32.40 0.09 -37.97
N ASP F 123 -33.23 -0.96 -38.11
CA ASP F 123 -34.27 -1.32 -37.12
C ASP F 123 -33.62 -1.97 -35.88
N THR F 124 -32.48 -2.65 -36.05
CA THR F 124 -31.69 -3.13 -34.89
C THR F 124 -31.15 -1.96 -34.07
N ARG F 125 -30.88 -0.85 -34.75
CA ARG F 125 -30.21 0.25 -34.13
C ARG F 125 -31.22 1.06 -33.31
N LEU F 126 -32.44 1.10 -33.81
CA LEU F 126 -33.58 1.73 -33.19
C LEU F 126 -33.98 0.94 -31.92
N VAL F 127 -33.88 -0.39 -31.97
CA VAL F 127 -34.02 -1.18 -30.73
C VAL F 127 -32.93 -0.79 -29.71
N ILE F 128 -31.69 -0.64 -30.19
CA ILE F 128 -30.55 -0.24 -29.34
C ILE F 128 -30.77 1.19 -28.78
N VAL F 129 -31.44 2.07 -29.53
CA VAL F 129 -31.92 3.35 -28.98
C VAL F 129 -32.68 3.10 -27.67
N ASN F 130 -33.75 2.27 -27.72
CA ASN F 130 -34.60 1.93 -26.54
C ASN F 130 -33.73 1.39 -25.40
N LEU F 131 -32.82 0.47 -25.74
CA LEU F 131 -31.93 -0.14 -24.75
C LEU F 131 -31.05 0.94 -24.08
N ASN F 132 -30.48 1.87 -24.87
CA ASN F 132 -29.62 2.96 -24.34
C ASN F 132 -30.47 3.78 -23.35
N ASN F 133 -31.66 4.20 -23.77
CA ASN F 133 -32.55 4.99 -22.94
C ASN F 133 -32.89 4.22 -21.66
N ASN F 134 -33.14 2.90 -21.77
CA ASN F 134 -33.54 2.05 -20.59
C ASN F 134 -32.42 2.03 -19.55
N LEU F 135 -31.19 1.74 -19.99
CA LEU F 135 -30.00 1.72 -19.10
C LEU F 135 -29.78 3.11 -18.50
N ILE F 136 -29.97 4.15 -19.29
CA ILE F 136 -29.66 5.53 -18.86
C ILE F 136 -30.61 5.96 -17.71
N THR F 137 -31.91 5.67 -17.86
CA THR F 137 -32.94 5.94 -16.83
C THR F 137 -32.60 5.23 -15.50
N ASP F 138 -32.25 3.96 -15.60
CA ASP F 138 -31.76 3.17 -14.47
C ASP F 138 -30.53 3.86 -13.86
N SER F 139 -29.55 4.25 -14.69
CA SER F 139 -28.31 4.86 -14.19
C SER F 139 -28.61 6.14 -13.40
N SER F 140 -29.57 6.90 -13.95
CA SER F 140 -30.08 8.12 -13.42
C SER F 140 -30.82 7.88 -12.09
N ASN F 141 -31.76 6.92 -12.09
CA ASN F 141 -32.50 6.55 -10.88
C ASN F 141 -31.51 6.23 -9.75
N PHE F 142 -30.42 5.52 -10.06
CA PHE F 142 -29.44 5.10 -9.05
C PHE F 142 -28.58 6.30 -8.63
N GLN F 143 -28.18 7.16 -9.58
CA GLN F 143 -27.51 8.42 -9.21
C GLN F 143 -28.34 9.12 -8.13
N GLY F 144 -29.67 9.22 -8.35
CA GLY F 144 -30.52 10.04 -7.45
C GLY F 144 -30.76 9.38 -6.11
N ILE F 145 -30.91 8.05 -6.14
CA ILE F 145 -31.05 7.23 -4.95
C ILE F 145 -29.85 7.43 -4.04
N VAL F 146 -28.65 7.45 -4.63
CA VAL F 146 -27.40 7.65 -3.87
C VAL F 146 -27.35 9.07 -3.27
N VAL F 147 -27.77 10.07 -4.05
CA VAL F 147 -27.68 11.50 -3.71
C VAL F 147 -28.56 11.79 -2.48
N ASN F 148 -29.81 11.28 -2.54
CA ASN F 148 -30.80 11.46 -1.47
C ASN F 148 -30.34 10.74 -0.19
N LEU F 149 -29.81 9.54 -0.32
CA LEU F 149 -29.32 8.84 0.81
C LEU F 149 -28.17 9.65 1.45
N ASN F 150 -27.23 10.14 0.63
CA ASN F 150 -26.14 10.98 1.20
C ASN F 150 -26.71 12.20 1.95
N SER F 151 -27.74 12.88 1.41
CA SER F 151 -28.40 14.03 2.07
C SER F 151 -28.79 13.62 3.48
N LYS F 152 -29.54 12.51 3.56
CA LYS F 152 -30.10 12.04 4.79
C LYS F 152 -28.98 11.76 5.76
N VAL F 153 -27.95 11.08 5.26
CA VAL F 153 -26.85 10.72 6.12
C VAL F 153 -26.20 12.00 6.67
N GLN F 154 -26.00 13.02 5.80
CA GLN F 154 -25.29 14.23 6.15
C GLN F 154 -26.11 14.99 7.19
N GLY F 155 -27.43 15.07 6.96
CA GLY F 155 -28.42 15.53 7.97
C GLY F 155 -28.16 14.95 9.36
N ASP F 156 -28.03 13.62 9.41
CA ASP F 156 -28.03 12.80 10.62
C ASP F 156 -26.75 13.03 11.42
N ASN F 157 -25.60 13.03 10.74
CA ASN F 157 -24.32 13.35 11.35
C ASN F 157 -24.37 14.75 12.00
N GLY F 158 -25.06 15.71 11.38
CA GLY F 158 -25.26 17.03 12.03
C GLY F 158 -25.85 16.87 13.43
N VAL F 159 -26.90 16.04 13.48
CA VAL F 159 -27.67 15.74 14.67
C VAL F 159 -26.81 14.91 15.65
N LEU F 160 -26.13 13.89 15.15
CA LEU F 160 -25.36 13.01 16.00
C LEU F 160 -24.34 13.86 16.77
N ALA F 161 -23.75 14.83 16.08
CA ALA F 161 -22.70 15.65 16.65
C ALA F 161 -23.26 16.55 17.75
N GLN F 162 -24.48 17.04 17.55
CA GLN F 162 -25.19 17.80 18.58
C GLN F 162 -25.58 16.86 19.74
N LEU F 163 -26.09 15.64 19.45
CA LEU F 163 -26.52 14.64 20.48
C LEU F 163 -25.33 14.29 21.39
N ASN F 164 -24.15 14.24 20.80
CA ASN F 164 -22.94 13.94 21.53
C ASN F 164 -22.66 14.97 22.63
N GLY F 165 -22.60 16.25 22.25
CA GLY F 165 -22.30 17.30 23.20
C GLY F 165 -23.34 17.31 24.29
N ASP F 166 -24.61 17.20 23.86
CA ASP F 166 -25.82 17.07 24.68
C ASP F 166 -25.65 15.95 25.73
N ILE F 167 -25.11 14.79 25.33
CA ILE F 167 -24.91 13.66 26.27
C ILE F 167 -23.81 14.03 27.27
N ASP F 168 -22.75 14.69 26.79
CA ASP F 168 -21.60 14.98 27.65
C ASP F 168 -22.12 15.89 28.77
N LYS F 169 -22.98 16.86 28.41
CA LYS F 169 -23.49 17.90 29.35
C LYS F 169 -24.36 17.26 30.43
N VAL F 170 -25.17 16.25 30.09
CA VAL F 170 -26.00 15.54 31.08
C VAL F 170 -25.08 14.73 32.01
N ASN F 171 -23.94 14.22 31.52
CA ASN F 171 -23.04 13.39 32.35
C ASN F 171 -22.57 14.22 33.55
N ALA F 172 -22.41 15.53 33.37
CA ALA F 172 -22.32 16.56 34.45
C ALA F 172 -23.39 16.40 35.54
N ALA F 173 -24.67 16.37 35.13
CA ALA F 173 -25.74 16.33 36.12
C ALA F 173 -25.61 15.05 36.94
N ILE F 174 -25.32 13.92 36.27
CA ILE F 174 -25.20 12.58 36.88
C ILE F 174 -24.03 12.57 37.88
N ASP F 175 -22.87 13.07 37.46
CA ASP F 175 -21.69 13.23 38.31
C ASP F 175 -22.03 14.11 39.54
N GLY F 176 -22.55 15.31 39.32
CA GLY F 176 -23.13 16.10 40.42
C GLY F 176 -23.93 15.26 41.42
N ALA F 177 -24.94 14.53 40.93
CA ALA F 177 -25.89 13.75 41.79
C ALA F 177 -25.17 12.67 42.62
N ILE F 178 -24.20 12.00 41.98
CA ILE F 178 -23.38 10.99 42.61
C ILE F 178 -22.55 11.68 43.69
N ALA F 179 -21.92 12.80 43.31
CA ALA F 179 -21.17 13.64 44.24
C ALA F 179 -22.05 14.01 45.45
N GLY F 180 -23.29 14.44 45.18
CA GLY F 180 -24.25 14.80 46.22
C GLY F 180 -24.54 13.63 47.16
N ILE F 181 -24.74 12.43 46.60
CA ILE F 181 -25.12 11.24 47.38
C ILE F 181 -23.94 10.83 48.27
N VAL F 182 -22.72 10.86 47.73
CA VAL F 182 -21.54 10.46 48.49
C VAL F 182 -21.29 11.51 49.58
N ALA F 183 -21.38 12.81 49.26
CA ALA F 183 -21.24 13.82 50.30
C ALA F 183 -22.37 13.62 51.34
N GLY F 184 -23.50 13.06 50.91
CA GLY F 184 -24.62 12.80 51.80
C GLY F 184 -24.31 11.78 52.88
N GLY F 185 -23.87 10.59 52.45
CA GLY F 185 -23.49 9.50 53.34
C GLY F 185 -22.39 9.93 54.31
N LEU F 186 -21.40 10.66 53.77
CA LEU F 186 -20.27 11.15 54.58
C LEU F 186 -20.78 12.07 55.69
N LEU F 187 -21.73 12.97 55.34
CA LEU F 187 -22.34 13.88 56.30
C LEU F 187 -23.15 13.10 57.34
N VAL F 188 -23.73 11.97 56.94
CA VAL F 188 -24.54 11.18 57.86
C VAL F 188 -23.66 10.39 58.85
N ILE F 189 -22.61 9.77 58.35
CA ILE F 189 -21.73 8.93 59.18
C ILE F 189 -21.02 9.80 60.20
N GLY F 190 -20.50 10.93 59.70
CA GLY F 190 -19.81 11.91 60.51
C GLY F 190 -20.73 12.67 61.44
N GLY F 191 -21.94 12.99 60.96
CA GLY F 191 -22.93 13.69 61.75
C GLY F 191 -23.42 12.80 62.88
N ALA F 192 -23.71 11.54 62.57
CA ALA F 192 -24.13 10.57 63.59
C ALA F 192 -23.15 10.62 64.77
N PHE F 193 -21.87 10.60 64.45
CA PHE F 193 -20.82 10.42 65.44
C PHE F 193 -20.73 11.63 66.36
N VAL F 194 -20.78 12.82 65.76
CA VAL F 194 -20.66 14.11 66.45
C VAL F 194 -21.88 14.25 67.34
N THR F 195 -23.05 13.85 66.82
CA THR F 195 -24.29 13.81 67.63
C THR F 195 -24.09 12.91 68.84
N ALA F 196 -23.45 11.75 68.64
CA ALA F 196 -23.26 10.77 69.73
C ALA F 196 -22.36 11.33 70.86
N ILE F 197 -21.27 12.02 70.52
CA ILE F 197 -20.38 12.66 71.50
C ILE F 197 -21.17 13.76 72.23
N GLY F 198 -21.74 14.68 71.46
CA GLY F 198 -22.54 15.75 72.02
C GLY F 198 -23.54 15.21 73.01
N ALA F 199 -24.32 14.23 72.56
CA ALA F 199 -25.54 13.80 73.24
C ALA F 199 -25.21 13.10 74.58
N VAL F 200 -24.11 12.33 74.57
CA VAL F 200 -23.61 11.54 75.72
C VAL F 200 -22.95 12.47 76.75
N ALA F 201 -22.32 13.57 76.30
CA ALA F 201 -21.73 14.58 77.17
C ALA F 201 -22.83 15.38 77.93
N ASP F 202 -23.95 15.74 77.25
CA ASP F 202 -25.12 16.44 77.88
C ASP F 202 -25.82 15.57 78.94
N PHE F 203 -25.81 14.25 78.73
CA PHE F 203 -26.46 13.29 79.62
C PHE F 203 -25.71 13.20 80.96
N VAL F 204 -24.37 13.34 80.90
CA VAL F 204 -23.50 13.25 82.07
C VAL F 204 -23.50 14.59 82.82
N THR F 205 -23.55 15.70 82.07
CA THR F 205 -23.56 17.05 82.64
C THR F 205 -24.43 17.96 81.74
N ALA F 206 -25.75 17.94 81.95
CA ALA F 206 -26.76 18.67 81.13
C ALA F 206 -26.28 20.10 80.84
N GLY F 207 -26.33 20.52 79.57
CA GLY F 207 -26.13 21.94 79.18
C GLY F 207 -24.83 22.20 78.43
N THR F 208 -23.76 21.51 78.83
CA THR F 208 -22.36 21.89 78.52
C THR F 208 -21.99 21.76 77.02
N SER F 209 -22.61 20.82 76.29
CA SER F 209 -22.15 20.46 74.93
C SER F 209 -23.26 20.69 73.89
N THR F 210 -23.94 21.84 73.98
CA THR F 210 -25.17 22.09 73.21
C THR F 210 -24.85 22.33 71.72
N PRO F 211 -23.91 23.24 71.31
CA PRO F 211 -23.64 23.46 69.88
C PRO F 211 -23.13 22.23 69.11
N VAL F 212 -22.53 21.26 69.81
CA VAL F 212 -22.11 19.96 69.24
C VAL F 212 -23.34 19.08 68.89
N VAL F 213 -24.25 18.83 69.82
CA VAL F 213 -25.43 18.01 69.48
C VAL F 213 -26.10 18.62 68.25
N ILE F 214 -26.29 19.93 68.33
CA ILE F 214 -26.97 20.77 67.34
C ILE F 214 -26.32 20.61 65.96
N GLY F 215 -24.99 20.73 65.90
CA GLY F 215 -24.21 20.59 64.66
C GLY F 215 -24.27 19.17 64.12
N GLY F 216 -24.27 18.21 65.06
CA GLY F 216 -24.35 16.82 64.75
C GLY F 216 -25.59 16.56 63.92
N VAL F 217 -26.75 17.08 64.38
CA VAL F 217 -28.03 16.76 63.75
C VAL F 217 -28.13 17.58 62.44
N ALA F 218 -27.54 18.77 62.43
CA ALA F 218 -27.54 19.61 61.24
C ALA F 218 -26.95 18.80 60.09
N MET F 219 -25.81 18.17 60.39
CA MET F 219 -25.07 17.40 59.43
C MET F 219 -25.88 16.16 59.04
N MET F 220 -26.50 15.51 60.04
CA MET F 220 -27.23 14.23 59.86
C MET F 220 -28.45 14.41 58.94
N VAL F 221 -29.22 15.49 59.20
CA VAL F 221 -30.45 15.77 58.48
C VAL F 221 -30.10 16.17 57.05
N ALA F 222 -29.04 16.99 56.94
CA ALA F 222 -28.50 17.51 55.68
C ALA F 222 -28.05 16.38 54.76
N GLY F 223 -27.49 15.35 55.38
CA GLY F 223 -26.90 14.22 54.73
C GLY F 223 -27.98 13.38 54.07
N ALA F 224 -28.98 12.96 54.86
CA ALA F 224 -30.00 12.06 54.32
C ALA F 224 -30.78 12.85 53.27
N GLY F 225 -30.83 14.17 53.50
CA GLY F 225 -31.31 15.21 52.61
C GLY F 225 -30.71 15.13 51.21
N GLY F 226 -29.40 15.40 51.14
CA GLY F 226 -28.57 15.18 49.92
C GLY F 226 -28.70 13.77 49.31
N ILE F 227 -28.82 12.72 50.15
CA ILE F 227 -28.90 11.31 49.68
C ILE F 227 -30.23 11.09 48.96
N THR F 228 -31.30 11.56 49.58
CA THR F 228 -32.60 11.40 49.06
C THR F 228 -32.71 12.26 47.80
N ALA F 229 -32.25 13.52 47.88
CA ALA F 229 -32.36 14.44 46.76
C ALA F 229 -31.48 13.92 45.61
N GLY F 230 -30.20 13.74 45.90
CA GLY F 230 -29.22 13.27 44.94
C GLY F 230 -29.73 12.11 44.11
N ALA F 231 -30.52 11.21 44.72
CA ALA F 231 -30.96 9.93 44.07
C ALA F 231 -32.15 10.18 43.12
N ILE F 232 -33.10 10.97 43.58
CA ILE F 232 -34.10 11.59 42.74
C ILE F 232 -33.45 12.16 41.47
N VAL F 233 -32.55 13.15 41.65
CA VAL F 233 -31.87 13.92 40.58
C VAL F 233 -31.11 12.98 39.64
N LEU F 234 -30.40 11.99 40.22
CA LEU F 234 -29.73 10.91 39.51
C LEU F 234 -30.72 10.10 38.66
N HIS F 235 -31.84 9.65 39.25
CA HIS F 235 -32.84 8.85 38.50
C HIS F 235 -33.30 9.64 37.25
N ASN F 236 -33.48 10.95 37.40
CA ASN F 236 -33.92 11.79 36.27
C ASN F 236 -32.79 12.01 35.25
N SER F 237 -31.58 12.22 35.77
CA SER F 237 -30.43 12.53 34.95
C SER F 237 -30.05 11.32 34.07
N LEU F 238 -30.20 10.10 34.62
CA LEU F 238 -30.00 8.82 33.90
C LEU F 238 -31.08 8.59 32.83
N GLY F 239 -32.36 8.70 33.21
CA GLY F 239 -33.51 8.71 32.29
C GLY F 239 -33.28 9.62 31.09
N ALA F 240 -32.85 10.85 31.35
CA ALA F 240 -32.68 11.86 30.32
C ALA F 240 -31.55 11.49 29.38
N ARG F 241 -30.46 10.95 29.97
CA ARG F 241 -29.27 10.56 29.22
C ARG F 241 -29.58 9.35 28.35
N GLN F 242 -30.36 8.41 28.90
CA GLN F 242 -30.71 7.16 28.23
C GLN F 242 -31.58 7.48 27.01
N ASP F 243 -32.58 8.36 27.18
CA ASP F 243 -33.36 8.77 26.02
C ASP F 243 -32.38 9.25 24.93
N LEU F 244 -31.49 10.19 25.29
CA LEU F 244 -30.49 10.76 24.38
C LEU F 244 -29.68 9.69 23.64
N TYR F 245 -29.15 8.64 24.29
CA TYR F 245 -28.22 7.77 23.55
C TYR F 245 -28.99 6.63 22.86
N GLN F 246 -30.32 6.59 23.04
CA GLN F 246 -31.15 5.66 22.27
C GLN F 246 -31.68 6.35 21.03
N LYS F 247 -31.81 7.67 21.12
CA LYS F 247 -32.06 8.46 19.98
C LYS F 247 -30.79 8.45 19.13
N ARG F 248 -29.64 8.41 19.82
CA ARG F 248 -28.35 8.45 19.17
C ARG F 248 -28.03 7.14 18.44
N SER F 249 -28.36 5.98 19.02
CA SER F 249 -28.01 4.72 18.40
C SER F 249 -29.06 4.32 17.35
N SER F 250 -30.17 5.06 17.29
CA SER F 250 -31.10 4.91 16.21
C SER F 250 -30.53 5.57 14.96
N LEU F 251 -30.05 6.82 15.10
CA LEU F 251 -29.33 7.54 14.01
C LEU F 251 -28.09 6.76 13.53
N ASN F 252 -27.30 6.19 14.44
CA ASN F 252 -26.13 5.45 14.02
C ASN F 252 -26.58 4.31 13.09
N SER F 253 -27.61 3.55 13.49
CA SER F 253 -28.22 2.49 12.66
C SER F 253 -28.67 3.05 11.29
N GLU F 254 -29.42 4.16 11.34
CA GLU F 254 -30.02 4.85 10.17
C GLU F 254 -28.90 5.26 9.21
N VAL F 255 -27.78 5.75 9.75
CA VAL F 255 -26.64 6.15 8.97
C VAL F 255 -26.03 4.89 8.34
N LEU F 256 -25.81 3.88 9.17
CA LEU F 256 -25.10 2.72 8.71
C LEU F 256 -25.87 2.13 7.53
N ILE F 257 -27.20 1.99 7.68
CA ILE F 257 -28.01 1.25 6.72
C ILE F 257 -28.25 2.09 5.47
N ALA F 258 -28.44 3.40 5.62
CA ALA F 258 -28.42 4.33 4.48
C ALA F 258 -27.08 4.25 3.72
N THR F 259 -25.99 3.96 4.44
CA THR F 259 -24.65 3.95 3.86
C THR F 259 -24.44 2.65 3.06
N GLN F 260 -24.75 1.50 3.66
CA GLN F 260 -24.67 0.18 2.99
C GLN F 260 -25.52 0.18 1.72
N ILE F 261 -26.80 0.51 1.88
CA ILE F 261 -27.72 0.57 0.75
C ILE F 261 -27.21 1.53 -0.34
N GLY F 262 -26.85 2.74 0.09
CA GLY F 262 -26.23 3.75 -0.76
C GLY F 262 -25.02 3.24 -1.54
N ASN F 263 -24.07 2.59 -0.85
CA ASN F 263 -22.87 2.11 -1.53
C ASN F 263 -23.18 0.95 -2.47
N GLY F 264 -24.23 0.18 -2.16
CA GLY F 264 -24.79 -0.77 -3.14
C GLY F 264 -25.26 -0.07 -4.41
N TYR F 265 -25.98 1.05 -4.25
CA TYR F 265 -26.58 1.72 -5.40
C TYR F 265 -25.50 2.48 -6.17
N LYS F 266 -24.38 2.84 -5.52
CA LYS F 266 -23.22 3.47 -6.25
C LYS F 266 -22.61 2.42 -7.19
N GLY F 267 -22.63 1.18 -6.71
CA GLY F 267 -22.18 0.06 -7.42
C GLY F 267 -23.09 -0.24 -8.58
N LEU F 268 -24.39 -0.33 -8.29
CA LEU F 268 -25.33 -0.57 -9.37
C LEU F 268 -25.24 0.55 -10.42
N GLN F 269 -25.00 1.82 -10.04
CA GLN F 269 -25.00 2.88 -11.04
C GLN F 269 -23.75 2.77 -11.91
N VAL F 270 -22.66 2.25 -11.35
CA VAL F 270 -21.46 2.05 -12.14
C VAL F 270 -21.66 0.86 -13.07
N GLN F 271 -22.38 -0.18 -12.63
CA GLN F 271 -22.64 -1.32 -13.50
C GLN F 271 -23.52 -0.87 -14.68
N ALA F 272 -24.42 0.07 -14.43
CA ALA F 272 -25.36 0.58 -15.43
C ALA F 272 -24.66 1.60 -16.35
N GLN F 273 -23.72 2.38 -15.81
CA GLN F 273 -22.93 3.33 -16.63
C GLN F 273 -22.13 2.53 -17.65
N ASN F 274 -21.54 1.43 -17.18
CA ASN F 274 -20.76 0.53 -17.99
C ASN F 274 -21.62 0.00 -19.14
N ALA F 275 -22.86 -0.38 -18.78
CA ALA F 275 -23.77 -0.97 -19.75
C ALA F 275 -24.18 0.09 -20.77
N VAL F 276 -24.39 1.32 -20.31
CA VAL F 276 -24.70 2.44 -21.18
C VAL F 276 -23.58 2.55 -22.25
N THR F 277 -22.31 2.56 -21.82
CA THR F 277 -21.12 2.67 -22.72
C THR F 277 -21.15 1.52 -23.74
N ALA F 278 -21.46 0.31 -23.27
CA ALA F 278 -21.51 -0.87 -24.11
C ALA F 278 -22.63 -0.75 -25.16
N ALA F 279 -23.81 -0.34 -24.72
CA ALA F 279 -24.96 -0.25 -25.59
C ALA F 279 -24.73 0.90 -26.60
N THR F 280 -24.09 2.00 -26.17
CA THR F 280 -23.63 3.05 -27.09
C THR F 280 -22.69 2.45 -28.17
N GLN F 281 -21.77 1.58 -27.73
CA GLN F 281 -20.79 1.01 -28.64
C GLN F 281 -21.47 0.06 -29.62
N MET F 282 -22.58 -0.59 -29.21
CA MET F 282 -23.38 -1.39 -30.12
C MET F 282 -24.02 -0.45 -31.14
N SER F 283 -24.51 0.68 -30.62
CA SER F 283 -25.16 1.65 -31.44
C SER F 283 -24.21 2.04 -32.57
N ASN F 284 -22.95 2.32 -32.21
CA ASN F 284 -21.89 2.69 -33.13
C ASN F 284 -21.64 1.59 -34.21
N ALA F 285 -21.48 0.34 -33.81
CA ALA F 285 -21.15 -0.76 -34.72
C ALA F 285 -22.23 -0.93 -35.80
N TRP F 286 -23.49 -1.01 -35.33
CA TRP F 286 -24.71 -1.06 -36.19
C TRP F 286 -24.81 0.19 -37.10
N ASP F 287 -24.55 1.39 -36.56
CA ASP F 287 -24.52 2.57 -37.42
C ASP F 287 -23.53 2.33 -38.58
N SER F 288 -22.30 1.86 -38.33
CA SER F 288 -21.35 1.61 -39.42
C SER F 288 -21.92 0.57 -40.38
N LEU F 289 -22.44 -0.55 -39.88
CA LEU F 289 -22.95 -1.59 -40.79
C LEU F 289 -24.00 -0.96 -41.71
N THR F 290 -25.03 -0.36 -41.12
CA THR F 290 -26.06 0.37 -41.86
C THR F 290 -25.44 1.22 -43.00
N SER F 291 -24.38 1.96 -42.68
CA SER F 291 -23.74 3.00 -43.58
C SER F 291 -22.86 2.35 -44.65
N ASP F 292 -22.09 1.33 -44.24
CA ASP F 292 -21.35 0.47 -45.15
C ASP F 292 -22.34 -0.25 -46.12
N LEU F 293 -23.52 -0.66 -45.67
CA LEU F 293 -24.47 -1.29 -46.59
C LEU F 293 -25.03 -0.25 -47.56
N GLY F 294 -25.32 0.95 -47.05
CA GLY F 294 -25.64 2.14 -47.89
C GLY F 294 -24.72 2.30 -49.09
N SER F 295 -23.40 2.34 -48.84
CA SER F 295 -22.35 2.42 -49.88
C SER F 295 -22.49 1.27 -50.88
N LEU F 296 -22.67 0.03 -50.37
CA LEU F 296 -22.82 -1.13 -51.24
C LEU F 296 -24.00 -0.92 -52.20
N ILE F 297 -25.12 -0.47 -51.62
CA ILE F 297 -26.32 -0.27 -52.37
C ILE F 297 -26.05 0.80 -53.42
N THR F 298 -25.34 1.86 -53.04
CA THR F 298 -24.95 2.89 -54.00
C THR F 298 -24.11 2.28 -55.13
N ASP F 299 -23.06 1.56 -54.76
CA ASP F 299 -22.13 1.04 -55.72
C ASP F 299 -22.84 0.11 -56.70
N LEU F 300 -23.74 -0.73 -56.18
CA LEU F 300 -24.46 -1.66 -57.03
C LEU F 300 -25.42 -0.89 -57.92
N ASP F 301 -26.12 0.10 -57.37
CA ASP F 301 -27.06 0.87 -58.17
C ASP F 301 -26.36 1.45 -59.41
N LYS F 302 -25.36 2.33 -59.18
CA LYS F 302 -24.60 3.02 -60.24
C LYS F 302 -23.95 1.97 -61.17
N GLY F 303 -23.42 0.91 -60.56
CA GLY F 303 -22.89 -0.24 -61.27
C GLY F 303 -23.85 -0.70 -62.35
N ILE F 304 -25.09 -0.92 -61.94
CA ILE F 304 -26.08 -1.55 -62.77
C ILE F 304 -26.45 -0.60 -63.92
N THR F 305 -26.79 0.65 -63.57
CA THR F 305 -27.26 1.70 -64.52
C THR F 305 -26.15 2.45 -65.26
N SER F 306 -24.95 1.87 -65.43
CA SER F 306 -23.80 2.55 -66.08
C SER F 306 -23.12 1.58 -67.06
N GLY F 307 -22.11 2.06 -67.79
CA GLY F 307 -21.63 1.46 -69.04
C GLY F 307 -20.49 0.46 -68.90
N ASP F 308 -19.26 0.93 -69.05
CA ASP F 308 -18.17 0.11 -69.57
C ASP F 308 -17.06 -0.05 -68.52
N ASP F 309 -16.08 0.86 -68.60
CA ASP F 309 -15.08 0.97 -67.58
C ASP F 309 -15.78 1.49 -66.33
N ILE F 310 -16.86 2.29 -66.54
CA ILE F 310 -17.59 2.95 -65.44
C ILE F 310 -18.25 1.89 -64.56
N ARG F 311 -19.15 1.11 -65.17
CA ARG F 311 -19.76 -0.07 -64.52
C ARG F 311 -18.69 -0.77 -63.65
N GLN F 312 -17.56 -1.14 -64.27
CA GLN F 312 -16.56 -1.95 -63.59
C GLN F 312 -16.05 -1.25 -62.33
N LEU F 313 -15.77 0.06 -62.45
CA LEU F 313 -15.25 0.89 -61.36
C LEU F 313 -16.17 0.76 -60.13
N TRP F 314 -17.47 0.98 -60.33
CA TRP F 314 -18.43 0.95 -59.26
C TRP F 314 -18.49 -0.44 -58.61
N LEU F 315 -18.45 -1.50 -59.43
CA LEU F 315 -18.62 -2.88 -59.00
C LEU F 315 -17.37 -3.40 -58.25
N THR F 316 -16.18 -2.90 -58.64
CA THR F 316 -14.93 -3.14 -57.91
C THR F 316 -15.10 -2.54 -56.52
N ALA F 317 -15.53 -1.28 -56.49
CA ALA F 317 -15.78 -0.58 -55.26
C ALA F 317 -16.79 -1.36 -54.42
N ALA F 318 -17.85 -1.87 -55.04
CA ALA F 318 -18.90 -2.61 -54.32
C ALA F 318 -18.27 -3.82 -53.60
N ASP F 319 -17.41 -4.56 -54.32
CA ASP F 319 -16.67 -5.71 -53.81
C ASP F 319 -15.83 -5.28 -52.62
N THR F 320 -14.98 -4.26 -52.81
CA THR F 320 -14.19 -3.66 -51.70
C THR F 320 -15.08 -3.38 -50.48
N THR F 321 -16.31 -2.90 -50.73
CA THR F 321 -17.32 -2.51 -49.74
C THR F 321 -17.92 -3.76 -49.06
N VAL F 322 -18.02 -4.88 -49.78
CA VAL F 322 -18.53 -6.11 -49.19
C VAL F 322 -17.52 -6.61 -48.15
N LYS F 323 -16.23 -6.50 -48.44
CA LYS F 323 -15.22 -6.90 -47.46
C LYS F 323 -15.38 -6.02 -46.20
N THR F 324 -15.84 -4.78 -46.41
CA THR F 324 -16.01 -3.86 -45.31
C THR F 324 -17.25 -4.26 -44.49
N VAL F 325 -18.33 -4.61 -45.18
CA VAL F 325 -19.47 -5.20 -44.50
C VAL F 325 -19.02 -6.37 -43.59
N LEU F 326 -18.15 -7.25 -44.10
CA LEU F 326 -17.74 -8.48 -43.40
C LEU F 326 -17.01 -8.13 -42.09
N THR F 327 -15.95 -7.31 -42.17
CA THR F 327 -15.31 -6.51 -41.03
C THR F 327 -16.35 -6.06 -39.98
N ASP F 328 -17.36 -5.30 -40.40
CA ASP F 328 -18.39 -4.73 -39.55
C ASP F 328 -19.19 -5.82 -38.85
N VAL F 329 -19.47 -6.89 -39.60
CA VAL F 329 -20.17 -8.04 -39.10
C VAL F 329 -19.32 -8.78 -38.05
N THR F 330 -18.00 -8.95 -38.26
CA THR F 330 -17.21 -9.63 -37.23
C THR F 330 -17.22 -8.72 -35.97
N THR F 331 -17.18 -7.39 -36.16
CA THR F 331 -17.18 -6.44 -35.03
C THR F 331 -18.38 -6.66 -34.13
N ILE F 332 -19.58 -6.60 -34.69
CA ILE F 332 -20.79 -6.83 -33.93
C ILE F 332 -20.73 -8.20 -33.24
N LYS F 333 -20.28 -9.22 -33.97
CA LYS F 333 -20.25 -10.62 -33.44
C LYS F 333 -19.32 -10.68 -32.21
N ALA F 334 -18.17 -9.99 -32.26
CA ALA F 334 -17.28 -9.91 -31.09
C ALA F 334 -18.04 -9.27 -29.92
N GLN F 335 -18.81 -8.21 -30.21
CA GLN F 335 -19.57 -7.43 -29.22
C GLN F 335 -20.60 -8.34 -28.51
N MET F 336 -21.23 -9.27 -29.24
CA MET F 336 -22.38 -10.06 -28.70
C MET F 336 -21.96 -11.50 -28.33
N ALA F 337 -20.64 -11.75 -28.25
CA ALA F 337 -20.09 -13.03 -27.86
C ALA F 337 -20.24 -13.17 -26.36
N GLY F 338 -20.73 -14.32 -25.89
CA GLY F 338 -20.41 -14.82 -24.55
C GLY F 338 -21.61 -14.88 -23.60
N VAL F 339 -21.33 -15.48 -22.43
CA VAL F 339 -22.27 -15.70 -21.29
C VAL F 339 -21.56 -15.28 -19.99
N SER F 340 -21.62 -13.99 -19.61
CA SER F 340 -20.88 -13.44 -18.45
C SER F 340 -20.92 -14.39 -17.25
N PRO F 341 -19.79 -14.59 -16.53
CA PRO F 341 -19.79 -15.40 -15.30
C PRO F 341 -20.43 -14.69 -14.08
N LEU F 342 -20.48 -15.40 -12.94
CA LEU F 342 -21.15 -14.95 -11.72
C LEU F 342 -20.21 -14.06 -10.88
N ASN G 3 -34.04 -19.86 -37.40
CA ASN G 3 -32.76 -19.06 -37.04
C ASN G 3 -32.95 -18.26 -35.74
N ALA G 4 -33.94 -17.35 -35.70
CA ALA G 4 -34.52 -16.87 -34.44
C ALA G 4 -34.86 -18.04 -33.51
N THR G 5 -35.31 -19.16 -34.08
CA THR G 5 -35.69 -20.29 -33.28
C THR G 5 -34.50 -20.76 -32.42
N THR G 6 -33.36 -20.97 -33.10
CA THR G 6 -32.19 -21.57 -32.50
C THR G 6 -31.58 -20.67 -31.43
N ILE G 7 -31.63 -19.35 -31.68
CA ILE G 7 -31.11 -18.32 -30.79
C ILE G 7 -31.98 -18.23 -29.52
N THR G 8 -33.30 -18.10 -29.71
CA THR G 8 -34.30 -18.15 -28.63
C THR G 8 -34.01 -19.31 -27.66
N MET G 9 -33.72 -20.49 -28.22
CA MET G 9 -33.33 -21.68 -27.49
C MET G 9 -31.97 -21.44 -26.80
N ASP G 10 -31.05 -20.81 -27.54
CA ASP G 10 -29.73 -20.45 -27.03
C ASP G 10 -29.86 -19.53 -25.81
N GLN G 11 -30.78 -18.56 -25.85
CA GLN G 11 -30.88 -17.49 -24.82
C GLN G 11 -31.70 -18.03 -23.66
N GLY G 12 -32.72 -18.82 -23.98
CA GLY G 12 -33.54 -19.47 -22.97
C GLY G 12 -32.67 -20.29 -22.03
N MET G 13 -31.83 -21.12 -22.63
CA MET G 13 -30.91 -21.97 -21.95
C MET G 13 -29.93 -21.15 -21.11
N ALA G 14 -29.23 -20.18 -21.74
CA ALA G 14 -28.16 -19.40 -21.08
C ALA G 14 -28.68 -18.62 -19.87
N ASN G 15 -29.85 -18.03 -20.04
CA ASN G 15 -30.55 -17.34 -18.99
C ASN G 15 -30.93 -18.32 -17.87
N GLN G 16 -31.58 -19.45 -18.18
CA GLN G 16 -32.00 -20.41 -17.14
C GLN G 16 -30.75 -20.97 -16.44
N ALA G 17 -29.64 -21.12 -17.17
CA ALA G 17 -28.36 -21.65 -16.64
C ALA G 17 -27.71 -20.65 -15.68
N SER G 18 -27.56 -19.40 -16.15
CA SER G 18 -27.04 -18.32 -15.33
C SER G 18 -27.84 -18.17 -14.02
N GLN G 19 -29.18 -18.00 -14.06
CA GLN G 19 -29.99 -17.71 -12.85
C GLN G 19 -29.84 -18.93 -11.92
N ALA G 20 -29.80 -20.13 -12.50
CA ALA G 20 -29.60 -21.39 -11.73
C ALA G 20 -28.36 -21.28 -10.85
N MET G 21 -27.27 -20.69 -11.37
CA MET G 21 -25.99 -20.56 -10.64
C MET G 21 -26.12 -19.54 -9.51
N GLN G 22 -26.89 -18.47 -9.78
CA GLN G 22 -27.26 -17.47 -8.79
C GLN G 22 -28.05 -18.10 -7.64
N ILE G 23 -29.16 -18.80 -7.94
CA ILE G 23 -30.04 -19.39 -6.89
C ILE G 23 -29.32 -20.57 -6.20
N GLN G 24 -28.51 -21.31 -6.95
CA GLN G 24 -27.70 -22.36 -6.34
C GLN G 24 -26.84 -21.78 -5.20
N THR G 25 -26.02 -20.80 -5.54
CA THR G 25 -25.18 -20.07 -4.61
C THR G 25 -26.00 -19.63 -3.38
N TYR G 26 -27.08 -18.90 -3.62
CA TYR G 26 -27.89 -18.33 -2.57
C TYR G 26 -28.40 -19.44 -1.62
N CYS G 27 -28.96 -20.52 -2.19
CA CYS G 27 -29.48 -21.69 -1.44
C CYS G 27 -28.43 -22.37 -0.56
N ASN G 28 -27.18 -22.45 -1.03
CA ASN G 28 -26.08 -22.91 -0.22
C ASN G 28 -25.87 -21.93 0.92
N SER G 29 -25.93 -20.66 0.61
CA SER G 29 -25.64 -19.64 1.62
C SER G 29 -26.72 -19.65 2.73
N VAL G 30 -27.97 -19.89 2.32
CA VAL G 30 -29.12 -19.89 3.20
C VAL G 30 -28.98 -21.07 4.17
N LYS G 31 -28.56 -22.23 3.63
CA LYS G 31 -28.41 -23.48 4.43
C LYS G 31 -27.30 -23.39 5.49
N GLN G 32 -26.33 -22.49 5.29
CA GLN G 32 -25.19 -22.33 6.17
C GLN G 32 -25.48 -21.32 7.28
N GLN G 33 -26.64 -20.64 7.20
CA GLN G 33 -27.10 -19.65 8.19
C GLN G 33 -27.23 -20.32 9.57
N VAL G 34 -26.91 -19.58 10.62
CA VAL G 34 -26.89 -20.06 11.99
C VAL G 34 -28.24 -19.73 12.63
N PRO G 35 -28.73 -20.57 13.56
CA PRO G 35 -29.93 -20.25 14.30
C PRO G 35 -29.61 -19.25 15.42
N VAL G 36 -30.66 -18.86 16.11
CA VAL G 36 -30.62 -17.77 17.03
C VAL G 36 -30.75 -18.42 18.40
N ASP G 37 -30.07 -17.86 19.41
CA ASP G 37 -30.04 -18.35 20.79
C ASP G 37 -30.49 -17.20 21.70
N PHE G 38 -31.61 -17.38 22.43
CA PHE G 38 -32.13 -16.32 23.36
C PHE G 38 -32.27 -16.88 24.77
N SER G 39 -31.58 -17.99 25.03
CA SER G 39 -31.86 -18.83 26.20
C SER G 39 -31.58 -18.07 27.50
N GLN G 40 -30.86 -16.94 27.42
CA GLN G 40 -30.60 -16.06 28.59
C GLN G 40 -31.77 -15.10 28.85
N PHE G 41 -32.76 -15.05 27.95
CA PHE G 41 -33.95 -14.21 28.16
C PHE G 41 -35.20 -15.08 28.02
N PRO G 42 -35.91 -15.41 29.12
CA PRO G 42 -37.03 -16.35 29.05
C PRO G 42 -38.31 -15.69 28.50
N ASN G 43 -38.29 -14.36 28.40
CA ASN G 43 -39.26 -13.50 27.67
C ASN G 43 -39.31 -13.86 26.16
N LEU G 44 -38.28 -14.49 25.59
CA LEU G 44 -38.16 -14.64 24.10
C LEU G 44 -38.03 -16.11 23.67
N LYS G 45 -38.34 -17.04 24.58
CA LYS G 45 -38.32 -18.47 24.31
C LYS G 45 -39.19 -18.77 23.07
N ASP G 46 -40.35 -18.12 22.97
CA ASP G 46 -41.31 -18.32 21.86
C ASP G 46 -40.73 -17.83 20.53
N ASN G 47 -40.30 -16.56 20.48
CA ASN G 47 -39.62 -15.96 19.27
C ASN G 47 -38.48 -16.82 18.73
N GLN G 48 -37.49 -17.15 19.58
CA GLN G 48 -36.50 -18.21 19.27
C GLN G 48 -37.10 -19.41 18.51
N THR G 49 -38.16 -20.01 19.05
CA THR G 49 -38.70 -21.25 18.53
C THR G 49 -39.20 -20.98 17.12
N GLN G 50 -39.95 -19.89 17.03
CA GLN G 50 -40.55 -19.44 15.78
C GLN G 50 -39.46 -19.09 14.75
N ILE G 51 -38.53 -18.20 15.14
CA ILE G 51 -37.42 -17.84 14.29
C ILE G 51 -36.72 -19.12 13.77
N ASN G 52 -36.37 -20.06 14.65
CA ASN G 52 -35.52 -21.21 14.26
C ASN G 52 -36.32 -22.23 13.44
N GLN G 53 -37.62 -22.32 13.68
CA GLN G 53 -38.50 -23.09 12.81
C GLN G 53 -38.59 -22.43 11.42
N GLY G 54 -38.85 -21.13 11.40
CA GLY G 54 -38.79 -20.32 10.19
C GLY G 54 -37.54 -20.62 9.38
N LEU G 55 -36.39 -20.60 10.06
CA LEU G 55 -35.12 -20.89 9.41
C LEU G 55 -35.11 -22.33 8.89
N ASP G 56 -35.59 -23.28 9.71
CA ASP G 56 -35.69 -24.70 9.33
C ASP G 56 -36.33 -24.79 7.95
N LEU G 57 -37.46 -24.09 7.81
CA LEU G 57 -38.28 -24.02 6.57
C LEU G 57 -37.49 -23.43 5.39
N ALA G 58 -36.93 -22.23 5.55
CA ALA G 58 -36.04 -21.66 4.50
C ALA G 58 -35.07 -22.74 4.00
N LYS G 59 -34.42 -23.48 4.92
CA LYS G 59 -33.42 -24.49 4.55
C LYS G 59 -34.07 -25.60 3.72
N GLY G 60 -35.26 -26.04 4.14
CA GLY G 60 -36.03 -26.99 3.38
C GLY G 60 -36.26 -26.56 1.95
N HIS G 61 -36.62 -25.27 1.78
CA HIS G 61 -36.82 -24.66 0.47
C HIS G 61 -35.51 -24.72 -0.34
N ALA G 62 -34.40 -24.25 0.25
CA ALA G 62 -33.09 -24.28 -0.41
C ALA G 62 -32.76 -25.70 -0.88
N ASP G 63 -33.09 -26.66 0.00
CA ASP G 63 -32.82 -28.11 -0.15
C ASP G 63 -33.44 -28.70 -1.43
N LEU G 64 -34.71 -28.36 -1.61
CA LEU G 64 -35.54 -28.73 -2.76
C LEU G 64 -35.01 -28.09 -4.05
N TYR G 65 -34.61 -26.80 -4.00
CA TYR G 65 -33.98 -26.21 -5.19
C TYR G 65 -32.73 -27.02 -5.54
N LEU G 66 -31.89 -27.30 -4.54
CA LEU G 66 -30.56 -27.87 -4.81
C LEU G 66 -30.70 -29.32 -5.28
N ASN G 67 -31.69 -30.05 -4.73
CA ASN G 67 -31.77 -31.50 -4.94
C ASN G 67 -32.99 -31.94 -5.76
N THR G 68 -33.99 -31.09 -6.03
CA THR G 68 -35.07 -31.51 -6.97
C THR G 68 -34.99 -30.69 -8.27
N ILE G 69 -34.96 -29.35 -8.16
CA ILE G 69 -35.05 -28.39 -9.30
C ILE G 69 -33.72 -28.33 -10.11
N GLN G 70 -32.60 -28.01 -9.43
CA GLN G 70 -31.28 -27.86 -10.09
C GLN G 70 -31.04 -29.02 -11.06
N PRO G 71 -31.21 -30.28 -10.58
CA PRO G 71 -31.01 -31.46 -11.44
C PRO G 71 -31.95 -31.45 -12.66
N GLN G 72 -33.21 -31.06 -12.43
CA GLN G 72 -34.14 -30.84 -13.52
C GLN G 72 -33.55 -29.77 -14.45
N ILE G 73 -32.99 -28.68 -13.94
CA ILE G 73 -32.59 -27.62 -14.89
C ILE G 73 -31.45 -28.17 -15.74
N ILE G 74 -30.73 -29.13 -15.16
CA ILE G 74 -29.56 -29.71 -15.82
C ILE G 74 -30.03 -30.74 -16.86
N THR G 75 -31.09 -31.47 -16.51
CA THR G 75 -31.74 -32.38 -17.44
C THR G 75 -32.12 -31.65 -18.75
N ASN G 76 -32.67 -30.45 -18.61
CA ASN G 76 -33.13 -29.62 -19.73
C ASN G 76 -31.96 -29.36 -20.67
N ILE G 77 -30.86 -28.84 -20.10
CA ILE G 77 -29.61 -28.67 -20.83
C ILE G 77 -29.23 -29.97 -21.57
N SER G 78 -29.31 -31.13 -20.91
CA SER G 78 -28.96 -32.42 -21.64
C SER G 78 -29.89 -32.64 -22.85
N ASN G 79 -31.18 -32.34 -22.64
CA ASN G 79 -32.23 -32.48 -23.67
C ASN G 79 -31.96 -31.54 -24.86
N ILE G 80 -31.57 -30.29 -24.58
CA ILE G 80 -31.14 -29.42 -25.64
C ILE G 80 -30.01 -30.11 -26.42
N SER G 81 -29.02 -30.68 -25.70
CA SER G 81 -27.90 -31.32 -26.38
C SER G 81 -28.38 -32.48 -27.25
N ASN G 82 -29.37 -33.25 -26.76
CA ASN G 82 -29.89 -34.41 -27.50
C ASN G 82 -30.70 -33.89 -28.70
N TYR G 83 -31.57 -32.89 -28.50
CA TYR G 83 -32.41 -32.39 -29.60
C TYR G 83 -31.54 -31.95 -30.78
N PHE G 84 -30.54 -31.11 -30.49
CA PHE G 84 -29.65 -30.60 -31.57
C PHE G 84 -28.77 -31.71 -32.16
N ALA G 85 -28.42 -32.70 -31.33
CA ALA G 85 -27.68 -33.86 -31.78
C ALA G 85 -28.51 -34.62 -32.82
N LEU G 86 -29.84 -34.64 -32.63
CA LEU G 86 -30.78 -35.21 -33.57
C LEU G 86 -30.93 -34.31 -34.81
N GLN G 87 -31.24 -33.03 -34.61
CA GLN G 87 -31.36 -32.08 -35.75
C GLN G 87 -30.15 -32.19 -36.70
N ASN G 88 -28.93 -32.18 -36.15
CA ASN G 88 -27.70 -32.22 -36.95
C ASN G 88 -27.56 -33.61 -37.59
N ALA G 89 -28.33 -34.58 -37.09
CA ALA G 89 -28.26 -35.96 -37.55
C ALA G 89 -29.00 -36.13 -38.88
N ILE G 90 -30.11 -35.41 -39.07
CA ILE G 90 -30.97 -35.58 -40.25
C ILE G 90 -30.16 -35.41 -41.55
N PRO G 91 -29.46 -34.28 -41.75
CA PRO G 91 -28.55 -34.19 -42.90
C PRO G 91 -27.42 -35.23 -43.00
N ALA G 92 -27.07 -35.94 -41.91
CA ALA G 92 -26.07 -37.04 -42.03
C ALA G 92 -26.75 -38.35 -42.48
N VAL G 93 -28.02 -38.55 -42.13
CA VAL G 93 -28.76 -39.79 -42.40
C VAL G 93 -29.49 -39.69 -43.73
N LEU G 94 -29.84 -38.45 -44.12
CA LEU G 94 -30.52 -38.20 -45.38
C LEU G 94 -29.59 -37.42 -46.30
N PRO G 95 -28.90 -38.08 -47.28
CA PRO G 95 -27.96 -37.39 -48.15
C PRO G 95 -28.63 -36.63 -49.30
N PRO G 96 -27.89 -35.85 -50.13
CA PRO G 96 -28.51 -34.82 -50.97
C PRO G 96 -29.62 -35.22 -51.96
N GLY G 97 -29.80 -36.50 -52.29
CA GLY G 97 -31.02 -36.87 -53.16
C GLY G 97 -32.22 -37.54 -52.45
N SER G 98 -32.59 -37.09 -51.24
CA SER G 98 -33.60 -37.79 -50.38
C SER G 98 -35.03 -37.23 -50.62
N THR G 99 -36.07 -38.04 -50.33
CA THR G 99 -37.52 -37.73 -50.63
C THR G 99 -38.14 -36.73 -49.63
N LYS G 100 -39.17 -36.04 -50.10
CA LYS G 100 -40.05 -35.24 -49.28
C LYS G 100 -40.56 -36.08 -48.10
N ALA G 101 -40.90 -37.34 -48.37
CA ALA G 101 -41.55 -38.19 -47.41
C ALA G 101 -40.59 -38.52 -46.27
N GLN G 102 -39.33 -38.83 -46.63
CA GLN G 102 -38.31 -39.17 -45.64
C GLN G 102 -37.96 -37.95 -44.78
N TRP G 103 -37.78 -36.78 -45.38
CA TRP G 103 -37.65 -35.56 -44.60
C TRP G 103 -38.81 -35.44 -43.60
N LEU G 104 -40.04 -35.65 -44.08
CA LEU G 104 -41.23 -35.48 -43.27
C LEU G 104 -41.21 -36.44 -42.08
N ARG G 105 -40.85 -37.70 -42.31
CA ARG G 105 -40.77 -38.73 -41.25
C ARG G 105 -39.86 -38.17 -40.15
N GLN G 106 -38.67 -37.73 -40.58
CA GLN G 106 -37.58 -37.38 -39.69
C GLN G 106 -37.89 -36.11 -38.87
N LEU G 107 -38.55 -35.13 -39.47
CA LEU G 107 -38.91 -33.91 -38.76
C LEU G 107 -39.89 -34.19 -37.63
N SER G 108 -40.84 -35.09 -37.95
CA SER G 108 -41.93 -35.46 -37.09
C SER G 108 -41.38 -36.15 -35.84
N VAL G 109 -40.38 -37.01 -36.05
CA VAL G 109 -39.76 -37.78 -34.97
C VAL G 109 -39.11 -36.81 -33.98
N ILE G 110 -38.27 -35.90 -34.49
CA ILE G 110 -37.57 -34.97 -33.63
C ILE G 110 -38.52 -33.87 -33.15
N LYS G 111 -39.62 -33.64 -33.87
CA LYS G 111 -40.58 -32.67 -33.32
C LYS G 111 -41.27 -33.30 -32.10
N GLU G 112 -41.50 -34.61 -32.15
CA GLU G 112 -42.25 -35.26 -31.10
C GLU G 112 -41.39 -35.25 -29.82
N GLN G 113 -40.09 -35.44 -30.03
CA GLN G 113 -39.11 -35.51 -28.93
C GLN G 113 -38.97 -34.14 -28.28
N ALA G 114 -38.85 -33.11 -29.13
CA ALA G 114 -38.82 -31.73 -28.69
C ALA G 114 -40.06 -31.43 -27.85
N THR G 115 -41.23 -31.92 -28.29
CA THR G 115 -42.50 -31.74 -27.56
C THR G 115 -42.43 -32.44 -26.19
N GLU G 116 -41.83 -33.63 -26.12
CA GLU G 116 -41.61 -34.27 -24.83
C GLU G 116 -40.78 -33.34 -23.93
N TYR G 117 -39.76 -32.71 -24.53
CA TYR G 117 -38.85 -31.85 -23.84
C TYR G 117 -39.52 -30.53 -23.38
N GLN G 118 -40.48 -29.99 -24.13
CA GLN G 118 -41.24 -28.75 -23.73
C GLN G 118 -42.01 -29.02 -22.41
N ARG G 119 -42.60 -30.22 -22.31
CA ARG G 119 -43.51 -30.61 -21.22
C ARG G 119 -42.70 -30.84 -19.94
N LEU G 120 -41.61 -31.62 -20.02
CA LEU G 120 -40.68 -31.86 -18.89
C LEU G 120 -40.22 -30.50 -18.34
N SER G 121 -39.88 -29.59 -19.26
CA SER G 121 -39.47 -28.20 -18.99
C SER G 121 -40.59 -27.35 -18.40
N SER G 122 -41.80 -27.45 -18.98
CA SER G 122 -43.01 -26.78 -18.42
C SER G 122 -43.33 -27.33 -17.02
N ASP G 123 -43.07 -28.61 -16.74
CA ASP G 123 -43.25 -29.21 -15.37
C ASP G 123 -42.26 -28.60 -14.37
N THR G 124 -40.99 -28.51 -14.78
CA THR G 124 -39.98 -27.78 -14.05
C THR G 124 -40.49 -26.35 -13.75
N ARG G 125 -40.99 -25.66 -14.77
CA ARG G 125 -41.58 -24.36 -14.53
C ARG G 125 -42.61 -24.45 -13.38
N LEU G 126 -43.50 -25.48 -13.39
CA LEU G 126 -44.58 -25.55 -12.34
C LEU G 126 -43.98 -25.71 -10.95
N VAL G 127 -43.06 -26.69 -10.78
CA VAL G 127 -42.37 -26.88 -9.50
C VAL G 127 -41.73 -25.57 -8.99
N ILE G 128 -41.22 -24.70 -9.88
CA ILE G 128 -40.59 -23.43 -9.43
C ILE G 128 -41.65 -22.41 -9.01
N VAL G 129 -42.72 -22.35 -9.78
CA VAL G 129 -43.77 -21.38 -9.51
C VAL G 129 -44.32 -21.65 -8.10
N ASN G 130 -44.35 -22.93 -7.74
CA ASN G 130 -44.86 -23.44 -6.47
C ASN G 130 -43.90 -23.06 -5.33
N LEU G 131 -42.60 -23.38 -5.52
CA LEU G 131 -41.50 -22.92 -4.65
C LEU G 131 -41.58 -21.40 -4.40
N ASN G 132 -41.70 -20.61 -5.48
CA ASN G 132 -41.84 -19.16 -5.36
C ASN G 132 -42.98 -18.84 -4.40
N ASN G 133 -44.14 -19.49 -4.63
CA ASN G 133 -45.36 -19.16 -3.92
C ASN G 133 -45.19 -19.53 -2.44
N ASN G 134 -44.58 -20.67 -2.15
CA ASN G 134 -44.35 -21.04 -0.74
C ASN G 134 -43.42 -20.02 -0.08
N LEU G 135 -42.44 -19.52 -0.82
CA LEU G 135 -41.50 -18.54 -0.29
C LEU G 135 -42.23 -17.22 0.00
N ILE G 136 -43.17 -16.80 -0.88
CA ILE G 136 -43.90 -15.53 -0.66
C ILE G 136 -44.61 -15.56 0.71
N THR G 137 -45.30 -16.68 0.96
CA THR G 137 -45.98 -16.95 2.21
C THR G 137 -45.03 -16.95 3.41
N ASP G 138 -44.03 -17.84 3.38
CA ASP G 138 -43.22 -18.16 4.55
C ASP G 138 -42.24 -17.02 4.85
N SER G 139 -41.96 -16.17 3.84
CA SER G 139 -41.16 -14.97 4.10
C SER G 139 -42.04 -13.89 4.73
N SER G 140 -43.22 -13.66 4.15
CA SER G 140 -44.18 -12.76 4.73
C SER G 140 -44.34 -13.04 6.24
N ASN G 141 -44.60 -14.30 6.63
CA ASN G 141 -44.82 -14.70 8.05
C ASN G 141 -43.56 -14.47 8.89
N PHE G 142 -42.38 -14.74 8.32
CA PHE G 142 -41.10 -14.55 9.05
C PHE G 142 -40.84 -13.05 9.31
N GLN G 143 -41.34 -12.11 8.48
CA GLN G 143 -41.19 -10.66 8.84
C GLN G 143 -42.11 -10.33 10.05
N GLY G 144 -43.18 -11.11 10.27
CA GLY G 144 -44.11 -10.87 11.41
C GLY G 144 -43.50 -11.28 12.76
N ILE G 145 -42.74 -12.37 12.74
CA ILE G 145 -42.01 -12.91 13.87
C ILE G 145 -40.89 -11.93 14.29
N VAL G 146 -40.22 -11.34 13.30
CA VAL G 146 -39.15 -10.35 13.54
C VAL G 146 -39.74 -9.12 14.23
N VAL G 147 -40.90 -8.67 13.73
CA VAL G 147 -41.59 -7.53 14.27
C VAL G 147 -41.99 -7.86 15.70
N ASN G 148 -42.48 -9.09 15.93
CA ASN G 148 -42.97 -9.55 17.27
C ASN G 148 -41.78 -9.52 18.25
N LEU G 149 -40.63 -10.04 17.80
CA LEU G 149 -39.36 -9.96 18.53
C LEU G 149 -38.99 -8.51 18.85
N ASN G 150 -39.03 -7.67 17.81
CA ASN G 150 -38.48 -6.32 17.90
C ASN G 150 -39.27 -5.43 18.88
N SER G 151 -40.58 -5.62 18.99
CA SER G 151 -41.35 -4.82 19.90
C SER G 151 -41.08 -5.26 21.36
N LYS G 152 -40.57 -6.48 21.57
CA LYS G 152 -40.17 -6.93 22.92
C LYS G 152 -38.77 -6.44 23.31
N VAL G 153 -37.93 -6.17 22.29
CA VAL G 153 -36.50 -5.91 22.47
C VAL G 153 -36.27 -4.41 22.61
N GLN G 154 -36.83 -3.66 21.65
CA GLN G 154 -36.76 -2.20 21.62
C GLN G 154 -37.96 -1.63 22.38
N GLY G 155 -38.09 -0.30 22.32
CA GLY G 155 -39.17 0.39 22.98
C GLY G 155 -38.74 0.83 24.35
N ASP G 156 -39.40 1.89 24.86
CA ASP G 156 -39.04 2.56 26.11
C ASP G 156 -38.83 1.51 27.21
N ASN G 157 -39.68 0.47 27.28
CA ASN G 157 -39.61 -0.58 28.33
C ASN G 157 -39.23 -1.97 27.77
N GLY G 158 -38.63 -2.02 26.57
CA GLY G 158 -38.10 -3.26 25.99
C GLY G 158 -36.94 -3.88 26.79
N VAL G 159 -36.48 -5.04 26.32
CA VAL G 159 -35.47 -5.88 26.98
C VAL G 159 -34.10 -5.16 27.01
N LEU G 160 -33.80 -4.43 25.94
CA LEU G 160 -32.56 -3.68 25.80
C LEU G 160 -32.54 -2.47 26.76
N ALA G 161 -33.63 -1.72 26.88
CA ALA G 161 -33.64 -0.46 27.73
C ALA G 161 -33.41 -0.76 29.22
N GLN G 162 -33.80 -1.97 29.63
CA GLN G 162 -33.73 -2.48 30.97
C GLN G 162 -32.35 -3.04 31.28
N LEU G 163 -31.67 -3.56 30.26
CA LEU G 163 -30.26 -3.79 30.34
C LEU G 163 -29.52 -2.43 30.40
N ASN G 164 -29.77 -1.50 29.47
CA ASN G 164 -29.07 -0.20 29.55
C ASN G 164 -29.22 0.44 30.92
N GLY G 165 -30.44 0.40 31.51
CA GLY G 165 -30.69 0.93 32.85
C GLY G 165 -29.80 0.27 33.87
N ASP G 166 -29.96 -1.04 34.00
CA ASP G 166 -29.24 -1.85 35.00
C ASP G 166 -27.72 -1.63 34.86
N ILE G 167 -27.23 -1.48 33.62
CA ILE G 167 -25.81 -1.17 33.37
C ILE G 167 -25.49 0.21 33.98
N ASP G 168 -26.15 1.25 33.47
CA ASP G 168 -26.04 2.62 34.02
C ASP G 168 -26.05 2.65 35.56
N LYS G 169 -27.00 1.92 36.18
CA LYS G 169 -27.10 1.84 37.64
C LYS G 169 -25.82 1.29 38.25
N VAL G 170 -25.28 0.18 37.69
CA VAL G 170 -24.10 -0.45 38.24
C VAL G 170 -22.85 0.41 38.00
N ASN G 171 -22.85 1.21 36.93
CA ASN G 171 -21.76 2.13 36.61
C ASN G 171 -21.70 3.30 37.63
N ALA G 172 -22.89 3.83 37.97
CA ALA G 172 -23.15 4.87 39.01
C ALA G 172 -22.83 4.37 40.41
N ALA G 173 -23.35 3.19 40.76
CA ALA G 173 -22.92 2.52 41.99
C ALA G 173 -21.38 2.40 42.03
N ILE G 174 -20.76 2.02 40.94
CA ILE G 174 -19.34 1.81 40.99
C ILE G 174 -18.60 3.16 41.02
N ASP G 175 -19.12 4.15 40.28
CA ASP G 175 -18.50 5.48 40.26
C ASP G 175 -18.63 6.11 41.65
N GLY G 176 -19.73 5.75 42.32
CA GLY G 176 -20.14 6.31 43.61
C GLY G 176 -19.28 5.79 44.73
N ALA G 177 -19.11 4.46 44.76
CA ALA G 177 -18.17 3.75 45.63
C ALA G 177 -16.77 4.37 45.54
N ILE G 178 -16.34 4.80 44.35
CA ILE G 178 -14.97 5.27 44.15
C ILE G 178 -14.80 6.70 44.65
N ALA G 179 -15.76 7.56 44.30
CA ALA G 179 -15.75 8.90 44.82
C ALA G 179 -15.65 8.84 46.35
N GLY G 180 -16.28 7.81 46.94
CA GLY G 180 -16.32 7.56 48.37
C GLY G 180 -14.96 7.22 48.94
N ILE G 181 -14.19 6.41 48.21
CA ILE G 181 -12.82 6.03 48.64
C ILE G 181 -11.88 7.26 48.57
N VAL G 182 -12.08 8.09 47.54
CA VAL G 182 -11.21 9.26 47.23
C VAL G 182 -11.40 10.34 48.29
N ALA G 183 -12.65 10.77 48.46
CA ALA G 183 -12.95 11.76 49.46
C ALA G 183 -12.79 11.12 50.84
N GLY G 184 -13.03 9.81 50.93
CA GLY G 184 -12.67 8.99 52.10
C GLY G 184 -11.28 9.31 52.64
N GLY G 185 -10.24 9.00 51.86
CA GLY G 185 -8.82 9.15 52.28
C GLY G 185 -8.47 10.58 52.70
N LEU G 186 -8.95 11.55 51.91
CA LEU G 186 -8.81 12.98 52.16
C LEU G 186 -9.36 13.31 53.55
N LEU G 187 -10.44 12.62 53.93
CA LEU G 187 -11.07 12.87 55.22
C LEU G 187 -10.29 12.23 56.36
N VAL G 188 -9.83 10.99 56.21
CA VAL G 188 -9.15 10.39 57.34
C VAL G 188 -7.76 11.03 57.44
N ILE G 189 -7.23 11.46 56.30
CA ILE G 189 -5.86 12.03 56.34
C ILE G 189 -5.95 13.39 57.00
N GLY G 190 -6.77 14.28 56.42
CA GLY G 190 -7.01 15.63 56.94
C GLY G 190 -7.39 15.66 58.42
N GLY G 191 -8.30 14.76 58.82
CA GLY G 191 -8.81 14.65 60.17
C GLY G 191 -7.73 14.26 61.17
N ALA G 192 -6.83 13.36 60.77
CA ALA G 192 -5.69 13.03 61.63
C ALA G 192 -4.93 14.32 61.99
N PHE G 193 -4.73 15.20 61.00
CA PHE G 193 -4.01 16.47 61.18
C PHE G 193 -4.82 17.36 62.13
N VAL G 194 -6.09 17.56 61.78
CA VAL G 194 -7.03 18.39 62.51
C VAL G 194 -7.13 17.90 63.96
N THR G 195 -7.23 16.58 64.16
CA THR G 195 -7.38 16.03 65.54
C THR G 195 -6.16 16.38 66.40
N ALA G 196 -4.93 16.04 65.94
CA ALA G 196 -3.68 16.26 66.71
C ALA G 196 -3.46 17.76 66.99
N ILE G 197 -3.79 18.61 66.02
CA ILE G 197 -3.65 20.07 66.13
C ILE G 197 -4.64 20.66 67.14
N GLY G 198 -5.63 19.90 67.65
CA GLY G 198 -6.45 20.33 68.81
C GLY G 198 -5.72 20.14 70.13
N ALA G 199 -5.59 18.87 70.56
CA ALA G 199 -4.81 18.47 71.75
C ALA G 199 -3.39 19.06 71.71
N SER G 209 -11.12 23.69 73.82
CA SER G 209 -10.98 23.42 72.38
C SER G 209 -11.24 21.94 72.06
N THR G 210 -12.11 21.24 72.79
CA THR G 210 -12.50 19.88 72.34
C THR G 210 -13.49 19.91 71.17
N PRO G 211 -14.11 21.03 70.74
CA PRO G 211 -14.87 21.06 69.48
C PRO G 211 -14.08 20.60 68.23
N VAL G 212 -12.90 21.18 68.02
CA VAL G 212 -12.00 20.88 66.86
C VAL G 212 -11.66 19.37 66.87
N VAL G 213 -11.36 18.80 68.04
CA VAL G 213 -10.96 17.37 68.18
C VAL G 213 -12.10 16.46 67.71
N ILE G 214 -13.34 16.88 67.97
CA ILE G 214 -14.48 16.07 67.60
C ILE G 214 -14.67 16.12 66.07
N GLY G 215 -14.48 17.28 65.43
CA GLY G 215 -14.51 17.39 63.96
C GLY G 215 -13.49 16.48 63.29
N GLY G 216 -12.23 16.62 63.74
CA GLY G 216 -11.12 15.79 63.30
C GLY G 216 -11.46 14.30 63.39
N VAL G 217 -11.85 13.84 64.57
CA VAL G 217 -12.13 12.40 64.75
C VAL G 217 -13.32 11.96 63.89
N ALA G 218 -14.33 12.83 63.79
CA ALA G 218 -15.47 12.67 62.90
C ALA G 218 -15.01 12.58 61.45
N MET G 219 -14.11 13.48 61.01
CA MET G 219 -13.66 13.43 59.62
C MET G 219 -13.04 12.05 59.36
N MET G 220 -12.39 11.46 60.36
CA MET G 220 -11.76 10.16 60.22
C MET G 220 -12.82 9.06 60.19
N VAL G 221 -13.86 9.14 61.03
CA VAL G 221 -14.84 8.04 61.07
C VAL G 221 -15.62 8.03 59.78
N ALA G 222 -15.94 9.22 59.25
CA ALA G 222 -16.63 9.36 57.99
C ALA G 222 -15.72 8.86 56.84
N GLY G 223 -14.51 9.41 56.82
CA GLY G 223 -13.48 8.99 55.93
C GLY G 223 -13.46 7.47 55.81
N ALA G 224 -13.35 6.82 56.96
CA ALA G 224 -13.12 5.38 57.04
C ALA G 224 -14.37 4.68 56.56
N GLY G 225 -15.51 5.22 57.00
CA GLY G 225 -16.79 4.76 56.59
C GLY G 225 -16.88 4.79 55.08
N GLY G 226 -16.53 5.92 54.47
CA GLY G 226 -16.57 6.07 53.01
C GLY G 226 -15.74 5.00 52.29
N ILE G 227 -14.51 4.81 52.77
CA ILE G 227 -13.56 3.94 52.20
C ILE G 227 -14.07 2.50 52.25
N THR G 228 -14.45 2.06 53.46
CA THR G 228 -14.89 0.67 53.72
C THR G 228 -16.14 0.35 52.89
N ALA G 229 -17.16 1.21 52.97
CA ALA G 229 -18.44 1.16 52.19
C ALA G 229 -18.16 1.10 50.67
N GLY G 230 -17.28 2.00 50.20
CA GLY G 230 -16.75 2.00 48.81
C GLY G 230 -16.34 0.62 48.34
N ALA G 231 -15.42 0.01 49.08
CA ALA G 231 -14.90 -1.32 48.80
C ALA G 231 -15.99 -2.40 48.91
N ILE G 232 -16.86 -2.37 49.93
CA ILE G 232 -17.96 -3.37 50.04
C ILE G 232 -18.77 -3.34 48.72
N VAL G 233 -18.74 -2.21 48.01
CA VAL G 233 -19.57 -2.05 46.83
C VAL G 233 -18.80 -2.50 45.57
N LEU G 234 -17.62 -1.92 45.31
CA LEU G 234 -16.71 -2.36 44.24
C LEU G 234 -16.61 -3.89 44.11
N HIS G 235 -16.58 -4.63 45.22
CA HIS G 235 -16.41 -6.08 45.16
C HIS G 235 -17.71 -6.72 44.66
N ASN G 236 -18.81 -6.35 45.33
CA ASN G 236 -20.15 -6.86 44.99
C ASN G 236 -20.61 -6.43 43.59
N SER G 237 -19.96 -5.42 42.99
CA SER G 237 -20.49 -4.76 41.80
C SER G 237 -19.75 -5.13 40.51
N LEU G 238 -18.46 -5.50 40.59
CA LEU G 238 -17.69 -5.73 39.35
C LEU G 238 -18.21 -7.00 38.66
N GLY G 239 -18.51 -8.06 39.43
CA GLY G 239 -18.97 -9.32 38.85
C GLY G 239 -20.27 -9.15 38.08
N ALA G 240 -21.17 -8.34 38.64
CA ALA G 240 -22.49 -8.06 38.05
C ALA G 240 -22.38 -7.29 36.73
N ARG G 241 -21.39 -6.38 36.66
CA ARG G 241 -21.17 -5.52 35.53
C ARG G 241 -20.88 -6.37 34.30
N GLN G 242 -19.93 -7.31 34.44
CA GLN G 242 -19.53 -8.16 33.33
C GLN G 242 -20.77 -8.88 32.79
N ASP G 243 -21.55 -9.45 33.71
CA ASP G 243 -22.68 -10.23 33.28
C ASP G 243 -23.69 -9.38 32.46
N LEU G 244 -23.97 -8.14 32.85
CA LEU G 244 -24.89 -7.30 32.07
C LEU G 244 -24.35 -7.00 30.67
N TYR G 245 -23.03 -6.75 30.53
CA TYR G 245 -22.43 -6.27 29.24
C TYR G 245 -22.49 -7.40 28.18
N GLN G 246 -22.32 -8.63 28.66
CA GLN G 246 -22.35 -9.87 27.93
C GLN G 246 -23.80 -10.19 27.55
N LYS G 247 -24.74 -9.94 28.47
CA LYS G 247 -26.19 -10.11 28.17
C LYS G 247 -26.56 -9.16 27.02
N ARG G 248 -26.00 -7.96 27.03
CA ARG G 248 -26.39 -6.95 26.05
C ARG G 248 -25.76 -7.22 24.69
N SER G 249 -24.52 -7.72 24.65
CA SER G 249 -23.86 -7.95 23.37
C SER G 249 -24.43 -9.20 22.71
N SER G 250 -24.83 -10.18 23.54
CA SER G 250 -25.51 -11.38 23.09
C SER G 250 -26.86 -11.02 22.43
N LEU G 251 -27.64 -10.16 23.09
CA LEU G 251 -28.90 -9.71 22.54
C LEU G 251 -28.72 -8.98 21.21
N ASN G 252 -27.72 -8.08 21.14
CA ASN G 252 -27.43 -7.33 19.95
C ASN G 252 -27.18 -8.33 18.80
N SER G 253 -26.27 -9.27 19.02
CA SER G 253 -25.89 -10.29 18.05
C SER G 253 -27.12 -11.04 17.54
N GLU G 254 -27.94 -11.52 18.46
CA GLU G 254 -29.00 -12.48 18.15
C GLU G 254 -30.18 -11.76 17.46
N VAL G 255 -30.40 -10.47 17.79
CA VAL G 255 -31.41 -9.67 17.12
C VAL G 255 -31.00 -9.50 15.65
N LEU G 256 -29.75 -9.07 15.45
CA LEU G 256 -29.11 -8.89 14.14
C LEU G 256 -29.24 -10.16 13.29
N ILE G 257 -29.12 -11.34 13.91
CA ILE G 257 -29.15 -12.59 13.19
C ILE G 257 -30.59 -12.87 12.75
N ALA G 258 -31.53 -12.75 13.69
CA ALA G 258 -32.95 -12.86 13.37
C ALA G 258 -33.25 -12.04 12.11
N THR G 259 -32.71 -10.82 12.05
CA THR G 259 -32.92 -9.91 10.93
C THR G 259 -32.21 -10.42 9.68
N GLN G 260 -30.95 -10.85 9.82
CA GLN G 260 -30.14 -11.44 8.76
C GLN G 260 -30.91 -12.58 8.10
N ILE G 261 -31.54 -13.46 8.92
CA ILE G 261 -32.38 -14.60 8.44
C ILE G 261 -33.62 -14.10 7.70
N GLY G 262 -34.26 -13.07 8.24
CA GLY G 262 -35.36 -12.38 7.58
C GLY G 262 -35.01 -11.97 6.16
N ASN G 263 -33.83 -11.36 6.02
CA ASN G 263 -33.35 -10.83 4.76
C ASN G 263 -32.94 -12.02 3.88
N GLY G 264 -32.40 -13.08 4.48
CA GLY G 264 -32.09 -14.30 3.73
C GLY G 264 -33.35 -14.82 3.03
N TYR G 265 -34.48 -14.71 3.74
CA TYR G 265 -35.78 -15.14 3.28
C TYR G 265 -36.25 -14.27 2.11
N LYS G 266 -36.13 -12.96 2.27
CA LYS G 266 -36.57 -12.04 1.24
C LYS G 266 -35.75 -12.28 -0.03
N GLY G 267 -34.42 -12.38 0.13
CA GLY G 267 -33.49 -12.52 -0.99
C GLY G 267 -33.72 -13.83 -1.76
N LEU G 268 -34.02 -14.90 -1.02
CA LEU G 268 -34.36 -16.19 -1.62
C LEU G 268 -35.74 -16.15 -2.31
N GLN G 269 -36.75 -15.34 -1.87
CA GLN G 269 -38.06 -15.19 -2.69
C GLN G 269 -37.70 -14.46 -3.98
N VAL G 270 -36.76 -13.50 -3.89
CA VAL G 270 -36.36 -12.77 -5.06
C VAL G 270 -35.61 -13.72 -6.01
N GLN G 271 -34.83 -14.64 -5.44
CA GLN G 271 -34.01 -15.55 -6.27
C GLN G 271 -34.95 -16.52 -6.99
N ALA G 272 -35.95 -17.03 -6.27
CA ALA G 272 -37.06 -17.89 -6.78
C ALA G 272 -37.86 -17.19 -7.89
N GLN G 273 -38.11 -15.89 -7.70
CA GLN G 273 -38.87 -15.11 -8.69
C GLN G 273 -38.08 -15.09 -10.02
N ASN G 274 -36.78 -14.79 -9.94
CA ASN G 274 -35.87 -14.87 -11.09
C ASN G 274 -35.99 -16.24 -11.79
N ALA G 275 -36.14 -17.33 -11.02
CA ALA G 275 -36.14 -18.68 -11.54
C ALA G 275 -37.43 -18.95 -12.33
N VAL G 276 -38.55 -18.38 -11.87
CA VAL G 276 -39.83 -18.40 -12.57
C VAL G 276 -39.74 -17.72 -13.96
N THR G 277 -39.13 -16.53 -13.99
CA THR G 277 -39.09 -15.66 -15.19
C THR G 277 -38.27 -16.37 -16.28
N ALA G 278 -37.20 -17.04 -15.85
CA ALA G 278 -36.27 -17.75 -16.71
C ALA G 278 -36.82 -19.14 -17.09
N ALA G 279 -37.64 -19.74 -16.22
CA ALA G 279 -38.29 -21.02 -16.55
C ALA G 279 -39.29 -20.76 -17.65
N THR G 280 -40.02 -19.64 -17.48
CA THR G 280 -41.03 -19.18 -18.40
C THR G 280 -40.43 -18.97 -19.80
N GLN G 281 -39.26 -18.30 -19.85
CA GLN G 281 -38.60 -17.94 -21.11
C GLN G 281 -38.09 -19.22 -21.78
N MET G 282 -37.75 -20.25 -20.99
CA MET G 282 -37.25 -21.52 -21.51
C MET G 282 -38.41 -22.37 -22.07
N SER G 283 -39.51 -22.54 -21.30
CA SER G 283 -40.77 -23.18 -21.78
C SER G 283 -41.19 -22.57 -23.12
N ASN G 284 -41.16 -21.23 -23.18
CA ASN G 284 -41.52 -20.49 -24.41
C ASN G 284 -40.54 -20.81 -25.54
N ALA G 285 -39.27 -21.07 -25.20
CA ALA G 285 -38.27 -21.27 -26.23
C ALA G 285 -38.54 -22.58 -26.94
N TRP G 286 -38.87 -23.61 -26.14
CA TRP G 286 -39.24 -24.96 -26.60
C TRP G 286 -40.46 -24.88 -27.51
N ASP G 287 -41.46 -24.08 -27.07
CA ASP G 287 -42.67 -23.76 -27.84
C ASP G 287 -42.29 -23.17 -29.21
N SER G 288 -41.34 -22.25 -29.26
CA SER G 288 -40.99 -21.59 -30.52
C SER G 288 -40.39 -22.63 -31.48
N LEU G 289 -39.60 -23.56 -30.90
CA LEU G 289 -38.94 -24.67 -31.60
C LEU G 289 -39.99 -25.63 -32.14
N THR G 290 -40.91 -26.10 -31.27
CA THR G 290 -41.82 -27.14 -31.70
C THR G 290 -42.68 -26.55 -32.83
N SER G 291 -43.10 -25.27 -32.69
CA SER G 291 -43.92 -24.54 -33.69
C SER G 291 -43.19 -24.36 -35.02
N ASP G 292 -41.91 -24.00 -34.98
CA ASP G 292 -41.14 -23.76 -36.20
C ASP G 292 -41.08 -25.11 -36.94
N LEU G 293 -40.72 -26.16 -36.20
CA LEU G 293 -40.58 -27.51 -36.76
C LEU G 293 -41.90 -27.93 -37.42
N GLY G 294 -43.05 -27.54 -36.85
CA GLY G 294 -44.42 -27.75 -37.37
C GLY G 294 -44.68 -27.01 -38.67
N SER G 295 -44.39 -25.70 -38.72
CA SER G 295 -44.43 -24.91 -39.99
C SER G 295 -43.58 -25.58 -41.07
N LEU G 296 -42.34 -25.94 -40.75
CA LEU G 296 -41.47 -26.63 -41.68
C LEU G 296 -42.22 -27.86 -42.23
N ILE G 297 -42.98 -28.55 -41.37
CA ILE G 297 -43.66 -29.79 -41.74
C ILE G 297 -44.81 -29.43 -42.68
N THR G 298 -45.73 -28.56 -42.26
CA THR G 298 -46.79 -27.99 -43.14
C THR G 298 -46.23 -27.60 -44.52
N ASP G 299 -45.31 -26.64 -44.55
CA ASP G 299 -44.70 -26.09 -45.76
C ASP G 299 -44.23 -27.19 -46.72
N LEU G 300 -43.45 -28.13 -46.18
CA LEU G 300 -42.93 -29.28 -46.92
C LEU G 300 -44.12 -30.07 -47.49
N ASP G 301 -45.18 -30.23 -46.70
CA ASP G 301 -46.37 -31.07 -47.04
C ASP G 301 -47.24 -30.36 -48.07
N LYS G 302 -46.95 -29.09 -48.38
CA LYS G 302 -47.71 -28.38 -49.38
C LYS G 302 -46.77 -27.77 -50.43
N GLY G 303 -45.50 -28.20 -50.48
CA GLY G 303 -44.57 -27.92 -51.61
C GLY G 303 -44.11 -26.47 -51.72
N ILE G 304 -44.07 -25.76 -50.58
CA ILE G 304 -43.49 -24.41 -50.47
C ILE G 304 -41.94 -24.49 -50.51
N THR G 305 -41.36 -25.68 -50.28
CA THR G 305 -39.90 -25.98 -50.30
C THR G 305 -39.68 -27.51 -50.33
N SER G 306 -38.44 -27.95 -50.55
CA SER G 306 -38.07 -29.36 -50.62
C SER G 306 -37.02 -29.66 -49.54
N GLY G 307 -36.86 -30.94 -49.22
CA GLY G 307 -35.83 -31.40 -48.31
C GLY G 307 -34.47 -30.85 -48.65
N ASP G 308 -34.25 -30.58 -49.95
CA ASP G 308 -32.97 -30.04 -50.46
C ASP G 308 -32.79 -28.58 -50.03
N ASP G 309 -33.84 -27.74 -50.18
CA ASP G 309 -33.94 -26.44 -49.50
C ASP G 309 -33.59 -26.63 -48.02
N ILE G 310 -34.39 -27.42 -47.28
CA ILE G 310 -34.16 -27.61 -45.82
C ILE G 310 -32.69 -27.95 -45.58
N ARG G 311 -32.13 -28.80 -46.47
CA ARG G 311 -30.84 -29.44 -46.28
C ARG G 311 -29.73 -28.38 -46.12
N GLN G 312 -29.78 -27.32 -46.93
CA GLN G 312 -28.74 -26.29 -46.91
C GLN G 312 -29.04 -25.39 -45.69
N LEU G 313 -30.29 -24.96 -45.55
CA LEU G 313 -30.61 -24.10 -44.43
C LEU G 313 -30.12 -24.78 -43.14
N TRP G 314 -30.24 -26.12 -43.08
CA TRP G 314 -29.79 -26.89 -41.92
C TRP G 314 -28.27 -27.05 -41.91
N LEU G 315 -27.64 -27.05 -43.09
CA LEU G 315 -26.19 -27.10 -43.14
C LEU G 315 -25.61 -25.74 -42.72
N THR G 316 -26.12 -24.63 -43.25
CA THR G 316 -25.62 -23.30 -42.81
C THR G 316 -25.74 -23.22 -41.27
N ALA G 317 -26.90 -23.60 -40.69
CA ALA G 317 -27.20 -23.53 -39.23
C ALA G 317 -26.08 -24.15 -38.39
N ALA G 318 -25.73 -25.41 -38.68
CA ALA G 318 -24.80 -26.20 -37.89
C ALA G 318 -23.41 -25.54 -37.81
N ASP G 319 -23.00 -24.83 -38.87
CA ASP G 319 -21.65 -24.24 -38.97
C ASP G 319 -21.64 -22.84 -38.33
N THR G 320 -22.83 -22.34 -37.98
CA THR G 320 -22.97 -21.00 -37.42
C THR G 320 -23.77 -21.12 -36.11
N THR G 321 -25.10 -21.13 -36.23
CA THR G 321 -26.04 -20.75 -35.20
C THR G 321 -26.15 -21.86 -34.13
N VAL G 322 -26.16 -23.11 -34.60
CA VAL G 322 -26.22 -24.34 -33.77
C VAL G 322 -24.90 -24.54 -33.01
N LYS G 323 -23.78 -24.04 -33.58
CA LYS G 323 -22.45 -24.23 -33.03
C LYS G 323 -22.25 -23.31 -31.84
N THR G 324 -23.01 -22.21 -31.82
CA THR G 324 -23.17 -21.30 -30.69
C THR G 324 -23.98 -21.94 -29.55
N VAL G 325 -25.12 -22.58 -29.85
CA VAL G 325 -25.91 -23.28 -28.84
C VAL G 325 -25.07 -24.40 -28.21
N LEU G 326 -24.36 -25.13 -29.07
CA LEU G 326 -23.69 -26.33 -28.66
C LEU G 326 -22.42 -25.94 -27.88
N THR G 327 -21.75 -24.89 -28.37
CA THR G 327 -20.67 -24.18 -27.68
C THR G 327 -21.17 -23.74 -26.29
N ASP G 328 -22.23 -22.95 -26.27
CA ASP G 328 -22.78 -22.42 -25.05
C ASP G 328 -23.14 -23.55 -24.06
N VAL G 329 -23.56 -24.72 -24.56
CA VAL G 329 -23.85 -25.90 -23.69
C VAL G 329 -22.62 -26.32 -22.88
N THR G 330 -21.49 -26.57 -23.55
CA THR G 330 -20.26 -27.02 -22.85
C THR G 330 -19.63 -25.86 -22.06
N THR G 331 -19.93 -24.60 -22.42
CA THR G 331 -19.54 -23.41 -21.64
C THR G 331 -20.30 -23.38 -20.32
N ILE G 332 -21.60 -23.73 -20.37
CA ILE G 332 -22.48 -23.68 -19.21
C ILE G 332 -22.14 -24.88 -18.29
N LYS G 333 -22.03 -26.08 -18.88
CA LYS G 333 -21.65 -27.29 -18.16
C LYS G 333 -20.31 -27.08 -17.44
N ALA G 334 -19.45 -26.30 -18.10
CA ALA G 334 -18.13 -25.95 -17.58
C ALA G 334 -18.28 -25.08 -16.34
N GLN G 335 -18.95 -23.92 -16.49
CA GLN G 335 -19.23 -22.98 -15.36
C GLN G 335 -19.79 -23.77 -14.17
N MET G 336 -20.78 -24.63 -14.41
CA MET G 336 -21.50 -25.32 -13.34
C MET G 336 -20.62 -26.38 -12.67
N ALA G 337 -19.59 -26.83 -13.39
CA ALA G 337 -18.68 -27.86 -12.91
C ALA G 337 -17.40 -27.22 -12.30
N GLY G 338 -17.22 -25.92 -12.51
CA GLY G 338 -15.99 -25.18 -12.17
C GLY G 338 -14.71 -25.70 -12.85
N VAL G 339 -14.59 -25.64 -14.20
CA VAL G 339 -13.45 -26.23 -14.97
C VAL G 339 -12.79 -25.22 -15.94
N ALA H 17 15.53 -21.73 -5.96
CA ALA H 17 16.47 -21.95 -4.83
C ALA H 17 16.37 -23.41 -4.34
N SER H 18 17.37 -24.22 -4.66
CA SER H 18 17.47 -25.63 -4.24
C SER H 18 17.67 -25.71 -2.73
N GLN H 19 17.49 -26.94 -2.23
CA GLN H 19 17.54 -27.22 -0.83
C GLN H 19 18.94 -26.92 -0.27
N ALA H 20 19.98 -27.36 -0.97
CA ALA H 20 21.37 -27.07 -0.65
C ALA H 20 21.65 -25.55 -0.66
N MET H 21 21.02 -24.82 -1.56
CA MET H 21 21.22 -23.36 -1.66
C MET H 21 20.59 -22.68 -0.43
N GLN H 22 19.43 -23.17 0.00
CA GLN H 22 18.75 -22.72 1.20
C GLN H 22 19.66 -22.88 2.41
N ILE H 23 20.39 -24.01 2.47
CA ILE H 23 21.22 -24.27 3.63
C ILE H 23 22.48 -23.42 3.53
N GLN H 24 22.98 -23.26 2.31
CA GLN H 24 24.16 -22.43 2.10
C GLN H 24 23.84 -21.00 2.58
N THR H 25 22.61 -20.51 2.29
CA THR H 25 22.27 -19.11 2.57
C THR H 25 22.39 -18.94 4.07
N TYR H 26 21.78 -19.90 4.80
CA TYR H 26 21.80 -19.94 6.25
C TYR H 26 23.26 -19.97 6.71
N CYS H 27 24.08 -20.89 6.20
CA CYS H 27 25.48 -21.01 6.65
C CYS H 27 26.22 -19.68 6.37
N ASN H 28 26.07 -19.14 5.17
CA ASN H 28 26.76 -17.89 4.80
C ASN H 28 26.30 -16.68 5.64
N SER H 29 25.05 -16.71 6.05
CA SER H 29 24.49 -15.63 6.83
C SER H 29 25.04 -15.66 8.27
N VAL H 30 25.01 -16.82 8.91
CA VAL H 30 25.39 -16.94 10.28
C VAL H 30 26.90 -16.71 10.45
N LYS H 31 27.69 -17.18 9.49
CA LYS H 31 29.16 -17.11 9.64
C LYS H 31 29.62 -15.65 9.68
N GLN H 32 28.75 -14.72 9.25
CA GLN H 32 29.11 -13.30 9.15
C GLN H 32 28.67 -12.49 10.36
N GLN H 33 27.88 -13.07 11.27
CA GLN H 33 27.47 -12.33 12.43
C GLN H 33 28.67 -12.12 13.35
N VAL H 34 28.57 -11.02 14.10
CA VAL H 34 29.60 -10.54 14.96
C VAL H 34 29.12 -10.62 16.40
N PRO H 35 29.80 -11.39 17.27
CA PRO H 35 29.45 -11.46 18.69
C PRO H 35 29.19 -10.07 19.29
N VAL H 36 28.22 -10.01 20.19
CA VAL H 36 27.87 -8.75 20.78
C VAL H 36 28.71 -8.52 22.04
N ASP H 37 29.02 -7.23 22.26
CA ASP H 37 29.48 -6.70 23.52
C ASP H 37 28.37 -5.83 24.12
N PHE H 38 27.75 -6.26 25.22
CA PHE H 38 26.76 -5.49 25.89
C PHE H 38 27.32 -4.93 27.21
N SER H 39 28.63 -4.65 27.22
CA SER H 39 29.35 -4.35 28.47
C SER H 39 28.80 -3.06 29.07
N GLN H 40 28.29 -2.19 28.19
CA GLN H 40 27.63 -0.98 28.56
C GLN H 40 26.20 -1.23 29.06
N PHE H 41 25.72 -2.46 29.12
CA PHE H 41 24.33 -2.66 29.52
C PHE H 41 24.26 -3.86 30.46
N PRO H 42 24.48 -3.69 31.78
CA PRO H 42 24.49 -4.84 32.68
C PRO H 42 23.14 -5.56 32.68
N ASN H 43 22.08 -4.83 32.32
CA ASN H 43 20.77 -5.44 32.21
C ASN H 43 20.81 -6.58 31.16
N LEU H 44 21.63 -6.46 30.13
CA LEU H 44 21.69 -7.46 29.07
C LEU H 44 22.85 -8.47 29.27
N LYS H 45 23.60 -8.40 30.39
CA LYS H 45 24.78 -9.29 30.73
C LYS H 45 24.59 -10.73 30.20
N ASP H 46 23.50 -11.39 30.61
CA ASP H 46 23.22 -12.82 30.33
C ASP H 46 22.83 -13.04 28.86
N ASN H 47 22.03 -12.12 28.31
CA ASN H 47 21.74 -12.04 26.88
C ASN H 47 23.04 -12.10 26.05
N GLN H 48 24.08 -11.36 26.45
CA GLN H 48 25.41 -11.45 25.78
C GLN H 48 25.95 -12.90 25.82
N THR H 49 25.86 -13.58 26.96
CA THR H 49 26.33 -14.98 27.09
C THR H 49 25.56 -15.91 26.13
N GLN H 50 24.23 -15.80 26.15
CA GLN H 50 23.32 -16.66 25.38
C GLN H 50 23.59 -16.50 23.88
N ILE H 51 23.63 -15.24 23.43
CA ILE H 51 23.85 -14.89 22.01
C ILE H 51 25.18 -15.50 21.54
N ASN H 52 26.26 -15.29 22.31
CA ASN H 52 27.62 -15.53 21.84
C ASN H 52 27.96 -17.02 21.76
N GLN H 53 27.36 -17.83 22.64
CA GLN H 53 27.48 -19.30 22.64
C GLN H 53 26.63 -19.90 21.52
N GLY H 54 25.37 -19.46 21.44
CA GLY H 54 24.45 -19.95 20.41
C GLY H 54 25.01 -19.78 19.01
N LEU H 55 25.72 -18.64 18.81
CA LEU H 55 26.34 -18.18 17.54
C LEU H 55 27.58 -19.02 17.26
N ASP H 56 28.47 -19.07 18.25
CA ASP H 56 29.71 -19.83 18.14
C ASP H 56 29.34 -21.26 17.74
N LEU H 57 28.29 -21.80 18.35
CA LEU H 57 27.86 -23.17 18.11
C LEU H 57 27.34 -23.30 16.66
N ALA H 58 26.58 -22.33 16.19
CA ALA H 58 26.00 -22.38 14.82
C ALA H 58 27.09 -22.19 13.75
N LYS H 59 28.08 -21.34 14.02
CA LYS H 59 29.27 -21.20 13.11
C LYS H 59 29.94 -22.57 12.89
N GLY H 60 30.04 -23.37 13.96
CA GLY H 60 30.61 -24.71 13.92
C GLY H 60 29.82 -25.62 13.00
N HIS H 61 28.50 -25.56 13.16
CA HIS H 61 27.53 -26.34 12.42
C HIS H 61 27.57 -25.97 10.93
N ALA H 62 27.66 -24.67 10.67
CA ALA H 62 27.67 -24.14 9.33
C ALA H 62 28.89 -24.66 8.54
N ASP H 63 30.08 -24.50 9.14
CA ASP H 63 31.36 -24.96 8.59
C ASP H 63 31.26 -26.45 8.24
N LEU H 64 30.59 -27.21 9.11
CA LEU H 64 30.45 -28.60 8.96
C LEU H 64 29.66 -28.95 7.69
N TYR H 65 28.50 -28.32 7.53
CA TYR H 65 27.78 -28.45 6.28
C TYR H 65 28.69 -28.06 5.10
N LEU H 66 29.36 -26.92 5.17
CA LEU H 66 30.07 -26.39 4.01
C LEU H 66 31.32 -27.22 3.69
N ASN H 67 32.08 -27.68 4.70
CA ASN H 67 33.32 -28.36 4.32
C ASN H 67 33.14 -29.88 4.42
N THR H 68 32.05 -30.40 5.02
CA THR H 68 31.94 -31.90 5.22
C THR H 68 30.66 -32.52 4.65
N ILE H 69 29.50 -32.07 5.11
CA ILE H 69 28.24 -32.74 4.84
C ILE H 69 27.85 -32.57 3.37
N GLN H 70 27.70 -31.33 2.91
CA GLN H 70 27.24 -31.12 1.53
C GLN H 70 28.14 -31.86 0.55
N PRO H 71 29.49 -31.80 0.68
CA PRO H 71 30.37 -32.57 -0.20
C PRO H 71 30.15 -34.09 -0.10
N GLN H 72 29.93 -34.61 1.11
CA GLN H 72 29.62 -36.04 1.24
C GLN H 72 28.36 -36.38 0.44
N ILE H 73 27.28 -35.60 0.66
CA ILE H 73 25.98 -35.84 0.06
C ILE H 73 26.12 -35.83 -1.46
N ILE H 74 26.82 -34.82 -2.01
CA ILE H 74 26.99 -34.74 -3.46
C ILE H 74 27.84 -35.93 -3.96
N THR H 75 28.92 -36.24 -3.24
CA THR H 75 29.82 -37.35 -3.60
C THR H 75 29.03 -38.66 -3.73
N ASN H 76 28.31 -38.96 -2.65
CA ASN H 76 27.53 -40.18 -2.55
C ASN H 76 26.53 -40.32 -3.70
N ILE H 77 25.83 -39.24 -4.05
CA ILE H 77 24.85 -39.33 -5.19
C ILE H 77 25.58 -39.45 -6.54
N SER H 78 26.82 -38.96 -6.65
CA SER H 78 27.61 -39.06 -7.89
C SER H 78 27.89 -40.54 -8.16
N ASN H 79 28.39 -41.25 -7.14
CA ASN H 79 28.72 -42.64 -7.29
C ASN H 79 27.44 -43.43 -7.65
N ILE H 80 26.36 -43.22 -6.88
CA ILE H 80 25.05 -43.87 -7.11
C ILE H 80 24.60 -43.58 -8.56
N SER H 81 24.54 -42.29 -8.90
CA SER H 81 24.10 -41.84 -10.24
C SER H 81 24.93 -42.50 -11.35
N ASN H 82 26.25 -42.55 -11.15
CA ASN H 82 27.21 -42.98 -12.17
C ASN H 82 26.98 -44.44 -12.53
N TYR H 83 26.71 -45.27 -11.52
CA TYR H 83 26.44 -46.67 -11.74
C TYR H 83 25.18 -46.81 -12.59
N PHE H 84 24.06 -46.31 -12.06
CA PHE H 84 22.77 -46.60 -12.63
C PHE H 84 22.54 -45.85 -13.95
N ALA H 85 23.32 -44.80 -14.21
CA ALA H 85 23.36 -44.18 -15.53
C ALA H 85 23.72 -45.26 -16.57
N LEU H 86 24.73 -46.08 -16.24
CA LEU H 86 25.17 -47.15 -17.11
C LEU H 86 24.23 -48.35 -16.91
N GLN H 87 24.07 -48.90 -15.70
CA GLN H 87 23.07 -50.00 -15.45
C GLN H 87 21.68 -49.37 -15.24
N ASN H 88 21.11 -48.93 -16.38
CA ASN H 88 19.87 -48.13 -16.45
C ASN H 88 18.69 -49.02 -16.79
N ALA H 89 18.93 -50.33 -16.73
CA ALA H 89 17.93 -51.35 -17.00
C ALA H 89 18.45 -52.70 -16.48
N ILE H 90 17.48 -53.61 -16.30
CA ILE H 90 17.68 -54.97 -15.88
C ILE H 90 17.30 -55.91 -17.05
N PRO H 91 18.23 -56.77 -17.53
CA PRO H 91 17.86 -57.79 -18.51
C PRO H 91 16.91 -58.81 -17.87
N ALA H 92 15.63 -58.79 -18.28
CA ALA H 92 14.59 -59.70 -17.71
C ALA H 92 14.58 -61.06 -18.46
N VAL H 93 15.17 -61.08 -19.66
CA VAL H 93 15.37 -62.24 -20.51
C VAL H 93 16.86 -62.39 -20.85
N LEU H 94 17.30 -63.65 -20.92
CA LEU H 94 18.66 -64.06 -21.34
C LEU H 94 19.14 -63.24 -22.54
N PRO H 95 20.12 -62.34 -22.37
CA PRO H 95 20.58 -61.50 -23.48
C PRO H 95 21.19 -62.34 -24.60
N PRO H 96 21.22 -61.86 -25.86
CA PRO H 96 21.73 -62.67 -26.95
C PRO H 96 23.23 -62.86 -26.68
N GLY H 97 23.70 -64.11 -26.72
CA GLY H 97 25.13 -64.42 -26.62
C GLY H 97 25.60 -64.86 -25.23
N SER H 98 24.75 -64.67 -24.20
CA SER H 98 25.10 -65.14 -22.85
C SER H 98 24.59 -66.56 -22.63
N THR H 99 25.16 -67.23 -21.64
CA THR H 99 24.65 -68.44 -21.01
C THR H 99 23.70 -68.09 -19.88
N LYS H 100 22.94 -69.07 -19.40
CA LYS H 100 22.19 -68.94 -18.17
C LYS H 100 23.16 -68.59 -17.03
N ALA H 101 24.21 -69.40 -16.87
CA ALA H 101 25.15 -69.28 -15.75
C ALA H 101 25.69 -67.85 -15.61
N GLN H 102 25.98 -67.21 -16.76
CA GLN H 102 26.67 -65.95 -16.79
C GLN H 102 25.67 -64.76 -16.79
N TRP H 103 24.39 -65.04 -17.07
CA TRP H 103 23.31 -64.06 -16.91
C TRP H 103 22.96 -63.90 -15.43
N LEU H 104 22.92 -65.03 -14.73
CA LEU H 104 22.67 -65.05 -13.31
C LEU H 104 23.80 -64.38 -12.53
N ARG H 105 25.01 -64.39 -13.12
CA ARG H 105 26.14 -63.80 -12.52
C ARG H 105 25.98 -62.29 -12.63
N GLN H 106 25.66 -61.82 -13.84
CA GLN H 106 25.55 -60.38 -14.09
C GLN H 106 24.45 -59.76 -13.19
N LEU H 107 23.40 -60.53 -12.89
CA LEU H 107 22.32 -60.09 -12.01
C LEU H 107 22.73 -60.14 -10.54
N SER H 108 23.63 -61.07 -10.18
CA SER H 108 24.21 -61.09 -8.84
C SER H 108 25.11 -59.87 -8.63
N VAL H 109 25.79 -59.42 -9.69
CA VAL H 109 26.68 -58.28 -9.61
C VAL H 109 25.87 -56.99 -9.43
N ILE H 110 24.79 -56.85 -10.19
CA ILE H 110 23.85 -55.71 -10.00
C ILE H 110 23.31 -55.72 -8.55
N LYS H 111 22.81 -56.86 -8.11
CA LYS H 111 22.20 -57.02 -6.80
C LYS H 111 23.17 -56.58 -5.70
N GLU H 112 24.38 -57.10 -5.73
CA GLU H 112 25.37 -56.81 -4.71
C GLU H 112 25.75 -55.34 -4.81
N GLN H 113 25.94 -54.84 -6.06
CA GLN H 113 26.17 -53.41 -6.35
C GLN H 113 25.09 -52.57 -5.66
N ALA H 114 23.84 -52.89 -5.95
CA ALA H 114 22.72 -52.13 -5.45
C ALA H 114 22.67 -52.24 -3.92
N THR H 115 23.12 -53.38 -3.38
CA THR H 115 23.16 -53.61 -1.94
C THR H 115 24.19 -52.68 -1.26
N GLU H 116 25.35 -52.43 -1.88
CA GLU H 116 26.31 -51.46 -1.35
C GLU H 116 25.70 -50.05 -1.40
N TYR H 117 25.09 -49.75 -2.53
CA TYR H 117 24.51 -48.43 -2.77
C TYR H 117 23.30 -48.14 -1.85
N GLN H 118 22.52 -49.17 -1.51
CA GLN H 118 21.48 -49.00 -0.52
C GLN H 118 22.12 -48.57 0.81
N ARG H 119 23.20 -49.25 1.16
CA ARG H 119 23.88 -49.02 2.42
C ARG H 119 24.44 -47.59 2.43
N LEU H 120 25.07 -47.19 1.32
CA LEU H 120 25.67 -45.85 1.19
C LEU H 120 24.56 -44.83 1.46
N SER H 121 23.38 -45.16 0.92
CA SER H 121 22.23 -44.28 0.92
C SER H 121 21.71 -44.09 2.35
N SER H 122 21.58 -45.19 3.15
CA SER H 122 21.12 -45.16 4.57
C SER H 122 22.10 -44.31 5.36
N ASP H 123 23.39 -44.47 5.04
CA ASP H 123 24.51 -43.80 5.70
C ASP H 123 24.43 -42.31 5.39
N THR H 124 23.99 -41.93 4.16
CA THR H 124 23.81 -40.48 3.80
C THR H 124 22.63 -39.91 4.61
N ARG H 125 21.52 -40.62 4.60
CA ARG H 125 20.37 -40.36 5.45
C ARG H 125 20.84 -40.12 6.90
N LEU H 126 21.64 -41.06 7.43
CA LEU H 126 22.18 -41.01 8.82
C LEU H 126 23.00 -39.73 9.09
N VAL H 127 23.84 -39.35 8.13
CA VAL H 127 24.51 -38.02 8.16
C VAL H 127 23.51 -36.86 8.18
N ILE H 128 22.41 -36.98 7.43
CA ILE H 128 21.38 -35.93 7.35
C ILE H 128 20.55 -35.85 8.65
N VAL H 129 20.44 -36.92 9.44
CA VAL H 129 19.74 -36.74 10.74
C VAL H 129 20.59 -35.77 11.61
N ASN H 130 21.92 -35.88 11.53
CA ASN H 130 22.81 -35.07 12.36
C ASN H 130 22.77 -33.60 11.88
N LEU H 131 22.68 -33.39 10.57
CA LEU H 131 22.48 -32.04 9.98
C LEU H 131 21.17 -31.41 10.45
N ASN H 132 20.08 -32.17 10.32
CA ASN H 132 18.78 -31.71 10.85
C ASN H 132 18.93 -31.30 12.32
N ASN H 133 19.51 -32.17 13.15
CA ASN H 133 19.62 -31.87 14.59
C ASN H 133 20.33 -30.52 14.80
N ASN H 134 21.44 -30.30 14.08
CA ASN H 134 22.23 -29.10 14.27
C ASN H 134 21.45 -27.87 13.85
N LEU H 135 20.68 -27.99 12.78
CA LEU H 135 19.96 -26.82 12.31
C LEU H 135 18.83 -26.51 13.30
N ILE H 136 18.16 -27.56 13.78
CA ILE H 136 17.07 -27.47 14.76
C ILE H 136 17.58 -26.79 16.04
N THR H 137 18.80 -27.13 16.47
CA THR H 137 19.44 -26.60 17.67
C THR H 137 19.75 -25.09 17.54
N ASP H 138 20.37 -24.73 16.42
CA ASP H 138 20.65 -23.35 16.07
C ASP H 138 19.35 -22.55 16.09
N SER H 139 18.34 -23.02 15.33
CA SER H 139 17.01 -22.37 15.28
C SER H 139 16.44 -22.14 16.69
N SER H 140 16.43 -23.21 17.48
CA SER H 140 15.93 -23.19 18.83
C SER H 140 16.67 -22.11 19.62
N ASN H 141 17.99 -22.09 19.52
CA ASN H 141 18.81 -21.09 20.22
C ASN H 141 18.40 -19.66 19.83
N PHE H 142 18.20 -19.43 18.53
CA PHE H 142 17.82 -18.16 17.99
C PHE H 142 16.46 -17.74 18.55
N GLN H 143 15.48 -18.65 18.56
CA GLN H 143 14.16 -18.39 19.17
C GLN H 143 14.35 -17.92 20.64
N GLY H 144 15.21 -18.60 21.39
CA GLY H 144 15.44 -18.30 22.79
C GLY H 144 16.08 -16.93 22.98
N ILE H 145 16.87 -16.53 22.00
CA ILE H 145 17.61 -15.34 22.06
C ILE H 145 16.60 -14.20 21.93
N VAL H 146 15.71 -14.37 20.96
CA VAL H 146 14.67 -13.43 20.62
C VAL H 146 13.73 -13.32 21.82
N VAL H 147 13.35 -14.45 22.42
CA VAL H 147 12.39 -14.38 23.53
C VAL H 147 12.99 -13.47 24.60
N ASN H 148 14.23 -13.76 24.98
CA ASN H 148 14.86 -13.16 26.14
C ASN H 148 14.99 -11.65 25.91
N LEU H 149 15.49 -11.25 24.72
CA LEU H 149 15.67 -9.85 24.38
C LEU H 149 14.32 -9.11 24.45
N ASN H 150 13.28 -9.75 23.92
CA ASN H 150 11.93 -9.19 23.91
C ASN H 150 11.53 -8.82 25.35
N SER H 151 11.71 -9.75 26.29
CA SER H 151 11.15 -9.61 27.61
C SER H 151 11.97 -8.58 28.42
N LYS H 152 13.27 -8.48 28.13
CA LYS H 152 14.10 -7.33 28.55
C LYS H 152 13.57 -6.01 27.99
N VAL H 153 13.18 -5.98 26.71
CA VAL H 153 12.68 -4.74 26.11
C VAL H 153 11.38 -4.32 26.80
N GLN H 154 10.51 -5.29 27.10
CA GLN H 154 9.18 -5.09 27.74
C GLN H 154 9.34 -4.63 29.20
N GLY H 155 10.35 -5.15 29.90
CA GLY H 155 10.72 -4.65 31.26
C GLY H 155 11.20 -3.21 31.20
N ASP H 156 12.08 -2.92 30.23
CA ASP H 156 12.62 -1.57 29.96
C ASP H 156 11.50 -0.61 29.53
N ASN H 157 10.51 -1.11 28.78
CA ASN H 157 9.47 -0.21 28.30
C ASN H 157 8.66 0.33 29.48
N GLY H 158 8.48 -0.52 30.50
CA GLY H 158 7.69 -0.17 31.68
C GLY H 158 8.38 0.89 32.51
N VAL H 159 9.69 0.70 32.66
CA VAL H 159 10.51 1.59 33.41
C VAL H 159 10.49 2.95 32.70
N LEU H 160 10.72 2.94 31.39
CA LEU H 160 10.67 4.19 30.57
C LEU H 160 9.36 4.97 30.74
N ALA H 161 8.23 4.27 30.78
CA ALA H 161 6.92 4.92 30.97
C ALA H 161 6.88 5.64 32.33
N GLN H 162 7.35 4.96 33.38
CA GLN H 162 7.53 5.56 34.69
C GLN H 162 8.56 6.70 34.68
N LEU H 163 9.70 6.52 34.03
CA LEU H 163 10.74 7.55 34.07
C LEU H 163 10.21 8.81 33.45
N ASN H 164 9.24 8.68 32.53
CA ASN H 164 8.75 9.83 31.80
C ASN H 164 7.93 10.71 32.74
N GLY H 165 7.00 10.10 33.49
CA GLY H 165 6.17 10.81 34.46
C GLY H 165 7.04 11.48 35.51
N ASP H 166 8.03 10.72 35.99
CA ASP H 166 9.00 11.18 36.97
C ASP H 166 9.65 12.49 36.48
N ILE H 167 10.04 12.51 35.20
CA ILE H 167 10.62 13.68 34.55
C ILE H 167 9.56 14.80 34.49
N ASP H 168 8.32 14.45 34.17
CA ASP H 168 7.21 15.39 34.15
C ASP H 168 7.05 16.02 35.53
N LYS H 169 6.94 15.17 36.56
CA LYS H 169 6.68 15.61 37.95
C LYS H 169 7.80 16.58 38.40
N VAL H 170 9.07 16.18 38.24
CA VAL H 170 10.24 16.99 38.63
C VAL H 170 10.22 18.34 37.91
N ASN H 171 9.67 18.36 36.68
CA ASN H 171 9.57 19.62 35.96
C ASN H 171 8.92 20.67 36.85
N ALA H 172 7.90 20.30 37.63
CA ALA H 172 7.22 21.21 38.62
C ALA H 172 8.23 21.99 39.47
N ALA H 173 9.29 21.29 39.92
CA ALA H 173 10.29 21.79 40.88
C ALA H 173 11.15 22.88 40.25
N ILE H 174 11.43 22.71 38.97
CA ILE H 174 12.28 23.59 38.22
C ILE H 174 11.55 24.90 37.93
N ASP H 175 10.30 24.76 37.47
CA ASP H 175 9.35 25.85 37.17
C ASP H 175 9.15 26.74 38.42
N GLY H 176 8.85 26.10 39.55
CA GLY H 176 8.66 26.78 40.80
C GLY H 176 9.93 27.52 41.22
N ALA H 177 11.10 26.88 41.08
CA ALA H 177 12.35 27.54 41.41
C ALA H 177 12.54 28.79 40.53
N ILE H 178 12.28 28.65 39.23
CA ILE H 178 12.45 29.76 38.33
C ILE H 178 11.51 30.87 38.80
N ALA H 179 10.28 30.49 39.15
CA ALA H 179 9.20 31.45 39.52
C ALA H 179 9.64 32.30 40.74
N GLY H 180 10.38 31.67 41.65
CA GLY H 180 10.84 32.31 42.88
C GLY H 180 12.03 33.21 42.59
N ILE H 181 12.80 32.85 41.57
CA ILE H 181 13.84 33.70 41.10
C ILE H 181 13.24 34.97 40.51
N VAL H 182 12.18 34.88 39.67
CA VAL H 182 11.76 36.09 38.99
C VAL H 182 10.96 36.89 40.01
N ALA H 183 10.21 36.16 40.85
CA ALA H 183 9.46 36.79 41.92
C ALA H 183 10.41 37.65 42.75
N GLY H 184 11.55 37.08 43.17
CA GLY H 184 12.57 37.79 43.96
C GLY H 184 13.09 39.03 43.24
N GLY H 185 13.47 38.85 41.97
CA GLY H 185 13.99 39.94 41.14
C GLY H 185 13.00 41.09 40.96
N LEU H 186 11.70 40.79 40.88
CA LEU H 186 10.69 41.84 40.81
C LEU H 186 10.60 42.57 42.15
N LEU H 187 10.68 41.80 43.24
CA LEU H 187 10.61 42.33 44.57
C LEU H 187 11.83 43.21 44.86
N VAL H 188 12.99 42.90 44.28
CA VAL H 188 14.13 43.77 44.41
C VAL H 188 13.92 45.09 43.63
N ILE H 189 13.61 45.02 42.33
CA ILE H 189 13.35 46.25 41.52
C ILE H 189 12.24 47.08 42.18
N GLY H 190 11.20 46.40 42.68
CA GLY H 190 10.14 47.00 43.54
C GLY H 190 10.68 47.84 44.68
N GLY H 191 11.53 47.26 45.54
CA GLY H 191 11.94 47.87 46.81
C GLY H 191 12.97 48.98 46.63
N ALA H 192 13.88 48.81 45.65
CA ALA H 192 14.87 49.82 45.22
C ALA H 192 14.17 51.11 44.82
N PHE H 193 13.05 50.98 44.11
CA PHE H 193 12.17 52.10 43.89
C PHE H 193 11.63 52.58 45.24
N VAL H 194 10.87 51.71 45.94
CA VAL H 194 10.13 52.13 47.16
C VAL H 194 11.11 52.72 48.18
N THR H 195 12.31 52.13 48.24
CA THR H 195 13.45 52.60 49.04
C THR H 195 13.83 54.01 48.60
N ALA H 196 14.14 54.18 47.31
CA ALA H 196 14.66 55.46 46.77
C ALA H 196 13.63 56.60 46.88
N ILE H 197 12.33 56.27 47.00
CA ILE H 197 11.27 57.26 47.31
C ILE H 197 11.48 57.79 48.73
N GLY H 198 11.72 56.89 49.69
CA GLY H 198 11.85 57.21 51.12
C GLY H 198 13.01 58.16 51.38
N ALA H 199 14.22 57.72 51.02
CA ALA H 199 15.44 58.52 51.11
C ALA H 199 15.46 59.56 49.98
N VAL H 200 14.30 60.13 49.66
CA VAL H 200 14.18 61.40 48.96
C VAL H 200 13.20 62.29 49.74
N ALA H 201 12.27 61.67 50.48
CA ALA H 201 11.40 62.35 51.44
C ALA H 201 12.08 62.44 52.83
N ASP H 202 13.14 61.64 53.02
CA ASP H 202 13.76 61.44 54.33
C ASP H 202 14.62 62.65 54.68
N PHE H 203 15.75 62.81 53.98
CA PHE H 203 16.66 63.96 54.18
C PHE H 203 16.02 65.20 53.49
N VAL H 204 14.77 65.47 53.89
CA VAL H 204 13.92 66.62 53.48
C VAL H 204 12.82 66.77 54.55
N GLY H 207 11.64 65.60 57.51
CA GLY H 207 10.96 64.33 57.24
C GLY H 207 11.01 63.32 58.39
N THR H 208 9.81 63.00 58.93
CA THR H 208 9.51 61.62 59.36
C THR H 208 9.16 60.82 58.10
N SER H 209 10.18 60.24 57.47
CA SER H 209 10.00 59.50 56.23
C SER H 209 10.94 58.29 56.15
N THR H 210 11.13 57.58 57.28
CA THR H 210 11.84 56.28 57.28
C THR H 210 10.86 55.10 57.22
N PRO H 211 9.61 55.16 57.73
CA PRO H 211 8.65 54.08 57.54
C PRO H 211 8.48 53.45 56.14
N VAL H 212 8.73 54.19 55.06
CA VAL H 212 8.72 53.56 53.73
C VAL H 212 10.12 52.98 53.46
N VAL H 213 11.19 53.67 53.91
CA VAL H 213 12.58 53.20 53.71
C VAL H 213 12.76 51.82 54.38
N ILE H 214 12.10 51.64 55.53
CA ILE H 214 12.00 50.33 56.16
C ILE H 214 11.37 49.38 55.13
N GLY H 215 10.13 49.69 54.74
CA GLY H 215 9.32 48.85 53.85
C GLY H 215 10.08 48.43 52.61
N GLY H 216 10.88 49.35 52.06
CA GLY H 216 11.56 49.19 50.77
C GLY H 216 12.72 48.24 50.81
N VAL H 217 13.57 48.32 51.86
CA VAL H 217 14.75 47.44 51.98
C VAL H 217 14.25 46.04 52.35
N ALA H 218 13.13 45.99 53.08
CA ALA H 218 12.49 44.73 53.44
C ALA H 218 12.29 43.93 52.15
N MET H 219 11.70 44.62 51.18
CA MET H 219 11.46 44.14 49.85
C MET H 219 12.79 43.68 49.25
N MET H 220 13.76 44.62 49.15
CA MET H 220 15.08 44.37 48.53
C MET H 220 15.76 43.16 49.16
N VAL H 221 15.67 43.07 50.48
CA VAL H 221 16.27 42.02 51.26
C VAL H 221 15.52 40.70 51.02
N ALA H 222 14.18 40.70 51.09
CA ALA H 222 13.37 39.48 50.80
C ALA H 222 13.55 39.01 49.34
N GLY H 223 13.70 39.94 48.39
CA GLY H 223 13.87 39.61 46.98
C GLY H 223 15.14 38.81 46.73
N ALA H 224 16.22 39.27 47.39
CA ALA H 224 17.56 38.73 47.23
C ALA H 224 17.56 37.34 47.86
N GLY H 225 16.76 37.21 48.91
CA GLY H 225 16.66 35.97 49.67
C GLY H 225 16.14 34.86 48.80
N GLY H 226 15.07 35.17 48.06
CA GLY H 226 14.34 34.24 47.18
C GLY H 226 15.10 33.95 45.89
N ILE H 227 15.84 34.95 45.39
CA ILE H 227 16.81 34.74 44.30
C ILE H 227 17.86 33.69 44.69
N THR H 228 18.32 33.77 45.94
CA THR H 228 19.42 32.97 46.41
C THR H 228 18.93 31.55 46.65
N ALA H 229 17.90 31.45 47.48
CA ALA H 229 17.14 30.23 47.73
C ALA H 229 16.72 29.59 46.39
N GLY H 230 16.26 30.41 45.46
CA GLY H 230 15.78 29.90 44.22
C GLY H 230 16.88 29.27 43.40
N ALA H 231 18.06 29.86 43.40
CA ALA H 231 19.16 29.35 42.58
C ALA H 231 19.64 28.01 43.16
N ILE H 232 19.70 27.91 44.48
CA ILE H 232 20.20 26.70 45.12
C ILE H 232 19.20 25.58 44.79
N VAL H 233 17.88 25.86 44.92
CA VAL H 233 16.76 24.90 44.64
C VAL H 233 16.80 24.47 43.16
N LEU H 234 17.05 25.43 42.26
CA LEU H 234 17.06 25.20 40.81
C LEU H 234 18.21 24.25 40.47
N HIS H 235 19.45 24.61 40.87
CA HIS H 235 20.68 23.80 40.66
C HIS H 235 20.41 22.34 41.03
N ASN H 236 19.82 22.15 42.21
CA ASN H 236 19.61 20.84 42.76
C ASN H 236 18.53 20.13 41.93
N SER H 237 17.37 20.76 41.73
CA SER H 237 16.25 20.16 40.96
C SER H 237 16.65 19.91 39.49
N LEU H 238 17.52 20.76 38.92
CA LEU H 238 18.04 20.58 37.57
C LEU H 238 18.97 19.35 37.49
N GLY H 239 19.62 19.00 38.61
CA GLY H 239 20.48 17.81 38.75
C GLY H 239 19.66 16.52 38.76
N ALA H 240 18.59 16.53 39.53
CA ALA H 240 17.70 15.41 39.65
C ALA H 240 16.99 15.09 38.32
N ARG H 241 16.68 16.10 37.51
CA ARG H 241 16.06 15.83 36.23
C ARG H 241 17.16 15.35 35.28
N GLN H 242 18.35 15.94 35.40
CA GLN H 242 19.45 15.52 34.55
C GLN H 242 19.72 14.03 34.78
N ASP H 243 19.57 13.58 36.03
CA ASP H 243 19.82 12.19 36.42
C ASP H 243 18.76 11.31 35.76
N LEU H 244 17.47 11.68 35.85
CA LEU H 244 16.37 10.86 35.30
C LEU H 244 16.50 10.70 33.78
N TYR H 245 16.82 11.81 33.07
CA TYR H 245 16.78 11.84 31.61
C TYR H 245 18.07 11.22 31.07
N GLN H 246 19.17 11.23 31.84
CA GLN H 246 20.36 10.45 31.47
C GLN H 246 20.11 8.97 31.74
N LYS H 247 19.32 8.64 32.77
CA LYS H 247 18.89 7.22 32.95
C LYS H 247 17.97 6.86 31.79
N ARG H 248 17.10 7.80 31.37
CA ARG H 248 16.03 7.52 30.39
C ARG H 248 16.62 7.10 29.03
N SER H 249 17.58 7.87 28.53
CA SER H 249 18.12 7.68 27.19
C SER H 249 19.06 6.47 27.17
N SER H 250 19.80 6.29 28.26
CA SER H 250 20.56 5.10 28.44
C SER H 250 19.67 3.87 28.17
N LEU H 251 18.49 3.83 28.82
CA LEU H 251 17.47 2.76 28.60
C LEU H 251 16.98 2.69 27.15
N ASN H 252 16.68 3.85 26.53
CA ASN H 252 16.35 3.96 25.11
C ASN H 252 17.47 3.38 24.23
N SER H 253 18.73 3.60 24.62
CA SER H 253 19.87 3.09 23.88
C SER H 253 19.85 1.58 23.95
N GLU H 254 19.40 1.08 25.11
CA GLU H 254 19.31 -0.37 25.45
C GLU H 254 18.13 -1.01 24.72
N VAL H 255 17.00 -0.30 24.62
CA VAL H 255 15.80 -0.79 23.89
C VAL H 255 16.11 -0.92 22.40
N LEU H 256 16.76 0.11 21.84
CA LEU H 256 17.05 0.22 20.44
C LEU H 256 18.03 -0.91 20.01
N ILE H 257 19.08 -1.15 20.81
CA ILE H 257 20.13 -2.14 20.48
C ILE H 257 19.57 -3.57 20.62
N ALA H 258 18.96 -3.84 21.77
CA ALA H 258 18.23 -5.07 22.01
C ALA H 258 17.29 -5.41 20.86
N THR H 259 16.57 -4.39 20.37
CA THR H 259 15.60 -4.53 19.29
C THR H 259 16.29 -4.83 17.94
N GLN H 260 17.36 -4.11 17.65
CA GLN H 260 18.21 -4.33 16.45
C GLN H 260 18.89 -5.71 16.47
N ILE H 261 19.64 -6.09 17.52
CA ILE H 261 20.11 -7.50 17.59
C ILE H 261 18.91 -8.46 17.46
N GLY H 262 17.81 -8.13 18.15
CA GLY H 262 16.62 -8.98 18.24
C GLY H 262 16.04 -9.34 16.89
N ASN H 263 16.01 -8.34 16.01
CA ASN H 263 15.48 -8.51 14.69
C ASN H 263 16.45 -9.30 13.82
N GLY H 264 17.76 -9.14 14.07
CA GLY H 264 18.79 -9.96 13.43
C GLY H 264 18.48 -11.44 13.61
N TYR H 265 18.21 -11.86 14.87
CA TYR H 265 18.10 -13.28 15.20
C TYR H 265 16.70 -13.83 14.82
N LYS H 266 15.66 -12.99 14.78
CA LYS H 266 14.43 -13.35 14.01
C LYS H 266 14.88 -13.69 12.57
N GLY H 267 15.69 -12.81 11.95
CA GLY H 267 16.21 -13.07 10.58
C GLY H 267 16.84 -14.45 10.47
N LEU H 268 17.85 -14.69 11.30
CA LEU H 268 18.56 -15.99 11.39
C LEU H 268 17.64 -17.15 11.79
N GLN H 269 16.69 -16.94 12.72
CA GLN H 269 15.80 -18.05 13.10
C GLN H 269 15.03 -18.57 11.88
N VAL H 270 14.59 -17.64 11.02
CA VAL H 270 13.81 -17.97 9.85
C VAL H 270 14.69 -18.72 8.84
N GLN H 271 15.81 -18.11 8.44
CA GLN H 271 16.86 -18.77 7.62
C GLN H 271 17.18 -20.15 8.23
N ALA H 272 17.25 -20.24 9.56
CA ALA H 272 17.42 -21.54 10.19
C ALA H 272 16.19 -22.45 9.99
N GLN H 273 14.96 -21.97 10.24
CA GLN H 273 13.76 -22.88 10.09
C GLN H 273 13.71 -23.48 8.68
N ASN H 274 14.04 -22.65 7.68
CA ASN H 274 14.02 -23.00 6.26
C ASN H 274 15.12 -24.02 5.94
N ALA H 275 16.29 -23.84 6.56
CA ALA H 275 17.39 -24.81 6.44
C ALA H 275 16.98 -26.15 7.02
N VAL H 276 16.18 -26.14 8.08
CA VAL H 276 15.63 -27.36 8.61
C VAL H 276 14.67 -27.94 7.56
N THR H 277 13.81 -27.11 6.96
CA THR H 277 12.86 -27.67 6.00
C THR H 277 13.64 -28.37 4.89
N ALA H 278 14.68 -27.70 4.37
CA ALA H 278 15.45 -28.27 3.27
C ALA H 278 16.12 -29.58 3.68
N ALA H 279 16.63 -29.65 4.90
CA ALA H 279 17.27 -30.83 5.45
C ALA H 279 16.28 -32.00 5.49
N THR H 280 15.10 -31.75 6.05
CA THR H 280 14.03 -32.74 6.15
C THR H 280 13.70 -33.33 4.78
N GLN H 281 13.65 -32.45 3.78
CA GLN H 281 13.29 -32.79 2.41
C GLN H 281 14.38 -33.72 1.84
N MET H 282 15.65 -33.39 2.13
CA MET H 282 16.79 -34.26 1.82
C MET H 282 16.62 -35.64 2.47
N SER H 283 16.35 -35.70 3.79
CA SER H 283 16.06 -36.98 4.52
C SER H 283 15.03 -37.78 3.73
N ASN H 284 13.94 -37.10 3.34
CA ASN H 284 12.83 -37.75 2.73
C ASN H 284 13.32 -38.34 1.41
N ALA H 285 14.08 -37.55 0.65
CA ALA H 285 14.51 -38.01 -0.67
C ALA H 285 15.47 -39.21 -0.55
N TRP H 286 16.32 -39.25 0.49
CA TRP H 286 17.29 -40.32 0.62
C TRP H 286 16.58 -41.59 1.09
N ASP H 287 15.50 -41.41 1.86
CA ASP H 287 14.66 -42.54 2.28
C ASP H 287 14.00 -43.20 1.07
N SER H 288 13.44 -42.40 0.14
CA SER H 288 12.81 -43.00 -1.03
C SER H 288 13.83 -43.87 -1.77
N LEU H 289 15.03 -43.32 -2.01
CA LEU H 289 16.14 -43.97 -2.74
C LEU H 289 16.57 -45.24 -2.03
N THR H 290 16.67 -45.18 -0.70
CA THR H 290 17.00 -46.33 0.13
C THR H 290 15.92 -47.41 0.04
N SER H 291 14.66 -47.01 0.09
CA SER H 291 13.58 -47.99 0.11
C SER H 291 13.36 -48.62 -1.29
N ASP H 292 13.86 -47.96 -2.34
CA ASP H 292 13.55 -48.30 -3.72
C ASP H 292 14.63 -49.28 -4.23
N LEU H 293 15.88 -48.96 -3.92
CA LEU H 293 16.97 -49.96 -4.01
C LEU H 293 16.63 -51.24 -3.21
N GLY H 294 15.90 -51.11 -2.10
CA GLY H 294 15.42 -52.29 -1.34
C GLY H 294 14.38 -53.09 -2.11
N SER H 295 13.65 -52.44 -3.02
CA SER H 295 12.73 -53.13 -3.89
C SER H 295 13.50 -53.85 -5.00
N LEU H 296 14.59 -53.25 -5.48
CA LEU H 296 15.39 -53.81 -6.59
C LEU H 296 16.15 -55.04 -6.11
N ILE H 297 16.67 -54.94 -4.88
CA ILE H 297 17.41 -56.02 -4.22
C ILE H 297 16.47 -57.23 -4.06
N THR H 298 15.28 -57.02 -3.50
CA THR H 298 14.27 -58.07 -3.47
C THR H 298 14.06 -58.65 -4.87
N ASP H 299 13.77 -57.78 -5.84
CA ASP H 299 13.27 -58.22 -7.13
C ASP H 299 14.33 -59.10 -7.82
N LEU H 300 15.60 -58.67 -7.81
CA LEU H 300 16.69 -59.47 -8.39
C LEU H 300 16.85 -60.80 -7.61
N ASP H 301 16.69 -60.76 -6.29
CA ASP H 301 16.86 -61.93 -5.42
C ASP H 301 15.90 -63.01 -5.90
N LYS H 302 14.62 -62.65 -5.90
CA LYS H 302 13.54 -63.55 -6.25
C LYS H 302 13.74 -63.94 -7.72
N GLY H 303 14.12 -62.97 -8.54
CA GLY H 303 14.40 -63.26 -9.91
C GLY H 303 15.38 -64.41 -10.02
N ILE H 304 16.59 -64.17 -9.48
CA ILE H 304 17.74 -65.09 -9.58
C ILE H 304 17.41 -66.49 -9.04
N THR H 305 16.60 -66.58 -7.98
CA THR H 305 16.26 -67.84 -7.35
C THR H 305 14.93 -68.40 -7.88
N SER H 306 14.52 -67.95 -9.07
CA SER H 306 13.26 -68.33 -9.72
C SER H 306 13.63 -68.92 -11.09
N GLY H 307 12.63 -69.38 -11.85
CA GLY H 307 12.84 -69.83 -13.22
C GLY H 307 11.64 -69.51 -14.08
N ASP H 308 11.84 -69.59 -15.41
CA ASP H 308 10.78 -69.39 -16.40
C ASP H 308 10.19 -67.98 -16.27
N ASP H 309 8.85 -67.94 -16.27
CA ASP H 309 7.98 -66.77 -16.26
C ASP H 309 8.11 -66.02 -14.90
N ILE H 310 8.40 -66.77 -13.83
CA ILE H 310 8.48 -66.19 -12.47
C ILE H 310 9.76 -65.34 -12.36
N ARG H 311 10.88 -65.89 -12.81
CA ARG H 311 12.09 -65.12 -12.95
C ARG H 311 11.73 -63.78 -13.61
N GLN H 312 11.26 -63.87 -14.85
CA GLN H 312 11.08 -62.71 -15.74
C GLN H 312 10.12 -61.69 -15.13
N LEU H 313 9.13 -62.18 -14.38
CA LEU H 313 8.22 -61.31 -13.63
C LEU H 313 9.04 -60.40 -12.71
N TRP H 314 9.82 -61.03 -11.85
CA TRP H 314 10.60 -60.35 -10.87
C TRP H 314 11.60 -59.41 -11.54
N LEU H 315 12.19 -59.83 -12.67
CA LEU H 315 13.28 -59.05 -13.25
C LEU H 315 12.72 -57.90 -14.07
N THR H 316 11.46 -58.05 -14.49
CA THR H 316 10.71 -57.04 -15.18
C THR H 316 10.37 -55.96 -14.15
N ALA H 317 9.88 -56.39 -12.98
CA ALA H 317 9.58 -55.46 -11.87
C ALA H 317 10.84 -54.72 -11.43
N ALA H 318 11.97 -55.43 -11.51
CA ALA H 318 13.33 -54.94 -11.19
C ALA H 318 13.67 -53.80 -12.16
N ASP H 319 13.51 -54.09 -13.46
CA ASP H 319 13.78 -53.13 -14.52
C ASP H 319 12.99 -51.83 -14.27
N THR H 320 11.73 -51.99 -13.86
CA THR H 320 10.85 -50.86 -13.54
C THR H 320 11.33 -50.09 -12.30
N THR H 321 11.81 -50.84 -11.30
CA THR H 321 12.35 -50.26 -10.07
C THR H 321 13.62 -49.41 -10.33
N VAL H 322 14.50 -49.87 -11.25
CA VAL H 322 15.71 -49.13 -11.66
C VAL H 322 15.31 -47.76 -12.24
N LYS H 323 14.40 -47.78 -13.21
CA LYS H 323 13.71 -46.57 -13.71
C LYS H 323 13.33 -45.63 -12.54
N THR H 324 12.61 -46.15 -11.55
CA THR H 324 12.24 -45.42 -10.35
C THR H 324 13.49 -44.95 -9.59
N VAL H 325 14.51 -45.79 -9.52
CA VAL H 325 15.69 -45.44 -8.77
C VAL H 325 16.35 -44.21 -9.42
N LEU H 326 16.33 -44.14 -10.77
CA LEU H 326 16.93 -42.99 -11.52
C LEU H 326 16.15 -41.68 -11.28
N THR H 327 14.83 -41.83 -11.19
CA THR H 327 13.92 -40.80 -10.77
C THR H 327 14.39 -40.19 -9.44
N ASP H 328 14.59 -41.07 -8.45
CA ASP H 328 14.96 -40.69 -7.08
C ASP H 328 16.29 -39.93 -7.11
N VAL H 329 17.19 -40.36 -8.00
CA VAL H 329 18.53 -39.80 -8.10
C VAL H 329 18.47 -38.40 -8.70
N THR H 330 17.63 -38.18 -9.74
CA THR H 330 17.62 -36.86 -10.37
C THR H 330 16.98 -35.91 -9.36
N THR H 331 16.04 -36.43 -8.55
CA THR H 331 15.44 -35.66 -7.46
C THR H 331 16.51 -35.12 -6.52
N ILE H 332 17.33 -36.05 -6.01
CA ILE H 332 18.38 -35.72 -5.08
C ILE H 332 19.34 -34.75 -5.76
N LYS H 333 19.70 -35.02 -7.03
CA LYS H 333 20.59 -34.12 -7.85
C LYS H 333 19.98 -32.70 -7.92
N ALA H 334 18.66 -32.57 -8.09
CA ALA H 334 18.00 -31.25 -8.13
C ALA H 334 18.13 -30.55 -6.76
N GLN H 335 17.91 -31.28 -5.67
CA GLN H 335 18.14 -30.76 -4.28
C GLN H 335 19.55 -30.14 -4.14
N MET H 336 20.56 -30.74 -4.76
CA MET H 336 21.97 -30.52 -4.36
C MET H 336 22.72 -29.56 -5.30
N ALA H 337 22.04 -29.01 -6.31
CA ALA H 337 22.72 -28.20 -7.32
C ALA H 337 22.65 -26.75 -6.88
N GLY H 338 23.61 -25.97 -7.38
CA GLY H 338 23.64 -24.51 -7.36
C GLY H 338 24.65 -23.97 -6.35
N VAL H 339 25.03 -22.69 -6.55
CA VAL H 339 25.87 -21.92 -5.62
C VAL H 339 25.10 -20.64 -5.23
N SER H 340 24.47 -20.69 -4.04
CA SER H 340 23.66 -19.62 -3.53
C SER H 340 24.48 -18.33 -3.61
N PRO H 341 23.92 -17.24 -4.18
CA PRO H 341 24.66 -15.99 -4.39
C PRO H 341 24.72 -15.11 -3.13
N LEU H 342 25.55 -14.08 -3.22
CA LEU H 342 25.72 -13.20 -2.11
C LEU H 342 24.37 -12.54 -1.77
N GLN H 343 24.05 -12.48 -0.47
CA GLN H 343 22.94 -11.70 0.07
C GLN H 343 23.52 -10.48 0.79
N VAL H 344 23.16 -9.27 0.34
CA VAL H 344 23.63 -8.02 0.94
C VAL H 344 22.59 -7.62 1.98
N PRO H 345 22.84 -7.71 3.31
CA PRO H 345 21.87 -7.27 4.32
C PRO H 345 21.57 -5.76 4.21
N GLN H 346 20.71 -5.25 5.09
CA GLN H 346 20.45 -3.80 5.23
C GLN H 346 20.58 -3.39 6.70
N THR H 347 21.82 -3.15 7.15
CA THR H 347 22.04 -2.53 8.48
C THR H 347 21.81 -1.02 8.33
N ASP H 348 21.75 -0.31 9.46
CA ASP H 348 21.41 1.12 9.53
C ASP H 348 22.64 1.96 9.13
N THR H 349 22.39 3.18 8.60
CA THR H 349 23.41 4.27 8.45
C THR H 349 23.26 5.18 9.68
N ILE H 350 24.12 6.20 9.83
CA ILE H 350 24.12 7.00 11.08
C ILE H 350 22.88 7.91 11.11
N ALA H 351 22.47 8.44 9.96
CA ALA H 351 21.29 9.30 9.87
C ALA H 351 20.07 8.58 10.49
N ASN H 352 19.93 7.27 10.25
CA ASN H 352 18.70 6.52 10.53
C ASN H 352 18.67 6.05 11.99
N PHE H 353 19.84 5.72 12.56
CA PHE H 353 20.03 5.27 13.96
C PHE H 353 19.70 6.44 14.92
N VAL H 354 20.15 7.65 14.58
CA VAL H 354 19.92 8.87 15.40
C VAL H 354 18.43 9.26 15.40
N ALA H 355 17.72 8.92 14.31
CA ALA H 355 16.32 9.26 14.14
C ALA H 355 15.43 8.36 15.01
N ARG H 356 15.59 7.03 14.86
CA ARG H 356 14.78 6.01 15.57
C ARG H 356 14.95 6.16 17.10
N LEU H 357 16.11 6.70 17.49
CA LEU H 357 16.51 7.01 18.87
C LEU H 357 15.83 8.31 19.30
N ALA H 358 15.98 9.35 18.48
CA ALA H 358 15.25 10.62 18.65
C ALA H 358 13.74 10.35 18.70
N ALA H 359 13.34 9.20 18.15
CA ALA H 359 11.94 8.78 18.06
C ALA H 359 11.41 8.29 19.43
N LEU H 360 12.18 7.46 20.14
CA LEU H 360 11.71 6.86 21.40
C LEU H 360 11.74 7.91 22.53
N GLU H 361 12.56 8.96 22.37
CA GLU H 361 12.91 9.90 23.45
C GLU H 361 11.99 11.12 23.49
N HIS H 362 11.62 11.66 22.32
CA HIS H 362 10.70 12.83 22.22
C HIS H 362 9.25 12.34 22.11
N HIS H 363 9.03 11.03 22.00
CA HIS H 363 7.70 10.38 22.13
C HIS H 363 7.92 8.90 22.54
N THR I 2 -2.12 14.50 -54.78
CA THR I 2 -0.96 14.78 -53.93
C THR I 2 -1.16 14.10 -52.57
N ASN I 3 -0.05 13.74 -51.91
CA ASN I 3 -0.12 13.12 -50.59
C ASN I 3 -0.82 14.09 -49.63
N ALA I 4 -0.61 15.40 -49.79
CA ALA I 4 -1.28 16.42 -48.95
C ALA I 4 -2.80 16.17 -48.93
N THR I 5 -3.34 15.85 -50.11
CA THR I 5 -4.76 15.68 -50.26
C THR I 5 -5.20 14.49 -49.40
N THR I 6 -4.54 13.35 -49.59
CA THR I 6 -4.89 12.14 -48.85
C THR I 6 -4.86 12.42 -47.34
N ILE I 7 -3.75 13.03 -46.88
CA ILE I 7 -3.47 13.22 -45.47
C ILE I 7 -4.55 14.12 -44.87
N THR I 8 -4.77 15.28 -45.49
CA THR I 8 -5.81 16.22 -45.10
C THR I 8 -7.14 15.50 -44.83
N MET I 9 -7.53 14.61 -45.75
CA MET I 9 -8.68 13.73 -45.60
C MET I 9 -8.59 12.90 -44.29
N ASP I 10 -7.47 12.19 -44.16
CA ASP I 10 -7.14 11.37 -43.01
C ASP I 10 -7.36 12.13 -41.70
N GLN I 11 -6.79 13.34 -41.62
CA GLN I 11 -6.74 14.18 -40.43
C GLN I 11 -8.13 14.78 -40.16
N GLY I 12 -8.84 15.14 -41.24
CA GLY I 12 -10.23 15.50 -41.11
C GLY I 12 -11.00 14.41 -40.37
N MET I 13 -10.88 13.19 -40.90
CA MET I 13 -11.62 12.02 -40.39
C MET I 13 -11.24 11.70 -38.93
N ALA I 14 -9.93 11.62 -38.66
CA ALA I 14 -9.39 11.35 -37.31
C ALA I 14 -9.90 12.39 -36.31
N ASN I 15 -9.70 13.68 -36.58
CA ASN I 15 -10.17 14.76 -35.68
C ASN I 15 -11.69 14.71 -35.46
N GLN I 16 -12.47 14.57 -36.55
CA GLN I 16 -13.90 14.50 -36.39
C GLN I 16 -14.28 13.26 -35.59
N ALA I 17 -13.71 12.10 -35.97
CA ALA I 17 -14.04 10.81 -35.25
C ALA I 17 -13.74 10.89 -33.73
N SER I 18 -12.55 11.35 -33.39
CA SER I 18 -12.09 11.37 -32.04
C SER I 18 -12.97 12.33 -31.22
N GLN I 19 -13.33 13.49 -31.80
CA GLN I 19 -14.21 14.50 -31.11
C GLN I 19 -15.62 13.94 -30.89
N ALA I 20 -16.10 13.14 -31.85
CA ALA I 20 -17.45 12.60 -31.81
C ALA I 20 -17.56 11.71 -30.58
N MET I 21 -16.46 11.05 -30.24
CA MET I 21 -16.34 10.14 -29.12
C MET I 21 -16.34 10.93 -27.78
N GLN I 22 -15.84 12.16 -27.80
CA GLN I 22 -15.94 13.01 -26.64
C GLN I 22 -17.41 13.50 -26.47
N ILE I 23 -18.04 13.96 -27.55
CA ILE I 23 -19.36 14.59 -27.39
C ILE I 23 -20.40 13.49 -27.11
N GLN I 24 -20.21 12.32 -27.71
CA GLN I 24 -21.06 11.15 -27.46
C GLN I 24 -21.06 10.77 -25.97
N THR I 25 -19.86 10.62 -25.43
CA THR I 25 -19.73 10.31 -24.02
C THR I 25 -20.38 11.42 -23.19
N TYR I 26 -20.14 12.69 -23.56
CA TYR I 26 -20.67 13.79 -22.75
C TYR I 26 -22.21 13.76 -22.74
N CYS I 27 -22.78 13.50 -23.92
CA CYS I 27 -24.20 13.44 -24.10
C CYS I 27 -24.75 12.32 -23.23
N ASN I 28 -24.11 11.15 -23.24
CA ASN I 28 -24.53 10.07 -22.34
C ASN I 28 -24.56 10.54 -20.87
N SER I 29 -23.53 11.28 -20.44
CA SER I 29 -23.51 11.89 -19.11
C SER I 29 -24.76 12.74 -18.82
N VAL I 30 -25.05 13.67 -19.72
CA VAL I 30 -26.08 14.71 -19.54
C VAL I 30 -27.45 14.05 -19.44
N LYS I 31 -27.64 13.03 -20.24
CA LYS I 31 -28.87 12.29 -20.23
C LYS I 31 -29.05 11.61 -18.87
N GLN I 32 -27.96 11.36 -18.12
CA GLN I 32 -28.05 10.57 -16.89
C GLN I 32 -28.14 11.50 -15.67
N GLN I 33 -28.08 12.81 -15.90
CA GLN I 33 -28.13 13.84 -14.83
C GLN I 33 -29.45 13.68 -14.02
N VAL I 34 -29.42 13.88 -12.69
CA VAL I 34 -30.70 13.82 -11.91
C VAL I 34 -31.39 15.18 -11.96
N PRO I 35 -32.74 15.24 -11.92
CA PRO I 35 -33.46 16.51 -11.81
C PRO I 35 -33.46 16.90 -10.34
N VAL I 36 -33.75 18.19 -10.07
CA VAL I 36 -33.85 18.76 -8.72
C VAL I 36 -35.27 18.51 -8.16
N ASP I 37 -35.35 18.44 -6.82
CA ASP I 37 -36.57 18.32 -6.03
C ASP I 37 -36.59 19.40 -4.93
N PHE I 38 -37.42 20.43 -5.02
CA PHE I 38 -37.42 21.43 -3.95
C PHE I 38 -38.75 21.37 -3.19
N SER I 39 -39.48 20.27 -3.37
CA SER I 39 -40.87 20.12 -2.88
C SER I 39 -40.99 20.37 -1.37
N GLN I 40 -39.90 20.27 -0.60
CA GLN I 40 -39.91 20.64 0.84
C GLN I 40 -39.90 22.17 1.02
N PHE I 41 -39.79 22.95 -0.06
CA PHE I 41 -39.65 24.44 0.00
C PHE I 41 -40.62 25.09 -0.97
N PRO I 42 -41.81 25.56 -0.54
CA PRO I 42 -42.86 26.00 -1.47
C PRO I 42 -42.45 27.34 -2.08
N ASN I 43 -41.55 28.04 -1.42
CA ASN I 43 -40.98 29.24 -1.96
C ASN I 43 -40.20 28.93 -3.26
N LEU I 44 -39.67 27.72 -3.46
CA LEU I 44 -38.82 27.38 -4.66
C LEU I 44 -39.54 26.51 -5.70
N LYS I 45 -40.88 26.32 -5.56
CA LYS I 45 -41.74 25.57 -6.53
C LYS I 45 -41.34 25.87 -7.98
N ASP I 46 -41.24 27.18 -8.29
CA ASP I 46 -41.07 27.73 -9.63
C ASP I 46 -39.65 27.52 -10.14
N ASN I 47 -38.65 27.57 -9.24
CA ASN I 47 -37.26 27.45 -9.72
C ASN I 47 -37.05 26.01 -10.20
N GLN I 48 -37.68 25.07 -9.48
CA GLN I 48 -37.68 23.68 -9.82
C GLN I 48 -38.09 23.53 -11.28
N THR I 49 -39.37 23.76 -11.57
CA THR I 49 -39.92 23.36 -12.84
C THR I 49 -39.05 24.04 -13.91
N GLN I 50 -38.54 25.25 -13.63
CA GLN I 50 -37.63 26.01 -14.53
C GLN I 50 -36.35 25.21 -14.80
N ILE I 51 -35.75 24.76 -13.69
CA ILE I 51 -34.45 24.08 -13.69
C ILE I 51 -34.59 22.74 -14.42
N ASN I 52 -35.61 21.96 -14.02
CA ASN I 52 -35.90 20.64 -14.56
C ASN I 52 -36.44 20.73 -15.99
N GLN I 53 -37.00 21.90 -16.36
CA GLN I 53 -37.32 22.16 -17.74
C GLN I 53 -36.03 22.36 -18.51
N GLY I 54 -35.19 23.28 -18.04
CA GLY I 54 -33.81 23.47 -18.60
C GLY I 54 -33.18 22.11 -18.89
N LEU I 55 -33.27 21.20 -17.92
CA LEU I 55 -32.57 19.92 -17.98
C LEU I 55 -33.13 19.11 -19.14
N ASP I 56 -34.46 19.03 -19.22
CA ASP I 56 -35.13 18.32 -20.25
C ASP I 56 -34.69 18.80 -21.65
N LEU I 57 -34.44 20.09 -21.80
CA LEU I 57 -34.07 20.64 -23.11
C LEU I 57 -32.60 20.24 -23.40
N ALA I 58 -31.81 20.11 -22.33
CA ALA I 58 -30.42 19.65 -22.42
C ALA I 58 -30.38 18.19 -22.87
N LYS I 59 -31.19 17.34 -22.24
CA LYS I 59 -31.23 15.94 -22.62
C LYS I 59 -31.79 15.81 -24.04
N GLY I 60 -32.64 16.76 -24.45
CA GLY I 60 -33.13 16.87 -25.85
C GLY I 60 -32.01 17.17 -26.85
N HIS I 61 -31.11 18.06 -26.44
CA HIS I 61 -29.92 18.38 -27.24
C HIS I 61 -28.95 17.20 -27.28
N ALA I 62 -28.81 16.51 -26.15
CA ALA I 62 -27.93 15.36 -26.10
C ALA I 62 -28.47 14.26 -27.03
N ASP I 63 -29.80 14.12 -27.04
CA ASP I 63 -30.46 13.07 -27.80
C ASP I 63 -30.34 13.30 -29.32
N LEU I 64 -30.44 14.57 -29.72
CA LEU I 64 -30.27 14.93 -31.10
C LEU I 64 -28.85 14.59 -31.54
N TYR I 65 -27.85 14.83 -30.67
CA TYR I 65 -26.46 14.48 -31.01
C TYR I 65 -26.40 12.96 -31.24
N LEU I 66 -26.85 12.20 -30.26
CA LEU I 66 -26.61 10.74 -30.25
C LEU I 66 -27.35 10.05 -31.38
N ASN I 67 -28.53 10.55 -31.74
CA ASN I 67 -29.41 9.79 -32.62
C ASN I 67 -29.53 10.47 -33.99
N THR I 68 -29.00 11.69 -34.16
CA THR I 68 -29.04 12.34 -35.50
C THR I 68 -27.64 12.69 -35.98
N ILE I 69 -26.84 13.35 -35.15
CA ILE I 69 -25.54 13.77 -35.62
C ILE I 69 -24.54 12.60 -35.61
N GLN I 70 -24.41 11.86 -34.50
CA GLN I 70 -23.33 10.81 -34.43
C GLN I 70 -23.45 9.87 -35.64
N PRO I 71 -24.68 9.42 -35.99
CA PRO I 71 -24.87 8.53 -37.13
C PRO I 71 -24.44 9.17 -38.46
N GLN I 72 -24.60 10.49 -38.57
CA GLN I 72 -24.16 11.23 -39.76
C GLN I 72 -22.63 11.27 -39.81
N ILE I 73 -21.99 11.23 -38.65
CA ILE I 73 -20.55 11.23 -38.63
C ILE I 73 -20.03 9.84 -39.00
N ILE I 74 -20.70 8.80 -38.49
CA ILE I 74 -20.30 7.47 -38.83
C ILE I 74 -20.57 7.23 -40.31
N THR I 75 -21.62 7.86 -40.83
CA THR I 75 -21.92 7.79 -42.25
C THR I 75 -20.82 8.41 -43.11
N ASN I 76 -20.33 9.61 -42.70
CA ASN I 76 -19.19 10.27 -43.35
C ASN I 76 -18.02 9.29 -43.47
N ILE I 77 -17.68 8.57 -42.38
CA ILE I 77 -16.54 7.64 -42.39
C ILE I 77 -16.80 6.54 -43.44
N SER I 78 -18.04 6.05 -43.49
CA SER I 78 -18.41 5.03 -44.50
C SER I 78 -18.13 5.59 -45.89
N ASN I 79 -18.32 6.91 -46.02
CA ASN I 79 -18.15 7.60 -47.31
C ASN I 79 -16.66 7.75 -47.62
N ILE I 80 -15.83 8.00 -46.60
CA ILE I 80 -14.40 7.91 -46.81
C ILE I 80 -14.04 6.50 -47.32
N SER I 81 -14.57 5.44 -46.68
CA SER I 81 -14.23 4.09 -47.08
C SER I 81 -14.55 3.86 -48.56
N ASN I 82 -15.75 4.25 -48.96
CA ASN I 82 -16.22 4.04 -50.33
C ASN I 82 -15.43 4.91 -51.32
N TYR I 83 -15.21 6.19 -50.98
CA TYR I 83 -14.43 7.07 -51.83
C TYR I 83 -13.07 6.42 -52.12
N PHE I 84 -12.39 5.87 -51.09
CA PHE I 84 -11.02 5.30 -51.36
C PHE I 84 -11.15 3.97 -52.11
N ALA I 85 -12.25 3.23 -51.88
CA ALA I 85 -12.52 2.06 -52.66
C ALA I 85 -12.57 2.46 -54.15
N LEU I 86 -13.23 3.57 -54.46
CA LEU I 86 -13.27 4.05 -55.81
C LEU I 86 -11.86 4.52 -56.20
N GLN I 87 -11.17 5.29 -55.35
CA GLN I 87 -9.84 5.80 -55.83
C GLN I 87 -8.90 4.63 -56.15
N ASN I 88 -8.84 3.64 -55.26
CA ASN I 88 -7.91 2.52 -55.45
C ASN I 88 -8.35 1.61 -56.61
N ALA I 89 -9.64 1.65 -56.98
CA ALA I 89 -10.24 0.82 -58.06
C ALA I 89 -9.81 1.31 -59.44
N ILE I 90 -9.32 2.55 -59.58
CA ILE I 90 -9.08 3.07 -60.95
C ILE I 90 -7.96 2.27 -61.61
N PRO I 91 -6.80 2.00 -60.97
CA PRO I 91 -5.70 1.33 -61.68
C PRO I 91 -6.12 -0.09 -62.06
N ALA I 92 -7.12 -0.62 -61.35
CA ALA I 92 -7.64 -1.95 -61.59
C ALA I 92 -8.47 -1.96 -62.88
N VAL I 93 -9.23 -0.89 -63.09
CA VAL I 93 -10.16 -0.74 -64.22
C VAL I 93 -9.45 -0.16 -65.43
N LEU I 94 -8.31 0.50 -65.21
CA LEU I 94 -7.59 1.20 -66.25
C LEU I 94 -6.19 0.63 -66.40
N PRO I 95 -6.01 -0.43 -67.23
CA PRO I 95 -4.71 -1.08 -67.36
C PRO I 95 -3.70 -0.16 -68.04
N PRO I 96 -2.38 -0.47 -67.94
CA PRO I 96 -1.29 0.41 -68.36
C PRO I 96 -1.44 1.20 -69.67
N GLY I 97 -1.80 0.54 -70.76
CA GLY I 97 -1.91 1.28 -72.05
C GLY I 97 -3.17 2.13 -72.21
N SER I 98 -3.69 2.69 -71.11
CA SER I 98 -5.01 3.37 -71.11
C SER I 98 -4.80 4.86 -71.36
N THR I 99 -5.79 5.46 -72.04
CA THR I 99 -5.77 6.84 -72.63
C THR I 99 -6.02 7.88 -71.54
N LYS I 100 -5.59 9.14 -71.76
CA LYS I 100 -5.93 10.34 -70.92
C LYS I 100 -7.45 10.52 -70.82
N ALA I 101 -8.11 10.37 -71.96
CA ALA I 101 -9.53 10.48 -72.06
C ALA I 101 -10.26 9.60 -71.04
N GLN I 102 -9.91 8.31 -70.96
CA GLN I 102 -10.65 7.41 -70.07
C GLN I 102 -10.08 7.54 -68.64
N TRP I 103 -8.84 8.05 -68.49
CA TRP I 103 -8.36 8.50 -67.17
C TRP I 103 -9.26 9.63 -66.64
N LEU I 104 -9.74 10.45 -67.56
CA LEU I 104 -10.50 11.61 -67.23
C LEU I 104 -11.93 11.19 -66.91
N ARG I 105 -12.52 10.39 -67.82
CA ARG I 105 -13.81 9.76 -67.59
C ARG I 105 -13.91 9.24 -66.15
N GLN I 106 -12.93 8.42 -65.72
CA GLN I 106 -12.95 7.77 -64.38
C GLN I 106 -12.75 8.77 -63.22
N LEU I 107 -11.75 9.66 -63.31
CA LEU I 107 -11.56 10.74 -62.29
C LEU I 107 -12.82 11.59 -62.14
N SER I 108 -13.49 11.93 -63.25
CA SER I 108 -14.67 12.75 -63.21
C SER I 108 -15.77 12.07 -62.38
N VAL I 109 -15.87 10.74 -62.46
CA VAL I 109 -16.90 10.01 -61.75
C VAL I 109 -16.65 10.12 -60.23
N ILE I 110 -15.40 9.88 -59.82
CA ILE I 110 -15.12 9.77 -58.38
C ILE I 110 -15.10 11.17 -57.79
N LYS I 111 -14.81 12.18 -58.64
CA LYS I 111 -14.85 13.56 -58.18
C LYS I 111 -16.31 13.93 -57.94
N GLU I 112 -17.21 13.35 -58.77
CA GLU I 112 -18.67 13.55 -58.65
C GLU I 112 -19.12 12.99 -57.27
N GLN I 113 -18.80 11.72 -57.02
CA GLN I 113 -19.26 11.05 -55.83
C GLN I 113 -18.69 11.82 -54.63
N ALA I 114 -17.42 12.23 -54.73
CA ALA I 114 -16.76 12.97 -53.66
C ALA I 114 -17.52 14.26 -53.45
N THR I 115 -17.89 14.90 -54.57
CA THR I 115 -18.56 16.19 -54.53
C THR I 115 -19.86 16.05 -53.74
N GLU I 116 -20.47 14.85 -53.72
CA GLU I 116 -21.73 14.53 -53.01
C GLU I 116 -21.47 14.25 -51.53
N TYR I 117 -20.34 13.58 -51.26
CA TYR I 117 -19.89 13.38 -49.89
C TYR I 117 -19.58 14.72 -49.20
N GLN I 118 -18.89 15.63 -49.89
CA GLN I 118 -18.61 17.00 -49.34
C GLN I 118 -19.88 17.69 -48.84
N ARG I 119 -20.88 17.72 -49.71
CA ARG I 119 -22.19 18.29 -49.48
C ARG I 119 -22.79 17.62 -48.24
N LEU I 120 -22.83 16.29 -48.20
CA LEU I 120 -23.48 15.55 -47.07
C LEU I 120 -22.81 15.94 -45.73
N SER I 121 -21.49 16.10 -45.77
CA SER I 121 -20.67 16.52 -44.67
C SER I 121 -20.97 18.00 -44.31
N SER I 122 -20.99 18.89 -45.30
CA SER I 122 -21.37 20.31 -45.09
C SER I 122 -22.72 20.42 -44.40
N ASP I 123 -23.63 19.50 -44.74
CA ASP I 123 -24.97 19.52 -44.15
C ASP I 123 -24.88 19.21 -42.65
N THR I 124 -24.16 18.12 -42.33
CA THR I 124 -23.93 17.63 -40.97
C THR I 124 -23.37 18.78 -40.12
N ARG I 125 -22.44 19.52 -40.74
CA ARG I 125 -21.82 20.66 -40.11
C ARG I 125 -22.90 21.66 -39.71
N LEU I 126 -23.78 21.97 -40.68
CA LEU I 126 -24.89 22.93 -40.53
C LEU I 126 -25.77 22.53 -39.33
N VAL I 127 -26.14 21.26 -39.28
CA VAL I 127 -26.90 20.71 -38.15
C VAL I 127 -26.15 20.95 -36.84
N ILE I 128 -24.80 20.81 -36.88
CA ILE I 128 -23.99 20.91 -35.68
C ILE I 128 -23.89 22.37 -35.30
N VAL I 129 -23.88 23.26 -36.30
CA VAL I 129 -23.83 24.68 -35.99
C VAL I 129 -25.14 25.08 -35.28
N ASN I 130 -26.24 24.50 -35.73
CA ASN I 130 -27.57 24.75 -35.15
C ASN I 130 -27.54 24.35 -33.67
N LEU I 131 -27.08 23.13 -33.40
CA LEU I 131 -27.01 22.62 -32.04
C LEU I 131 -26.13 23.57 -31.21
N ASN I 132 -24.95 23.96 -31.72
CA ASN I 132 -24.10 24.91 -31.01
C ASN I 132 -24.91 26.17 -30.66
N ASN I 133 -25.50 26.81 -31.67
CA ASN I 133 -26.26 28.10 -31.48
C ASN I 133 -27.37 27.94 -30.44
N ASN I 134 -28.14 26.85 -30.53
CA ASN I 134 -29.20 26.53 -29.55
C ASN I 134 -28.62 26.36 -28.16
N LEU I 135 -27.42 25.75 -28.04
CA LEU I 135 -26.83 25.49 -26.71
C LEU I 135 -26.26 26.79 -26.16
N ILE I 136 -25.70 27.68 -27.01
CA ILE I 136 -25.22 28.98 -26.49
C ILE I 136 -26.42 29.67 -25.81
N THR I 137 -27.57 29.69 -26.48
CA THR I 137 -28.78 30.38 -25.98
C THR I 137 -29.29 29.66 -24.71
N ASP I 138 -29.49 28.35 -24.78
CA ASP I 138 -30.06 27.56 -23.69
C ASP I 138 -29.20 27.61 -22.43
N SER I 139 -27.87 27.53 -22.59
CA SER I 139 -26.93 27.54 -21.46
C SER I 139 -27.01 28.89 -20.74
N SER I 140 -27.08 30.01 -21.49
CA SER I 140 -27.07 31.36 -20.89
C SER I 140 -28.32 31.57 -20.04
N ASN I 141 -29.48 31.22 -20.63
CA ASN I 141 -30.74 31.21 -19.93
C ASN I 141 -30.66 30.33 -18.68
N PHE I 142 -30.08 29.13 -18.77
CA PHE I 142 -29.93 28.26 -17.57
C PHE I 142 -29.14 29.01 -16.50
N GLN I 143 -28.12 29.77 -16.92
CA GLN I 143 -27.23 30.44 -15.96
C GLN I 143 -28.03 31.54 -15.27
N GLY I 144 -28.93 32.14 -16.05
CA GLY I 144 -29.98 33.02 -15.56
C GLY I 144 -30.77 32.39 -14.42
N ILE I 145 -31.34 31.21 -14.66
CA ILE I 145 -32.17 30.41 -13.73
C ILE I 145 -31.37 30.03 -12.48
N VAL I 146 -30.06 29.76 -12.60
CA VAL I 146 -29.23 29.41 -11.44
C VAL I 146 -29.12 30.65 -10.54
N VAL I 147 -28.91 31.83 -11.14
CA VAL I 147 -28.77 33.08 -10.40
C VAL I 147 -30.07 33.34 -9.63
N ASN I 148 -31.20 33.06 -10.28
CA ASN I 148 -32.51 33.19 -9.68
C ASN I 148 -32.58 32.38 -8.38
N LEU I 149 -32.43 31.05 -8.52
CA LEU I 149 -32.41 30.10 -7.41
C LEU I 149 -31.51 30.63 -6.29
N ASN I 150 -30.31 31.07 -6.64
CA ASN I 150 -29.28 31.40 -5.64
C ASN I 150 -29.64 32.67 -4.87
N SER I 151 -30.43 33.56 -5.47
CA SER I 151 -30.68 34.83 -4.84
C SER I 151 -31.93 34.75 -3.97
N LYS I 152 -32.59 33.58 -3.97
CA LYS I 152 -33.60 33.18 -2.95
C LYS I 152 -33.05 32.14 -1.94
N VAL I 153 -31.87 31.56 -2.19
CA VAL I 153 -31.23 30.66 -1.20
C VAL I 153 -30.19 31.46 -0.37
N GLN I 154 -29.48 32.40 -1.00
CA GLN I 154 -28.38 33.12 -0.34
C GLN I 154 -28.88 34.46 0.21
N GLY I 155 -28.00 35.15 0.93
CA GLY I 155 -28.29 36.45 1.48
C GLY I 155 -29.03 36.35 2.80
N ASP I 156 -28.87 37.40 3.62
CA ASP I 156 -29.22 37.41 5.02
C ASP I 156 -30.67 36.97 5.26
N ASN I 157 -31.53 37.10 4.23
CA ASN I 157 -32.96 36.73 4.36
C ASN I 157 -33.29 35.51 3.51
N GLY I 158 -32.24 34.85 2.99
CA GLY I 158 -32.38 33.69 2.15
C GLY I 158 -32.98 32.51 2.90
N VAL I 159 -33.50 31.56 2.12
CA VAL I 159 -33.97 30.30 2.64
C VAL I 159 -32.87 29.69 3.50
N LEU I 160 -31.61 29.75 3.06
CA LEU I 160 -30.53 29.09 3.79
C LEU I 160 -30.32 29.78 5.16
N ALA I 161 -30.41 31.11 5.20
CA ALA I 161 -30.19 31.81 6.47
C ALA I 161 -31.36 31.52 7.45
N GLN I 162 -32.58 31.34 6.93
CA GLN I 162 -33.77 31.10 7.77
C GLN I 162 -33.68 29.74 8.47
N LEU I 163 -33.30 28.73 7.69
CA LEU I 163 -33.09 27.36 8.12
C LEU I 163 -31.96 27.32 9.15
N ASN I 164 -30.83 27.99 8.84
CA ASN I 164 -29.64 28.13 9.71
C ASN I 164 -30.01 28.80 11.04
N GLY I 165 -30.96 29.76 10.99
CA GLY I 165 -31.44 30.55 12.15
C GLY I 165 -32.34 29.74 13.08
N ASP I 166 -33.15 28.87 12.50
CA ASP I 166 -34.06 27.99 13.21
C ASP I 166 -33.29 26.85 13.87
N ILE I 167 -32.25 26.38 13.18
CA ILE I 167 -31.36 25.36 13.74
C ILE I 167 -30.67 25.99 14.97
N ASP I 168 -30.21 27.23 14.81
CA ASP I 168 -29.61 27.99 15.90
C ASP I 168 -30.62 28.05 17.08
N LYS I 169 -31.90 28.38 16.83
CA LYS I 169 -32.95 28.50 17.88
C LYS I 169 -33.28 27.13 18.50
N VAL I 170 -33.62 26.14 17.67
CA VAL I 170 -33.93 24.79 18.15
C VAL I 170 -32.76 24.23 18.98
N ASN I 171 -31.51 24.52 18.62
CA ASN I 171 -30.35 23.97 19.37
C ASN I 171 -30.10 24.78 20.65
N ALA I 172 -30.31 26.10 20.60
CA ALA I 172 -30.26 26.93 21.79
C ALA I 172 -31.39 26.50 22.74
N ALA I 173 -32.61 26.26 22.24
CA ALA I 173 -33.72 25.72 23.10
C ALA I 173 -33.34 24.41 23.82
N ILE I 174 -32.72 23.46 23.11
CA ILE I 174 -32.33 22.16 23.70
C ILE I 174 -31.17 22.33 24.69
N ASP I 175 -30.25 23.24 24.38
CA ASP I 175 -29.03 23.40 25.18
C ASP I 175 -29.42 23.99 26.54
N GLY I 176 -30.42 24.88 26.52
CA GLY I 176 -31.00 25.49 27.70
C GLY I 176 -31.90 24.53 28.47
N ALA I 177 -32.64 23.68 27.75
CA ALA I 177 -33.43 22.59 28.36
C ALA I 177 -32.51 21.75 29.24
N ILE I 178 -31.38 21.33 28.66
CA ILE I 178 -30.38 20.58 29.41
C ILE I 178 -29.90 21.44 30.62
N ALA I 179 -29.61 22.72 30.37
CA ALA I 179 -29.04 23.56 31.37
C ALA I 179 -29.94 23.56 32.62
N GLY I 180 -31.24 23.79 32.42
CA GLY I 180 -32.30 23.58 33.40
C GLY I 180 -32.16 22.28 34.18
N ILE I 181 -31.99 21.15 33.48
CA ILE I 181 -31.91 19.79 34.10
C ILE I 181 -30.68 19.75 35.00
N VAL I 182 -29.63 20.44 34.56
CA VAL I 182 -28.33 20.44 35.22
C VAL I 182 -28.39 21.35 36.45
N ALA I 183 -28.58 22.65 36.20
CA ALA I 183 -28.76 23.62 37.25
C ALA I 183 -29.88 23.14 38.18
N GLY I 184 -30.96 22.61 37.57
CA GLY I 184 -32.10 22.19 38.32
C GLY I 184 -31.70 21.27 39.45
N GLY I 185 -31.08 20.15 39.06
CA GLY I 185 -30.64 19.11 39.98
C GLY I 185 -29.75 19.68 41.06
N LEU I 186 -28.95 20.70 40.69
CA LEU I 186 -28.04 21.36 41.63
C LEU I 186 -28.84 22.09 42.71
N LEU I 187 -29.75 22.96 42.29
CA LEU I 187 -30.76 23.60 43.19
C LEU I 187 -31.51 22.54 44.02
N VAL I 188 -31.87 21.38 43.47
CA VAL I 188 -32.59 20.44 44.33
C VAL I 188 -31.68 20.06 45.48
N ILE I 189 -30.50 19.55 45.12
CA ILE I 189 -29.54 19.06 46.07
C ILE I 189 -29.14 20.21 46.99
N GLY I 190 -28.75 21.34 46.37
CA GLY I 190 -28.41 22.57 47.10
C GLY I 190 -29.45 22.86 48.18
N GLY I 191 -30.69 22.96 47.71
CA GLY I 191 -31.84 23.35 48.48
C GLY I 191 -32.10 22.44 49.66
N ALA I 192 -31.83 21.14 49.50
CA ALA I 192 -32.02 20.15 50.58
C ALA I 192 -31.02 20.36 51.72
N PHE I 193 -29.78 20.76 51.39
CA PHE I 193 -28.74 21.05 52.38
C PHE I 193 -29.19 22.30 53.15
N VAL I 194 -29.49 23.39 52.42
CA VAL I 194 -30.01 24.65 52.99
C VAL I 194 -31.26 24.43 53.85
N THR I 195 -32.20 23.58 53.40
CA THR I 195 -33.47 23.34 54.08
C THR I 195 -33.22 22.62 55.42
N ALA I 196 -32.31 21.65 55.41
CA ALA I 196 -31.97 20.87 56.60
C ALA I 196 -31.38 21.81 57.67
N ILE I 197 -30.47 22.67 57.22
CA ILE I 197 -29.74 23.63 58.08
C ILE I 197 -30.70 24.64 58.72
N GLY I 198 -31.72 25.08 57.96
CA GLY I 198 -32.70 26.06 58.42
C GLY I 198 -33.71 25.47 59.39
N ALA I 199 -34.21 24.27 59.07
CA ALA I 199 -35.19 23.53 59.87
C ALA I 199 -34.62 23.18 61.26
N VAL I 200 -33.30 23.03 61.35
CA VAL I 200 -32.66 22.69 62.60
C VAL I 200 -32.30 23.98 63.35
N ALA I 201 -31.87 25.02 62.63
CA ALA I 201 -31.65 26.34 63.20
C ALA I 201 -33.00 27.04 63.46
N ASP I 202 -34.12 26.34 63.20
CA ASP I 202 -35.52 26.77 63.51
C ASP I 202 -36.00 26.22 64.85
N PHE I 203 -35.58 25.00 65.24
CA PHE I 203 -35.90 24.52 66.62
C PHE I 203 -34.74 24.86 67.57
N VAL I 204 -33.67 25.52 67.10
CA VAL I 204 -32.61 26.10 67.98
C VAL I 204 -32.95 27.56 68.30
N THR I 205 -33.18 28.37 67.26
CA THR I 205 -33.67 29.74 67.41
C THR I 205 -35.19 29.73 67.14
N ALA I 206 -35.98 29.92 68.22
CA ALA I 206 -37.41 29.47 68.45
C ALA I 206 -38.25 29.46 67.18
N GLY I 207 -38.20 30.56 66.40
CA GLY I 207 -38.70 30.61 65.02
C GLY I 207 -38.00 31.70 64.19
N THR I 208 -36.73 32.02 64.52
CA THR I 208 -35.95 33.14 63.93
C THR I 208 -35.71 32.92 62.42
N SER I 209 -35.25 31.72 62.07
CA SER I 209 -34.67 31.48 60.76
C SER I 209 -35.65 30.77 59.80
N THR I 210 -36.93 31.15 59.83
CA THR I 210 -37.87 30.67 58.81
C THR I 210 -37.54 31.34 57.47
N PRO I 211 -36.93 32.54 57.40
CA PRO I 211 -36.42 33.03 56.10
C PRO I 211 -35.61 31.96 55.34
N VAL I 212 -34.73 31.21 56.00
CA VAL I 212 -33.85 30.26 55.27
C VAL I 212 -34.59 28.93 54.96
N VAL I 213 -35.33 28.32 55.88
CA VAL I 213 -36.17 27.10 55.53
C VAL I 213 -36.95 27.37 54.24
N ILE I 214 -37.53 28.59 54.13
CA ILE I 214 -38.37 28.97 52.99
C ILE I 214 -37.53 29.03 51.72
N GLY I 215 -36.45 29.83 51.74
CA GLY I 215 -35.50 29.92 50.61
C GLY I 215 -34.93 28.57 50.18
N GLY I 216 -34.72 27.66 51.15
CA GLY I 216 -34.31 26.30 50.87
C GLY I 216 -35.35 25.54 50.07
N VAL I 217 -36.59 25.55 50.56
CA VAL I 217 -37.65 24.82 49.88
C VAL I 217 -37.84 25.46 48.50
N ALA I 218 -37.65 26.79 48.40
CA ALA I 218 -37.96 27.52 47.16
C ALA I 218 -37.01 27.09 46.05
N MET I 219 -35.74 26.88 46.46
CA MET I 219 -34.67 26.32 45.61
C MET I 219 -35.11 24.97 45.02
N MET I 220 -35.55 24.04 45.90
CA MET I 220 -35.83 22.65 45.48
C MET I 220 -37.00 22.68 44.50
N VAL I 221 -37.98 23.51 44.79
CA VAL I 221 -39.12 23.72 43.92
C VAL I 221 -38.65 24.25 42.56
N ALA I 222 -37.86 25.33 42.56
CA ALA I 222 -37.26 25.88 41.33
C ALA I 222 -36.59 24.76 40.51
N GLY I 223 -35.60 24.14 41.16
CA GLY I 223 -34.80 23.09 40.62
C GLY I 223 -35.66 22.02 40.00
N ALA I 224 -36.63 21.54 40.78
CA ALA I 224 -37.52 20.48 40.35
C ALA I 224 -38.32 20.93 39.13
N GLY I 225 -38.81 22.17 39.12
CA GLY I 225 -39.48 22.72 37.95
C GLY I 225 -38.54 22.78 36.78
N GLY I 226 -37.27 23.08 37.07
CA GLY I 226 -36.18 23.10 36.10
C GLY I 226 -35.89 21.74 35.49
N ILE I 227 -36.00 20.65 36.27
CA ILE I 227 -35.85 19.25 35.78
C ILE I 227 -37.09 18.85 34.96
N THR I 228 -38.29 19.05 35.51
CA THR I 228 -39.61 18.78 34.89
C THR I 228 -39.82 19.60 33.61
N ALA I 229 -39.28 20.81 33.51
CA ALA I 229 -39.44 21.63 32.29
C ALA I 229 -38.47 21.16 31.21
N GLY I 230 -37.20 20.98 31.58
CA GLY I 230 -36.15 20.51 30.67
C GLY I 230 -36.45 19.16 30.04
N ALA I 231 -37.49 18.46 30.50
CA ALA I 231 -37.86 17.18 29.93
C ALA I 231 -38.90 17.41 28.82
N ILE I 232 -39.98 18.11 29.17
CA ILE I 232 -40.97 18.58 28.20
C ILE I 232 -40.21 18.99 26.93
N VAL I 233 -39.25 19.90 27.12
CA VAL I 233 -38.61 20.60 26.02
C VAL I 233 -37.69 19.65 25.26
N LEU I 234 -37.09 18.67 25.93
CA LEU I 234 -36.20 17.70 25.25
C LEU I 234 -37.00 16.63 24.49
N HIS I 235 -38.24 16.33 24.90
CA HIS I 235 -39.12 15.45 24.09
C HIS I 235 -39.63 16.22 22.87
N ASN I 236 -40.10 17.46 23.07
CA ASN I 236 -40.68 18.31 21.99
C ASN I 236 -39.63 19.12 21.24
N SER I 237 -38.42 18.57 21.01
CA SER I 237 -37.37 19.32 20.26
C SER I 237 -36.49 18.38 19.44
N LEU I 238 -36.09 17.26 20.03
CA LEU I 238 -35.24 16.28 19.37
C LEU I 238 -35.81 15.94 17.98
N GLY I 239 -37.12 15.70 17.90
CA GLY I 239 -37.76 15.40 16.61
C GLY I 239 -37.61 16.54 15.61
N ALA I 240 -37.83 17.78 16.06
CA ALA I 240 -37.86 18.99 15.22
C ALA I 240 -36.47 19.35 14.74
N ARG I 241 -35.44 18.95 15.51
CA ARG I 241 -34.05 19.24 15.14
C ARG I 241 -33.65 18.34 13.94
N GLN I 242 -34.01 17.04 13.94
CA GLN I 242 -33.72 16.16 12.83
C GLN I 242 -34.50 16.59 11.57
N ASP I 243 -35.69 17.15 11.73
CA ASP I 243 -36.43 17.70 10.56
C ASP I 243 -35.58 18.79 9.90
N LEU I 244 -35.02 19.68 10.72
CA LEU I 244 -34.40 20.89 10.24
C LEU I 244 -33.06 20.59 9.58
N TYR I 245 -32.29 19.63 10.13
CA TYR I 245 -31.01 19.28 9.55
C TYR I 245 -31.20 18.61 8.19
N GLN I 246 -32.23 17.73 8.08
CA GLN I 246 -32.51 16.92 6.89
C GLN I 246 -32.94 17.85 5.76
N LYS I 247 -33.74 18.85 6.14
CA LYS I 247 -34.23 19.91 5.27
C LYS I 247 -33.04 20.75 4.79
N ARG I 248 -32.13 21.07 5.73
CA ARG I 248 -30.94 21.80 5.33
C ARG I 248 -30.10 20.94 4.38
N SER I 249 -29.90 19.63 4.64
CA SER I 249 -28.94 18.88 3.79
C SER I 249 -29.57 18.70 2.39
N SER I 250 -30.87 18.36 2.39
CA SER I 250 -31.66 18.33 1.19
C SER I 250 -31.33 19.59 0.37
N LEU I 251 -31.43 20.77 0.99
CA LEU I 251 -31.35 22.03 0.23
C LEU I 251 -29.94 22.17 -0.38
N ASN I 252 -28.90 21.99 0.43
CA ASN I 252 -27.51 22.02 -0.08
C ASN I 252 -27.39 21.12 -1.33
N SER I 253 -27.85 19.86 -1.22
CA SER I 253 -27.75 18.89 -2.32
C SER I 253 -28.44 19.39 -3.59
N GLU I 254 -29.69 19.80 -3.43
CA GLU I 254 -30.46 20.30 -4.55
C GLU I 254 -29.80 21.55 -5.18
N VAL I 255 -29.28 22.48 -4.37
CA VAL I 255 -28.62 23.68 -4.92
C VAL I 255 -27.45 23.22 -5.78
N LEU I 256 -26.60 22.35 -5.21
CA LEU I 256 -25.47 21.78 -5.98
C LEU I 256 -25.98 21.11 -7.25
N ILE I 257 -27.04 20.27 -7.15
CA ILE I 257 -27.50 19.65 -8.38
C ILE I 257 -27.82 20.77 -9.39
N ALA I 258 -28.60 21.80 -9.00
CA ALA I 258 -28.88 22.93 -9.94
C ALA I 258 -27.60 23.47 -10.59
N THR I 259 -26.52 23.64 -9.82
CA THR I 259 -25.27 24.22 -10.37
C THR I 259 -24.62 23.22 -11.34
N GLN I 260 -24.69 21.94 -10.98
CA GLN I 260 -24.11 20.88 -11.81
C GLN I 260 -24.84 20.89 -13.16
N ILE I 261 -26.17 20.97 -13.14
CA ILE I 261 -26.94 21.02 -14.40
C ILE I 261 -26.41 22.18 -15.26
N GLY I 262 -26.16 23.35 -14.63
CA GLY I 262 -25.64 24.55 -15.30
C GLY I 262 -24.24 24.37 -15.85
N ASN I 263 -23.41 23.63 -15.11
CA ASN I 263 -22.06 23.26 -15.51
C ASN I 263 -22.12 22.21 -16.66
N GLY I 264 -23.04 21.27 -16.56
CA GLY I 264 -23.28 20.32 -17.68
C GLY I 264 -23.64 21.03 -18.97
N TYR I 265 -24.46 22.08 -18.87
CA TYR I 265 -24.85 22.95 -20.06
C TYR I 265 -23.59 23.61 -20.66
N LYS I 266 -22.81 24.29 -19.81
CA LYS I 266 -21.61 24.99 -20.22
C LYS I 266 -20.70 23.99 -20.96
N GLY I 267 -20.62 22.76 -20.42
CA GLY I 267 -19.78 21.67 -20.92
C GLY I 267 -20.29 21.12 -22.24
N LEU I 268 -21.60 20.98 -22.32
CA LEU I 268 -22.24 20.55 -23.53
C LEU I 268 -22.02 21.55 -24.68
N GLN I 269 -22.04 22.89 -24.46
CA GLN I 269 -21.90 23.83 -25.59
C GLN I 269 -20.44 23.81 -26.02
N VAL I 270 -19.52 23.68 -25.04
CA VAL I 270 -18.05 23.61 -25.33
C VAL I 270 -17.78 22.41 -26.27
N GLN I 271 -18.41 21.29 -25.94
CA GLN I 271 -18.38 20.07 -26.71
C GLN I 271 -18.95 20.31 -28.12
N ALA I 272 -20.06 21.06 -28.23
CA ALA I 272 -20.69 21.31 -29.57
C ALA I 272 -19.81 22.23 -30.42
N GLN I 273 -19.22 23.24 -29.77
CA GLN I 273 -18.26 24.16 -30.41
C GLN I 273 -17.11 23.32 -31.00
N ASN I 274 -16.53 22.45 -30.17
CA ASN I 274 -15.52 21.49 -30.59
C ASN I 274 -16.01 20.64 -31.78
N ALA I 275 -17.29 20.27 -31.78
CA ALA I 275 -17.85 19.53 -32.94
C ALA I 275 -17.94 20.45 -34.18
N VAL I 276 -18.27 21.72 -33.97
CA VAL I 276 -18.33 22.68 -35.08
C VAL I 276 -16.97 22.78 -35.74
N THR I 277 -15.92 22.95 -34.90
CA THR I 277 -14.52 23.03 -35.39
C THR I 277 -14.15 21.80 -36.24
N ALA I 278 -14.48 20.59 -35.76
CA ALA I 278 -14.01 19.38 -36.38
C ALA I 278 -14.78 19.12 -37.70
N ALA I 279 -16.07 19.51 -37.73
CA ALA I 279 -16.98 19.47 -38.90
C ALA I 279 -16.48 20.39 -40.01
N THR I 280 -15.99 21.58 -39.63
CA THR I 280 -15.37 22.53 -40.56
C THR I 280 -14.08 21.96 -41.20
N GLN I 281 -13.24 21.33 -40.38
CA GLN I 281 -11.98 20.73 -40.85
C GLN I 281 -12.24 19.61 -41.89
N MET I 282 -13.27 18.78 -41.66
CA MET I 282 -13.70 17.64 -42.50
C MET I 282 -14.37 18.19 -43.79
N SER I 283 -15.22 19.22 -43.66
CA SER I 283 -15.86 19.85 -44.82
C SER I 283 -14.77 20.40 -45.74
N ASN I 284 -13.75 21.04 -45.14
CA ASN I 284 -12.62 21.65 -45.88
C ASN I 284 -11.73 20.58 -46.51
N ALA I 285 -11.69 19.40 -45.87
CA ALA I 285 -10.95 18.24 -46.36
C ALA I 285 -11.60 17.64 -47.61
N TRP I 286 -12.93 17.42 -47.60
CA TRP I 286 -13.65 17.09 -48.84
C TRP I 286 -13.39 18.12 -49.94
N ASP I 287 -13.41 19.41 -49.57
CA ASP I 287 -13.16 20.51 -50.51
C ASP I 287 -11.77 20.42 -51.15
N SER I 288 -10.76 19.99 -50.38
CA SER I 288 -9.37 19.77 -50.94
C SER I 288 -9.36 18.59 -51.93
N LEU I 289 -10.06 17.53 -51.53
CA LEU I 289 -10.16 16.32 -52.31
C LEU I 289 -10.80 16.67 -53.63
N THR I 290 -11.95 17.35 -53.62
CA THR I 290 -12.64 17.68 -54.87
C THR I 290 -11.78 18.64 -55.71
N SER I 291 -11.08 19.59 -55.07
CA SER I 291 -10.24 20.52 -55.86
C SER I 291 -9.07 19.78 -56.51
N ASP I 292 -8.45 18.87 -55.75
CA ASP I 292 -7.31 18.06 -56.18
C ASP I 292 -7.71 17.21 -57.40
N LEU I 293 -8.85 16.52 -57.37
CA LEU I 293 -9.30 15.76 -58.55
C LEU I 293 -9.51 16.71 -59.71
N GLY I 294 -10.04 17.90 -59.42
CA GLY I 294 -10.15 18.92 -60.45
C GLY I 294 -8.82 19.17 -61.17
N SER I 295 -7.79 19.43 -60.36
CA SER I 295 -6.45 19.84 -60.83
C SER I 295 -5.88 18.74 -61.70
N LEU I 296 -6.08 17.48 -61.28
CA LEU I 296 -5.57 16.31 -62.04
C LEU I 296 -6.31 16.21 -63.36
N ILE I 297 -7.64 16.32 -63.33
CA ILE I 297 -8.37 16.31 -64.55
C ILE I 297 -7.79 17.37 -65.50
N THR I 298 -7.51 18.59 -65.02
CA THR I 298 -6.90 19.64 -65.87
C THR I 298 -5.61 19.14 -66.54
N ASP I 299 -4.65 18.72 -65.72
CA ASP I 299 -3.34 18.20 -66.16
C ASP I 299 -3.48 17.11 -67.23
N LEU I 300 -4.43 16.19 -67.06
CA LEU I 300 -4.72 15.20 -68.08
C LEU I 300 -5.07 15.89 -69.41
N ASP I 301 -5.95 16.88 -69.35
CA ASP I 301 -6.62 17.37 -70.51
C ASP I 301 -5.60 18.07 -71.43
N LYS I 302 -4.80 18.97 -70.84
CA LYS I 302 -3.88 19.76 -71.61
C LYS I 302 -2.48 19.18 -71.39
N GLY I 303 -2.43 17.84 -71.28
CA GLY I 303 -1.28 17.01 -71.60
C GLY I 303 0.00 17.35 -70.82
N ILE I 304 -0.16 17.85 -69.59
CA ILE I 304 0.94 18.02 -68.62
C ILE I 304 1.43 16.62 -68.19
N THR I 305 0.72 15.95 -67.27
CA THR I 305 1.01 14.53 -66.92
C THR I 305 0.25 13.64 -67.91
N SER I 306 0.67 12.37 -68.03
CA SER I 306 -0.02 11.40 -68.89
C SER I 306 -0.81 10.40 -68.05
N GLY I 307 -1.62 9.58 -68.74
CA GLY I 307 -2.27 8.40 -68.19
C GLY I 307 -1.28 7.45 -67.51
N ASP I 308 -0.20 7.12 -68.20
CA ASP I 308 0.78 6.16 -67.69
C ASP I 308 1.58 6.76 -66.51
N ASP I 309 1.68 8.09 -66.41
CA ASP I 309 2.43 8.76 -65.33
C ASP I 309 1.58 8.83 -64.06
N ILE I 310 0.33 9.27 -64.24
CA ILE I 310 -0.74 9.36 -63.21
C ILE I 310 -1.09 7.97 -62.63
N ARG I 311 -0.86 6.90 -63.39
CA ARG I 311 -1.09 5.53 -62.90
C ARG I 311 -0.12 5.09 -61.79
N GLN I 312 1.18 5.38 -61.99
CA GLN I 312 2.27 5.07 -61.03
C GLN I 312 2.10 5.95 -59.80
N LEU I 313 1.77 7.23 -60.03
CA LEU I 313 1.33 8.08 -58.94
C LEU I 313 0.36 7.32 -58.04
N TRP I 314 -0.73 6.83 -58.67
CA TRP I 314 -1.85 6.23 -57.97
C TRP I 314 -1.48 4.96 -57.23
N LEU I 315 -0.53 4.18 -57.77
CA LEU I 315 -0.14 2.87 -57.19
C LEU I 315 0.70 3.05 -55.91
N THR I 316 1.72 3.92 -56.00
CA THR I 316 2.42 4.58 -54.86
C THR I 316 1.40 5.07 -53.81
N ALA I 317 0.53 6.03 -54.15
CA ALA I 317 -0.52 6.46 -53.19
C ALA I 317 -1.13 5.22 -52.51
N ALA I 318 -1.49 4.20 -53.31
CA ALA I 318 -2.26 3.02 -52.82
C ALA I 318 -1.52 2.35 -51.66
N ASP I 319 -0.20 2.17 -51.82
CA ASP I 319 0.66 1.33 -50.91
C ASP I 319 1.17 2.10 -49.67
N THR I 320 0.89 3.41 -49.56
CA THR I 320 1.51 4.28 -48.56
C THR I 320 0.39 5.06 -47.86
N THR I 321 0.00 6.14 -48.51
CA THR I 321 -0.64 7.25 -47.91
C THR I 321 -2.12 6.86 -47.67
N VAL I 322 -2.68 6.08 -48.62
CA VAL I 322 -4.05 5.57 -48.55
C VAL I 322 -4.14 4.43 -47.52
N LYS I 323 -3.08 3.61 -47.48
CA LYS I 323 -2.98 2.53 -46.53
C LYS I 323 -3.18 3.12 -45.11
N THR I 324 -2.44 4.18 -44.80
CA THR I 324 -2.66 5.08 -43.63
C THR I 324 -4.15 5.43 -43.42
N VAL I 325 -4.80 6.02 -44.41
CA VAL I 325 -6.21 6.41 -44.23
C VAL I 325 -7.07 5.19 -43.83
N LEU I 326 -6.96 4.08 -44.57
CA LEU I 326 -7.79 2.87 -44.35
C LEU I 326 -7.52 2.21 -43.00
N THR I 327 -6.26 2.31 -42.57
CA THR I 327 -5.74 1.94 -41.27
C THR I 327 -6.46 2.69 -40.15
N ASP I 328 -6.53 4.02 -40.30
CA ASP I 328 -7.16 4.88 -39.33
C ASP I 328 -8.69 4.69 -39.32
N VAL I 329 -9.28 4.41 -40.48
CA VAL I 329 -10.66 4.00 -40.52
C VAL I 329 -10.85 2.81 -39.58
N THR I 330 -9.98 1.81 -39.76
CA THR I 330 -10.10 0.54 -39.04
C THR I 330 -10.09 0.84 -37.55
N THR I 331 -9.09 1.62 -37.14
CA THR I 331 -8.83 2.01 -35.78
C THR I 331 -10.03 2.79 -35.21
N ILE I 332 -10.50 3.80 -35.95
CA ILE I 332 -11.59 4.69 -35.53
C ILE I 332 -12.86 3.87 -35.22
N LYS I 333 -13.23 2.97 -36.14
CA LYS I 333 -14.40 2.04 -36.02
C LYS I 333 -14.28 1.07 -34.83
N ALA I 334 -13.07 0.57 -34.61
CA ALA I 334 -12.73 -0.26 -33.44
C ALA I 334 -12.92 0.56 -32.17
N GLN I 335 -12.39 1.79 -32.13
CA GLN I 335 -12.56 2.62 -30.94
C GLN I 335 -14.06 2.81 -30.67
N MET I 336 -14.83 3.10 -31.73
CA MET I 336 -16.23 3.47 -31.57
C MET I 336 -17.01 2.27 -31.04
N ALA I 337 -16.65 1.08 -31.55
CA ALA I 337 -17.30 -0.20 -31.30
C ALA I 337 -16.80 -0.82 -30.00
N GLY I 338 -15.65 -0.33 -29.50
CA GLY I 338 -15.01 -0.86 -28.30
C GLY I 338 -14.38 -2.23 -28.54
N VAL I 339 -13.62 -2.40 -29.63
CA VAL I 339 -13.00 -3.69 -30.02
C VAL I 339 -11.59 -3.49 -30.58
N ALA J 17 -6.25 -25.47 -8.42
CA ALA J 17 -6.57 -26.61 -7.50
C ALA J 17 -7.97 -27.14 -7.79
N SER J 18 -8.06 -28.45 -7.98
CA SER J 18 -9.25 -29.16 -8.26
C SER J 18 -10.17 -29.07 -7.03
N GLN J 19 -11.39 -29.53 -7.26
CA GLN J 19 -12.45 -29.47 -6.31
C GLN J 19 -12.14 -30.46 -5.19
N ALA J 20 -11.62 -31.65 -5.56
CA ALA J 20 -11.20 -32.66 -4.58
C ALA J 20 -10.05 -32.08 -3.72
N MET J 21 -9.12 -31.35 -4.34
CA MET J 21 -8.00 -30.71 -3.62
C MET J 21 -8.55 -29.65 -2.64
N GLN J 22 -9.49 -28.80 -3.09
CA GLN J 22 -10.21 -27.84 -2.21
C GLN J 22 -10.84 -28.53 -0.99
N ILE J 23 -11.49 -29.68 -1.19
CA ILE J 23 -12.09 -30.41 -0.05
C ILE J 23 -11.02 -31.11 0.81
N GLN J 24 -9.98 -31.66 0.20
CA GLN J 24 -8.83 -32.23 0.95
C GLN J 24 -8.19 -31.16 1.85
N THR J 25 -8.09 -29.93 1.33
CA THR J 25 -7.50 -28.84 2.07
C THR J 25 -8.29 -28.58 3.36
N TYR J 26 -9.59 -28.28 3.20
CA TYR J 26 -10.50 -28.12 4.34
C TYR J 26 -10.27 -29.27 5.34
N CYS J 27 -10.29 -30.52 4.83
CA CYS J 27 -10.25 -31.77 5.65
C CYS J 27 -8.94 -31.85 6.45
N ASN J 28 -7.82 -31.49 5.82
CA ASN J 28 -6.47 -31.56 6.44
C ASN J 28 -6.26 -30.44 7.48
N SER J 29 -6.93 -29.31 7.27
CA SER J 29 -6.84 -28.20 8.11
C SER J 29 -7.61 -28.51 9.39
N VAL J 30 -8.90 -28.85 9.24
CA VAL J 30 -9.85 -29.07 10.36
C VAL J 30 -9.39 -30.24 11.25
N LYS J 31 -8.77 -31.26 10.66
CA LYS J 31 -8.32 -32.51 11.31
C LYS J 31 -7.11 -32.27 12.21
N GLN J 32 -6.41 -31.14 12.02
CA GLN J 32 -5.23 -30.77 12.86
C GLN J 32 -5.59 -29.83 14.02
N GLN J 33 -6.79 -29.24 13.99
CA GLN J 33 -7.20 -28.34 15.05
C GLN J 33 -7.25 -29.12 16.36
N VAL J 34 -6.96 -28.40 17.45
CA VAL J 34 -6.83 -28.91 18.77
C VAL J 34 -8.01 -28.37 19.57
N PRO J 35 -8.75 -29.21 20.33
CA PRO J 35 -9.76 -28.72 21.26
C PRO J 35 -9.22 -27.65 22.21
N VAL J 36 -10.05 -26.63 22.44
CA VAL J 36 -9.68 -25.49 23.24
C VAL J 36 -9.99 -25.82 24.70
N ASP J 37 -9.14 -25.32 25.60
CA ASP J 37 -9.37 -25.35 27.03
C ASP J 37 -9.66 -23.92 27.44
N PHE J 38 -10.92 -23.57 27.74
CA PHE J 38 -11.20 -22.23 28.26
C PHE J 38 -11.51 -22.28 29.76
N SER J 39 -10.86 -23.18 30.51
CA SER J 39 -11.28 -23.39 31.87
C SER J 39 -10.70 -22.27 32.73
N GLN J 40 -9.77 -21.48 32.16
CA GLN J 40 -9.29 -20.25 32.83
C GLN J 40 -10.18 -19.04 32.52
N PHE J 41 -11.31 -19.22 31.82
CA PHE J 41 -12.23 -18.11 31.52
C PHE J 41 -13.67 -18.63 31.65
N PRO J 42 -14.39 -18.33 32.75
CA PRO J 42 -15.71 -18.92 32.99
C PRO J 42 -16.75 -18.33 32.02
N ASN J 43 -16.47 -17.07 31.63
CA ASN J 43 -17.21 -16.28 30.65
C ASN J 43 -17.31 -17.03 29.31
N LEU J 44 -16.35 -17.92 29.00
CA LEU J 44 -16.26 -18.67 27.71
C LEU J 44 -16.57 -20.17 27.88
N LYS J 45 -17.09 -20.58 29.04
CA LYS J 45 -17.46 -21.98 29.31
C LYS J 45 -18.23 -22.54 28.10
N ASP J 46 -19.21 -21.77 27.64
CA ASP J 46 -20.15 -22.23 26.62
C ASP J 46 -19.45 -22.27 25.27
N ASN J 47 -18.61 -21.25 25.03
CA ASN J 47 -17.92 -21.20 23.79
C ASN J 47 -17.08 -22.48 23.66
N GLN J 48 -16.50 -22.95 24.76
CA GLN J 48 -15.62 -24.12 24.69
C GLN J 48 -16.42 -25.38 24.29
N THR J 49 -17.64 -25.51 24.83
CA THR J 49 -18.49 -26.62 24.55
C THR J 49 -18.85 -26.60 23.07
N GLN J 50 -19.23 -25.40 22.60
CA GLN J 50 -19.71 -25.13 21.23
C GLN J 50 -18.58 -25.45 20.22
N ILE J 51 -17.39 -24.94 20.54
CA ILE J 51 -16.25 -25.11 19.66
C ILE J 51 -15.89 -26.59 19.57
N ASN J 52 -15.86 -27.28 20.70
CA ASN J 52 -15.28 -28.61 20.70
C ASN J 52 -16.20 -29.66 20.10
N GLN J 53 -17.51 -29.48 20.25
CA GLN J 53 -18.51 -30.36 19.60
C GLN J 53 -18.50 -30.08 18.10
N GLY J 54 -18.40 -28.81 17.70
CA GLY J 54 -18.23 -28.46 16.31
C GLY J 54 -17.03 -29.20 15.72
N LEU J 55 -15.89 -29.02 16.37
CA LEU J 55 -14.64 -29.54 15.88
C LEU J 55 -14.74 -31.07 15.77
N ASP J 56 -15.37 -31.72 16.77
CA ASP J 56 -15.50 -33.21 16.81
C ASP J 56 -16.28 -33.76 15.61
N LEU J 57 -17.43 -33.13 15.32
CA LEU J 57 -18.33 -33.44 14.19
C LEU J 57 -17.59 -33.25 12.87
N ALA J 58 -16.95 -32.09 12.74
CA ALA J 58 -16.19 -31.73 11.52
C ALA J 58 -15.06 -32.72 11.25
N LYS J 59 -14.33 -33.12 12.31
CA LYS J 59 -13.22 -34.12 12.19
C LYS J 59 -13.79 -35.45 11.66
N GLY J 60 -14.97 -35.83 12.15
CA GLY J 60 -15.60 -37.03 11.69
C GLY J 60 -16.03 -36.93 10.25
N HIS J 61 -16.55 -35.76 9.85
CA HIS J 61 -17.01 -35.50 8.49
C HIS J 61 -15.84 -35.60 7.51
N ALA J 62 -14.71 -35.01 7.88
CA ALA J 62 -13.50 -34.98 7.03
C ALA J 62 -12.94 -36.38 6.74
N ASP J 63 -12.76 -37.14 7.83
CA ASP J 63 -12.36 -38.55 7.80
C ASP J 63 -13.22 -39.36 6.82
N LEU J 64 -14.54 -39.10 6.83
CA LEU J 64 -15.45 -39.84 5.97
C LEU J 64 -15.18 -39.51 4.50
N TYR J 65 -14.85 -38.24 4.21
CA TYR J 65 -14.51 -37.80 2.86
C TYR J 65 -13.23 -38.47 2.36
N LEU J 66 -12.21 -38.48 3.21
CA LEU J 66 -10.90 -39.09 2.88
C LEU J 66 -11.01 -40.62 2.81
N ASN J 67 -11.76 -41.26 3.71
CA ASN J 67 -11.66 -42.72 3.77
C ASN J 67 -12.78 -43.41 2.95
N THR J 68 -13.83 -42.68 2.52
CA THR J 68 -15.04 -43.32 1.89
C THR J 68 -15.59 -42.56 0.68
N ILE J 69 -15.95 -41.29 0.87
CA ILE J 69 -16.61 -40.49 -0.17
C ILE J 69 -15.64 -40.19 -1.33
N GLN J 70 -14.44 -39.65 -1.05
CA GLN J 70 -13.49 -39.37 -2.19
C GLN J 70 -13.25 -40.65 -2.97
N PRO J 71 -12.86 -41.78 -2.30
CA PRO J 71 -12.60 -43.04 -3.00
C PRO J 71 -13.80 -43.55 -3.82
N GLN J 72 -15.03 -43.39 -3.27
CA GLN J 72 -16.27 -43.85 -3.95
C GLN J 72 -16.48 -43.08 -5.26
N ILE J 73 -16.34 -41.74 -5.27
CA ILE J 73 -16.54 -40.90 -6.47
C ILE J 73 -15.51 -41.32 -7.52
N ILE J 74 -14.25 -41.48 -7.07
CA ILE J 74 -13.13 -41.72 -7.97
C ILE J 74 -13.27 -43.13 -8.56
N THR J 75 -13.78 -44.07 -7.77
CA THR J 75 -13.94 -45.43 -8.26
C THR J 75 -14.98 -45.41 -9.36
N ASN J 76 -16.14 -44.86 -8.98
CA ASN J 76 -17.34 -44.77 -9.78
C ASN J 76 -16.97 -44.09 -11.09
N ILE J 77 -16.30 -42.93 -11.06
CA ILE J 77 -15.91 -42.31 -12.33
C ILE J 77 -14.88 -43.14 -13.11
N SER J 78 -14.03 -43.92 -12.42
CA SER J 78 -13.08 -44.83 -13.09
C SER J 78 -13.83 -45.88 -13.90
N ASN J 79 -14.75 -46.59 -13.24
CA ASN J 79 -15.55 -47.65 -13.85
C ASN J 79 -16.23 -47.14 -15.12
N ILE J 80 -16.86 -45.98 -15.01
CA ILE J 80 -17.62 -45.40 -16.11
C ILE J 80 -16.62 -45.04 -17.23
N SER J 81 -15.51 -44.43 -16.86
CA SER J 81 -14.50 -43.99 -17.83
C SER J 81 -13.87 -45.20 -18.54
N ASN J 82 -13.59 -46.29 -17.80
CA ASN J 82 -13.07 -47.53 -18.41
C ASN J 82 -14.02 -48.00 -19.53
N TYR J 83 -15.34 -47.97 -19.30
CA TYR J 83 -16.32 -48.49 -20.27
C TYR J 83 -16.43 -47.60 -21.52
N PHE J 84 -16.65 -46.28 -21.35
CA PHE J 84 -16.89 -45.39 -22.51
C PHE J 84 -15.58 -45.07 -23.26
N ALA J 85 -14.43 -45.17 -22.60
CA ALA J 85 -13.13 -45.08 -23.28
C ALA J 85 -13.06 -46.08 -24.44
N LEU J 86 -13.52 -47.31 -24.19
CA LEU J 86 -13.51 -48.37 -25.19
C LEU J 86 -14.78 -48.25 -26.06
N GLN J 87 -15.97 -48.21 -25.47
CA GLN J 87 -17.22 -48.00 -26.27
C GLN J 87 -17.40 -46.50 -26.58
N ASN J 88 -16.47 -45.94 -27.37
CA ASN J 88 -16.26 -44.49 -27.57
C ASN J 88 -17.08 -43.98 -28.77
N ALA J 89 -18.07 -44.79 -29.18
CA ALA J 89 -18.87 -44.55 -30.35
C ALA J 89 -20.04 -45.54 -30.38
N ILE J 90 -21.05 -45.20 -31.17
CA ILE J 90 -22.15 -46.10 -31.43
C ILE J 90 -22.15 -46.35 -32.94
N PRO J 91 -22.14 -47.63 -33.39
CA PRO J 91 -22.04 -47.93 -34.81
C PRO J 91 -23.49 -47.84 -35.25
N ALA J 92 -23.76 -46.82 -36.07
CA ALA J 92 -25.10 -46.31 -36.36
C ALA J 92 -25.60 -46.93 -37.67
N VAL J 93 -24.62 -47.27 -38.54
CA VAL J 93 -24.74 -48.19 -39.68
C VAL J 93 -24.22 -49.59 -39.29
N LEU J 94 -24.98 -50.62 -39.65
CA LEU J 94 -24.66 -52.04 -39.44
C LEU J 94 -23.17 -52.29 -39.68
N PRO J 95 -22.41 -52.89 -38.72
CA PRO J 95 -20.96 -53.05 -38.85
C PRO J 95 -20.48 -54.06 -39.89
N PRO J 96 -19.28 -53.86 -40.49
CA PRO J 96 -18.84 -54.68 -41.63
C PRO J 96 -18.96 -56.20 -41.39
N GLY J 97 -18.36 -56.71 -40.32
CA GLY J 97 -18.36 -58.15 -40.05
C GLY J 97 -19.41 -58.57 -39.03
N SER J 98 -20.70 -58.40 -39.36
CA SER J 98 -21.77 -58.81 -38.44
C SER J 98 -23.13 -58.83 -39.15
N THR J 99 -24.12 -59.41 -38.46
CA THR J 99 -25.46 -59.66 -38.95
C THR J 99 -26.40 -58.66 -38.28
N LYS J 100 -27.72 -58.85 -38.43
CA LYS J 100 -28.73 -57.93 -37.86
C LYS J 100 -28.89 -58.23 -36.36
N ALA J 101 -29.33 -59.44 -36.01
CA ALA J 101 -29.50 -59.80 -34.59
C ALA J 101 -28.20 -59.48 -33.83
N GLN J 102 -27.04 -59.89 -34.37
CA GLN J 102 -25.70 -59.64 -33.78
C GLN J 102 -25.43 -58.13 -33.67
N TRP J 103 -26.14 -57.29 -34.45
CA TRP J 103 -25.96 -55.83 -34.38
C TRP J 103 -26.86 -55.22 -33.30
N LEU J 104 -28.09 -55.71 -33.14
CA LEU J 104 -29.02 -55.26 -32.09
C LEU J 104 -28.53 -55.68 -30.70
N ARG J 105 -27.94 -56.88 -30.58
CA ARG J 105 -27.41 -57.31 -29.29
C ARG J 105 -26.31 -56.33 -28.92
N GLN J 106 -25.34 -56.13 -29.84
CA GLN J 106 -24.20 -55.21 -29.61
C GLN J 106 -24.71 -53.91 -28.97
N LEU J 107 -25.84 -53.39 -29.50
CA LEU J 107 -26.50 -52.10 -29.17
C LEU J 107 -27.21 -52.23 -27.81
N SER J 108 -27.76 -53.41 -27.54
CA SER J 108 -28.52 -53.63 -26.32
C SER J 108 -27.59 -53.79 -25.11
N VAL J 109 -26.51 -54.56 -25.29
CA VAL J 109 -25.39 -54.66 -24.35
C VAL J 109 -24.88 -53.24 -23.99
N ILE J 110 -24.81 -52.35 -24.98
CA ILE J 110 -24.43 -50.94 -24.71
C ILE J 110 -25.52 -50.27 -23.86
N LYS J 111 -26.78 -50.36 -24.29
CA LYS J 111 -27.93 -49.81 -23.53
C LYS J 111 -27.90 -50.37 -22.09
N GLU J 112 -27.75 -51.70 -21.93
CA GLU J 112 -27.75 -52.43 -20.61
C GLU J 112 -26.81 -51.75 -19.62
N GLN J 113 -25.53 -51.57 -20.02
CA GLN J 113 -24.43 -50.94 -19.29
C GLN J 113 -24.76 -49.49 -18.95
N ALA J 114 -25.00 -48.68 -19.98
CA ALA J 114 -25.32 -47.29 -19.85
C ALA J 114 -26.32 -47.07 -18.73
N THR J 115 -27.25 -48.03 -18.59
CA THR J 115 -28.38 -47.96 -17.65
C THR J 115 -27.86 -48.22 -16.23
N GLU J 116 -27.03 -49.25 -16.07
CA GLU J 116 -26.44 -49.63 -14.79
C GLU J 116 -25.54 -48.46 -14.37
N TYR J 117 -24.81 -47.91 -15.34
CA TYR J 117 -23.85 -46.81 -15.15
C TYR J 117 -24.55 -45.46 -14.93
N GLN J 118 -25.81 -45.32 -15.34
CA GLN J 118 -26.62 -44.14 -15.05
C GLN J 118 -27.13 -44.18 -13.60
N ARG J 119 -27.43 -45.38 -13.10
CA ARG J 119 -27.83 -45.58 -11.68
C ARG J 119 -26.65 -45.34 -10.75
N LEU J 120 -25.44 -45.66 -11.22
CA LEU J 120 -24.22 -45.53 -10.42
C LEU J 120 -23.93 -44.02 -10.29
N SER J 121 -23.93 -43.32 -11.43
CA SER J 121 -23.87 -41.85 -11.48
C SER J 121 -24.95 -41.24 -10.57
N SER J 122 -26.14 -41.83 -10.55
CA SER J 122 -27.28 -41.29 -9.80
C SER J 122 -27.03 -41.46 -8.29
N ASP J 123 -26.65 -42.67 -7.89
CA ASP J 123 -26.14 -43.02 -6.56
C ASP J 123 -24.98 -42.11 -6.14
N THR J 124 -24.04 -41.82 -7.06
CA THR J 124 -22.89 -41.02 -6.71
C THR J 124 -23.34 -39.60 -6.30
N ARG J 125 -24.33 -39.06 -7.00
CA ARG J 125 -24.87 -37.75 -6.66
C ARG J 125 -25.52 -37.76 -5.25
N LEU J 126 -26.09 -38.90 -4.85
CA LEU J 126 -26.77 -39.04 -3.55
C LEU J 126 -25.72 -38.98 -2.44
N VAL J 127 -24.66 -39.77 -2.63
CA VAL J 127 -23.50 -39.71 -1.76
C VAL J 127 -23.07 -38.26 -1.57
N ILE J 128 -23.08 -37.50 -2.67
CA ILE J 128 -22.59 -36.12 -2.70
C ILE J 128 -23.58 -35.15 -2.03
N VAL J 129 -24.87 -35.48 -1.94
CA VAL J 129 -25.80 -34.60 -1.19
C VAL J 129 -25.31 -34.60 0.25
N ASN J 130 -24.92 -35.78 0.73
CA ASN J 130 -24.55 -36.03 2.11
C ASN J 130 -23.27 -35.24 2.45
N LEU J 131 -22.27 -35.39 1.59
CA LEU J 131 -21.07 -34.59 1.64
C LEU J 131 -21.39 -33.10 1.74
N ASN J 132 -22.26 -32.60 0.85
CA ASN J 132 -22.65 -31.17 0.83
C ASN J 132 -23.24 -30.75 2.18
N ASN J 133 -24.09 -31.61 2.76
CA ASN J 133 -24.76 -31.33 4.02
C ASN J 133 -23.71 -31.26 5.14
N ASN J 134 -22.78 -32.22 5.11
CA ASN J 134 -21.68 -32.32 6.07
C ASN J 134 -20.88 -31.02 6.04
N LEU J 135 -20.37 -30.68 4.86
CA LEU J 135 -19.67 -29.43 4.73
C LEU J 135 -20.49 -28.23 5.22
N ILE J 136 -21.77 -28.17 4.83
CA ILE J 136 -22.62 -27.04 5.12
C ILE J 136 -22.87 -26.96 6.64
N THR J 137 -22.99 -28.12 7.30
CA THR J 137 -23.11 -28.23 8.77
C THR J 137 -21.85 -27.63 9.45
N ASP J 138 -20.70 -28.13 9.03
CA ASP J 138 -19.37 -27.73 9.53
C ASP J 138 -19.19 -26.23 9.35
N SER J 139 -19.51 -25.71 8.17
CA SER J 139 -19.39 -24.25 7.92
C SER J 139 -20.35 -23.46 8.83
N SER J 140 -21.58 -23.95 8.95
CA SER J 140 -22.55 -23.25 9.75
C SER J 140 -22.12 -23.28 11.22
N ASN J 141 -21.62 -24.44 11.67
CA ASN J 141 -21.09 -24.57 13.03
C ASN J 141 -20.06 -23.44 13.27
N PHE J 142 -19.16 -23.29 12.30
CA PHE J 142 -18.00 -22.46 12.46
C PHE J 142 -18.45 -21.00 12.41
N GLN J 143 -19.45 -20.71 11.57
CA GLN J 143 -20.02 -19.36 11.51
C GLN J 143 -20.50 -18.98 12.92
N GLY J 144 -21.21 -19.88 13.59
CA GLY J 144 -21.75 -19.63 14.94
C GLY J 144 -20.69 -19.47 16.04
N ILE J 145 -19.58 -20.22 15.97
CA ILE J 145 -18.43 -20.12 16.93
C ILE J 145 -17.85 -18.68 16.90
N VAL J 146 -17.61 -18.15 15.70
CA VAL J 146 -17.14 -16.75 15.44
C VAL J 146 -18.14 -15.71 16.00
N VAL J 147 -19.44 -15.87 15.66
CA VAL J 147 -20.48 -14.89 16.03
C VAL J 147 -20.51 -14.69 17.54
N ASN J 148 -20.45 -15.83 18.24
CA ASN J 148 -20.59 -15.93 19.69
C ASN J 148 -19.33 -15.38 20.36
N LEU J 149 -18.14 -15.90 20.01
CA LEU J 149 -16.85 -15.35 20.48
C LEU J 149 -16.81 -13.83 20.32
N ASN J 150 -17.31 -13.33 19.19
CA ASN J 150 -17.34 -11.90 18.95
C ASN J 150 -18.27 -11.19 19.94
N SER J 151 -19.45 -11.77 20.22
CA SER J 151 -20.36 -11.29 21.22
C SER J 151 -19.58 -11.13 22.52
N LYS J 152 -18.89 -12.22 22.88
CA LYS J 152 -18.15 -12.28 24.13
C LYS J 152 -17.20 -11.10 24.16
N VAL J 153 -16.49 -10.92 23.04
CA VAL J 153 -15.47 -9.91 22.91
C VAL J 153 -16.08 -8.50 23.03
N GLN J 154 -17.23 -8.24 22.38
CA GLN J 154 -17.84 -6.89 22.37
C GLN J 154 -18.25 -6.55 23.81
N GLY J 155 -18.78 -7.54 24.52
CA GLY J 155 -19.02 -7.45 25.97
C GLY J 155 -17.79 -7.00 26.74
N ASP J 156 -16.69 -7.73 26.58
CA ASP J 156 -15.46 -7.50 27.34
C ASP J 156 -14.93 -6.10 27.04
N ASN J 157 -14.85 -5.69 25.76
CA ASN J 157 -14.43 -4.30 25.41
C ASN J 157 -15.21 -3.22 26.16
N GLY J 158 -16.49 -3.49 26.41
CA GLY J 158 -17.34 -2.61 27.19
C GLY J 158 -16.86 -2.44 28.62
N VAL J 159 -16.68 -3.59 29.31
CA VAL J 159 -16.17 -3.65 30.70
C VAL J 159 -14.75 -3.06 30.79
N LEU J 160 -13.85 -3.41 29.85
CA LEU J 160 -12.49 -2.85 29.82
C LEU J 160 -12.52 -1.31 29.88
N ALA J 161 -13.40 -0.71 29.09
CA ALA J 161 -13.37 0.74 28.91
C ALA J 161 -13.73 1.42 30.23
N GLN J 162 -14.71 0.85 30.93
CA GLN J 162 -15.13 1.29 32.24
C GLN J 162 -13.96 1.19 33.23
N LEU J 163 -13.42 -0.02 33.36
CA LEU J 163 -12.30 -0.31 34.24
C LEU J 163 -11.16 0.70 34.06
N ASN J 164 -10.89 1.12 32.83
CA ASN J 164 -9.79 2.04 32.56
C ASN J 164 -10.08 3.32 33.33
N GLY J 165 -11.33 3.78 33.21
CA GLY J 165 -11.78 5.01 33.85
C GLY J 165 -11.83 4.90 35.36
N ASP J 166 -12.30 3.74 35.83
CA ASP J 166 -12.38 3.38 37.24
C ASP J 166 -10.97 3.36 37.84
N ILE J 167 -9.98 3.01 37.03
CA ILE J 167 -8.61 2.96 37.46
C ILE J 167 -8.04 4.39 37.55
N ASP J 168 -8.34 5.22 36.55
CA ASP J 168 -7.97 6.63 36.56
C ASP J 168 -8.42 7.28 37.86
N LYS J 169 -9.66 6.97 38.27
CA LYS J 169 -10.37 7.68 39.33
C LYS J 169 -9.73 7.36 40.69
N VAL J 170 -9.36 6.09 40.87
CA VAL J 170 -8.75 5.54 42.08
C VAL J 170 -7.32 6.05 42.20
N ASN J 171 -6.66 6.33 41.07
CA ASN J 171 -5.30 6.90 41.11
C ASN J 171 -5.29 8.18 41.95
N ALA J 172 -6.37 8.98 41.93
CA ALA J 172 -6.53 10.22 42.76
C ALA J 172 -6.44 9.93 44.27
N ALA J 173 -6.88 8.74 44.67
CA ALA J 173 -6.85 8.24 46.04
C ALA J 173 -5.42 7.90 46.48
N ILE J 174 -4.59 7.55 45.50
CA ILE J 174 -3.24 7.08 45.71
C ILE J 174 -2.32 8.31 45.75
N ASP J 175 -2.49 9.23 44.79
CA ASP J 175 -1.86 10.58 44.81
C ASP J 175 -2.30 11.39 46.07
N GLY J 176 -3.57 11.21 46.47
CA GLY J 176 -4.13 11.83 47.68
C GLY J 176 -3.37 11.43 48.93
N ALA J 177 -3.24 10.12 49.14
CA ALA J 177 -2.56 9.50 50.25
C ALA J 177 -1.06 9.84 50.26
N ILE J 178 -0.43 9.80 49.07
CA ILE J 178 1.00 10.02 48.98
C ILE J 178 1.29 11.48 49.28
N ALA J 179 0.43 12.38 48.80
CA ALA J 179 0.55 13.79 49.15
C ALA J 179 0.43 13.98 50.68
N GLY J 180 -0.46 13.24 51.32
CA GLY J 180 -0.68 13.35 52.75
C GLY J 180 0.52 12.90 53.55
N ILE J 181 1.14 11.80 53.09
CA ILE J 181 2.32 11.26 53.73
C ILE J 181 3.53 12.19 53.60
N VAL J 182 3.73 12.78 52.43
CA VAL J 182 4.81 13.76 52.25
C VAL J 182 4.66 14.95 53.22
N ALA J 183 3.46 15.56 53.24
CA ALA J 183 3.06 16.67 54.16
C ALA J 183 3.37 16.31 55.61
N GLY J 184 2.96 15.10 56.00
CA GLY J 184 3.26 14.54 57.29
C GLY J 184 4.74 14.63 57.59
N GLY J 185 5.51 14.05 56.70
CA GLY J 185 6.95 14.11 56.82
C GLY J 185 7.45 15.53 57.07
N LEU J 186 6.97 16.48 56.25
CA LEU J 186 7.50 17.85 56.25
C LEU J 186 7.12 18.56 57.55
N LEU J 187 5.91 18.28 58.04
CA LEU J 187 5.46 18.75 59.35
C LEU J 187 6.39 18.23 60.47
N VAL J 188 6.75 16.93 60.48
CA VAL J 188 7.59 16.33 61.54
C VAL J 188 8.97 17.02 61.59
N ILE J 189 9.55 17.26 60.42
CA ILE J 189 10.88 17.94 60.35
C ILE J 189 10.75 19.38 60.85
N GLY J 190 9.79 20.13 60.30
CA GLY J 190 9.39 21.45 60.76
C GLY J 190 9.26 21.51 62.29
N GLY J 191 8.52 20.56 62.86
CA GLY J 191 8.15 20.54 64.28
C GLY J 191 9.33 20.26 65.19
N ALA J 192 10.11 19.24 64.82
CA ALA J 192 11.40 18.97 65.42
C ALA J 192 12.25 20.26 65.44
N PHE J 193 12.25 21.04 64.38
CA PHE J 193 13.05 22.25 64.41
C PHE J 193 12.49 23.23 65.45
N VAL J 194 11.16 23.37 65.49
CA VAL J 194 10.47 24.30 66.36
C VAL J 194 10.61 23.83 67.82
N THR J 195 10.46 22.51 68.04
CA THR J 195 10.65 21.97 69.37
C THR J 195 12.04 22.35 69.89
N ALA J 196 13.04 22.21 69.04
CA ALA J 196 14.40 22.42 69.42
C ALA J 196 14.62 23.89 69.75
N ILE J 197 14.09 24.79 68.92
CA ILE J 197 14.34 26.23 69.08
C ILE J 197 13.69 26.66 70.40
N GLY J 198 12.43 26.27 70.56
CA GLY J 198 11.68 26.51 71.78
C GLY J 198 12.43 25.94 72.98
N ALA J 199 12.97 24.74 72.84
CA ALA J 199 13.65 24.13 73.96
C ALA J 199 14.78 25.08 74.37
N VAL J 200 15.57 25.50 73.38
CA VAL J 200 16.69 26.43 73.57
C VAL J 200 16.19 27.74 74.22
N ALA J 201 15.07 28.26 73.71
CA ALA J 201 14.55 29.53 74.15
C ALA J 201 14.03 29.42 75.59
N ASP J 202 13.49 28.23 75.92
CA ASP J 202 12.98 27.88 77.25
C ASP J 202 14.12 27.96 78.29
N PHE J 203 15.32 27.57 77.91
CA PHE J 203 16.42 27.52 78.81
C PHE J 203 17.05 28.89 79.04
N VAL J 204 16.81 29.85 78.16
CA VAL J 204 17.43 31.16 78.29
C VAL J 204 16.35 32.22 78.56
N THR J 205 15.11 31.84 78.91
CA THR J 205 14.09 32.83 79.30
C THR J 205 13.24 32.28 80.45
N ALA J 206 13.87 31.57 81.39
CA ALA J 206 13.26 31.26 82.70
C ALA J 206 11.90 30.58 82.50
N GLY J 207 11.83 29.74 81.46
CA GLY J 207 10.67 28.90 81.16
C GLY J 207 9.47 29.62 80.58
N THR J 208 9.70 30.64 79.74
CA THR J 208 8.58 31.48 79.27
C THR J 208 8.47 31.52 77.75
N SER J 209 9.03 30.49 77.08
CA SER J 209 8.92 30.25 75.65
C SER J 209 8.24 28.90 75.38
N THR J 210 7.39 28.46 76.31
CA THR J 210 6.79 27.12 76.27
C THR J 210 5.75 27.01 75.16
N PRO J 211 4.96 28.08 74.87
CA PRO J 211 4.12 28.10 73.68
C PRO J 211 4.74 27.43 72.44
N VAL J 212 6.02 27.75 72.23
CA VAL J 212 6.75 27.37 71.05
C VAL J 212 7.02 25.86 71.06
N VAL J 213 7.45 25.36 72.22
CA VAL J 213 7.76 23.98 72.39
C VAL J 213 6.47 23.16 72.17
N ILE J 214 5.37 23.67 72.74
CA ILE J 214 4.05 23.08 72.64
C ILE J 214 3.68 22.93 71.16
N GLY J 215 3.76 24.06 70.43
CA GLY J 215 3.39 24.15 69.02
C GLY J 215 4.24 23.23 68.17
N GLY J 216 5.56 23.27 68.42
CA GLY J 216 6.52 22.28 67.96
C GLY J 216 6.03 20.84 68.06
N VAL J 217 5.55 20.37 69.24
CA VAL J 217 5.22 18.94 69.41
C VAL J 217 3.85 18.69 68.77
N ALA J 218 3.03 19.74 68.79
CA ALA J 218 1.82 19.79 68.01
C ALA J 218 2.13 19.34 66.57
N MET J 219 3.02 20.11 65.91
CA MET J 219 3.34 19.93 64.50
C MET J 219 3.85 18.48 64.27
N MET J 220 4.60 17.95 65.23
CA MET J 220 5.22 16.62 65.12
C MET J 220 4.15 15.56 65.36
N VAL J 221 3.21 15.83 66.26
CA VAL J 221 2.18 14.85 66.51
C VAL J 221 1.27 14.80 65.29
N ALA J 222 0.96 15.96 64.71
CA ALA J 222 0.10 16.04 63.50
C ALA J 222 0.76 15.31 62.32
N GLY J 223 2.02 15.64 62.04
CA GLY J 223 2.81 14.95 61.02
C GLY J 223 2.76 13.42 61.14
N ALA J 224 3.13 12.92 62.32
CA ALA J 224 3.10 11.47 62.59
C ALA J 224 1.69 10.94 62.34
N GLY J 225 0.70 11.75 62.70
CA GLY J 225 -0.69 11.42 62.43
C GLY J 225 -0.91 11.24 60.94
N GLY J 226 -0.50 12.25 60.16
CA GLY J 226 -0.70 12.27 58.74
C GLY J 226 0.08 11.18 58.02
N ILE J 227 1.21 10.79 58.60
CA ILE J 227 2.01 9.75 57.99
C ILE J 227 1.24 8.43 58.14
N THR J 228 0.64 8.22 59.30
CA THR J 228 0.02 6.98 59.62
C THR J 228 -1.27 6.84 58.84
N ALA J 229 -2.06 7.91 58.86
CA ALA J 229 -3.31 7.91 58.20
C ALA J 229 -3.07 7.64 56.71
N GLY J 230 -2.06 8.34 56.15
CA GLY J 230 -1.66 8.27 54.73
C GLY J 230 -1.28 6.85 54.32
N ALA J 231 -0.52 6.17 55.18
CA ALA J 231 0.00 4.84 54.87
C ALA J 231 -1.16 3.86 54.80
N ILE J 232 -2.12 4.02 55.72
CA ILE J 232 -3.26 3.13 55.81
C ILE J 232 -4.10 3.33 54.54
N VAL J 233 -4.40 4.59 54.22
CA VAL J 233 -5.19 4.91 53.06
C VAL J 233 -4.41 4.47 51.83
N LEU J 234 -3.12 4.79 51.75
CA LEU J 234 -2.29 4.31 50.65
C LEU J 234 -2.40 2.79 50.49
N HIS J 235 -2.21 1.98 51.54
CA HIS J 235 -2.20 0.48 51.43
C HIS J 235 -3.51 -0.02 50.83
N ASN J 236 -4.60 0.63 51.24
CA ASN J 236 -5.95 0.18 50.90
C ASN J 236 -6.29 0.64 49.46
N SER J 237 -5.87 1.87 49.10
CA SER J 237 -6.17 2.44 47.78
C SER J 237 -5.35 1.70 46.69
N LEU J 238 -4.20 1.15 47.06
CA LEU J 238 -3.32 0.45 46.14
C LEU J 238 -3.94 -0.90 45.75
N GLY J 239 -4.58 -1.57 46.72
CA GLY J 239 -5.12 -2.91 46.55
C GLY J 239 -6.45 -2.85 45.85
N ALA J 240 -7.19 -1.79 46.07
CA ALA J 240 -8.36 -1.57 45.29
C ALA J 240 -7.95 -1.43 43.82
N ARG J 241 -6.88 -0.68 43.56
CA ARG J 241 -6.44 -0.52 42.20
C ARG J 241 -5.86 -1.83 41.64
N GLN J 242 -5.13 -2.60 42.48
CA GLN J 242 -4.53 -3.90 42.03
C GLN J 242 -5.63 -4.85 41.53
N ASP J 243 -6.65 -5.08 42.37
CA ASP J 243 -7.88 -5.79 42.07
C ASP J 243 -8.41 -5.33 40.70
N LEU J 244 -8.57 -4.01 40.52
CA LEU J 244 -9.07 -3.48 39.24
C LEU J 244 -8.15 -3.91 38.07
N TYR J 245 -6.81 -3.76 38.17
CA TYR J 245 -5.98 -3.91 36.96
C TYR J 245 -5.66 -5.41 36.76
N GLN J 246 -5.75 -6.22 37.81
CA GLN J 246 -5.71 -7.71 37.65
C GLN J 246 -6.99 -8.19 36.97
N LYS J 247 -8.15 -7.60 37.31
CA LYS J 247 -9.38 -7.93 36.62
C LYS J 247 -9.24 -7.56 35.15
N ARG J 248 -8.61 -6.41 34.87
CA ARG J 248 -8.54 -5.83 33.51
C ARG J 248 -7.68 -6.72 32.60
N SER J 249 -6.51 -7.12 33.10
CA SER J 249 -5.61 -7.96 32.34
C SER J 249 -6.24 -9.37 32.17
N SER J 250 -6.90 -9.89 33.20
CA SER J 250 -7.62 -11.12 33.04
C SER J 250 -8.60 -11.00 31.86
N LEU J 251 -9.14 -9.80 31.63
CA LEU J 251 -10.08 -9.53 30.50
C LEU J 251 -9.34 -9.28 29.16
N ASN J 252 -8.17 -8.66 29.21
CA ASN J 252 -7.39 -8.45 28.03
C ASN J 252 -6.93 -9.79 27.47
N SER J 253 -6.51 -10.70 28.35
CA SER J 253 -6.20 -12.11 28.02
C SER J 253 -7.38 -12.81 27.32
N GLU J 254 -8.51 -12.89 28.03
CA GLU J 254 -9.83 -13.34 27.45
C GLU J 254 -10.05 -12.73 26.06
N VAL J 255 -9.88 -11.41 25.88
CA VAL J 255 -10.22 -10.86 24.58
C VAL J 255 -9.29 -11.43 23.50
N LEU J 256 -8.00 -11.43 23.79
CA LEU J 256 -6.97 -11.89 22.84
C LEU J 256 -7.19 -13.37 22.48
N ILE J 257 -7.56 -14.19 23.45
CA ILE J 257 -7.73 -15.59 23.16
C ILE J 257 -9.01 -15.73 22.32
N ALA J 258 -10.10 -15.12 22.75
CA ALA J 258 -11.35 -15.17 21.99
C ALA J 258 -11.05 -14.78 20.54
N THR J 259 -10.30 -13.68 20.34
CA THR J 259 -10.02 -13.15 18.98
C THR J 259 -9.15 -14.08 18.11
N GLN J 260 -8.05 -14.60 18.64
CA GLN J 260 -7.15 -15.43 17.86
C GLN J 260 -7.87 -16.73 17.53
N ILE J 261 -8.48 -17.36 18.54
CA ILE J 261 -9.30 -18.55 18.30
C ILE J 261 -10.40 -18.18 17.28
N GLY J 262 -11.13 -17.09 17.52
CA GLY J 262 -12.18 -16.67 16.57
C GLY J 262 -11.68 -16.67 15.12
N ASN J 263 -10.58 -15.94 14.91
CA ASN J 263 -9.98 -15.70 13.59
C ASN J 263 -9.63 -17.04 12.94
N GLY J 264 -9.14 -17.98 13.75
CA GLY J 264 -8.86 -19.30 13.27
C GLY J 264 -10.14 -19.94 12.77
N TYR J 265 -11.23 -19.81 13.53
CA TYR J 265 -12.49 -20.43 13.09
C TYR J 265 -13.07 -19.66 11.90
N LYS J 266 -12.74 -18.37 11.76
CA LYS J 266 -13.07 -17.58 10.56
C LYS J 266 -12.40 -18.24 9.34
N GLY J 267 -11.11 -18.58 9.46
CA GLY J 267 -10.37 -19.12 8.32
C GLY J 267 -10.91 -20.47 7.92
N LEU J 268 -11.34 -21.24 8.94
CA LEU J 268 -11.86 -22.59 8.79
C LEU J 268 -13.22 -22.58 8.07
N GLN J 269 -14.11 -21.64 8.44
CA GLN J 269 -15.42 -21.52 7.79
C GLN J 269 -15.23 -21.12 6.32
N VAL J 270 -14.23 -20.27 6.03
CA VAL J 270 -13.89 -19.93 4.63
C VAL J 270 -13.48 -21.22 3.89
N GLN J 271 -12.54 -21.98 4.46
CA GLN J 271 -12.14 -23.21 3.84
C GLN J 271 -13.36 -24.13 3.65
N ALA J 272 -14.27 -24.17 4.63
CA ALA J 272 -15.48 -25.00 4.51
C ALA J 272 -16.42 -24.48 3.40
N GLN J 273 -16.60 -23.17 3.26
CA GLN J 273 -17.40 -22.54 2.19
C GLN J 273 -16.81 -22.86 0.79
N ASN J 274 -15.50 -22.83 0.63
CA ASN J 274 -14.89 -23.31 -0.63
C ASN J 274 -15.22 -24.80 -0.83
N ALA J 275 -15.15 -25.56 0.26
CA ALA J 275 -15.38 -26.96 0.15
C ALA J 275 -16.82 -27.16 -0.37
N VAL J 276 -17.76 -26.39 0.18
CA VAL J 276 -19.13 -26.51 -0.19
C VAL J 276 -19.26 -26.17 -1.68
N THR J 277 -18.61 -25.09 -2.14
CA THR J 277 -18.75 -24.73 -3.53
C THR J 277 -18.28 -25.91 -4.39
N ALA J 278 -17.16 -26.50 -4.01
CA ALA J 278 -16.53 -27.57 -4.84
C ALA J 278 -17.41 -28.81 -4.86
N ALA J 279 -18.02 -29.13 -3.70
CA ALA J 279 -18.97 -30.23 -3.59
C ALA J 279 -20.27 -29.96 -4.40
N THR J 280 -20.80 -28.73 -4.39
CA THR J 280 -21.96 -28.34 -5.26
C THR J 280 -21.62 -28.51 -6.76
N GLN J 281 -20.40 -28.13 -7.14
CA GLN J 281 -19.93 -28.21 -8.50
C GLN J 281 -19.69 -29.68 -8.90
N MET J 282 -19.32 -30.50 -7.91
CA MET J 282 -19.28 -31.93 -8.12
C MET J 282 -20.71 -32.40 -8.46
N SER J 283 -21.67 -31.99 -7.63
CA SER J 283 -23.03 -32.38 -7.77
C SER J 283 -23.49 -32.07 -9.20
N ASN J 284 -23.15 -30.88 -9.69
CA ASN J 284 -23.65 -30.46 -10.99
C ASN J 284 -23.11 -31.37 -12.10
N ALA J 285 -21.83 -31.73 -12.01
CA ALA J 285 -21.17 -32.44 -13.08
C ALA J 285 -21.70 -33.89 -13.18
N TRP J 286 -21.91 -34.55 -12.01
CA TRP J 286 -22.55 -35.87 -11.86
C TRP J 286 -23.98 -35.84 -12.40
N ASP J 287 -24.67 -34.70 -12.25
CA ASP J 287 -26.02 -34.55 -12.75
C ASP J 287 -25.99 -34.48 -14.28
N SER J 288 -24.95 -33.89 -14.84
CA SER J 288 -24.86 -33.87 -16.28
C SER J 288 -24.61 -35.28 -16.80
N LEU J 289 -23.61 -35.99 -16.24
CA LEU J 289 -23.35 -37.40 -16.62
C LEU J 289 -24.65 -38.22 -16.54
N THR J 290 -25.34 -38.16 -15.38
CA THR J 290 -26.66 -38.78 -15.17
C THR J 290 -27.63 -38.48 -16.35
N SER J 291 -27.75 -37.22 -16.75
CA SER J 291 -28.86 -36.74 -17.61
C SER J 291 -28.55 -37.08 -19.07
N ASP J 292 -27.27 -37.04 -19.41
CA ASP J 292 -26.75 -37.27 -20.74
C ASP J 292 -26.77 -38.77 -21.02
N LEU J 293 -26.55 -39.58 -19.97
CA LEU J 293 -26.64 -41.02 -20.07
C LEU J 293 -28.12 -41.40 -20.25
N GLY J 294 -29.02 -40.65 -19.62
CA GLY J 294 -30.46 -40.79 -19.86
C GLY J 294 -30.84 -40.58 -21.32
N SER J 295 -30.09 -39.70 -22.00
CA SER J 295 -30.27 -39.32 -23.38
C SER J 295 -29.75 -40.45 -24.28
N LEU J 296 -28.58 -41.01 -23.95
CA LEU J 296 -27.94 -42.17 -24.70
C LEU J 296 -28.85 -43.39 -24.61
N ILE J 297 -29.42 -43.62 -23.43
CA ILE J 297 -30.33 -44.67 -23.19
C ILE J 297 -31.54 -44.45 -24.08
N THR J 298 -32.05 -43.21 -24.09
CA THR J 298 -33.24 -42.83 -24.86
C THR J 298 -32.96 -43.05 -26.35
N ASP J 299 -31.75 -42.72 -26.79
CA ASP J 299 -31.47 -42.80 -28.22
C ASP J 299 -31.38 -44.29 -28.57
N LEU J 300 -30.57 -45.05 -27.82
CA LEU J 300 -30.32 -46.47 -28.11
C LEU J 300 -31.64 -47.24 -28.17
N ASP J 301 -32.62 -46.88 -27.34
CA ASP J 301 -33.86 -47.60 -27.26
C ASP J 301 -34.58 -47.33 -28.57
N LYS J 302 -34.93 -46.06 -28.79
CA LYS J 302 -35.76 -45.62 -29.91
C LYS J 302 -35.15 -46.07 -31.24
N GLY J 303 -33.81 -46.02 -31.34
CA GLY J 303 -33.01 -46.58 -32.44
C GLY J 303 -33.22 -48.08 -32.66
N ILE J 304 -33.24 -48.86 -31.58
CA ILE J 304 -33.34 -50.33 -31.62
C ILE J 304 -34.72 -50.75 -32.16
N THR J 305 -35.74 -50.09 -31.63
CA THR J 305 -37.13 -50.48 -31.82
C THR J 305 -37.75 -49.80 -33.06
N SER J 306 -36.94 -49.43 -34.08
CA SER J 306 -37.33 -48.40 -35.07
C SER J 306 -37.18 -48.89 -36.52
N GLY J 307 -35.95 -49.22 -36.94
CA GLY J 307 -35.70 -49.66 -38.36
C GLY J 307 -35.22 -48.59 -39.35
N ASP J 308 -34.21 -48.99 -40.15
CA ASP J 308 -33.61 -48.29 -41.33
C ASP J 308 -33.17 -46.85 -41.03
N ASP J 309 -33.78 -45.83 -41.68
CA ASP J 309 -33.31 -44.42 -41.65
C ASP J 309 -33.59 -43.80 -40.26
N ILE J 310 -34.75 -44.08 -39.67
CA ILE J 310 -35.05 -43.61 -38.32
C ILE J 310 -34.09 -44.24 -37.29
N ARG J 311 -33.80 -45.53 -37.43
CA ARG J 311 -32.81 -46.20 -36.60
C ARG J 311 -31.54 -45.32 -36.60
N GLN J 312 -30.99 -45.09 -37.79
CA GLN J 312 -29.72 -44.42 -38.03
C GLN J 312 -29.75 -43.04 -37.35
N LEU J 313 -30.91 -42.38 -37.44
CA LEU J 313 -31.11 -41.06 -36.84
C LEU J 313 -30.82 -41.14 -35.34
N TRP J 314 -31.62 -41.95 -34.66
CA TRP J 314 -31.50 -42.12 -33.21
C TRP J 314 -30.08 -42.55 -32.80
N LEU J 315 -29.56 -43.50 -33.56
CA LEU J 315 -28.30 -44.07 -33.27
C LEU J 315 -27.21 -43.02 -33.48
N THR J 316 -27.45 -42.02 -34.32
CA THR J 316 -26.35 -41.13 -34.70
C THR J 316 -26.14 -40.10 -33.56
N ALA J 317 -27.26 -39.55 -33.09
CA ALA J 317 -27.44 -38.79 -31.86
C ALA J 317 -26.81 -39.52 -30.67
N ALA J 318 -27.13 -40.81 -30.55
CA ALA J 318 -26.56 -41.67 -29.53
C ALA J 318 -25.03 -41.57 -29.56
N ASP J 319 -24.46 -41.66 -30.76
CA ASP J 319 -23.03 -41.48 -31.00
C ASP J 319 -22.59 -40.12 -30.42
N THR J 320 -23.31 -39.05 -30.78
CA THR J 320 -22.94 -37.67 -30.44
C THR J 320 -22.92 -37.51 -28.91
N THR J 321 -23.98 -38.04 -28.30
CA THR J 321 -24.24 -38.15 -26.87
C THR J 321 -23.06 -38.86 -26.19
N VAL J 322 -22.59 -39.96 -26.80
CA VAL J 322 -21.53 -40.73 -26.21
C VAL J 322 -20.30 -39.84 -26.21
N LYS J 323 -20.09 -39.11 -27.31
CA LYS J 323 -19.11 -38.01 -27.37
C LYS J 323 -19.34 -37.02 -26.21
N THR J 324 -20.60 -36.58 -26.02
CA THR J 324 -20.95 -35.73 -24.90
C THR J 324 -20.64 -36.40 -23.56
N VAL J 325 -20.97 -37.68 -23.38
CA VAL J 325 -20.69 -38.43 -22.14
C VAL J 325 -19.19 -38.38 -21.77
N LEU J 326 -18.27 -38.45 -22.75
CA LEU J 326 -16.81 -38.47 -22.48
C LEU J 326 -16.31 -37.12 -21.93
N THR J 327 -16.85 -36.05 -22.51
CA THR J 327 -16.79 -34.68 -22.00
C THR J 327 -17.12 -34.68 -20.50
N ASP J 328 -18.28 -35.23 -20.16
CA ASP J 328 -18.80 -35.24 -18.79
C ASP J 328 -17.83 -35.97 -17.86
N VAL J 329 -17.31 -37.09 -18.36
CA VAL J 329 -16.33 -37.90 -17.66
C VAL J 329 -15.00 -37.14 -17.52
N THR J 330 -14.51 -36.51 -18.60
CA THR J 330 -13.20 -35.86 -18.52
C THR J 330 -13.33 -34.67 -17.55
N THR J 331 -14.56 -34.13 -17.43
CA THR J 331 -14.82 -32.99 -16.55
C THR J 331 -14.79 -33.44 -15.07
N ILE J 332 -15.50 -34.52 -14.75
CA ILE J 332 -15.47 -35.10 -13.41
C ILE J 332 -14.03 -35.52 -13.04
N LYS J 333 -13.37 -36.27 -13.93
CA LYS J 333 -11.98 -36.73 -13.67
C LYS J 333 -11.06 -35.55 -13.30
N ALA J 334 -11.37 -34.34 -13.78
CA ALA J 334 -10.57 -33.11 -13.58
C ALA J 334 -10.79 -32.54 -12.18
N GLN J 335 -12.06 -32.58 -11.75
CA GLN J 335 -12.45 -32.21 -10.39
C GLN J 335 -11.76 -33.08 -9.32
N MET J 336 -11.35 -34.29 -9.67
CA MET J 336 -11.11 -35.37 -8.69
C MET J 336 -9.64 -35.84 -8.68
N ALA J 337 -8.79 -35.23 -9.51
CA ALA J 337 -7.40 -35.60 -9.55
C ALA J 337 -6.67 -34.61 -8.67
N GLY J 338 -5.45 -34.97 -8.28
CA GLY J 338 -4.64 -34.19 -7.41
C GLY J 338 -4.74 -34.64 -5.96
N VAL J 339 -3.55 -34.61 -5.34
CA VAL J 339 -3.28 -34.70 -3.93
C VAL J 339 -2.85 -33.30 -3.43
N SER J 340 -3.66 -32.71 -2.52
CA SER J 340 -3.46 -31.31 -2.03
C SER J 340 -2.14 -31.21 -1.26
N PRO J 341 -1.33 -30.15 -1.48
CA PRO J 341 -0.06 -30.00 -0.77
C PRO J 341 -0.31 -29.57 0.68
N LEU J 342 0.72 -29.76 1.52
CA LEU J 342 0.72 -29.31 2.90
C LEU J 342 0.52 -27.78 2.92
N GLN J 343 -0.33 -27.31 3.83
CA GLN J 343 -0.50 -25.90 4.09
C GLN J 343 0.16 -25.55 5.43
N VAL J 344 1.13 -24.63 5.38
CA VAL J 344 1.82 -24.08 6.52
C VAL J 344 1.09 -22.81 6.93
N PRO J 345 0.25 -22.80 8.01
CA PRO J 345 -0.23 -21.55 8.59
C PRO J 345 0.85 -20.96 9.52
N GLN J 346 1.53 -19.89 9.08
CA GLN J 346 2.43 -19.15 9.97
C GLN J 346 1.63 -18.76 11.20
N THR J 347 1.96 -19.33 12.37
CA THR J 347 1.25 -19.04 13.61
C THR J 347 2.08 -18.06 14.45
N ASP J 348 1.49 -17.69 15.60
CA ASP J 348 1.99 -16.64 16.48
C ASP J 348 3.24 -17.11 17.26
N THR J 349 4.22 -16.21 17.45
CA THR J 349 5.42 -16.48 18.30
C THR J 349 5.20 -15.84 19.71
N ILE J 350 6.19 -15.90 20.61
CA ILE J 350 6.04 -15.33 21.99
C ILE J 350 6.17 -13.81 21.96
N ALA J 351 7.20 -13.30 21.29
CA ALA J 351 7.50 -11.86 21.23
C ALA J 351 6.33 -11.10 20.62
N ASN J 352 5.57 -11.75 19.72
CA ASN J 352 4.38 -11.13 19.12
C ASN J 352 3.17 -11.27 20.05
N PHE J 353 3.12 -12.34 20.84
CA PHE J 353 2.01 -12.57 21.76
C PHE J 353 2.15 -11.68 23.01
N VAL J 354 3.37 -11.61 23.56
CA VAL J 354 3.66 -10.70 24.63
C VAL J 354 3.37 -9.25 24.16
N ALA J 355 3.61 -8.98 22.86
CA ALA J 355 3.43 -7.64 22.22
C ALA J 355 1.94 -7.36 21.94
N ARG J 356 1.18 -8.41 21.65
CA ARG J 356 -0.27 -8.32 21.39
C ARG J 356 -1.06 -8.11 22.70
N LEU J 357 -0.49 -8.47 23.85
CA LEU J 357 -1.04 -8.13 25.20
C LEU J 357 -0.75 -6.66 25.53
N ALA J 358 0.54 -6.28 25.41
CA ALA J 358 0.99 -4.92 25.72
C ALA J 358 0.14 -3.90 24.93
N ALA J 359 -0.29 -4.22 23.71
CA ALA J 359 -1.33 -3.43 23.02
C ALA J 359 -2.73 -3.97 23.35
P PO4 K . -6.42 -61.18 3.72
O1 PO4 K . -6.34 -62.00 2.42
O2 PO4 K . -5.13 -61.14 4.52
O3 PO4 K . -6.64 -59.80 3.17
O4 PO4 K . -7.53 -61.59 4.71
P PO4 L . 50.21 -34.40 -1.90
O1 PO4 L . 50.93 -35.70 -2.19
O2 PO4 L . 49.26 -34.16 -3.04
O3 PO4 L . 51.08 -33.18 -1.64
O4 PO4 L . 49.40 -34.59 -0.67
P PO4 M . -46.40 -25.79 -30.21
O1 PO4 M . -46.44 -26.84 -31.31
O2 PO4 M . -47.54 -24.79 -30.22
O3 PO4 M . -45.10 -25.04 -30.33
O4 PO4 M . -46.45 -26.48 -28.86
P PO4 N . -14.18 22.44 -55.14
O1 PO4 N . -13.71 21.77 -56.42
O2 PO4 N . -13.11 22.17 -54.12
O3 PO4 N . -14.23 23.98 -55.10
O4 PO4 N . -15.58 21.91 -54.78
#